data_8WPM
#
_entry.id   8WPM
#
_cell.length_a   1.00
_cell.length_b   1.00
_cell.length_c   1.00
_cell.angle_alpha   90.00
_cell.angle_beta   90.00
_cell.angle_gamma   90.00
#
_symmetry.space_group_name_H-M   'P 1'
#
loop_
_entity.id
_entity.type
_entity.pdbx_description
1 polymer 'Short transient receptor potential channel 1'
2 polymer 'Short transient receptor potential channel 4'
3 non-polymer 7-[(4-chlorophenyl)methyl]-3-methyl-1-(3-oxidanylpropyl)-8-[3-(trifluoromethyloxy)phenoxy]purine-2,6-dione
4 non-polymer 'ZINC ION'
5 non-polymer 'CALCIUM ION'
#
loop_
_entity_poly.entity_id
_entity_poly.type
_entity_poly.pdbx_seq_one_letter_code
_entity_poly.pdbx_strand_id
1 'polypeptide(L)'
;GPVDMMAALYPSTDLSGASSSSLPSSPSSSSPNEVMALKDVREVKEENTLNEKLFLLACDKGDYYMVKKILEENSSGDLN
INCVDVLGRNAVTITIENENLDILQLLLDYGCQSADALLVAIDSEVVGAVDILLNHRPKRSSRPTIVKLMERIQNPEYST
TMDVAPVILAAHRNNYEILTMLLKQDVSLPKPHAVGCECTLCSAKNKKDSLRHSRFRLDIYRCLASPALIMLTEEDPILR
AFELSADLKELSLVEVEFRNDYEELARQCKMFAKDLLAQARNSRELEVILNHTSSDEPLDKRGLLEERMNLSRLKLAIKY
NQKEFVSQSNCQQFLNTVWFGQMSGYRRKPTCKKIMTVLTVGIFWPVLSLCYLIAPKSQFGRIIHTPFMKFIIHGASYFT
FLLLLNLYSLVYNEDKKNTMGPALERIDYLLILWIIGMIWSDIKRLWYEGLEDFLEESRNQLSFVMNSLYLATFALKVVA
HNKFHDFADRKDWDAFHPTLVAEGLFAFANVLSYLRLFFMYTTSSILGPLQISMGQMLQDFGKFLGMFLLVLFSFTIGLT
QLYDKGYTSKEQKDCVGIFCEQQSNDTFHSFIGTCFALFWYIFSLAHVAIFVTRFSYGEELQSFVGAVIVGTYNVVVVIV
LTKLLVAMLHKSFQLIANHEDKEWKFARAKLWLSYFDDKCTLPPPFNIIPSPKTICYMISSLSKWICSHTSKGKVKRQNS
LKEWRNLKQKRDENYQKVMCCLVHRYLTSMRQKMQSTDQATVENLNELRQDLSKFRNEIRDLLGFRTSKYAMFYPRN
;
A
2 'polypeptide(L)'
;MAQFYYKRNVNAPYRDRIPLRIVRAESELSPSEKAYLNAVEKGDYASVKKSLEEAEIYFKININCIDPLGRTALLIAIEN
ENLELIELLLSFNVYVGDALLHAIRKEVVGAVELLLNHKKPSGEKQVPPILLDKQFSEFTPDITPIILAAHTNNYEIIKL
LVQKGVSVPRPHEVRCNCVECVSSSDVDSLRHSRSRLNIYKALASPSLIALSSEDPFLTAFQLSWELQELSKVENEFKSE
YEELSRQCKQFAKDLLDQTRSSRELEIILNYRDDNSLIEEQSGNDLARLKLAIKYRQKEFVAQPNCQQLLASRWYDEFPG
WRRRHWAVKMVTCFIIGLLFPVFSVCYLIAPKSPLGLFIRKPFIKFICHTASYLTFLFLLLLASQHIDRSDLNRQGPPPT
IVEWMILPWVLGFIWGEIKQMWDGGLQDYIHDWWNLMDFVMNSLYLATISLKIVAFVKYSALNPRESWDMWHPTLVAEAL
FAIANIFSSLRLISLFTANSHLGPLQISLGRMLLDILKFLFIYCLVLLAFANGLNQLYFYYEETKGLTCKGIRCEKQNNA
FSTLFETLQSLFWSIFGLINLYVTNVKAQHEFTEFVGATMFGTYNVISLVVLLNMLIAMMNNSYQLIADHADIEWKFART
KLWMSYFEEGGTLPTPFNVIPSPKSLWYLIKWIWTHLCKKKMRRKPESFGTIGRRAADNLRRHHQYQEVMRNLVKRYVAA
MIRDAKTEEGLTEENFKELKQDISSFRFEVLGLLRGSKLSTIQSANASKESSNSADSDEKSDSEEEVARQQAAGPLERNI
QLESRGLASRGDLSIPGLSEQCVLVDHRERNTDTLGLQVGKRVCPFKSEKVVVEDTVPIIPKEKHAKEEDSSIDYDLNLP
DTVTHEDYVTTRLSRASTVPRARDPPVATLEVLFQ
;
B,C,D
#
# COMPACT_ATOMS: atom_id res chain seq x y z
N GLU A 34 -46.78 -12.55 11.92
CA GLU A 34 -47.19 -11.35 12.63
C GLU A 34 -46.44 -10.13 12.10
N VAL A 35 -46.67 -8.98 12.76
CA VAL A 35 -46.00 -7.73 12.43
C VAL A 35 -45.52 -7.10 13.71
N MET A 36 -44.23 -6.74 13.77
CA MET A 36 -43.69 -6.07 14.94
C MET A 36 -44.27 -4.67 15.08
N ALA A 37 -44.65 -4.32 16.30
CA ALA A 37 -45.22 -3.01 16.57
C ALA A 37 -44.12 -2.06 17.00
N LEU A 38 -44.04 -0.90 16.35
CA LEU A 38 -43.04 0.11 16.66
C LEU A 38 -43.72 1.30 17.31
N LYS A 39 -43.10 1.82 18.37
CA LYS A 39 -43.61 3.00 19.05
C LYS A 39 -42.44 3.73 19.69
N ASP A 40 -42.66 5.00 20.02
CA ASP A 40 -41.64 5.80 20.68
C ASP A 40 -41.52 5.40 22.14
N VAL A 41 -40.58 4.50 22.44
CA VAL A 41 -40.36 4.09 23.82
C VAL A 41 -39.49 5.09 24.58
N ARG A 42 -38.85 6.01 23.87
CA ARG A 42 -37.97 7.01 24.49
C ARG A 42 -38.36 8.41 24.04
N GLU A 43 -39.67 8.71 24.09
CA GLU A 43 -40.15 10.04 23.65
C GLU A 43 -40.15 11.00 24.85
N VAL A 44 -38.97 11.57 25.16
CA VAL A 44 -38.84 12.50 26.32
C VAL A 44 -39.29 13.89 25.90
N LYS A 45 -39.25 14.19 24.58
CA LYS A 45 -39.61 15.52 24.12
C LYS A 45 -41.11 15.73 24.27
N GLU A 46 -41.49 16.84 24.90
CA GLU A 46 -42.89 17.19 25.07
C GLU A 46 -43.31 18.18 23.99
N GLU A 47 -44.48 17.93 23.40
CA GLU A 47 -44.96 18.81 22.32
C GLU A 47 -45.33 20.19 22.85
N ASN A 48 -45.90 20.25 24.06
CA ASN A 48 -46.31 21.49 24.73
C ASN A 48 -47.33 22.20 23.85
N THR A 49 -47.05 23.41 23.36
CA THR A 49 -47.95 24.10 22.44
C THR A 49 -47.28 24.20 21.07
N LEU A 50 -48.10 24.43 20.05
CA LEU A 50 -47.57 24.58 18.70
C LEU A 50 -46.84 25.91 18.51
N ASN A 51 -47.15 26.90 19.35
CA ASN A 51 -46.52 28.21 19.22
C ASN A 51 -45.02 28.15 19.52
N GLU A 52 -44.60 27.22 20.37
CA GLU A 52 -43.17 26.95 20.54
C GLU A 52 -42.55 26.49 19.23
N LYS A 53 -43.24 25.61 18.50
CA LYS A 53 -42.72 25.13 17.22
C LYS A 53 -42.67 26.26 16.18
N LEU A 54 -43.68 27.12 16.16
CA LEU A 54 -43.65 28.25 15.24
C LEU A 54 -42.52 29.22 15.59
N PHE A 55 -42.29 29.46 16.88
CA PHE A 55 -41.20 30.34 17.28
C PHE A 55 -39.84 29.74 16.91
N LEU A 56 -39.67 28.43 17.14
CA LEU A 56 -38.41 27.78 16.80
C LEU A 56 -38.18 27.74 15.29
N LEU A 57 -39.25 27.63 14.50
CA LEU A 57 -39.10 27.76 13.05
C LEU A 57 -38.76 29.20 12.67
N ALA A 58 -39.26 30.17 13.44
CA ALA A 58 -38.96 31.57 13.16
C ALA A 58 -37.49 31.90 13.44
N CYS A 59 -36.89 31.28 14.46
CA CYS A 59 -35.45 31.45 14.67
C CYS A 59 -34.64 30.81 13.54
N ASP A 60 -35.15 29.76 12.93
CA ASP A 60 -34.46 29.06 11.86
C ASP A 60 -34.67 29.71 10.49
N LYS A 61 -35.50 30.75 10.41
CA LYS A 61 -35.73 31.46 9.16
C LYS A 61 -35.18 32.87 9.13
N GLY A 62 -34.90 33.47 10.29
CA GLY A 62 -34.29 34.77 10.35
C GLY A 62 -35.24 35.95 10.35
N ASP A 63 -36.51 35.74 10.69
CA ASP A 63 -37.49 36.83 10.74
C ASP A 63 -37.31 37.57 12.07
N TYR A 64 -36.65 38.72 12.01
CA TYR A 64 -36.35 39.47 13.22
C TYR A 64 -37.62 40.06 13.84
N TYR A 65 -38.49 40.65 13.01
CA TYR A 65 -39.69 41.30 13.54
C TYR A 65 -40.70 40.28 14.06
N MET A 66 -40.78 39.12 13.41
CA MET A 66 -41.69 38.07 13.90
C MET A 66 -41.24 37.53 15.25
N VAL A 67 -39.92 37.34 15.42
CA VAL A 67 -39.41 36.89 16.71
C VAL A 67 -39.56 37.98 17.76
N LYS A 68 -39.47 39.25 17.35
CA LYS A 68 -39.78 40.36 18.26
C LYS A 68 -41.24 40.32 18.71
N LYS A 69 -42.14 39.98 17.78
CA LYS A 69 -43.56 39.83 18.11
C LYS A 69 -43.77 38.66 19.08
N ILE A 70 -43.05 37.55 18.86
CA ILE A 70 -43.14 36.42 19.77
C ILE A 70 -42.60 36.77 21.15
N LEU A 71 -41.56 37.61 21.22
CA LEU A 71 -41.06 38.06 22.52
C LEU A 71 -42.04 39.00 23.20
N GLU A 72 -42.78 39.81 22.43
CA GLU A 72 -43.86 40.60 23.00
C GLU A 72 -44.96 39.70 23.56
N GLU A 73 -45.26 38.61 22.85
CA GLU A 73 -46.19 37.62 23.38
C GLU A 73 -45.64 36.92 24.63
N ASN A 74 -44.32 36.74 24.69
CA ASN A 74 -43.68 36.22 25.90
C ASN A 74 -43.88 37.18 27.06
N SER A 75 -43.77 38.48 26.79
CA SER A 75 -44.11 39.49 27.80
C SER A 75 -45.58 39.41 28.20
N SER A 76 -46.46 39.07 27.25
CA SER A 76 -47.85 38.78 27.60
C SER A 76 -47.94 37.50 28.42
N GLY A 77 -47.24 36.45 28.01
CA GLY A 77 -47.06 35.26 28.81
C GLY A 77 -47.77 33.99 28.35
N ASP A 78 -48.15 33.87 27.08
CA ASP A 78 -48.80 32.66 26.61
C ASP A 78 -47.78 31.55 26.35
N LEU A 79 -46.59 31.90 25.87
CA LEU A 79 -45.53 30.93 25.59
C LEU A 79 -44.22 31.47 26.13
N ASN A 80 -43.30 30.55 26.44
CA ASN A 80 -42.08 30.90 27.14
C ASN A 80 -41.00 31.39 26.18
N ILE A 81 -40.01 32.09 26.74
CA ILE A 81 -38.88 32.57 25.95
C ILE A 81 -37.99 31.41 25.50
N ASN A 82 -37.72 30.47 26.41
CA ASN A 82 -36.78 29.38 26.17
C ASN A 82 -37.56 28.09 26.00
N CYS A 83 -37.25 27.35 24.94
CA CYS A 83 -37.90 26.07 24.66
C CYS A 83 -36.88 25.13 24.03
N VAL A 84 -36.55 24.06 24.73
CA VAL A 84 -35.65 23.05 24.18
C VAL A 84 -36.40 22.27 23.11
N ASP A 85 -35.82 22.19 21.92
CA ASP A 85 -36.49 21.61 20.77
C ASP A 85 -36.40 20.09 20.79
N VAL A 86 -36.73 19.46 19.67
CA VAL A 86 -36.59 18.02 19.52
C VAL A 86 -35.12 17.62 19.59
N LEU A 87 -34.24 18.43 18.99
CA LEU A 87 -32.82 18.13 18.92
C LEU A 87 -32.07 18.44 20.20
N GLY A 88 -32.77 18.79 21.29
CA GLY A 88 -32.12 19.07 22.56
C GLY A 88 -31.26 20.32 22.55
N ARG A 89 -31.74 21.40 21.94
CA ARG A 89 -30.98 22.64 21.85
C ARG A 89 -31.87 23.82 22.22
N ASN A 90 -31.25 24.88 22.73
CA ASN A 90 -31.94 26.08 23.14
C ASN A 90 -31.97 27.09 21.99
N ALA A 91 -32.76 28.15 22.18
CA ALA A 91 -32.96 29.14 21.11
C ALA A 91 -31.68 29.90 20.80
N VAL A 92 -30.91 30.27 21.83
CA VAL A 92 -29.65 30.98 21.62
C VAL A 92 -28.66 30.11 20.88
N THR A 93 -28.75 28.78 21.04
CA THR A 93 -27.94 27.89 20.23
C THR A 93 -28.37 27.92 18.76
N ILE A 94 -29.65 28.15 18.48
CA ILE A 94 -30.06 28.33 17.09
C ILE A 94 -29.57 29.67 16.56
N THR A 95 -29.49 30.68 17.43
CA THR A 95 -28.90 31.96 17.01
C THR A 95 -27.42 31.80 16.70
N ILE A 96 -26.72 30.97 17.48
CA ILE A 96 -25.26 30.91 17.40
C ILE A 96 -24.81 29.95 16.30
N GLU A 97 -25.34 28.71 16.31
CA GLU A 97 -24.89 27.68 15.39
C GLU A 97 -25.21 28.03 13.94
N ASN A 98 -26.32 28.74 13.73
CA ASN A 98 -26.73 29.19 12.42
C ASN A 98 -26.12 30.54 12.07
N GLU A 99 -25.40 31.15 13.01
CA GLU A 99 -24.50 32.31 12.79
C GLU A 99 -25.24 33.51 12.21
N ASN A 100 -26.13 34.09 13.01
CA ASN A 100 -26.69 35.41 12.74
C ASN A 100 -26.86 36.10 14.09
N LEU A 101 -26.55 37.41 14.13
CA LEU A 101 -26.37 38.09 15.40
C LEU A 101 -27.56 38.94 15.80
N ASP A 102 -28.46 39.27 14.85
CA ASP A 102 -29.56 40.19 15.14
C ASP A 102 -30.55 39.56 16.11
N ILE A 103 -30.94 38.31 15.87
CA ILE A 103 -31.87 37.63 16.77
C ILE A 103 -31.21 37.35 18.11
N LEU A 104 -29.88 37.09 18.11
CA LEU A 104 -29.17 36.87 19.37
C LEU A 104 -29.18 38.13 20.22
N GLN A 105 -28.93 39.29 19.60
CA GLN A 105 -29.06 40.56 20.32
C GLN A 105 -30.50 40.82 20.73
N LEU A 106 -31.46 40.31 19.96
CA LEU A 106 -32.87 40.50 20.29
C LEU A 106 -33.26 39.76 21.56
N LEU A 107 -32.87 38.49 21.69
CA LEU A 107 -33.15 37.79 22.95
C LEU A 107 -32.25 38.27 24.09
N LEU A 108 -31.05 38.78 23.79
CA LEU A 108 -30.24 39.32 24.87
C LEU A 108 -30.80 40.64 25.38
N ASP A 109 -31.51 41.39 24.54
CA ASP A 109 -32.17 42.60 24.99
C ASP A 109 -33.40 42.29 25.82
N TYR A 110 -34.19 41.31 25.39
CA TYR A 110 -35.42 40.92 26.08
C TYR A 110 -35.17 39.97 27.24
N GLY A 111 -33.95 39.46 27.40
CA GLY A 111 -33.66 38.53 28.48
C GLY A 111 -33.97 37.10 28.09
N CYS A 112 -33.00 36.20 28.30
CA CYS A 112 -33.17 34.81 27.91
C CYS A 112 -32.26 33.95 28.78
N GLN A 113 -32.53 32.65 28.77
CA GLN A 113 -31.71 31.68 29.50
C GLN A 113 -30.55 31.25 28.62
N SER A 114 -29.33 31.53 29.08
CA SER A 114 -28.12 31.12 28.38
C SER A 114 -28.01 29.61 28.32
N ALA A 115 -27.91 28.96 29.49
CA ALA A 115 -27.85 27.51 29.64
C ALA A 115 -26.71 26.92 28.81
N ASP A 116 -25.49 27.31 29.19
CA ASP A 116 -24.24 26.88 28.55
C ASP A 116 -24.23 27.27 27.06
N ALA A 117 -24.34 28.58 26.83
CA ALA A 117 -24.36 29.12 25.48
C ALA A 117 -23.08 29.81 25.07
N LEU A 118 -22.30 30.31 26.03
CA LEU A 118 -21.00 30.91 25.69
C LEU A 118 -20.04 29.85 25.16
N LEU A 119 -20.12 28.63 25.71
CA LEU A 119 -19.33 27.52 25.17
C LEU A 119 -19.77 27.15 23.77
N VAL A 120 -21.07 27.29 23.46
CA VAL A 120 -21.55 27.05 22.10
C VAL A 120 -21.04 28.14 21.16
N ALA A 121 -21.02 29.39 21.63
CA ALA A 121 -20.49 30.50 20.84
C ALA A 121 -19.00 30.31 20.56
N ILE A 122 -18.26 29.81 21.55
CA ILE A 122 -16.87 29.44 21.34
C ILE A 122 -16.77 28.29 20.36
N ASP A 123 -17.71 27.34 20.44
CA ASP A 123 -17.69 26.17 19.57
C ASP A 123 -17.89 26.52 18.10
N SER A 124 -18.63 27.59 17.81
CA SER A 124 -18.87 27.99 16.43
C SER A 124 -17.73 28.81 15.84
N GLU A 125 -16.73 29.15 16.64
CA GLU A 125 -15.54 29.90 16.22
C GLU A 125 -15.90 31.25 15.59
N VAL A 126 -16.88 31.92 16.17
CA VAL A 126 -17.26 33.27 15.76
C VAL A 126 -16.82 34.24 16.85
N VAL A 127 -16.47 35.46 16.45
CA VAL A 127 -15.88 36.41 17.39
C VAL A 127 -16.92 37.39 17.90
N GLY A 128 -17.81 37.84 17.00
CA GLY A 128 -18.78 38.85 17.38
C GLY A 128 -19.77 38.38 18.43
N ALA A 129 -20.34 37.19 18.23
CA ALA A 129 -21.30 36.66 19.19
C ALA A 129 -20.65 36.35 20.53
N VAL A 130 -19.38 35.94 20.51
CA VAL A 130 -18.63 35.78 21.76
C VAL A 130 -18.47 37.13 22.45
N ASP A 131 -18.21 38.19 21.68
CA ASP A 131 -18.04 39.51 22.26
C ASP A 131 -19.32 40.02 22.91
N ILE A 132 -20.48 39.82 22.26
CA ILE A 132 -21.73 40.19 22.90
C ILE A 132 -22.05 39.28 24.08
N LEU A 133 -21.65 38.01 24.00
CA LEU A 133 -21.82 37.12 25.15
C LEU A 133 -20.88 37.48 26.29
N LEU A 134 -19.77 38.17 26.01
CA LEU A 134 -18.87 38.65 27.05
C LEU A 134 -19.16 40.09 27.46
N ASN A 135 -20.21 40.71 26.93
CA ASN A 135 -20.56 42.08 27.29
C ASN A 135 -21.98 42.16 27.83
N SER A 159 -24.10 18.37 24.28
CA SER A 159 -23.61 19.33 25.26
C SER A 159 -22.16 19.05 25.63
N THR A 160 -21.44 20.09 26.02
CA THR A 160 -20.06 19.97 26.45
C THR A 160 -20.00 19.30 27.83
N THR A 161 -18.89 18.64 28.11
CA THR A 161 -18.69 17.97 29.39
C THR A 161 -18.65 18.99 30.53
N MET A 162 -19.07 18.54 31.71
CA MET A 162 -19.24 19.43 32.86
C MET A 162 -17.93 19.97 33.41
N ASP A 163 -16.79 19.37 33.06
CA ASP A 163 -15.51 19.81 33.56
C ASP A 163 -14.81 20.80 32.63
N VAL A 164 -15.47 21.24 31.57
CA VAL A 164 -14.85 22.07 30.55
C VAL A 164 -15.19 23.53 30.80
N ALA A 165 -14.16 24.34 31.06
CA ALA A 165 -14.22 25.79 31.16
C ALA A 165 -14.25 26.41 29.78
N PRO A 166 -14.72 27.66 29.65
CA PRO A 166 -14.70 28.30 28.32
C PRO A 166 -13.32 28.47 27.71
N VAL A 167 -12.28 28.70 28.52
CA VAL A 167 -10.96 28.90 27.95
C VAL A 167 -10.38 27.57 27.46
N ILE A 168 -10.76 26.45 28.08
CA ILE A 168 -10.29 25.15 27.63
C ILE A 168 -10.92 24.80 26.28
N LEU A 169 -12.21 25.08 26.14
CA LEU A 169 -12.87 24.87 24.85
C LEU A 169 -12.34 25.83 23.79
N ALA A 170 -12.00 27.06 24.20
CA ALA A 170 -11.43 28.03 23.28
C ALA A 170 -10.06 27.56 22.76
N ALA A 171 -9.26 26.97 23.64
CA ALA A 171 -8.01 26.37 23.20
C ALA A 171 -8.25 25.13 22.34
N HIS A 172 -9.34 24.41 22.60
CA HIS A 172 -9.68 23.24 21.78
C HIS A 172 -10.01 23.64 20.35
N ARG A 173 -10.77 24.71 20.14
CA ARG A 173 -11.06 25.15 18.78
C ARG A 173 -9.93 25.97 18.17
N ASN A 174 -8.91 26.30 18.96
CA ASN A 174 -7.62 26.83 18.48
C ASN A 174 -7.74 28.15 17.75
N ASN A 175 -8.71 28.99 18.11
CA ASN A 175 -8.88 30.27 17.45
C ASN A 175 -8.13 31.35 18.24
N TYR A 176 -7.37 32.16 17.53
CA TYR A 176 -6.50 33.15 18.18
C TYR A 176 -7.29 34.34 18.68
N GLU A 177 -8.36 34.72 17.98
CA GLU A 177 -9.16 35.87 18.41
C GLU A 177 -9.92 35.58 19.70
N ILE A 178 -10.52 34.39 19.80
CA ILE A 178 -11.26 34.03 21.02
C ILE A 178 -10.31 33.99 22.20
N LEU A 179 -9.10 33.48 21.99
CA LEU A 179 -8.09 33.50 23.04
C LEU A 179 -7.71 34.94 23.41
N THR A 180 -7.45 35.79 22.42
CA THR A 180 -6.95 37.11 22.74
C THR A 180 -8.02 38.03 23.32
N MET A 181 -9.30 37.66 23.24
CA MET A 181 -10.27 38.35 24.09
C MET A 181 -10.50 37.65 25.43
N LEU A 182 -10.37 36.32 25.50
CA LEU A 182 -10.68 35.62 26.74
C LEU A 182 -9.61 35.82 27.79
N LEU A 183 -8.33 35.78 27.41
CA LEU A 183 -7.27 35.95 28.41
C LEU A 183 -7.12 37.41 28.86
N LYS A 184 -7.83 38.34 28.21
CA LYS A 184 -7.89 39.71 28.72
C LYS A 184 -8.70 39.79 30.00
N GLN A 185 -9.49 38.76 30.33
CA GLN A 185 -10.36 38.76 31.47
C GLN A 185 -9.76 38.06 32.70
N ASP A 186 -8.43 37.90 32.73
CA ASP A 186 -7.68 37.34 33.87
C ASP A 186 -8.15 35.92 34.20
N VAL A 187 -7.91 35.01 33.27
CA VAL A 187 -8.39 33.65 33.34
C VAL A 187 -7.21 32.69 33.52
N SER A 188 -7.35 31.76 34.45
CA SER A 188 -6.30 30.78 34.74
C SER A 188 -6.91 29.39 34.82
N LEU A 189 -6.29 28.41 34.16
CA LEU A 189 -6.79 27.04 34.20
C LEU A 189 -6.20 26.31 35.40
N PRO A 190 -6.84 25.22 35.86
CA PRO A 190 -6.23 24.39 36.90
C PRO A 190 -4.93 23.73 36.42
N LYS A 191 -4.00 23.56 37.36
CA LYS A 191 -2.71 22.96 37.07
C LYS A 191 -2.83 21.44 37.16
N PRO A 192 -2.53 20.70 36.10
CA PRO A 192 -2.57 19.23 36.19
C PRO A 192 -1.42 18.70 37.02
N HIS A 193 -1.63 17.51 37.58
CA HIS A 193 -0.63 16.92 38.46
C HIS A 193 0.50 16.28 37.65
N ALA A 194 1.45 15.69 38.37
CA ALA A 194 2.66 15.16 37.76
C ALA A 194 2.39 13.82 37.07
N VAL A 195 3.47 13.19 36.62
CA VAL A 195 3.37 11.93 35.88
C VAL A 195 2.91 10.80 36.79
N GLY A 196 3.38 10.77 38.03
CA GLY A 196 3.04 9.72 38.97
C GLY A 196 2.61 10.25 40.31
N CYS A 197 1.88 11.37 40.31
CA CYS A 197 1.45 11.99 41.55
C CYS A 197 0.37 11.15 42.21
N GLU A 198 0.62 10.73 43.45
CA GLU A 198 -0.30 9.90 44.23
C GLU A 198 -0.49 10.49 45.62
N CYS A 199 -0.80 11.78 45.67
CA CYS A 199 -0.95 12.48 46.94
C CYS A 199 -2.32 12.17 47.54
N THR A 200 -2.69 12.94 48.57
CA THR A 200 -3.97 12.72 49.25
C THR A 200 -5.15 13.05 48.35
N LEU A 201 -4.96 13.92 47.36
CA LEU A 201 -6.02 14.25 46.43
C LEU A 201 -6.05 13.29 45.25
N CYS A 202 -4.88 13.04 44.64
CA CYS A 202 -4.83 12.26 43.40
C CYS A 202 -5.23 10.81 43.62
N SER A 203 -4.92 10.26 44.80
CA SER A 203 -5.38 8.91 45.12
C SER A 203 -6.85 8.89 45.48
N ALA A 204 -7.44 10.06 45.75
CA ALA A 204 -8.86 10.13 46.11
C ALA A 204 -9.73 10.41 44.89
N LYS A 205 -9.24 11.17 43.91
CA LYS A 205 -10.03 11.44 42.72
C LYS A 205 -10.20 10.21 41.86
N ASN A 206 -9.18 9.33 41.83
CA ASN A 206 -9.30 8.06 41.11
C ASN A 206 -10.35 7.17 41.76
N LYS A 207 -10.42 7.20 43.09
CA LYS A 207 -11.49 6.50 43.80
C LYS A 207 -12.84 7.13 43.52
N LYS A 208 -12.89 8.47 43.48
CA LYS A 208 -14.14 9.20 43.28
C LYS A 208 -14.75 8.95 41.91
N ASP A 209 -14.05 9.37 40.84
CA ASP A 209 -14.55 9.17 39.48
C ASP A 209 -13.34 9.12 38.55
N SER A 210 -12.92 7.90 38.20
CA SER A 210 -11.72 7.71 37.39
C SER A 210 -11.90 8.27 35.99
N LEU A 211 -13.07 8.02 35.37
CA LEU A 211 -13.31 8.52 34.02
C LEU A 211 -13.38 10.05 34.00
N ARG A 212 -14.03 10.65 35.00
CA ARG A 212 -14.09 12.10 35.08
C ARG A 212 -12.72 12.72 35.28
N HIS A 213 -11.89 12.11 36.13
CA HIS A 213 -10.53 12.62 36.34
C HIS A 213 -9.69 12.49 35.09
N SER A 214 -9.81 11.36 34.38
CA SER A 214 -9.04 11.16 33.16
C SER A 214 -9.47 12.12 32.06
N ARG A 215 -10.78 12.36 31.93
CA ARG A 215 -11.25 13.32 30.94
C ARG A 215 -10.84 14.74 31.30
N PHE A 216 -10.80 15.07 32.60
CA PHE A 216 -10.34 16.39 33.01
C PHE A 216 -8.86 16.59 32.67
N ARG A 217 -8.03 15.58 32.93
CA ARG A 217 -6.62 15.68 32.59
C ARG A 217 -6.41 15.77 31.09
N LEU A 218 -7.17 15.00 30.31
CA LEU A 218 -7.06 15.07 28.86
C LEU A 218 -7.50 16.43 28.33
N ASP A 219 -8.57 16.99 28.90
CA ASP A 219 -9.03 18.31 28.47
C ASP A 219 -8.01 19.39 28.82
N ILE A 220 -7.39 19.31 30.00
CA ILE A 220 -6.39 20.30 30.38
C ILE A 220 -5.17 20.19 29.47
N TYR A 221 -4.70 18.98 29.19
CA TYR A 221 -3.52 18.82 28.34
C TYR A 221 -3.82 19.01 26.87
N ARG A 222 -5.09 19.01 26.47
CA ARG A 222 -5.44 19.47 25.13
C ARG A 222 -5.56 20.98 25.08
N CYS A 223 -5.96 21.60 26.20
CA CYS A 223 -6.00 23.05 26.28
C CYS A 223 -4.60 23.66 26.26
N LEU A 224 -3.65 23.03 26.96
CA LEU A 224 -2.30 23.57 27.00
C LEU A 224 -1.54 23.32 25.71
N ALA A 225 -1.87 22.25 24.98
CA ALA A 225 -1.11 21.88 23.80
C ALA A 225 -1.52 22.65 22.55
N SER A 226 -2.51 23.51 22.65
CA SER A 226 -2.90 24.33 21.51
C SER A 226 -1.82 25.34 21.19
N PRO A 227 -1.49 25.55 19.91
CA PRO A 227 -0.47 26.55 19.55
C PRO A 227 -0.82 27.97 19.97
N ALA A 228 -2.11 28.33 19.99
CA ALA A 228 -2.51 29.68 20.35
C ALA A 228 -2.18 30.00 21.81
N LEU A 229 -2.44 29.05 22.72
CA LEU A 229 -2.17 29.30 24.13
C LEU A 229 -0.67 29.26 24.42
N ILE A 230 0.09 28.49 23.66
CA ILE A 230 1.54 28.51 23.80
C ILE A 230 2.10 29.85 23.33
N MET A 231 1.61 30.33 22.19
CA MET A 231 2.17 31.55 21.60
C MET A 231 1.69 32.81 22.32
N LEU A 232 0.58 32.73 23.06
CA LEU A 232 0.12 33.91 23.79
C LEU A 232 0.76 34.04 25.15
N THR A 233 0.58 33.07 26.03
CA THR A 233 1.01 33.19 27.42
C THR A 233 2.10 32.17 27.72
N GLU A 234 3.33 32.51 27.33
CA GLU A 234 4.58 31.92 27.79
C GLU A 234 5.72 32.86 27.44
N GLU A 235 6.83 32.73 28.18
CA GLU A 235 8.02 33.50 27.88
C GLU A 235 8.72 32.99 26.63
N ASP A 236 8.80 31.67 26.48
CA ASP A 236 9.48 31.04 25.34
C ASP A 236 8.60 29.94 24.78
N PRO A 237 7.92 30.18 23.65
CA PRO A 237 7.06 29.14 23.06
C PRO A 237 7.80 27.91 22.58
N ILE A 238 9.04 28.05 22.13
CA ILE A 238 9.81 26.90 21.68
C ILE A 238 10.12 25.98 22.86
N LEU A 239 10.53 26.55 23.99
CA LEU A 239 10.82 25.76 25.18
C LEU A 239 9.55 25.13 25.74
N ARG A 240 8.43 25.87 25.73
CA ARG A 240 7.17 25.31 26.19
C ARG A 240 6.71 24.17 25.30
N ALA A 241 6.90 24.31 23.98
CA ALA A 241 6.54 23.24 23.06
C ALA A 241 7.40 22.00 23.28
N PHE A 242 8.70 22.20 23.53
CA PHE A 242 9.60 21.08 23.80
C PHE A 242 9.20 20.35 25.07
N GLU A 243 9.03 21.10 26.17
CA GLU A 243 8.67 20.49 27.44
C GLU A 243 7.30 19.84 27.38
N LEU A 244 6.36 20.45 26.67
CA LEU A 244 5.01 19.90 26.59
C LEU A 244 5.00 18.62 25.74
N SER A 245 5.80 18.58 24.66
CA SER A 245 5.90 17.35 23.88
C SER A 245 6.52 16.23 24.69
N ALA A 246 7.59 16.53 25.45
CA ALA A 246 8.19 15.50 26.30
C ALA A 246 7.23 15.03 27.38
N ASP A 247 6.52 15.95 28.02
CA ASP A 247 5.58 15.61 29.08
C ASP A 247 4.41 14.78 28.52
N LEU A 248 3.94 15.13 27.32
CA LEU A 248 2.84 14.40 26.72
C LEU A 248 3.26 13.01 26.29
N LYS A 249 4.49 12.86 25.81
CA LYS A 249 5.00 11.52 25.48
C LYS A 249 5.13 10.67 26.74
N GLU A 250 5.61 11.27 27.84
CA GLU A 250 5.69 10.52 29.10
C GLU A 250 4.31 10.14 29.61
N LEU A 251 3.31 11.02 29.46
CA LEU A 251 1.96 10.67 29.89
C LEU A 251 1.37 9.58 29.02
N SER A 252 1.62 9.62 27.70
CA SER A 252 1.15 8.55 26.84
C SER A 252 1.82 7.22 27.17
N LEU A 253 3.08 7.27 27.62
CA LEU A 253 3.71 6.06 28.17
C LEU A 253 2.99 5.61 29.44
N VAL A 254 2.63 6.54 30.31
CA VAL A 254 1.98 6.18 31.56
C VAL A 254 0.51 5.84 31.33
N GLU A 255 -0.25 6.74 30.71
CA GLU A 255 -1.68 6.52 30.49
C GLU A 255 -1.85 5.58 29.30
N VAL A 256 -2.03 4.30 29.61
CA VAL A 256 -2.19 3.29 28.57
C VAL A 256 -3.52 3.45 27.86
N GLU A 257 -4.53 3.97 28.57
CA GLU A 257 -5.89 3.98 28.06
C GLU A 257 -6.11 5.05 26.99
N PHE A 258 -5.29 6.11 26.99
CA PHE A 258 -5.48 7.18 26.03
C PHE A 258 -4.19 7.46 25.26
N ARG A 259 -3.53 6.41 24.75
CA ARG A 259 -2.24 6.57 24.11
C ARG A 259 -2.36 7.40 22.83
N ASN A 260 -3.41 7.17 22.05
CA ASN A 260 -3.56 7.86 20.77
C ASN A 260 -3.76 9.36 20.96
N ASP A 261 -4.56 9.76 21.95
CA ASP A 261 -4.85 11.19 22.14
C ASP A 261 -3.62 11.95 22.62
N TYR A 262 -2.92 11.41 23.63
CA TYR A 262 -1.74 12.10 24.14
C TYR A 262 -0.61 12.08 23.12
N GLU A 263 -0.49 10.99 22.35
CA GLU A 263 0.49 10.95 21.28
C GLU A 263 0.17 11.97 20.19
N GLU A 264 -1.12 12.15 19.86
CA GLU A 264 -1.51 13.14 18.88
C GLU A 264 -1.22 14.56 19.36
N LEU A 265 -1.45 14.83 20.65
CA LEU A 265 -1.14 16.15 21.17
C LEU A 265 0.37 16.40 21.19
N ALA A 266 1.16 15.37 21.49
CA ALA A 266 2.62 15.51 21.39
C ALA A 266 3.06 15.79 19.96
N ARG A 267 2.44 15.10 19.00
CA ARG A 267 2.74 15.33 17.59
C ARG A 267 2.37 16.75 17.18
N GLN A 268 1.24 17.24 17.66
CA GLN A 268 0.82 18.61 17.35
C GLN A 268 1.79 19.64 17.94
N CYS A 269 2.27 19.40 19.16
CA CYS A 269 3.26 20.29 19.75
C CYS A 269 4.56 20.29 18.95
N LYS A 270 5.02 19.11 18.52
CA LYS A 270 6.23 19.03 17.72
C LYS A 270 6.06 19.74 16.38
N MET A 271 4.90 19.57 15.74
CA MET A 271 4.64 20.23 14.46
C MET A 271 4.56 21.75 14.62
N PHE A 272 3.97 22.21 15.73
CA PHE A 272 3.94 23.65 16.00
C PHE A 272 5.34 24.21 16.19
N ALA A 273 6.20 23.49 16.93
CA ALA A 273 7.57 23.95 17.10
C ALA A 273 8.32 23.98 15.77
N LYS A 274 8.09 22.96 14.93
CA LYS A 274 8.73 22.92 13.62
C LYS A 274 8.30 24.10 12.75
N ASP A 275 7.01 24.40 12.72
CA ASP A 275 6.54 25.52 11.90
C ASP A 275 6.98 26.86 12.46
N LEU A 276 6.99 27.01 13.79
CA LEU A 276 7.42 28.26 14.40
C LEU A 276 8.90 28.53 14.14
N LEU A 277 9.71 27.47 14.08
CA LEU A 277 11.09 27.67 13.64
C LEU A 277 11.16 27.88 12.12
N ALA A 278 10.21 27.32 11.37
CA ALA A 278 10.19 27.47 9.93
C ALA A 278 9.83 28.88 9.49
N GLN A 279 9.22 29.68 10.36
CA GLN A 279 8.96 31.08 10.02
C GLN A 279 10.17 31.99 10.21
N ALA A 280 11.37 31.43 10.42
CA ALA A 280 12.57 32.25 10.52
C ALA A 280 13.00 32.72 9.14
N ARG A 281 13.27 34.02 9.00
CA ARG A 281 13.62 34.61 7.72
C ARG A 281 15.13 34.84 7.58
N ASN A 282 15.71 35.64 8.49
CA ASN A 282 17.12 35.96 8.43
C ASN A 282 17.94 34.87 9.10
N SER A 283 19.20 34.76 8.70
CA SER A 283 20.11 33.84 9.38
C SER A 283 20.49 34.36 10.76
N ARG A 284 20.48 35.68 10.94
CA ARG A 284 20.71 36.25 12.26
C ARG A 284 19.63 35.83 13.25
N GLU A 285 18.38 35.84 12.80
CA GLU A 285 17.28 35.39 13.67
C GLU A 285 17.42 33.92 14.03
N LEU A 286 17.83 33.10 13.06
CA LEU A 286 18.03 31.68 13.32
C LEU A 286 19.17 31.45 14.31
N GLU A 287 20.25 32.22 14.17
CA GLU A 287 21.35 32.12 15.13
C GLU A 287 20.92 32.58 16.51
N VAL A 288 20.03 33.57 16.59
CA VAL A 288 19.54 34.04 17.88
C VAL A 288 18.69 32.96 18.56
N ILE A 289 17.74 32.39 17.81
CA ILE A 289 16.85 31.40 18.42
C ILE A 289 17.49 30.03 18.59
N LEU A 290 18.67 29.80 18.01
CA LEU A 290 19.37 28.54 18.22
C LEU A 290 20.47 28.64 19.26
N ASN A 291 20.99 29.83 19.55
CA ASN A 291 22.00 30.00 20.57
C ASN A 291 21.44 30.47 21.90
N HIS A 292 20.12 30.51 22.06
CA HIS A 292 19.52 31.01 23.28
C HIS A 292 19.61 29.97 24.39
N THR A 293 20.10 30.39 25.55
CA THR A 293 20.19 29.54 26.73
C THR A 293 19.49 30.25 27.89
N SER A 294 18.75 29.48 28.69
CA SER A 294 18.01 30.05 29.80
C SER A 294 18.85 30.01 31.08
N MET A 309 26.73 29.16 17.23
CA MET A 309 27.85 28.25 17.40
C MET A 309 27.72 27.43 18.67
N ASN A 310 27.14 28.03 19.71
CA ASN A 310 26.94 27.30 20.96
C ASN A 310 25.83 26.27 20.84
N LEU A 311 24.73 26.62 20.16
CA LEU A 311 23.65 25.70 19.80
C LEU A 311 23.02 25.03 21.03
N SER A 312 22.77 25.82 22.07
CA SER A 312 22.13 25.27 23.27
C SER A 312 20.70 24.86 23.00
N ARG A 313 19.98 25.66 22.20
CA ARG A 313 18.59 25.32 21.88
C ARG A 313 18.51 24.08 21.00
N LEU A 314 19.44 23.91 20.07
CA LEU A 314 19.46 22.69 19.27
C LEU A 314 19.89 21.48 20.10
N LYS A 315 20.78 21.69 21.08
CA LYS A 315 21.12 20.62 22.00
C LYS A 315 19.91 20.20 22.82
N LEU A 316 19.08 21.17 23.22
CA LEU A 316 17.82 20.85 23.88
C LEU A 316 16.87 20.11 22.95
N ALA A 317 16.80 20.54 21.68
CA ALA A 317 15.87 19.93 20.73
C ALA A 317 16.23 18.49 20.44
N ILE A 318 17.52 18.19 20.33
CA ILE A 318 17.94 16.78 20.22
C ILE A 318 17.72 16.06 21.55
N LYS A 319 17.94 16.76 22.67
CA LYS A 319 17.70 16.16 23.98
C LYS A 319 16.23 15.83 24.20
N TYR A 320 15.33 16.65 23.66
CA TYR A 320 13.90 16.43 23.80
C TYR A 320 13.32 15.61 22.66
N ASN A 321 14.17 15.03 21.79
CA ASN A 321 13.77 14.11 20.73
C ASN A 321 12.76 14.72 19.76
N GLN A 322 13.02 15.96 19.35
CA GLN A 322 12.18 16.66 18.39
C GLN A 322 12.67 16.31 16.98
N LYS A 323 11.96 15.40 16.31
CA LYS A 323 12.39 14.95 14.99
C LYS A 323 12.07 15.98 13.93
N GLU A 324 10.93 16.65 14.02
CA GLU A 324 10.53 17.62 13.01
C GLU A 324 11.30 18.94 13.13
N PHE A 325 11.73 19.29 14.35
CA PHE A 325 12.43 20.55 14.56
C PHE A 325 13.79 20.56 13.90
N VAL A 326 14.50 19.43 13.92
CA VAL A 326 15.87 19.39 13.42
C VAL A 326 15.93 18.98 11.95
N SER A 327 14.87 18.36 11.43
CA SER A 327 14.83 18.00 10.02
C SER A 327 14.38 19.15 9.13
N GLN A 328 14.10 20.32 9.71
CA GLN A 328 13.72 21.49 8.94
C GLN A 328 14.92 21.98 8.10
N SER A 329 14.60 22.51 6.91
CA SER A 329 15.63 22.92 5.96
C SER A 329 16.52 24.03 6.51
N ASN A 330 15.95 24.98 7.26
CA ASN A 330 16.75 26.08 7.79
C ASN A 330 17.72 25.60 8.87
N CYS A 331 17.23 24.77 9.79
CA CYS A 331 18.09 24.23 10.85
C CYS A 331 19.17 23.33 10.28
N GLN A 332 18.80 22.48 9.31
CA GLN A 332 19.78 21.61 8.68
C GLN A 332 20.79 22.41 7.87
N GLN A 333 20.36 23.52 7.25
CA GLN A 333 21.29 24.36 6.51
C GLN A 333 22.30 25.02 7.44
N PHE A 334 21.81 25.52 8.59
CA PHE A 334 22.73 26.10 9.57
C PHE A 334 23.69 25.06 10.10
N LEU A 335 23.22 23.83 10.31
CA LEU A 335 24.11 22.76 10.74
C LEU A 335 25.13 22.41 9.66
N ASN A 336 24.74 22.49 8.39
CA ASN A 336 25.69 22.28 7.30
C ASN A 336 26.78 23.35 7.30
N THR A 337 26.39 24.61 7.48
CA THR A 337 27.39 25.68 7.48
C THR A 337 28.31 25.60 8.68
N VAL A 338 27.80 25.17 9.85
CA VAL A 338 28.69 24.97 10.99
C VAL A 338 29.59 23.76 10.77
N TRP A 339 29.04 22.68 10.20
CA TRP A 339 29.77 21.43 10.07
C TRP A 339 30.90 21.52 9.05
N PHE A 340 30.65 22.17 7.91
CA PHE A 340 31.67 22.19 6.86
C PHE A 340 32.82 23.13 7.18
N GLY A 341 32.60 24.10 8.06
CA GLY A 341 33.70 24.94 8.52
C GLY A 341 34.11 25.96 7.47
N GLN A 342 35.43 26.08 7.28
CA GLN A 342 35.96 27.11 6.39
C GLN A 342 35.63 26.82 4.93
N MET A 343 35.78 25.56 4.51
CA MET A 343 35.53 25.16 3.12
C MET A 343 34.04 24.88 2.88
N SER A 344 33.27 25.97 2.89
CA SER A 344 31.85 25.89 2.59
C SER A 344 31.59 25.54 1.13
N GLY A 345 32.60 25.69 0.27
CA GLY A 345 32.53 25.25 -1.12
C GLY A 345 32.82 23.79 -1.33
N TYR A 346 32.97 23.01 -0.26
CA TYR A 346 33.13 21.56 -0.39
C TYR A 346 31.90 20.92 -1.03
N ARG A 347 30.71 21.45 -0.73
CA ARG A 347 29.50 20.99 -1.40
C ARG A 347 29.51 21.40 -2.87
N ARG A 348 30.14 22.53 -3.19
CA ARG A 348 30.24 22.98 -4.57
C ARG A 348 31.19 22.11 -5.38
N LYS A 349 32.12 21.41 -4.71
CA LYS A 349 33.05 20.55 -5.41
C LYS A 349 32.32 19.32 -5.98
N PRO A 350 32.81 18.76 -7.08
CA PRO A 350 32.22 17.52 -7.60
C PRO A 350 32.52 16.35 -6.67
N THR A 351 31.83 15.23 -6.94
CA THR A 351 31.92 14.07 -6.05
C THR A 351 33.31 13.44 -6.09
N CYS A 352 33.98 13.47 -7.24
CA CYS A 352 35.34 12.95 -7.33
C CYS A 352 36.29 13.80 -6.51
N LYS A 353 36.15 15.13 -6.57
CA LYS A 353 36.99 16.01 -5.77
C LYS A 353 36.72 15.86 -4.29
N LYS A 354 35.45 15.66 -3.89
CA LYS A 354 35.14 15.37 -2.50
C LYS A 354 35.80 14.06 -2.06
N ILE A 355 35.80 13.06 -2.94
CA ILE A 355 36.40 11.77 -2.62
C ILE A 355 37.90 11.92 -2.40
N MET A 356 38.59 12.63 -3.31
CA MET A 356 40.05 12.69 -3.16
C MET A 356 40.44 13.64 -2.04
N THR A 357 39.61 14.64 -1.74
CA THR A 357 39.86 15.49 -0.57
C THR A 357 39.73 14.68 0.73
N VAL A 358 38.68 13.85 0.82
CA VAL A 358 38.51 13.00 2.00
C VAL A 358 39.68 12.03 2.13
N LEU A 359 40.13 11.46 1.01
CA LEU A 359 41.27 10.56 1.03
C LEU A 359 42.54 11.26 1.49
N THR A 360 42.85 12.43 0.90
CA THR A 360 44.10 13.11 1.21
C THR A 360 44.09 13.74 2.59
N VAL A 361 42.92 13.89 3.22
CA VAL A 361 42.93 14.19 4.65
C VAL A 361 43.09 12.89 5.44
N GLY A 362 42.57 11.77 4.93
CA GLY A 362 42.67 10.52 5.65
C GLY A 362 44.08 9.94 5.71
N ILE A 363 44.94 10.31 4.77
CA ILE A 363 46.32 9.81 4.80
C ILE A 363 47.11 10.47 5.92
N PHE A 364 47.23 11.80 5.89
CA PHE A 364 48.14 12.53 6.75
C PHE A 364 47.48 13.05 8.02
N TRP A 365 46.50 12.33 8.55
CA TRP A 365 45.84 12.68 9.80
C TRP A 365 46.74 12.78 11.04
N PRO A 366 47.77 11.91 11.27
CA PRO A 366 48.60 12.14 12.47
C PRO A 366 49.40 13.43 12.39
N VAL A 367 49.75 13.85 11.18
CA VAL A 367 50.45 15.11 10.99
C VAL A 367 49.57 16.28 11.42
N LEU A 368 48.29 16.24 11.04
CA LEU A 368 47.36 17.30 11.43
C LEU A 368 47.11 17.29 12.94
N SER A 369 46.98 16.11 13.53
CA SER A 369 46.78 16.02 14.98
C SER A 369 48.00 16.54 15.74
N LEU A 370 49.20 16.17 15.29
CA LEU A 370 50.42 16.64 15.94
C LEU A 370 50.62 18.14 15.76
N CYS A 371 50.31 18.67 14.57
CA CYS A 371 50.47 20.10 14.33
C CYS A 371 49.45 20.91 15.11
N TYR A 372 48.27 20.35 15.36
CA TYR A 372 47.35 21.00 16.29
C TYR A 372 47.88 20.94 17.72
N LEU A 373 48.49 19.82 18.10
CA LEU A 373 49.01 19.69 19.45
C LEU A 373 50.23 20.58 19.67
N ILE A 374 50.90 21.01 18.60
CA ILE A 374 52.07 21.86 18.72
C ILE A 374 51.70 23.32 18.42
N ALA A 375 51.24 23.59 17.20
CA ALA A 375 50.98 24.95 16.74
C ALA A 375 49.56 25.08 16.20
N PRO A 376 48.60 25.39 17.06
CA PRO A 376 47.21 25.56 16.59
C PRO A 376 46.94 26.91 15.92
N LYS A 377 47.92 27.80 15.89
CA LYS A 377 47.67 29.16 15.39
C LYS A 377 47.59 29.18 13.87
N SER A 378 48.35 28.31 13.19
CA SER A 378 48.44 28.37 11.74
C SER A 378 47.19 27.77 11.09
N GLN A 379 47.20 27.74 9.75
CA GLN A 379 46.02 27.27 9.02
C GLN A 379 45.81 25.77 9.20
N PHE A 380 46.90 24.99 9.27
CA PHE A 380 46.74 23.56 9.54
C PHE A 380 46.39 23.31 11.00
N GLY A 381 46.71 24.26 11.89
CA GLY A 381 46.25 24.16 13.26
C GLY A 381 44.74 24.31 13.37
N ARG A 382 44.17 25.23 12.59
CA ARG A 382 42.72 25.45 12.58
C ARG A 382 41.97 24.42 11.76
N ILE A 383 42.68 23.51 11.09
CA ILE A 383 42.04 22.49 10.24
C ILE A 383 41.23 21.52 11.09
N ILE A 384 41.77 21.14 12.26
CA ILE A 384 41.11 20.13 13.08
C ILE A 384 39.87 20.69 13.77
N HIS A 385 39.80 22.02 13.96
CA HIS A 385 38.62 22.60 14.60
C HIS A 385 37.42 22.61 13.66
N THR A 386 37.62 22.33 12.38
CA THR A 386 36.50 22.07 11.50
C THR A 386 35.88 20.75 11.90
N PRO A 387 34.59 20.71 12.29
CA PRO A 387 34.02 19.46 12.83
C PRO A 387 33.87 18.36 11.79
N PHE A 388 33.63 18.69 10.52
CA PHE A 388 33.71 17.67 9.47
C PHE A 388 35.11 17.10 9.39
N MET A 389 36.12 17.97 9.45
CA MET A 389 37.50 17.50 9.46
C MET A 389 37.80 16.70 10.72
N LYS A 390 37.28 17.14 11.87
CA LYS A 390 37.47 16.38 13.10
C LYS A 390 36.89 14.98 12.98
N PHE A 391 35.72 14.86 12.35
CA PHE A 391 35.15 13.55 12.09
C PHE A 391 36.02 12.75 11.12
N ILE A 392 36.66 13.41 10.15
CA ILE A 392 37.48 12.68 9.19
C ILE A 392 38.73 12.11 9.85
N ILE A 393 39.45 12.91 10.65
CA ILE A 393 40.57 12.37 11.43
C ILE A 393 40.12 11.32 12.44
N HIS A 394 38.93 11.48 13.04
CA HIS A 394 38.44 10.43 13.94
C HIS A 394 38.19 9.11 13.21
N GLY A 395 37.55 9.18 12.04
CA GLY A 395 37.32 7.98 11.26
C GLY A 395 38.62 7.35 10.75
N ALA A 396 39.58 8.19 10.35
CA ALA A 396 40.86 7.68 9.91
C ALA A 396 41.66 7.08 11.06
N SER A 397 41.50 7.62 12.27
CA SER A 397 42.16 7.04 13.44
C SER A 397 41.57 5.67 13.76
N TYR A 398 40.24 5.54 13.69
CA TYR A 398 39.64 4.23 13.90
C TYR A 398 40.04 3.26 12.79
N PHE A 399 40.16 3.74 11.55
CA PHE A 399 40.62 2.89 10.46
C PHE A 399 42.07 2.45 10.67
N THR A 400 42.90 3.33 11.23
CA THR A 400 44.28 2.96 11.55
C THR A 400 44.33 1.92 12.66
N PHE A 401 43.43 2.04 13.64
CA PHE A 401 43.30 1.00 14.67
C PHE A 401 42.91 -0.33 14.05
N LEU A 402 41.97 -0.31 13.11
CA LEU A 402 41.52 -1.51 12.40
C LEU A 402 42.67 -2.13 11.58
N LEU A 403 43.45 -1.28 10.91
CA LEU A 403 44.59 -1.74 10.13
C LEU A 403 45.67 -2.35 11.04
N LEU A 404 45.90 -1.74 12.20
CA LEU A 404 46.81 -2.34 13.16
C LEU A 404 46.28 -3.66 13.69
N LEU A 405 44.96 -3.80 13.79
CA LEU A 405 44.40 -5.09 14.22
C LEU A 405 44.67 -6.17 13.19
N ASN A 406 44.53 -5.85 11.90
CA ASN A 406 44.91 -6.81 10.86
C ASN A 406 46.41 -7.05 10.85
N LEU A 407 47.19 -6.01 11.12
CA LEU A 407 48.64 -6.12 11.18
C LEU A 407 49.11 -7.01 12.32
N TYR A 408 48.31 -7.14 13.39
CA TYR A 408 48.63 -8.08 14.46
C TYR A 408 48.67 -9.50 13.91
N SER A 409 47.65 -9.89 13.14
CA SER A 409 47.62 -11.24 12.57
C SER A 409 48.66 -11.39 11.44
N LEU A 410 48.93 -10.30 10.73
CA LEU A 410 49.95 -10.33 9.65
C LEU A 410 51.35 -10.47 10.28
N VAL A 411 51.50 -9.99 11.52
CA VAL A 411 52.83 -10.04 12.21
C VAL A 411 52.70 -10.96 13.43
N TYR A 412 51.75 -11.90 13.41
CA TYR A 412 51.59 -12.86 14.52
C TYR A 412 52.63 -13.97 14.36
N ASN A 413 53.91 -13.64 14.51
CA ASN A 413 54.99 -14.65 14.36
C ASN A 413 56.02 -14.46 15.48
N GLU A 414 55.54 -14.13 16.69
CA GLU A 414 56.46 -13.98 17.85
C GLU A 414 56.53 -15.31 18.59
N ASP A 415 56.44 -16.43 17.86
CA ASP A 415 56.49 -17.79 18.47
C ASP A 415 55.34 -17.93 19.49
N LYS A 416 54.41 -16.97 19.50
CA LYS A 416 53.23 -17.05 20.40
C LYS A 416 52.36 -18.23 19.95
N LYS A 417 52.37 -18.52 18.65
CA LYS A 417 51.60 -19.68 18.12
C LYS A 417 51.98 -20.93 18.91
N ASN A 418 53.20 -20.97 19.48
CA ASN A 418 53.67 -22.19 20.18
C ASN A 418 53.86 -21.90 21.68
N THR A 419 54.67 -20.89 22.02
CA THR A 419 54.98 -20.65 23.43
C THR A 419 53.73 -20.33 24.24
N MET A 420 53.77 -20.71 25.51
CA MET A 420 52.63 -20.53 26.42
C MET A 420 52.55 -19.11 26.96
N GLY A 421 53.67 -18.54 27.38
CA GLY A 421 53.68 -17.22 27.99
C GLY A 421 53.53 -16.10 26.99
N PRO A 422 52.51 -15.27 27.19
CA PRO A 422 52.30 -14.13 26.29
C PRO A 422 53.45 -13.14 26.31
N ALA A 423 53.75 -12.58 25.13
CA ALA A 423 54.73 -11.52 24.99
C ALA A 423 54.14 -10.46 24.07
N LEU A 424 54.37 -9.19 24.41
CA LEU A 424 53.77 -8.07 23.70
C LEU A 424 54.76 -7.51 22.69
N GLU A 425 54.30 -7.34 21.45
CA GLU A 425 55.12 -6.76 20.39
C GLU A 425 54.91 -5.24 20.36
N ARG A 426 55.48 -4.61 19.32
CA ARG A 426 55.26 -3.18 19.14
C ARG A 426 53.82 -2.88 18.72
N ILE A 427 53.24 -3.78 17.92
CA ILE A 427 51.85 -3.63 17.50
C ILE A 427 50.91 -3.72 18.70
N ASP A 428 51.19 -4.63 19.63
CA ASP A 428 50.37 -4.74 20.83
C ASP A 428 50.58 -3.55 21.76
N TYR A 429 51.78 -2.99 21.77
CA TYR A 429 52.03 -1.75 22.52
C TYR A 429 51.17 -0.61 22.00
N LEU A 430 51.18 -0.42 20.66
CA LEU A 430 50.33 0.59 20.05
C LEU A 430 48.86 0.29 20.29
N LEU A 431 48.49 -1.00 20.25
CA LEU A 431 47.11 -1.41 20.43
C LEU A 431 46.60 -1.07 21.82
N ILE A 432 47.41 -1.33 22.85
CA ILE A 432 46.98 -0.99 24.20
C ILE A 432 47.02 0.52 24.41
N LEU A 433 47.89 1.23 23.69
CA LEU A 433 47.85 2.69 23.75
C LEU A 433 46.54 3.24 23.18
N TRP A 434 46.10 2.68 22.05
CA TRP A 434 44.79 3.03 21.49
C TRP A 434 43.67 2.65 22.44
N ILE A 435 43.83 1.54 23.17
CA ILE A 435 42.79 1.10 24.09
C ILE A 435 42.64 2.06 25.26
N ILE A 436 43.77 2.51 25.85
CA ILE A 436 43.67 3.49 26.93
C ILE A 436 43.19 4.84 26.39
N GLY A 437 43.47 5.15 25.12
CA GLY A 437 42.92 6.36 24.54
C GLY A 437 41.41 6.31 24.39
N MET A 438 40.89 5.16 23.93
CA MET A 438 39.45 4.98 23.81
C MET A 438 38.77 4.96 25.17
N ILE A 439 39.42 4.37 26.19
CA ILE A 439 38.84 4.37 27.53
C ILE A 439 38.88 5.78 28.13
N TRP A 440 39.88 6.59 27.74
CA TRP A 440 39.91 7.98 28.20
C TRP A 440 38.79 8.78 27.55
N SER A 441 38.54 8.55 26.27
CA SER A 441 37.40 9.18 25.60
C SER A 441 36.08 8.73 26.21
N ASP A 442 35.98 7.46 26.60
CA ASP A 442 34.79 6.96 27.29
C ASP A 442 34.59 7.65 28.63
N ILE A 443 35.68 7.85 29.39
CA ILE A 443 35.59 8.53 30.67
C ILE A 443 35.17 9.99 30.47
N LYS A 444 35.71 10.65 29.44
CA LYS A 444 35.31 12.03 29.14
C LYS A 444 33.84 12.12 28.76
N ARG A 445 33.35 11.16 27.97
CA ARG A 445 31.93 11.14 27.61
C ARG A 445 31.06 10.90 28.84
N LEU A 446 31.47 9.99 29.72
CA LEU A 446 30.71 9.72 30.94
C LEU A 446 30.72 10.90 31.91
N TRP A 447 31.80 11.68 31.95
CA TRP A 447 31.93 12.75 32.94
C TRP A 447 31.34 14.07 32.46
N TYR A 448 31.61 14.48 31.22
CA TYR A 448 31.14 15.78 30.76
C TYR A 448 29.65 15.76 30.43
N GLU A 449 29.16 14.68 29.82
CA GLU A 449 27.77 14.63 29.40
C GLU A 449 26.87 13.84 30.34
N GLY A 450 27.40 12.86 31.06
CA GLY A 450 26.60 12.06 31.98
C GLY A 450 26.65 10.58 31.64
N LEU A 451 25.79 9.84 32.34
CA LEU A 451 25.75 8.38 32.22
C LEU A 451 24.50 7.86 31.54
N GLU A 452 23.35 8.49 31.75
CA GLU A 452 22.10 7.98 31.19
C GLU A 452 22.07 8.13 29.67
N ASP A 453 22.48 9.30 29.16
CA ASP A 453 22.54 9.52 27.72
C ASP A 453 23.57 8.61 27.06
N PHE A 454 24.62 8.24 27.80
CA PHE A 454 25.54 7.21 27.31
C PHE A 454 24.83 5.88 27.16
N LEU A 455 23.98 5.53 28.11
CA LEU A 455 23.27 4.25 28.05
C LEU A 455 22.14 4.26 27.03
N GLU A 456 21.69 5.44 26.59
CA GLU A 456 20.64 5.49 25.57
C GLU A 456 21.13 5.01 24.21
N GLU A 457 22.31 5.47 23.79
CA GLU A 457 22.81 5.16 22.47
C GLU A 457 23.32 3.72 22.40
N SER A 458 22.93 3.00 21.35
CA SER A 458 23.41 1.64 21.17
C SER A 458 24.88 1.60 20.77
N ARG A 459 25.37 2.64 20.09
CA ARG A 459 26.78 2.73 19.74
C ARG A 459 27.65 2.82 20.99
N ASN A 460 27.20 3.56 21.99
CA ASN A 460 27.95 3.66 23.23
C ASN A 460 27.90 2.36 24.03
N GLN A 461 26.78 1.62 23.96
CA GLN A 461 26.73 0.29 24.55
C GLN A 461 27.71 -0.65 23.87
N LEU A 462 27.80 -0.58 22.54
CA LEU A 462 28.76 -1.38 21.80
C LEU A 462 30.19 -1.03 22.19
N SER A 463 30.45 0.27 22.36
CA SER A 463 31.77 0.71 22.80
C SER A 463 32.09 0.22 24.20
N PHE A 464 31.10 0.23 25.10
CA PHE A 464 31.33 -0.26 26.46
C PHE A 464 31.63 -1.75 26.49
N VAL A 465 30.87 -2.54 25.73
CA VAL A 465 31.12 -3.98 25.72
C VAL A 465 32.45 -4.30 25.04
N MET A 466 32.78 -3.55 23.98
CA MET A 466 34.09 -3.68 23.35
C MET A 466 35.23 -3.39 24.32
N ASN A 467 35.10 -2.31 25.09
CA ASN A 467 36.15 -1.92 26.02
C ASN A 467 36.27 -2.92 27.16
N SER A 468 35.15 -3.43 27.66
CA SER A 468 35.20 -4.46 28.69
C SER A 468 35.86 -5.74 28.18
N LEU A 469 35.53 -6.14 26.94
CA LEU A 469 36.13 -7.34 26.35
C LEU A 469 37.63 -7.17 26.15
N TYR A 470 38.05 -6.01 25.65
CA TYR A 470 39.48 -5.77 25.44
C TYR A 470 40.24 -5.68 26.76
N LEU A 471 39.63 -5.05 27.78
CA LEU A 471 40.29 -4.96 29.08
C LEU A 471 40.42 -6.34 29.72
N ALA A 472 39.39 -7.18 29.61
CA ALA A 472 39.50 -8.55 30.11
C ALA A 472 40.55 -9.34 29.35
N THR A 473 40.63 -9.13 28.03
CA THR A 473 41.63 -9.81 27.22
C THR A 473 43.05 -9.44 27.66
N PHE A 474 43.31 -8.15 27.86
CA PHE A 474 44.66 -7.74 28.24
C PHE A 474 44.98 -8.09 29.69
N ALA A 475 43.98 -8.08 30.58
CA ALA A 475 44.21 -8.54 31.95
C ALA A 475 44.57 -10.01 31.99
N LEU A 476 43.85 -10.83 31.21
CA LEU A 476 44.16 -12.25 31.15
C LEU A 476 45.51 -12.49 30.49
N LYS A 477 45.87 -11.66 29.50
CA LYS A 477 47.18 -11.73 28.87
C LYS A 477 48.30 -11.46 29.86
N VAL A 478 48.14 -10.42 30.69
CA VAL A 478 49.15 -10.09 31.70
C VAL A 478 49.25 -11.19 32.75
N VAL A 479 48.10 -11.73 33.17
CA VAL A 479 48.08 -12.80 34.17
C VAL A 479 48.78 -14.04 33.64
N ALA A 480 48.49 -14.41 32.38
CA ALA A 480 49.14 -15.57 31.77
C ALA A 480 50.62 -15.34 31.54
N HIS A 481 51.02 -14.12 31.21
CA HIS A 481 52.45 -13.83 31.05
C HIS A 481 53.18 -13.92 32.38
N ASN A 482 52.54 -13.50 33.47
CA ASN A 482 53.18 -13.57 34.76
C ASN A 482 53.24 -15.00 35.30
N LYS A 483 52.23 -15.82 35.01
CA LYS A 483 52.12 -17.12 35.65
C LYS A 483 52.56 -18.29 34.76
N PHE A 484 51.92 -18.48 33.60
CA PHE A 484 52.10 -19.69 32.81
C PHE A 484 53.08 -19.42 31.67
N HIS A 485 54.24 -20.05 31.71
CA HIS A 485 55.24 -19.94 30.64
C HIS A 485 55.91 -21.28 30.37
N ASP A 486 55.13 -22.35 30.28
CA ASP A 486 55.67 -23.71 30.10
C ASP A 486 55.86 -24.00 28.62
N PHE A 487 57.10 -24.21 28.19
CA PHE A 487 57.38 -24.47 26.78
C PHE A 487 56.81 -25.80 26.32
N ALA A 488 55.74 -25.76 25.53
CA ALA A 488 55.08 -26.96 25.03
C ALA A 488 54.30 -26.59 23.78
N ASP A 489 53.74 -27.61 23.12
CA ASP A 489 52.95 -27.40 21.92
C ASP A 489 51.58 -26.83 22.28
N ARG A 490 50.91 -26.25 21.28
CA ARG A 490 49.60 -25.63 21.50
C ARG A 490 48.53 -26.65 21.83
N LYS A 491 48.60 -27.85 21.25
CA LYS A 491 47.59 -28.88 21.52
C LYS A 491 47.74 -29.50 22.90
N ASP A 492 48.84 -29.23 23.60
CA ASP A 492 49.07 -29.85 24.90
C ASP A 492 48.34 -29.11 26.02
N TRP A 493 47.80 -27.93 25.74
CA TRP A 493 47.28 -27.09 26.81
C TRP A 493 45.90 -27.56 27.25
N ASP A 494 45.49 -27.07 28.42
CA ASP A 494 44.15 -27.34 28.93
C ASP A 494 43.13 -26.56 28.10
N ALA A 495 41.88 -27.07 28.09
CA ALA A 495 40.83 -26.44 27.29
C ALA A 495 40.43 -25.07 27.83
N PHE A 496 40.58 -24.85 29.14
CA PHE A 496 40.21 -23.59 29.77
C PHE A 496 41.42 -22.81 30.26
N HIS A 497 42.51 -22.84 29.49
CA HIS A 497 43.66 -22.02 29.83
C HIS A 497 43.37 -20.53 29.61
N PRO A 498 43.95 -19.66 30.41
CA PRO A 498 43.76 -18.21 30.22
C PRO A 498 44.20 -17.67 28.86
N THR A 499 45.17 -18.27 28.19
CA THR A 499 45.56 -17.78 26.88
C THR A 499 44.46 -18.01 25.84
N LEU A 500 43.82 -19.18 25.88
CA LEU A 500 42.72 -19.47 24.97
C LEU A 500 41.52 -18.57 25.23
N VAL A 501 41.22 -18.33 26.51
CA VAL A 501 40.12 -17.43 26.86
C VAL A 501 40.44 -16.00 26.44
N ALA A 502 41.71 -15.60 26.59
CA ALA A 502 42.13 -14.28 26.16
C ALA A 502 41.98 -14.09 24.66
N GLU A 503 42.37 -15.10 23.87
CA GLU A 503 42.22 -14.98 22.42
C GLU A 503 40.75 -15.05 22.00
N GLY A 504 39.92 -15.80 22.73
CA GLY A 504 38.50 -15.83 22.41
C GLY A 504 37.81 -14.49 22.68
N LEU A 505 38.12 -13.89 23.84
CA LEU A 505 37.57 -12.56 24.14
C LEU A 505 38.15 -11.50 23.21
N PHE A 506 39.39 -11.67 22.76
CA PHE A 506 39.96 -10.78 21.76
C PHE A 506 39.21 -10.88 20.44
N ALA A 507 38.83 -12.10 20.05
CA ALA A 507 38.04 -12.28 18.83
C ALA A 507 36.66 -11.65 18.94
N PHE A 508 36.00 -11.81 20.11
CA PHE A 508 34.71 -11.18 20.32
C PHE A 508 34.82 -9.66 20.28
N ALA A 509 35.85 -9.11 20.92
CA ALA A 509 36.09 -7.67 20.88
C ALA A 509 36.40 -7.19 19.47
N ASN A 510 37.05 -8.03 18.65
CA ASN A 510 37.35 -7.63 17.29
C ASN A 510 36.10 -7.60 16.43
N VAL A 511 35.20 -8.57 16.64
CA VAL A 511 33.92 -8.55 15.95
C VAL A 511 33.14 -7.28 16.30
N LEU A 512 33.13 -6.92 17.59
CA LEU A 512 32.43 -5.70 18.00
C LEU A 512 33.10 -4.43 17.44
N SER A 513 34.43 -4.41 17.43
CA SER A 513 35.16 -3.25 16.91
C SER A 513 34.90 -3.04 15.43
N TYR A 514 34.87 -4.13 14.66
CA TYR A 514 34.60 -4.05 13.24
C TYR A 514 33.13 -3.78 12.95
N LEU A 515 32.23 -4.16 13.87
CA LEU A 515 30.82 -3.84 13.71
C LEU A 515 30.49 -2.43 14.16
N ARG A 516 31.40 -1.75 14.87
CA ARG A 516 31.20 -0.34 15.22
C ARG A 516 31.02 0.56 14.00
N LEU A 517 31.55 0.17 12.84
CA LEU A 517 31.56 1.03 11.65
C LEU A 517 30.17 1.30 11.08
N PHE A 518 29.13 0.61 11.56
CA PHE A 518 27.78 0.88 11.09
C PHE A 518 27.32 2.28 11.48
N PHE A 519 27.80 2.81 12.60
CA PHE A 519 27.41 4.14 13.03
C PHE A 519 28.16 5.25 12.31
N MET A 520 29.14 4.90 11.46
CA MET A 520 29.74 5.86 10.56
C MET A 520 28.89 6.08 9.32
N TYR A 521 28.05 5.11 8.96
CA TYR A 521 27.26 5.20 7.74
C TYR A 521 26.17 6.26 7.80
N THR A 522 25.81 6.74 8.99
CA THR A 522 24.72 7.70 9.09
C THR A 522 25.11 9.07 8.54
N THR A 523 26.40 9.39 8.54
CA THR A 523 26.83 10.66 7.96
C THR A 523 26.82 10.64 6.44
N SER A 524 26.72 9.47 5.83
CA SER A 524 26.66 9.38 4.38
C SER A 524 25.24 9.69 3.91
N SER A 525 25.14 10.29 2.73
CA SER A 525 23.84 10.62 2.16
C SER A 525 23.22 9.45 1.43
N ILE A 526 23.89 8.30 1.37
CA ILE A 526 23.41 7.16 0.61
C ILE A 526 23.10 6.00 1.55
N LEU A 527 24.06 5.63 2.40
CA LEU A 527 23.90 4.48 3.27
C LEU A 527 23.25 4.83 4.61
N GLY A 528 22.98 6.10 4.87
CA GLY A 528 22.40 6.54 6.12
C GLY A 528 20.99 6.05 6.41
N PRO A 529 20.01 6.47 5.58
CA PRO A 529 18.61 6.10 5.85
C PRO A 529 18.35 4.60 5.89
N LEU A 530 19.08 3.81 5.11
CA LEU A 530 18.88 2.36 5.13
C LEU A 530 19.31 1.77 6.48
N GLN A 531 20.46 2.20 6.99
CA GLN A 531 20.93 1.73 8.29
C GLN A 531 20.01 2.21 9.40
N ILE A 532 19.51 3.44 9.28
CA ILE A 532 18.57 3.96 10.28
C ILE A 532 17.28 3.16 10.28
N SER A 533 16.79 2.79 9.09
CA SER A 533 15.59 1.97 8.99
C SER A 533 15.80 0.59 9.58
N MET A 534 16.97 0.00 9.37
CA MET A 534 17.26 -1.30 9.98
C MET A 534 17.33 -1.19 11.51
N GLY A 535 17.92 -0.12 12.01
CA GLY A 535 17.97 0.10 13.45
C GLY A 535 16.58 0.29 14.06
N GLN A 536 15.68 0.94 13.32
CA GLN A 536 14.28 1.00 13.76
C GLN A 536 13.60 -0.36 13.63
N MET A 537 14.02 -1.16 12.66
CA MET A 537 13.38 -2.43 12.36
C MET A 537 13.71 -3.52 13.38
N LEU A 538 14.84 -3.39 14.08
CA LEU A 538 15.32 -4.47 14.96
C LEU A 538 14.34 -4.86 16.08
N GLN A 539 13.40 -3.98 16.46
CA GLN A 539 12.47 -4.32 17.54
C GLN A 539 11.49 -5.42 17.11
N ASP A 540 11.09 -5.38 15.83
CA ASP A 540 10.21 -6.43 15.29
C ASP A 540 10.94 -7.76 15.45
N PHE A 541 12.20 -7.81 15.04
CA PHE A 541 13.00 -9.02 15.23
C PHE A 541 13.08 -9.42 16.69
N GLY A 542 13.20 -8.44 17.60
CA GLY A 542 13.23 -8.76 19.02
C GLY A 542 11.98 -9.51 19.47
N LYS A 543 10.81 -9.03 19.05
CA LYS A 543 9.56 -9.71 19.38
C LYS A 543 9.48 -11.10 18.73
N PHE A 544 9.89 -11.21 17.46
CA PHE A 544 9.80 -12.49 16.77
C PHE A 544 10.71 -13.53 17.40
N LEU A 545 11.95 -13.16 17.75
CA LEU A 545 12.83 -14.08 18.44
C LEU A 545 12.35 -14.36 19.85
N GLY A 546 11.63 -13.43 20.49
CA GLY A 546 11.00 -13.74 21.76
C GLY A 546 9.98 -14.85 21.66
N MET A 547 9.25 -14.91 20.54
CA MET A 547 8.33 -16.03 20.33
C MET A 547 9.09 -17.31 19.92
N PHE A 548 10.12 -17.15 19.08
CA PHE A 548 10.87 -18.29 18.58
C PHE A 548 11.62 -19.02 19.67
N LEU A 549 12.10 -18.30 20.68
CA LEU A 549 12.78 -18.95 21.81
C LEU A 549 11.83 -19.90 22.53
N LEU A 550 10.58 -19.51 22.70
CA LEU A 550 9.62 -20.38 23.39
C LEU A 550 9.26 -21.59 22.53
N VAL A 551 9.11 -21.39 21.22
CA VAL A 551 8.84 -22.53 20.33
C VAL A 551 10.01 -23.52 20.35
N LEU A 552 11.24 -22.98 20.23
CA LEU A 552 12.44 -23.80 20.28
C LEU A 552 12.57 -24.53 21.61
N PHE A 553 12.22 -23.85 22.71
CA PHE A 553 12.32 -24.44 24.04
C PHE A 553 11.36 -25.62 24.19
N SER A 554 10.16 -25.50 23.63
CA SER A 554 9.18 -26.62 23.67
C SER A 554 9.78 -27.86 22.99
N PHE A 555 10.17 -27.76 21.72
CA PHE A 555 10.66 -28.94 20.97
C PHE A 555 11.95 -29.49 21.61
N THR A 556 12.86 -28.62 22.03
CA THR A 556 14.11 -29.08 22.69
C THR A 556 13.73 -29.93 23.91
N ILE A 557 12.70 -29.52 24.66
CA ILE A 557 12.23 -30.31 25.80
C ILE A 557 11.66 -31.64 25.31
N GLY A 558 10.85 -31.60 24.25
CA GLY A 558 10.29 -32.83 23.71
C GLY A 558 11.35 -33.78 23.19
N LEU A 559 12.31 -33.27 22.42
CA LEU A 559 13.33 -34.14 21.84
C LEU A 559 14.28 -34.71 22.90
N THR A 560 14.70 -33.89 23.88
CA THR A 560 15.59 -34.43 24.89
C THR A 560 14.87 -35.30 25.90
N GLN A 561 13.54 -35.23 25.99
CA GLN A 561 12.80 -36.24 26.74
C GLN A 561 12.65 -37.53 25.96
N LEU A 562 12.50 -37.45 24.63
CA LEU A 562 12.32 -38.66 23.84
C LEU A 562 13.62 -39.43 23.66
N TYR A 563 14.73 -38.75 23.43
CA TYR A 563 16.00 -39.40 23.07
C TYR A 563 16.96 -39.54 24.23
N ASP A 564 16.50 -39.39 25.47
CA ASP A 564 17.41 -39.39 26.60
C ASP A 564 17.95 -40.78 26.90
N LYS A 565 17.09 -41.80 26.85
CA LYS A 565 17.50 -43.15 27.24
C LYS A 565 18.44 -43.77 26.22
N GLY A 566 18.11 -43.64 24.94
CA GLY A 566 18.93 -44.20 23.88
C GLY A 566 20.23 -43.46 23.65
N ASP A 574 36.94 -39.71 20.48
CA ASP A 574 36.52 -39.44 19.11
C ASP A 574 35.55 -38.26 19.07
N CYS A 575 34.74 -38.21 18.02
CA CYS A 575 33.69 -37.20 17.92
C CYS A 575 32.60 -37.45 18.95
N VAL A 576 32.16 -36.38 19.60
CA VAL A 576 30.97 -36.41 20.44
C VAL A 576 30.13 -35.17 20.10
N GLY A 577 28.85 -35.38 19.90
CA GLY A 577 27.93 -34.30 19.61
C GLY A 577 27.64 -34.15 18.14
N ILE A 578 27.47 -32.90 17.72
CA ILE A 578 26.99 -32.60 16.38
C ILE A 578 28.09 -32.03 15.48
N PHE A 579 29.16 -31.47 16.06
CA PHE A 579 30.17 -30.77 15.28
C PHE A 579 31.27 -31.74 14.85
N CYS A 580 30.90 -32.68 13.98
CA CYS A 580 31.86 -33.55 13.32
C CYS A 580 31.22 -34.08 12.05
N GLU A 581 31.93 -34.99 11.36
CA GLU A 581 31.49 -35.45 10.05
C GLU A 581 30.26 -36.34 10.17
N GLN A 582 30.29 -37.32 11.06
CA GLN A 582 29.14 -38.20 11.29
C GLN A 582 28.36 -37.62 12.46
N GLN A 583 27.26 -36.93 12.14
CA GLN A 583 26.54 -36.13 13.14
C GLN A 583 25.96 -37.02 14.24
N SER A 584 25.49 -38.21 13.88
CA SER A 584 25.12 -39.28 14.81
C SER A 584 23.95 -38.92 15.71
N ASN A 585 23.57 -39.85 16.59
CA ASN A 585 22.43 -39.64 17.49
C ASN A 585 22.80 -38.87 18.74
N ASP A 586 24.07 -38.50 18.91
CA ASP A 586 24.50 -37.81 20.13
C ASP A 586 24.09 -36.35 20.16
N THR A 587 23.45 -35.84 19.11
CA THR A 587 22.95 -34.47 19.13
C THR A 587 21.85 -34.30 20.16
N PHE A 588 20.93 -35.26 20.25
CA PHE A 588 19.76 -35.15 21.11
C PHE A 588 19.97 -35.74 22.49
N HIS A 589 21.21 -36.14 22.83
CA HIS A 589 21.45 -36.74 24.14
C HIS A 589 21.39 -35.71 25.26
N SER A 590 22.04 -34.56 25.06
CA SER A 590 22.10 -33.52 26.07
C SER A 590 21.13 -32.40 25.74
N PHE A 591 20.79 -31.60 26.76
CA PHE A 591 19.84 -30.51 26.56
C PHE A 591 20.45 -29.39 25.73
N ILE A 592 21.66 -28.95 26.08
CA ILE A 592 22.31 -27.92 25.29
C ILE A 592 22.68 -28.45 23.91
N GLY A 593 22.95 -29.75 23.80
CA GLY A 593 23.14 -30.34 22.49
C GLY A 593 21.86 -30.36 21.67
N THR A 594 20.72 -30.59 22.32
CA THR A 594 19.44 -30.55 21.61
C THR A 594 19.11 -29.14 21.14
N CYS A 595 19.38 -28.14 21.98
CA CYS A 595 19.23 -26.75 21.55
C CYS A 595 20.18 -26.42 20.41
N PHE A 596 21.39 -26.99 20.44
CA PHE A 596 22.36 -26.78 19.37
C PHE A 596 21.85 -27.36 18.07
N ALA A 597 21.31 -28.58 18.13
CA ALA A 597 20.83 -29.26 16.93
C ALA A 597 19.60 -28.57 16.35
N LEU A 598 18.66 -28.17 17.21
CA LEU A 598 17.47 -27.47 16.74
C LEU A 598 17.75 -26.02 16.41
N PHE A 599 18.93 -25.49 16.74
CA PHE A 599 19.29 -24.15 16.33
C PHE A 599 19.67 -24.09 14.86
N TRP A 600 20.27 -25.16 14.33
CA TRP A 600 20.77 -25.14 12.97
C TRP A 600 19.74 -25.59 11.95
N TYR A 601 18.52 -25.93 12.37
CA TYR A 601 17.51 -26.39 11.44
C TYR A 601 16.76 -25.25 10.75
N ILE A 602 16.95 -24.01 11.19
CA ILE A 602 16.06 -22.94 10.76
C ILE A 602 16.40 -22.41 9.38
N PHE A 603 17.58 -22.74 8.85
CA PHE A 603 18.00 -22.22 7.56
C PHE A 603 17.60 -23.13 6.41
N SER A 604 17.24 -24.39 6.70
CA SER A 604 16.79 -25.38 5.70
C SER A 604 17.81 -25.56 4.57
N LEU A 605 19.08 -25.67 4.94
CA LEU A 605 20.17 -25.77 3.98
C LEU A 605 21.11 -26.91 4.34
N ALA A 606 20.53 -28.01 4.83
CA ALA A 606 21.25 -29.24 5.18
C ALA A 606 22.35 -29.01 6.21
N HIS A 607 22.05 -28.19 7.22
CA HIS A 607 23.00 -28.02 8.32
C HIS A 607 23.02 -29.22 9.24
N VAL A 608 21.86 -29.81 9.52
CA VAL A 608 21.76 -31.01 10.34
C VAL A 608 21.07 -32.07 9.51
N ALA A 609 21.80 -33.13 9.18
CA ALA A 609 21.21 -34.21 8.40
C ALA A 609 20.25 -35.03 9.27
N ILE A 610 19.29 -35.68 8.61
CA ILE A 610 18.19 -36.33 9.32
C ILE A 610 18.55 -37.69 9.90
N PHE A 611 19.78 -38.16 9.73
CA PHE A 611 20.13 -39.43 10.37
C PHE A 611 20.46 -39.26 11.84
N VAL A 612 20.40 -38.04 12.38
CA VAL A 612 20.52 -37.84 13.82
C VAL A 612 19.27 -38.33 14.55
N THR A 613 18.16 -38.49 13.84
CA THR A 613 16.90 -38.93 14.45
C THR A 613 16.79 -40.45 14.49
N ARG A 614 17.80 -41.17 14.01
CA ARG A 614 17.80 -42.62 14.01
C ARG A 614 18.43 -43.12 15.30
N PHE A 615 17.73 -44.01 16.00
CA PHE A 615 18.26 -44.59 17.23
C PHE A 615 19.47 -45.47 16.94
N SER A 616 20.45 -45.44 17.84
CA SER A 616 21.56 -46.38 17.75
C SER A 616 21.11 -47.79 18.12
N TYR A 617 20.08 -47.90 18.96
CA TYR A 617 19.53 -49.19 19.35
C TYR A 617 18.56 -49.77 18.34
N GLY A 618 18.25 -49.04 17.27
CA GLY A 618 17.38 -49.55 16.23
C GLY A 618 15.94 -49.75 16.63
N GLU A 619 15.36 -48.80 17.36
CA GLU A 619 13.93 -48.84 17.66
C GLU A 619 13.18 -48.00 16.64
N GLU A 620 12.19 -48.62 15.99
CA GLU A 620 11.52 -47.96 14.86
C GLU A 620 10.59 -46.86 15.33
N LEU A 621 9.79 -47.11 16.37
CA LEU A 621 8.72 -46.17 16.70
C LEU A 621 9.27 -44.91 17.37
N GLN A 622 10.24 -45.05 18.26
CA GLN A 622 10.85 -43.88 18.88
C GLN A 622 11.57 -43.03 17.85
N SER A 623 12.29 -43.66 16.93
CA SER A 623 12.96 -42.93 15.86
C SER A 623 11.97 -42.23 14.95
N PHE A 624 10.85 -42.89 14.63
CA PHE A 624 9.85 -42.25 13.79
C PHE A 624 9.17 -41.09 14.50
N VAL A 625 8.91 -41.21 15.80
CA VAL A 625 8.30 -40.11 16.54
C VAL A 625 9.28 -38.94 16.64
N GLY A 626 10.57 -39.22 16.81
CA GLY A 626 11.56 -38.16 16.78
C GLY A 626 11.64 -37.47 15.42
N ALA A 627 11.53 -38.25 14.34
CA ALA A 627 11.49 -37.66 13.01
C ALA A 627 10.25 -36.80 12.80
N VAL A 628 9.10 -37.25 13.31
CA VAL A 628 7.87 -36.46 13.21
C VAL A 628 7.98 -35.18 14.02
N ILE A 629 8.63 -35.25 15.19
CA ILE A 629 8.80 -34.07 16.02
C ILE A 629 9.70 -33.04 15.34
N VAL A 630 10.83 -33.51 14.77
CA VAL A 630 11.71 -32.56 14.11
C VAL A 630 11.10 -32.05 12.80
N GLY A 631 10.25 -32.85 12.15
CA GLY A 631 9.50 -32.35 11.00
C GLY A 631 8.48 -31.31 11.38
N THR A 632 7.81 -31.50 12.52
CA THR A 632 6.86 -30.51 13.00
C THR A 632 7.57 -29.23 13.42
N TYR A 633 8.79 -29.34 13.95
CA TYR A 633 9.60 -28.16 14.21
C TYR A 633 9.95 -27.44 12.92
N ASN A 634 10.36 -28.20 11.89
CA ASN A 634 10.67 -27.60 10.60
C ASN A 634 9.44 -27.10 9.85
N VAL A 635 8.25 -27.45 10.30
CA VAL A 635 7.02 -26.86 9.75
C VAL A 635 6.63 -25.59 10.50
N VAL A 636 6.61 -25.64 11.84
CA VAL A 636 6.18 -24.47 12.61
C VAL A 636 7.21 -23.36 12.54
N VAL A 637 8.46 -23.69 12.25
CA VAL A 637 9.46 -22.69 11.90
C VAL A 637 9.73 -22.93 10.41
N VAL A 638 10.51 -22.05 9.79
CA VAL A 638 10.94 -22.12 8.39
C VAL A 638 9.76 -21.91 7.45
N ILE A 639 8.75 -22.77 7.55
CA ILE A 639 7.59 -22.70 6.66
C ILE A 639 6.57 -21.67 7.16
N VAL A 640 6.36 -21.58 8.47
CA VAL A 640 5.33 -20.73 9.05
C VAL A 640 5.93 -19.48 9.68
N LEU A 641 6.80 -19.65 10.69
CA LEU A 641 7.28 -18.53 11.48
C LEU A 641 8.16 -17.58 10.68
N THR A 642 9.05 -18.13 9.85
CA THR A 642 9.95 -17.28 9.08
C THR A 642 9.20 -16.46 8.03
N LYS A 643 8.20 -17.06 7.38
CA LYS A 643 7.42 -16.30 6.40
C LYS A 643 6.48 -15.30 7.08
N LEU A 644 5.98 -15.63 8.28
CA LEU A 644 5.28 -14.64 9.09
C LEU A 644 6.18 -13.46 9.42
N LEU A 645 7.44 -13.75 9.77
CA LEU A 645 8.42 -12.70 10.02
C LEU A 645 8.64 -11.85 8.79
N VAL A 646 8.70 -12.47 7.61
CA VAL A 646 8.87 -11.73 6.36
C VAL A 646 7.69 -10.79 6.12
N ALA A 647 6.47 -11.27 6.36
CA ALA A 647 5.28 -10.42 6.20
C ALA A 647 5.29 -9.25 7.18
N MET A 648 5.66 -9.52 8.43
CA MET A 648 5.72 -8.49 9.45
C MET A 648 6.76 -7.43 9.10
N LEU A 649 7.91 -7.85 8.57
CA LEU A 649 8.93 -6.90 8.15
C LEU A 649 8.51 -6.12 6.93
N HIS A 650 7.72 -6.74 6.03
CA HIS A 650 7.22 -6.02 4.87
C HIS A 650 6.31 -4.88 5.30
N LYS A 651 5.37 -5.16 6.22
CA LYS A 651 4.51 -4.08 6.71
C LYS A 651 5.33 -3.03 7.47
N SER A 652 6.30 -3.48 8.27
CA SER A 652 7.11 -2.55 9.04
C SER A 652 7.90 -1.60 8.13
N PHE A 653 8.61 -2.15 7.13
CA PHE A 653 9.36 -1.29 6.22
C PHE A 653 8.45 -0.45 5.34
N GLN A 654 7.20 -0.86 5.13
CA GLN A 654 6.25 0.08 4.55
C GLN A 654 5.94 1.22 5.52
N LEU A 655 5.96 0.96 6.82
CA LEU A 655 5.64 1.98 7.81
C LEU A 655 6.77 2.97 8.09
N ILE A 656 8.02 2.52 8.19
CA ILE A 656 9.13 3.43 8.50
C ILE A 656 9.47 4.30 7.29
N ALA A 657 9.30 3.77 6.08
CA ALA A 657 9.86 4.41 4.88
C ALA A 657 9.33 5.82 4.63
N ASN A 658 8.12 6.13 5.11
CA ASN A 658 7.61 7.49 4.99
C ASN A 658 8.31 8.45 5.95
N HIS A 659 8.49 8.05 7.21
CA HIS A 659 9.32 8.83 8.14
C HIS A 659 10.74 8.28 8.18
N GLU A 660 11.41 8.31 7.03
CA GLU A 660 12.76 7.78 6.90
C GLU A 660 13.82 8.87 6.78
N ASP A 661 13.59 9.83 5.88
CA ASP A 661 14.54 10.92 5.68
C ASP A 661 14.65 11.79 6.93
N LYS A 662 13.52 12.05 7.59
CA LYS A 662 13.53 12.85 8.81
C LYS A 662 14.32 12.18 9.92
N GLU A 663 14.13 10.87 10.09
CA GLU A 663 14.88 10.12 11.10
C GLU A 663 16.37 10.09 10.78
N TRP A 664 16.72 9.91 9.50
CA TRP A 664 18.13 9.91 9.12
C TRP A 664 18.78 11.26 9.36
N LYS A 665 18.07 12.34 9.02
CA LYS A 665 18.60 13.68 9.26
C LYS A 665 18.74 13.97 10.75
N PHE A 666 17.79 13.47 11.57
CA PHE A 666 17.88 13.64 13.00
C PHE A 666 19.09 12.90 13.59
N ALA A 667 19.33 11.67 13.15
CA ALA A 667 20.49 10.92 13.65
C ALA A 667 21.80 11.56 13.18
N ARG A 668 21.83 12.03 11.93
CA ARG A 668 23.01 12.69 11.41
C ARG A 668 23.30 13.98 12.17
N ALA A 669 22.25 14.74 12.51
CA ALA A 669 22.43 15.94 13.32
C ALA A 669 22.86 15.61 14.74
N LYS A 670 22.40 14.48 15.28
CA LYS A 670 22.86 14.05 16.60
C LYS A 670 24.37 13.78 16.58
N LEU A 671 24.84 13.07 15.55
CA LEU A 671 26.28 12.81 15.41
C LEU A 671 27.05 14.11 15.20
N TRP A 672 26.48 15.02 14.41
CA TRP A 672 27.14 16.29 14.13
C TRP A 672 27.28 17.15 15.39
N LEU A 673 26.23 17.20 16.22
CA LEU A 673 26.33 17.96 17.45
C LEU A 673 27.17 17.25 18.50
N SER A 674 27.30 15.93 18.40
CA SER A 674 28.27 15.23 19.24
C SER A 674 29.68 15.61 18.84
N TYR A 675 29.94 15.83 17.56
CA TYR A 675 31.25 16.24 17.09
C TYR A 675 31.44 17.75 17.02
N PHE A 676 30.44 18.54 17.41
CA PHE A 676 30.58 20.00 17.37
C PHE A 676 31.34 20.56 18.55
N ASP A 677 31.56 19.79 19.61
CA ASP A 677 32.15 20.32 20.83
C ASP A 677 33.65 20.54 20.67
N ASP A 678 34.18 21.41 21.53
CA ASP A 678 35.61 21.61 21.67
C ASP A 678 36.18 20.83 22.84
N LYS A 679 35.41 19.88 23.37
CA LYS A 679 35.80 19.14 24.56
C LYS A 679 36.98 18.20 24.30
N CYS A 680 36.92 17.43 23.20
CA CYS A 680 37.99 16.50 22.86
C CYS A 680 38.16 16.53 21.35
N THR A 681 39.10 17.35 20.88
CA THR A 681 39.35 17.49 19.46
C THR A 681 40.41 16.53 18.93
N LEU A 682 41.13 15.86 19.82
CA LEU A 682 42.23 14.97 19.38
C LEU A 682 41.68 13.55 19.13
N PRO A 683 42.31 12.74 18.25
CA PRO A 683 41.86 11.36 18.03
C PRO A 683 42.23 10.48 19.23
N PRO A 684 41.73 9.24 19.32
CA PRO A 684 41.99 8.38 20.49
C PRO A 684 43.46 8.25 20.89
N PRO A 685 44.43 8.08 19.96
CA PRO A 685 45.83 7.86 20.36
C PRO A 685 46.36 9.11 21.06
N PHE A 686 46.10 10.29 20.49
CA PHE A 686 46.55 11.56 21.11
C PHE A 686 45.82 11.77 22.44
N ASN A 687 44.55 11.39 22.49
CA ASN A 687 43.74 11.54 23.74
C ASN A 687 44.48 10.86 24.90
N ARG A 725 24.56 40.10 35.63
CA ARG A 725 25.15 40.38 34.33
C ARG A 725 24.10 40.92 33.36
N ASN A 726 24.38 42.10 32.79
CA ASN A 726 23.44 42.72 31.86
C ASN A 726 23.43 42.05 30.50
N LEU A 727 24.49 41.28 30.17
CA LEU A 727 24.54 40.61 28.88
C LEU A 727 23.44 39.55 28.75
N LYS A 728 23.10 38.88 29.85
CA LYS A 728 21.98 37.95 29.84
C LYS A 728 20.67 38.66 29.56
N GLN A 729 20.48 39.85 30.14
CA GLN A 729 19.28 40.62 29.89
C GLN A 729 19.21 41.10 28.45
N LYS A 730 20.34 41.53 27.89
CA LYS A 730 20.36 41.95 26.48
C LYS A 730 20.07 40.78 25.55
N ARG A 731 20.61 39.59 25.85
CA ARG A 731 20.32 38.41 25.06
C ARG A 731 18.85 38.02 25.16
N ASP A 732 18.27 38.14 26.35
CA ASP A 732 16.85 37.85 26.51
C ASP A 732 15.98 38.85 25.77
N GLU A 733 16.39 40.13 25.74
CA GLU A 733 15.63 41.12 25.00
C GLU A 733 15.72 40.88 23.49
N ASN A 734 16.90 40.52 22.98
CA ASN A 734 17.03 40.19 21.57
C ASN A 734 16.20 38.96 21.22
N TYR A 735 16.22 37.95 22.10
CA TYR A 735 15.41 36.76 21.87
C TYR A 735 13.92 37.07 21.90
N GLN A 736 13.50 37.99 22.80
CA GLN A 736 12.10 38.37 22.86
C GLN A 736 11.67 39.10 21.59
N LYS A 737 12.53 39.97 21.05
CA LYS A 737 12.22 40.64 19.79
C LYS A 737 12.08 39.64 18.64
N VAL A 738 13.04 38.71 18.54
CA VAL A 738 13.01 37.72 17.46
C VAL A 738 11.80 36.80 17.60
N MET A 739 11.46 36.44 18.84
CA MET A 739 10.34 35.52 19.05
C MET A 739 9.01 36.23 18.85
N CYS A 740 8.92 37.52 19.17
CA CYS A 740 7.71 38.27 18.87
C CYS A 740 7.49 38.36 17.36
N CYS A 741 8.56 38.63 16.61
CA CYS A 741 8.46 38.62 15.15
C CYS A 741 8.03 37.24 14.64
N LEU A 742 8.63 36.18 15.19
CA LEU A 742 8.30 34.82 14.74
C LEU A 742 6.86 34.46 15.06
N VAL A 743 6.36 34.88 16.23
CA VAL A 743 4.97 34.61 16.60
C VAL A 743 4.02 35.35 15.68
N HIS A 744 4.32 36.61 15.35
CA HIS A 744 3.49 37.35 14.41
C HIS A 744 3.45 36.68 13.03
N ARG A 745 4.63 36.30 12.51
CA ARG A 745 4.67 35.66 11.20
C ARG A 745 3.97 34.31 11.20
N TYR A 746 4.12 33.54 12.27
CA TYR A 746 3.46 32.23 12.31
C TYR A 746 1.96 32.36 12.47
N LEU A 747 1.50 33.38 13.21
CA LEU A 747 0.06 33.61 13.30
C LEU A 747 -0.54 33.97 11.94
N THR A 748 0.15 34.86 11.20
CA THR A 748 -0.34 35.22 9.87
C THR A 748 -0.30 34.02 8.92
N SER A 749 0.78 33.23 8.96
CA SER A 749 0.87 32.07 8.09
C SER A 749 -0.15 31.01 8.46
N MET A 750 -0.42 30.83 9.76
CA MET A 750 -1.40 29.85 10.20
C MET A 750 -2.80 30.24 9.77
N ARG A 751 -3.17 31.52 9.91
CA ARG A 751 -4.50 31.93 9.47
C ARG A 751 -4.62 31.89 7.95
N GLN A 752 -3.54 32.19 7.22
CA GLN A 752 -3.54 32.06 5.77
C GLN A 752 -3.76 30.62 5.33
N LYS A 753 -3.00 29.69 5.92
CA LYS A 753 -3.14 28.28 5.59
C LYS A 753 -4.50 27.74 5.99
N MET A 754 -5.02 28.17 7.15
CA MET A 754 -6.33 27.73 7.61
C MET A 754 -7.42 28.21 6.67
N GLN A 755 -7.35 29.47 6.24
CA GLN A 755 -8.37 29.98 5.32
C GLN A 755 -8.21 29.42 3.91
N SER A 756 -7.03 28.93 3.56
CA SER A 756 -6.83 28.39 2.22
C SER A 756 -6.93 26.87 2.15
N THR A 757 -7.09 26.17 3.28
CA THR A 757 -7.08 24.71 3.25
C THR A 757 -8.42 24.06 3.59
N ASP A 758 -9.21 24.62 4.51
CA ASP A 758 -10.43 23.95 4.94
C ASP A 758 -11.49 23.98 3.84
N GLN A 759 -12.36 22.97 3.83
CA GLN A 759 -13.40 22.86 2.85
C GLN A 759 -14.74 23.28 3.44
N ALA A 760 -15.59 23.86 2.60
CA ALA A 760 -16.92 24.26 3.02
C ALA A 760 -17.78 23.04 3.32
N THR A 761 -18.54 23.12 4.40
CA THR A 761 -19.42 22.05 4.84
C THR A 761 -20.87 22.48 4.69
N VAL A 762 -21.78 21.58 5.08
CA VAL A 762 -23.20 21.85 4.90
C VAL A 762 -23.70 22.91 5.87
N GLU A 763 -23.02 23.09 7.00
CA GLU A 763 -23.46 24.12 7.94
C GLU A 763 -23.22 25.53 7.40
N ASN A 764 -22.13 25.72 6.64
CA ASN A 764 -21.91 27.00 5.98
C ASN A 764 -22.97 27.28 4.93
N LEU A 765 -23.38 26.24 4.20
CA LEU A 765 -24.53 26.35 3.33
C LEU A 765 -25.77 26.76 4.11
N ASN A 766 -25.94 26.22 5.32
CA ASN A 766 -27.11 26.56 6.14
C ASN A 766 -27.08 28.03 6.55
N GLU A 767 -25.90 28.57 6.90
CA GLU A 767 -25.82 30.02 7.16
C GLU A 767 -26.14 30.83 5.91
N LEU A 768 -25.76 30.33 4.74
CA LEU A 768 -26.07 31.07 3.52
C LEU A 768 -27.58 31.05 3.22
N ARG A 769 -28.24 29.91 3.43
CA ARG A 769 -29.69 29.84 3.35
C ARG A 769 -30.35 30.77 4.37
N GLN A 770 -29.76 30.86 5.56
CA GLN A 770 -30.28 31.78 6.57
C GLN A 770 -30.18 33.24 6.11
N ASP A 771 -29.04 33.62 5.53
CA ASP A 771 -28.88 35.00 5.06
C ASP A 771 -29.85 35.30 3.92
N LEU A 772 -30.05 34.33 3.02
CA LEU A 772 -31.01 34.52 1.94
C LEU A 772 -32.44 34.65 2.46
N SER A 773 -32.82 33.81 3.42
CA SER A 773 -34.16 33.87 3.99
C SER A 773 -34.36 35.15 4.80
N LYS A 774 -33.30 35.64 5.44
CA LYS A 774 -33.41 36.87 6.21
C LYS A 774 -33.55 38.08 5.29
N PHE A 775 -32.82 38.06 4.16
CA PHE A 775 -33.09 39.02 3.07
C PHE A 775 -34.53 38.98 2.63
N ARG A 776 -35.06 37.79 2.34
CA ARG A 776 -36.41 37.68 1.80
C ARG A 776 -37.45 38.16 2.80
N ASN A 777 -37.25 37.83 4.08
CA ASN A 777 -38.21 38.24 5.11
C ASN A 777 -38.13 39.73 5.39
N GLU A 778 -36.91 40.31 5.36
CA GLU A 778 -36.79 41.76 5.53
C GLU A 778 -37.38 42.50 4.34
N ILE A 779 -37.24 41.94 3.13
CA ILE A 779 -37.84 42.55 1.95
C ILE A 779 -39.37 42.51 2.05
N ARG A 780 -39.92 41.37 2.48
CA ARG A 780 -41.38 41.26 2.64
C ARG A 780 -41.89 42.20 3.73
N ASP A 781 -41.15 42.32 4.84
CA ASP A 781 -41.57 43.19 5.93
C ASP A 781 -41.48 44.66 5.52
N LEU A 782 -40.44 45.03 4.79
CA LEU A 782 -40.28 46.42 4.38
C LEU A 782 -41.28 46.80 3.29
N LEU A 783 -41.54 45.89 2.37
CA LEU A 783 -42.50 46.14 1.29
C LEU A 783 -43.89 45.65 1.68
N ARG B 15 -23.47 1.20 -44.97
CA ARG B 15 -23.28 2.61 -44.71
C ARG B 15 -22.06 2.84 -43.81
N ASP B 16 -21.41 4.00 -43.98
CA ASP B 16 -20.28 4.38 -43.17
C ASP B 16 -20.66 5.31 -42.03
N ARG B 17 -21.96 5.50 -41.79
CA ARG B 17 -22.44 6.34 -40.70
C ARG B 17 -23.47 5.55 -39.91
N ILE B 18 -23.36 5.60 -38.58
CA ILE B 18 -24.32 4.92 -37.71
C ILE B 18 -25.54 5.83 -37.53
N PRO B 19 -26.73 5.39 -37.94
CA PRO B 19 -27.93 6.20 -37.67
C PRO B 19 -28.32 6.10 -36.20
N LEU B 20 -28.78 7.22 -35.65
CA LEU B 20 -29.15 7.32 -34.25
C LEU B 20 -30.61 7.72 -34.13
N ARG B 21 -31.34 7.00 -33.27
CA ARG B 21 -32.73 7.30 -33.01
C ARG B 21 -33.10 6.77 -31.64
N ILE B 22 -34.20 7.27 -31.10
CA ILE B 22 -34.69 6.81 -29.80
C ILE B 22 -35.60 5.60 -30.04
N VAL B 23 -35.11 4.41 -29.71
CA VAL B 23 -35.92 3.21 -29.86
C VAL B 23 -37.04 3.18 -28.81
N ARG B 24 -36.75 3.61 -27.59
CA ARG B 24 -37.74 3.70 -26.52
C ARG B 24 -38.06 5.17 -26.34
N ALA B 25 -39.02 5.68 -27.12
CA ALA B 25 -39.26 7.11 -27.19
C ALA B 25 -39.93 7.65 -25.93
N GLU B 26 -40.64 6.80 -25.19
CA GLU B 26 -41.32 7.14 -23.94
C GLU B 26 -42.33 8.26 -24.14
N SER B 27 -42.67 8.97 -23.07
CA SER B 27 -43.67 10.03 -23.14
C SER B 27 -43.07 11.32 -23.67
N GLU B 28 -43.93 12.17 -24.22
CA GLU B 28 -43.54 13.48 -24.73
C GLU B 28 -44.42 14.54 -24.10
N LEU B 29 -43.91 15.77 -24.06
CA LEU B 29 -44.56 16.87 -23.37
C LEU B 29 -44.95 17.97 -24.34
N SER B 30 -46.05 18.66 -24.03
CA SER B 30 -46.43 19.86 -24.76
C SER B 30 -45.45 20.99 -24.42
N PRO B 31 -45.29 21.96 -25.33
CA PRO B 31 -44.45 23.12 -25.00
C PRO B 31 -44.95 23.93 -23.80
N SER B 32 -46.27 24.01 -23.62
CA SER B 32 -46.82 24.63 -22.42
C SER B 32 -46.48 23.82 -21.18
N GLU B 33 -46.51 22.49 -21.29
CA GLU B 33 -46.11 21.63 -20.18
C GLU B 33 -44.64 21.79 -19.86
N LYS B 34 -43.80 21.93 -20.91
CA LYS B 34 -42.38 22.15 -20.70
C LYS B 34 -42.13 23.50 -20.02
N ALA B 35 -42.88 24.53 -20.42
CA ALA B 35 -42.74 25.84 -19.76
C ALA B 35 -43.19 25.77 -18.31
N TYR B 36 -44.26 25.02 -18.03
CA TYR B 36 -44.72 24.80 -16.66
C TYR B 36 -43.63 24.13 -15.84
N LEU B 37 -43.04 23.06 -16.36
CA LEU B 37 -42.01 22.34 -15.61
C LEU B 37 -40.76 23.19 -15.42
N ASN B 38 -40.40 23.98 -16.43
CA ASN B 38 -39.21 24.83 -16.31
C ASN B 38 -39.44 25.94 -15.30
N ALA B 39 -40.65 26.50 -15.27
CA ALA B 39 -40.98 27.52 -14.27
C ALA B 39 -41.02 26.93 -12.86
N VAL B 40 -41.46 25.67 -12.73
CA VAL B 40 -41.41 25.00 -11.44
C VAL B 40 -39.96 24.79 -11.01
N GLU B 41 -39.09 24.41 -11.96
CA GLU B 41 -37.66 24.27 -11.66
C GLU B 41 -37.03 25.60 -11.24
N LYS B 42 -37.45 26.70 -11.85
CA LYS B 42 -36.97 28.02 -11.46
C LYS B 42 -37.54 28.49 -10.12
N GLY B 43 -38.51 27.77 -9.55
CA GLY B 43 -39.12 28.19 -8.31
C GLY B 43 -39.93 29.45 -8.39
N ASP B 44 -40.77 29.57 -9.43
CA ASP B 44 -41.52 30.80 -9.67
C ASP B 44 -42.87 30.73 -8.98
N TYR B 45 -43.23 31.80 -8.27
CA TYR B 45 -44.56 31.92 -7.70
C TYR B 45 -45.61 32.20 -8.77
N ALA B 46 -45.47 33.33 -9.46
CA ALA B 46 -46.57 33.89 -10.25
C ALA B 46 -46.86 33.06 -11.49
N SER B 47 -45.82 32.69 -12.23
CA SER B 47 -46.04 31.96 -13.48
C SER B 47 -46.59 30.55 -13.23
N VAL B 48 -46.09 29.87 -12.19
CA VAL B 48 -46.58 28.54 -11.87
C VAL B 48 -48.02 28.61 -11.36
N LYS B 49 -48.32 29.60 -10.50
CA LYS B 49 -49.67 29.78 -10.01
C LYS B 49 -50.64 30.09 -11.15
N LYS B 50 -50.21 30.94 -12.09
CA LYS B 50 -51.04 31.25 -13.25
C LYS B 50 -51.23 30.03 -14.13
N SER B 51 -50.18 29.23 -14.30
CA SER B 51 -50.28 28.02 -15.12
C SER B 51 -51.27 27.03 -14.53
N LEU B 52 -51.25 26.83 -13.22
CA LEU B 52 -52.25 25.96 -12.60
C LEU B 52 -53.64 26.58 -12.64
N GLU B 53 -53.74 27.91 -12.61
CA GLU B 53 -55.04 28.56 -12.74
C GLU B 53 -55.66 28.34 -14.11
N GLU B 54 -54.85 28.45 -15.18
CA GLU B 54 -55.38 28.08 -16.50
C GLU B 54 -55.54 26.58 -16.64
N ALA B 55 -54.82 25.79 -15.85
CA ALA B 55 -55.03 24.34 -15.86
C ALA B 55 -56.32 23.94 -15.17
N GLU B 56 -56.87 24.80 -14.31
CA GLU B 56 -58.18 24.53 -13.71
C GLU B 56 -59.27 24.48 -14.79
N ILE B 57 -59.27 25.45 -15.69
CA ILE B 57 -60.16 25.40 -16.85
C ILE B 57 -59.54 24.50 -17.92
N TYR B 58 -60.33 24.14 -18.92
CA TYR B 58 -59.91 23.18 -19.92
C TYR B 58 -58.80 23.76 -20.81
N PHE B 59 -57.57 23.35 -20.55
CA PHE B 59 -56.39 23.80 -21.29
C PHE B 59 -55.52 22.61 -21.64
N LYS B 60 -54.45 22.88 -22.40
CA LYS B 60 -53.47 21.86 -22.71
C LYS B 60 -52.67 21.45 -21.48
N ILE B 61 -52.47 22.38 -20.55
CA ILE B 61 -51.62 22.14 -19.39
C ILE B 61 -52.30 21.15 -18.46
N ASN B 62 -51.65 20.01 -18.23
CA ASN B 62 -52.12 19.00 -17.28
C ASN B 62 -51.34 19.17 -15.99
N ILE B 63 -52.04 19.06 -14.86
CA ILE B 63 -51.40 19.23 -13.56
C ILE B 63 -50.43 18.09 -13.29
N ASN B 64 -50.80 16.87 -13.66
CA ASN B 64 -49.96 15.69 -13.39
C ASN B 64 -49.06 15.39 -14.58
N CYS B 65 -48.24 16.39 -14.94
CA CYS B 65 -47.30 16.26 -16.03
C CYS B 65 -46.04 15.57 -15.55
N ILE B 66 -45.67 14.48 -16.23
CA ILE B 66 -44.52 13.67 -15.86
C ILE B 66 -43.49 13.73 -16.97
N ASP B 67 -42.26 14.11 -16.61
CA ASP B 67 -41.17 14.14 -17.58
C ASP B 67 -40.78 12.70 -17.92
N PRO B 68 -40.23 12.45 -19.11
CA PRO B 68 -39.64 11.14 -19.39
C PRO B 68 -38.47 10.78 -18.47
N LEU B 69 -37.85 11.76 -17.80
CA LEU B 69 -36.90 11.49 -16.73
C LEU B 69 -37.57 11.09 -15.42
N GLY B 70 -38.88 10.91 -15.43
CA GLY B 70 -39.63 10.65 -14.20
C GLY B 70 -39.62 11.80 -13.24
N ARG B 71 -39.65 13.04 -13.76
CA ARG B 71 -39.64 14.25 -12.94
C ARG B 71 -40.98 14.96 -13.12
N THR B 72 -41.94 14.55 -12.30
CA THR B 72 -43.20 15.26 -12.18
C THR B 72 -42.95 16.60 -11.46
N ALA B 73 -43.84 17.57 -11.68
CA ALA B 73 -43.75 18.85 -10.98
C ALA B 73 -43.81 18.65 -9.47
N LEU B 74 -44.59 17.67 -9.02
CA LEU B 74 -44.55 17.24 -7.62
C LEU B 74 -43.14 16.82 -7.23
N LEU B 75 -42.55 15.90 -7.99
CA LEU B 75 -41.23 15.38 -7.66
C LEU B 75 -40.16 16.45 -7.85
N ILE B 76 -40.30 17.30 -8.86
CA ILE B 76 -39.35 18.38 -9.06
C ILE B 76 -39.36 19.34 -7.87
N ALA B 77 -40.56 19.71 -7.40
CA ALA B 77 -40.67 20.59 -6.24
C ALA B 77 -40.15 19.91 -4.98
N ILE B 78 -40.28 18.59 -4.89
CA ILE B 78 -39.63 17.85 -3.78
C ILE B 78 -38.12 18.00 -3.87
N GLU B 79 -37.55 17.81 -5.06
CA GLU B 79 -36.13 18.09 -5.23
C GLU B 79 -35.84 19.59 -5.29
N ASN B 80 -36.86 20.44 -5.36
CA ASN B 80 -36.64 21.87 -5.26
C ASN B 80 -36.69 22.39 -3.82
N GLU B 81 -37.34 21.66 -2.92
CA GLU B 81 -37.38 21.91 -1.47
C GLU B 81 -38.12 23.20 -1.11
N ASN B 82 -38.65 23.93 -2.10
CA ASN B 82 -39.39 25.16 -1.84
C ASN B 82 -40.70 24.82 -1.15
N LEU B 83 -40.84 25.23 0.12
CA LEU B 83 -42.03 24.89 0.89
C LEU B 83 -43.28 25.57 0.34
N GLU B 84 -43.15 26.82 -0.12
CA GLU B 84 -44.30 27.51 -0.69
C GLU B 84 -44.77 26.84 -1.97
N LEU B 85 -43.83 26.44 -2.82
CA LEU B 85 -44.18 25.78 -4.08
C LEU B 85 -44.82 24.41 -3.85
N ILE B 86 -44.29 23.64 -2.90
CA ILE B 86 -44.87 22.32 -2.65
C ILE B 86 -46.24 22.47 -2.00
N GLU B 87 -46.43 23.51 -1.18
CA GLU B 87 -47.75 23.79 -0.63
C GLU B 87 -48.74 24.17 -1.73
N LEU B 88 -48.29 24.98 -2.70
CA LEU B 88 -49.14 25.35 -3.84
C LEU B 88 -49.52 24.12 -4.65
N LEU B 89 -48.58 23.20 -4.85
CA LEU B 89 -48.88 22.03 -5.67
C LEU B 89 -49.82 21.05 -4.95
N LEU B 90 -49.63 20.85 -3.64
CA LEU B 90 -50.58 20.03 -2.90
C LEU B 90 -51.93 20.71 -2.73
N SER B 91 -51.98 22.03 -2.87
CA SER B 91 -53.25 22.75 -2.67
C SER B 91 -54.27 22.42 -3.74
N PHE B 92 -53.84 22.30 -5.00
CA PHE B 92 -54.73 21.98 -6.10
C PHE B 92 -54.67 20.51 -6.52
N ASN B 93 -54.23 19.63 -5.60
CA ASN B 93 -54.41 18.17 -5.66
C ASN B 93 -53.78 17.57 -6.92
N VAL B 94 -52.45 17.65 -6.96
CA VAL B 94 -51.67 16.98 -8.01
C VAL B 94 -51.61 15.49 -7.69
N TYR B 95 -51.14 14.70 -8.66
CA TYR B 95 -51.11 13.25 -8.49
C TYR B 95 -50.00 12.85 -7.52
N VAL B 96 -50.37 12.54 -6.28
CA VAL B 96 -49.43 12.14 -5.25
C VAL B 96 -49.20 10.64 -5.42
N GLY B 97 -48.01 10.28 -5.88
CA GLY B 97 -47.64 8.89 -6.02
C GLY B 97 -46.63 8.46 -4.98
N ASP B 98 -45.36 8.39 -5.37
CA ASP B 98 -44.27 8.04 -4.46
C ASP B 98 -43.48 9.26 -4.00
N ALA B 99 -44.04 10.46 -4.16
CA ALA B 99 -43.31 11.69 -3.84
C ALA B 99 -43.01 11.82 -2.36
N LEU B 100 -43.81 11.14 -1.52
CA LEU B 100 -43.48 11.07 -0.10
C LEU B 100 -42.13 10.39 0.10
N LEU B 101 -41.89 9.29 -0.60
CA LEU B 101 -40.60 8.61 -0.52
C LEU B 101 -39.48 9.46 -1.09
N HIS B 102 -39.76 10.29 -2.09
CA HIS B 102 -38.76 11.22 -2.60
C HIS B 102 -38.40 12.28 -1.56
N ALA B 103 -39.40 12.76 -0.82
CA ALA B 103 -39.11 13.67 0.28
C ALA B 103 -38.33 12.99 1.40
N ILE B 104 -38.58 11.69 1.61
CA ILE B 104 -37.79 10.93 2.57
C ILE B 104 -36.33 10.83 2.12
N ARG B 105 -36.12 10.51 0.83
CA ARG B 105 -34.78 10.36 0.29
C ARG B 105 -34.01 11.68 0.32
N LYS B 106 -34.68 12.79 0.00
CA LYS B 106 -34.04 14.10 -0.04
C LYS B 106 -33.60 14.57 1.34
N GLU B 107 -34.12 13.94 2.41
CA GLU B 107 -33.80 14.27 3.80
C GLU B 107 -34.22 15.70 4.14
N VAL B 108 -35.49 15.99 3.88
CA VAL B 108 -36.08 17.30 4.15
C VAL B 108 -37.23 17.12 5.12
N VAL B 109 -37.32 18.02 6.11
CA VAL B 109 -38.38 17.95 7.11
C VAL B 109 -39.73 18.34 6.56
N GLY B 110 -39.81 18.81 5.32
CA GLY B 110 -41.06 19.18 4.68
C GLY B 110 -41.95 18.02 4.28
N ALA B 111 -41.53 16.78 4.56
CA ALA B 111 -42.39 15.62 4.33
C ALA B 111 -43.60 15.59 5.25
N VAL B 112 -43.58 16.37 6.34
CA VAL B 112 -44.74 16.46 7.23
C VAL B 112 -45.92 17.10 6.50
N GLU B 113 -45.65 17.96 5.52
CA GLU B 113 -46.72 18.54 4.72
C GLU B 113 -47.44 17.48 3.90
N LEU B 114 -46.69 16.54 3.31
CA LEU B 114 -47.30 15.42 2.62
C LEU B 114 -47.98 14.47 3.61
N LEU B 115 -47.42 14.33 4.81
CA LEU B 115 -48.07 13.52 5.84
C LEU B 115 -49.37 14.17 6.31
N LEU B 116 -49.39 15.50 6.43
CA LEU B 116 -50.61 16.19 6.82
C LEU B 116 -51.64 16.19 5.70
N ASN B 117 -51.20 16.13 4.46
CA ASN B 117 -52.10 16.12 3.31
C ASN B 117 -52.87 14.80 3.21
N GLN B 135 -47.40 3.45 -13.96
CA GLN B 135 -46.09 3.96 -14.33
C GLN B 135 -45.02 3.31 -13.46
N PHE B 136 -43.76 3.47 -13.87
CA PHE B 136 -42.65 2.90 -13.12
C PHE B 136 -42.43 3.66 -11.82
N SER B 137 -41.86 2.97 -10.84
CA SER B 137 -41.51 3.55 -9.55
C SER B 137 -40.00 3.41 -9.36
N GLU B 138 -39.36 4.50 -8.91
CA GLU B 138 -37.92 4.49 -8.69
C GLU B 138 -37.54 3.57 -7.53
N PHE B 139 -38.45 3.28 -6.62
CA PHE B 139 -38.18 2.45 -5.46
C PHE B 139 -38.77 1.06 -5.63
N THR B 140 -38.30 0.15 -4.80
CA THR B 140 -38.87 -1.20 -4.73
C THR B 140 -40.31 -1.10 -4.23
N PRO B 141 -41.22 -1.94 -4.71
CA PRO B 141 -42.59 -1.93 -4.16
C PRO B 141 -42.67 -2.29 -2.69
N ASP B 142 -41.67 -2.97 -2.13
CA ASP B 142 -41.67 -3.25 -0.70
C ASP B 142 -41.41 -2.01 0.15
N ILE B 143 -40.78 -0.98 -0.41
CA ILE B 143 -40.30 0.13 0.39
C ILE B 143 -41.47 0.99 0.84
N THR B 144 -41.73 0.97 2.15
CA THR B 144 -42.64 1.86 2.82
C THR B 144 -41.85 3.08 3.31
N PRO B 145 -42.51 4.17 3.73
CA PRO B 145 -41.77 5.34 4.21
C PRO B 145 -40.83 5.07 5.38
N ILE B 146 -41.15 4.13 6.26
CA ILE B 146 -40.29 3.90 7.42
C ILE B 146 -38.99 3.22 7.01
N ILE B 147 -39.04 2.34 6.01
CA ILE B 147 -37.83 1.64 5.56
C ILE B 147 -36.86 2.63 4.93
N LEU B 148 -37.38 3.52 4.07
CA LEU B 148 -36.53 4.53 3.47
C LEU B 148 -36.07 5.56 4.49
N ALA B 149 -36.89 5.85 5.50
CA ALA B 149 -36.48 6.76 6.56
C ALA B 149 -35.33 6.18 7.37
N ALA B 150 -35.39 4.87 7.66
CA ALA B 150 -34.30 4.22 8.38
C ALA B 150 -33.05 4.11 7.50
N HIS B 151 -33.23 3.90 6.20
CA HIS B 151 -32.09 3.88 5.29
C HIS B 151 -31.40 5.23 5.23
N THR B 152 -32.17 6.32 5.19
CA THR B 152 -31.58 7.65 5.13
C THR B 152 -30.98 8.09 6.47
N ASN B 153 -31.41 7.46 7.57
CA ASN B 153 -30.82 7.66 8.91
C ASN B 153 -30.95 9.11 9.38
N ASN B 154 -32.12 9.70 9.19
CA ASN B 154 -32.42 11.04 9.71
C ASN B 154 -33.31 10.89 10.94
N TYR B 155 -32.88 11.49 12.05
CA TYR B 155 -33.57 11.29 13.32
C TYR B 155 -34.95 11.95 13.32
N GLU B 156 -35.05 13.18 12.79
CA GLU B 156 -36.31 13.90 12.80
C GLU B 156 -37.35 13.22 11.91
N ILE B 157 -36.92 12.70 10.75
CA ILE B 157 -37.84 12.06 9.83
C ILE B 157 -38.40 10.77 10.41
N ILE B 158 -37.53 9.94 11.01
CA ILE B 158 -37.97 8.70 11.63
C ILE B 158 -38.85 9.00 12.84
N LYS B 159 -38.53 10.06 13.58
CA LYS B 159 -39.36 10.46 14.71
C LYS B 159 -40.76 10.86 14.26
N LEU B 160 -40.85 11.61 13.16
CA LEU B 160 -42.15 11.99 12.62
C LEU B 160 -42.92 10.76 12.13
N LEU B 161 -42.24 9.83 11.45
CA LEU B 161 -42.92 8.65 10.92
C LEU B 161 -43.44 7.75 12.03
N VAL B 162 -42.66 7.57 13.10
CA VAL B 162 -43.16 6.75 14.20
C VAL B 162 -44.17 7.50 15.05
N GLN B 163 -44.17 8.84 15.01
CA GLN B 163 -45.23 9.58 15.70
C GLN B 163 -46.54 9.51 14.95
N LYS B 164 -46.49 9.34 13.62
CA LYS B 164 -47.72 9.12 12.87
C LYS B 164 -48.33 7.76 13.19
N GLY B 165 -47.51 6.80 13.60
CA GLY B 165 -47.97 5.46 13.94
C GLY B 165 -47.71 4.50 12.82
N VAL B 166 -46.61 3.75 12.91
CA VAL B 166 -46.10 2.94 11.81
C VAL B 166 -45.44 1.69 12.37
N SER B 167 -45.80 0.53 11.81
CA SER B 167 -45.20 -0.74 12.21
C SER B 167 -44.45 -1.33 11.01
N VAL B 168 -43.20 -1.72 11.24
CA VAL B 168 -42.40 -2.34 10.17
C VAL B 168 -42.86 -3.78 9.97
N PRO B 169 -42.71 -4.34 8.77
CA PRO B 169 -42.98 -5.78 8.59
C PRO B 169 -41.98 -6.63 9.37
N ARG B 170 -42.45 -7.78 9.81
CA ARG B 170 -41.62 -8.70 10.58
C ARG B 170 -40.72 -9.50 9.65
N PRO B 171 -39.40 -9.49 9.84
CA PRO B 171 -38.54 -10.42 9.10
C PRO B 171 -38.60 -11.80 9.74
N HIS B 172 -38.44 -12.83 8.93
CA HIS B 172 -38.43 -14.18 9.47
C HIS B 172 -37.09 -14.48 10.14
N GLU B 173 -37.02 -15.64 10.79
CA GLU B 173 -35.81 -16.03 11.50
C GLU B 173 -34.70 -16.39 10.52
N VAL B 174 -33.48 -16.46 11.06
CA VAL B 174 -32.30 -16.74 10.24
C VAL B 174 -32.32 -18.19 9.74
N ARG B 175 -33.04 -19.07 10.44
CA ARG B 175 -33.24 -20.45 10.00
C ARG B 175 -34.72 -20.80 10.09
N CYS B 176 -35.56 -19.91 9.56
CA CYS B 176 -37.01 -20.06 9.66
C CYS B 176 -37.50 -21.21 8.78
N ASN B 177 -38.69 -21.70 9.12
CA ASN B 177 -39.39 -22.73 8.34
C ASN B 177 -40.84 -22.30 8.23
N CYS B 178 -41.16 -21.54 7.18
CA CYS B 178 -42.52 -21.09 6.90
C CYS B 178 -42.92 -21.58 5.52
N VAL B 179 -44.09 -22.21 5.42
CA VAL B 179 -44.56 -22.69 4.13
C VAL B 179 -44.95 -21.52 3.23
N GLU B 180 -45.57 -20.49 3.81
CA GLU B 180 -45.97 -19.32 3.03
C GLU B 180 -44.76 -18.56 2.51
N CYS B 181 -43.74 -18.38 3.35
CA CYS B 181 -42.52 -17.70 2.90
C CYS B 181 -41.75 -18.55 1.88
N VAL B 182 -41.79 -19.87 2.03
CA VAL B 182 -41.19 -20.74 1.02
C VAL B 182 -41.91 -20.60 -0.31
N SER B 183 -43.25 -20.56 -0.29
CA SER B 183 -44.02 -20.37 -1.52
C SER B 183 -43.76 -19.00 -2.15
N SER B 184 -43.60 -17.96 -1.31
CA SER B 184 -43.24 -16.65 -1.82
C SER B 184 -41.86 -16.65 -2.44
N SER B 185 -40.93 -17.44 -1.88
CA SER B 185 -39.62 -17.60 -2.51
C SER B 185 -39.73 -18.34 -3.83
N ASP B 186 -40.64 -19.32 -3.93
CA ASP B 186 -40.83 -20.02 -5.20
C ASP B 186 -41.46 -19.11 -6.25
N VAL B 187 -42.31 -18.18 -5.84
CA VAL B 187 -42.92 -17.26 -6.81
C VAL B 187 -41.88 -16.25 -7.29
N ASP B 188 -41.35 -15.45 -6.37
CA ASP B 188 -40.32 -14.45 -6.69
C ASP B 188 -39.24 -14.53 -5.61
N SER B 189 -38.17 -15.27 -5.91
CA SER B 189 -37.07 -15.36 -4.96
C SER B 189 -36.33 -14.03 -4.85
N LEU B 190 -36.20 -13.31 -5.96
CA LEU B 190 -35.49 -12.04 -5.97
C LEU B 190 -36.20 -11.00 -5.13
N ARG B 191 -37.52 -10.90 -5.28
CA ARG B 191 -38.27 -9.91 -4.53
C ARG B 191 -38.29 -10.24 -3.05
N HIS B 192 -38.34 -11.53 -2.70
CA HIS B 192 -38.30 -11.94 -1.29
C HIS B 192 -36.95 -11.63 -0.67
N SER B 193 -35.86 -11.92 -1.38
CA SER B 193 -34.53 -11.63 -0.85
C SER B 193 -34.29 -10.13 -0.71
N ARG B 194 -34.74 -9.34 -1.70
CA ARG B 194 -34.65 -7.89 -1.58
C ARG B 194 -35.51 -7.36 -0.44
N SER B 195 -36.67 -7.97 -0.21
CA SER B 195 -37.53 -7.56 0.89
C SER B 195 -36.87 -7.82 2.23
N ARG B 196 -36.26 -9.00 2.41
CA ARG B 196 -35.59 -9.30 3.67
C ARG B 196 -34.37 -8.41 3.88
N LEU B 197 -33.62 -8.14 2.80
CA LEU B 197 -32.48 -7.23 2.91
C LEU B 197 -32.92 -5.83 3.29
N ASN B 198 -34.02 -5.35 2.71
CA ASN B 198 -34.52 -4.01 3.05
C ASN B 198 -35.01 -3.95 4.49
N ILE B 199 -35.71 -4.99 4.96
CA ILE B 199 -36.18 -5.01 6.34
C ILE B 199 -35.00 -5.03 7.32
N TYR B 200 -34.00 -5.86 7.04
CA TYR B 200 -32.85 -5.92 7.95
C TYR B 200 -31.99 -4.67 7.86
N LYS B 201 -32.01 -3.96 6.73
CA LYS B 201 -31.33 -2.67 6.66
C LYS B 201 -32.10 -1.59 7.41
N ALA B 202 -33.43 -1.71 7.45
CA ALA B 202 -34.22 -0.76 8.23
C ALA B 202 -34.04 -0.99 9.73
N LEU B 203 -34.00 -2.25 10.16
CA LEU B 203 -33.87 -2.53 11.58
C LEU B 203 -32.48 -2.19 12.11
N ALA B 204 -31.45 -2.34 11.28
CA ALA B 204 -30.07 -2.09 11.70
C ALA B 204 -29.70 -0.62 11.69
N SER B 205 -30.63 0.26 11.33
CA SER B 205 -30.35 1.69 11.36
C SER B 205 -30.19 2.16 12.80
N PRO B 206 -29.14 2.93 13.11
CA PRO B 206 -28.94 3.37 14.51
C PRO B 206 -30.06 4.25 15.06
N SER B 207 -30.69 5.07 14.21
CA SER B 207 -31.73 5.96 14.69
C SER B 207 -32.98 5.19 15.09
N LEU B 208 -33.37 4.19 14.29
CA LEU B 208 -34.54 3.39 14.63
C LEU B 208 -34.29 2.56 15.88
N ILE B 209 -33.07 2.07 16.06
CA ILE B 209 -32.70 1.34 17.27
C ILE B 209 -32.77 2.26 18.48
N ALA B 210 -32.22 3.48 18.36
CA ALA B 210 -32.23 4.41 19.49
C ALA B 210 -33.63 4.97 19.77
N LEU B 211 -34.54 4.91 18.80
CA LEU B 211 -35.86 5.49 18.96
C LEU B 211 -36.95 4.49 19.34
N SER B 212 -36.80 3.22 18.99
CA SER B 212 -37.90 2.27 19.16
C SER B 212 -37.58 1.09 20.07
N SER B 213 -36.32 0.83 20.38
CA SER B 213 -35.96 -0.37 21.12
C SER B 213 -35.94 -0.13 22.62
N GLU B 214 -36.35 -1.15 23.38
CA GLU B 214 -36.30 -1.09 24.84
C GLU B 214 -34.86 -1.04 25.32
N ASP B 215 -34.02 -1.96 24.85
CA ASP B 215 -32.61 -2.04 25.21
C ASP B 215 -31.80 -2.01 23.93
N PRO B 216 -31.42 -0.80 23.47
CA PRO B 216 -30.63 -0.70 22.22
C PRO B 216 -29.27 -1.40 22.25
N PHE B 217 -28.65 -1.60 23.42
CA PHE B 217 -27.44 -2.40 23.46
C PHE B 217 -27.75 -3.87 23.18
N LEU B 218 -28.78 -4.41 23.85
CA LEU B 218 -29.19 -5.78 23.61
C LEU B 218 -29.71 -5.96 22.19
N THR B 219 -30.44 -4.96 21.68
CA THR B 219 -30.92 -5.01 20.30
C THR B 219 -29.76 -4.99 19.32
N ALA B 220 -28.75 -4.15 19.59
CA ALA B 220 -27.58 -4.10 18.71
C ALA B 220 -26.82 -5.42 18.72
N PHE B 221 -26.68 -6.04 19.90
CA PHE B 221 -25.99 -7.33 19.99
C PHE B 221 -26.73 -8.41 19.24
N GLN B 222 -28.04 -8.54 19.49
CA GLN B 222 -28.83 -9.57 18.83
C GLN B 222 -28.91 -9.34 17.33
N LEU B 223 -29.01 -8.08 16.91
CA LEU B 223 -29.09 -7.78 15.49
C LEU B 223 -27.75 -8.04 14.79
N SER B 224 -26.64 -7.76 15.47
CA SER B 224 -25.33 -8.07 14.90
C SER B 224 -25.14 -9.57 14.74
N TRP B 225 -25.55 -10.34 15.75
CA TRP B 225 -25.47 -11.79 15.64
C TRP B 225 -26.37 -12.34 14.54
N GLU B 226 -27.59 -11.79 14.44
CA GLU B 226 -28.51 -12.23 13.39
C GLU B 226 -27.98 -11.89 12.00
N LEU B 227 -27.37 -10.71 11.84
CA LEU B 227 -26.82 -10.33 10.55
C LEU B 227 -25.61 -11.18 10.20
N GLN B 228 -24.79 -11.54 11.20
CA GLN B 228 -23.66 -12.42 10.93
C GLN B 228 -24.12 -13.81 10.49
N GLU B 229 -25.12 -14.37 11.17
CA GLU B 229 -25.64 -15.68 10.75
C GLU B 229 -26.38 -15.59 9.42
N LEU B 230 -26.98 -14.44 9.12
CA LEU B 230 -27.64 -14.25 7.82
C LEU B 230 -26.62 -14.19 6.69
N SER B 231 -25.49 -13.52 6.92
CA SER B 231 -24.42 -13.52 5.93
C SER B 231 -23.80 -14.90 5.79
N LYS B 232 -23.78 -15.69 6.87
CA LYS B 232 -23.32 -17.07 6.75
C LYS B 232 -24.28 -17.91 5.92
N VAL B 233 -25.59 -17.77 6.16
CA VAL B 233 -26.57 -18.57 5.42
C VAL B 233 -26.66 -18.09 3.96
N GLU B 234 -26.76 -16.78 3.76
CA GLU B 234 -26.86 -16.21 2.42
C GLU B 234 -25.45 -15.87 1.95
N ASN B 235 -24.88 -16.77 1.14
CA ASN B 235 -23.54 -16.52 0.60
C ASN B 235 -23.55 -15.35 -0.38
N GLU B 236 -24.59 -15.24 -1.20
CA GLU B 236 -24.82 -13.99 -1.90
C GLU B 236 -25.39 -12.96 -0.93
N PHE B 237 -25.23 -11.69 -1.29
CA PHE B 237 -25.58 -10.54 -0.43
C PHE B 237 -24.83 -10.58 0.90
N LYS B 238 -23.64 -11.19 0.93
CA LYS B 238 -22.89 -11.32 2.17
C LYS B 238 -22.24 -10.00 2.56
N SER B 239 -21.79 -9.22 1.56
CA SER B 239 -21.14 -7.95 1.83
C SER B 239 -22.10 -6.96 2.47
N GLU B 240 -23.36 -6.94 2.02
CA GLU B 240 -24.36 -6.04 2.59
C GLU B 240 -24.62 -6.37 4.06
N TYR B 241 -24.75 -7.66 4.38
CA TYR B 241 -25.01 -8.05 5.75
C TYR B 241 -23.80 -7.81 6.65
N GLU B 242 -22.60 -8.00 6.12
CA GLU B 242 -21.40 -7.69 6.89
C GLU B 242 -21.28 -6.19 7.15
N GLU B 243 -21.62 -5.37 6.15
CA GLU B 243 -21.65 -3.93 6.35
C GLU B 243 -22.68 -3.52 7.40
N LEU B 244 -23.86 -4.16 7.38
CA LEU B 244 -24.89 -3.87 8.37
C LEU B 244 -24.43 -4.26 9.77
N SER B 245 -23.79 -5.42 9.91
CA SER B 245 -23.31 -5.86 11.22
C SER B 245 -22.22 -4.93 11.75
N ARG B 246 -21.30 -4.50 10.87
CA ARG B 246 -20.27 -3.57 11.30
C ARG B 246 -20.87 -2.21 11.66
N GLN B 247 -21.93 -1.80 10.96
CA GLN B 247 -22.61 -0.56 11.30
C GLN B 247 -23.26 -0.65 12.68
N CYS B 248 -23.87 -1.80 12.99
CA CYS B 248 -24.46 -1.99 14.32
C CYS B 248 -23.38 -1.99 15.42
N LYS B 249 -22.24 -2.64 15.15
CA LYS B 249 -21.15 -2.65 16.13
C LYS B 249 -20.58 -1.24 16.33
N GLN B 250 -20.49 -0.46 15.25
CA GLN B 250 -20.05 0.92 15.35
C GLN B 250 -21.04 1.76 16.15
N PHE B 251 -22.33 1.50 15.98
CA PHE B 251 -23.34 2.19 16.78
C PHE B 251 -23.18 1.88 18.26
N ALA B 252 -22.95 0.61 18.60
CA ALA B 252 -22.76 0.24 20.00
C ALA B 252 -21.50 0.89 20.58
N LYS B 253 -20.42 0.93 19.79
CA LYS B 253 -19.19 1.58 20.24
C LYS B 253 -19.39 3.08 20.44
N ASP B 254 -20.17 3.72 19.56
CA ASP B 254 -20.44 5.14 19.71
C ASP B 254 -21.30 5.41 20.95
N LEU B 255 -22.28 4.54 21.21
CA LEU B 255 -23.10 4.69 22.40
C LEU B 255 -22.28 4.48 23.67
N LEU B 256 -21.23 3.64 23.61
CA LEU B 256 -20.28 3.61 24.71
C LEU B 256 -19.42 4.87 24.77
N ASP B 257 -19.10 5.46 23.61
CA ASP B 257 -18.32 6.70 23.59
C ASP B 257 -19.06 7.84 24.29
N GLN B 258 -20.38 7.87 24.21
CA GLN B 258 -21.11 9.01 24.75
C GLN B 258 -21.15 9.05 26.27
N THR B 259 -20.72 8.00 26.95
CA THR B 259 -20.73 8.01 28.42
C THR B 259 -19.69 8.98 28.96
N ARG B 260 -19.94 9.48 30.17
CA ARG B 260 -19.03 10.46 30.76
C ARG B 260 -18.86 10.27 32.27
N SER B 261 -19.08 9.08 32.80
CA SER B 261 -18.91 8.84 34.23
C SER B 261 -18.68 7.36 34.47
N SER B 262 -17.89 7.05 35.50
CA SER B 262 -17.69 5.65 35.87
C SER B 262 -18.95 5.05 36.48
N ARG B 263 -19.79 5.89 37.08
CA ARG B 263 -21.09 5.41 37.57
C ARG B 263 -21.96 4.92 36.42
N GLU B 264 -21.95 5.66 35.31
CA GLU B 264 -22.74 5.26 34.15
C GLU B 264 -22.20 3.95 33.55
N LEU B 265 -20.89 3.79 33.51
CA LEU B 265 -20.29 2.54 33.05
C LEU B 265 -20.66 1.38 33.96
N GLU B 266 -20.65 1.61 35.27
CA GLU B 266 -21.03 0.55 36.20
C GLU B 266 -22.53 0.22 36.10
N ILE B 267 -23.35 1.20 35.72
CA ILE B 267 -24.76 0.91 35.50
C ILE B 267 -24.95 0.08 34.23
N ILE B 268 -24.24 0.44 33.16
CA ILE B 268 -24.44 -0.22 31.87
C ILE B 268 -23.86 -1.63 31.89
N LEU B 269 -22.59 -1.76 32.25
CA LEU B 269 -21.90 -3.04 32.10
C LEU B 269 -22.36 -4.08 33.09
N ASN B 270 -22.82 -3.66 34.27
CA ASN B 270 -23.31 -4.59 35.28
C ASN B 270 -24.80 -4.86 35.17
N TYR B 271 -25.48 -4.31 34.16
CA TYR B 271 -26.91 -4.51 34.03
C TYR B 271 -27.22 -5.95 33.64
N ARG B 272 -28.29 -6.48 34.22
CA ARG B 272 -28.68 -7.87 33.97
C ARG B 272 -30.19 -7.98 34.12
N ASP B 273 -30.82 -8.72 33.21
CA ASP B 273 -32.25 -8.97 33.28
C ASP B 273 -32.57 -10.45 33.30
N ASP B 285 -21.79 -8.23 39.03
CA ASP B 285 -21.48 -9.09 37.90
C ASP B 285 -21.61 -8.33 36.58
N LEU B 286 -20.56 -8.39 35.76
CA LEU B 286 -20.54 -7.71 34.46
C LEU B 286 -21.26 -8.57 33.44
N ALA B 287 -22.59 -8.64 33.58
CA ALA B 287 -23.39 -9.51 32.73
C ALA B 287 -23.46 -9.00 31.31
N ARG B 288 -23.61 -7.68 31.13
CA ARG B 288 -23.61 -7.13 29.78
C ARG B 288 -22.25 -7.24 29.12
N LEU B 289 -21.17 -7.18 29.90
CA LEU B 289 -19.85 -7.41 29.32
C LEU B 289 -19.66 -8.87 28.96
N LYS B 290 -20.27 -9.79 29.73
CA LYS B 290 -20.30 -11.19 29.31
C LYS B 290 -21.07 -11.37 28.01
N LEU B 291 -22.17 -10.63 27.85
CA LEU B 291 -22.95 -10.72 26.62
C LEU B 291 -22.17 -10.17 25.43
N ALA B 292 -21.42 -9.09 25.65
CA ALA B 292 -20.58 -8.54 24.59
C ALA B 292 -19.45 -9.50 24.24
N ILE B 293 -18.90 -10.18 25.23
CA ILE B 293 -17.88 -11.19 24.98
C ILE B 293 -18.46 -12.34 24.16
N LYS B 294 -19.65 -12.80 24.52
CA LYS B 294 -20.27 -13.93 23.83
C LYS B 294 -20.65 -13.58 22.39
N TYR B 295 -21.18 -12.39 22.17
CA TYR B 295 -21.63 -11.98 20.84
C TYR B 295 -20.50 -11.43 19.98
N ARG B 296 -19.25 -11.49 20.46
CA ARG B 296 -18.05 -11.08 19.72
C ARG B 296 -18.13 -9.61 19.27
N GLN B 297 -18.35 -8.72 20.23
CA GLN B 297 -18.37 -7.28 19.95
C GLN B 297 -17.03 -6.69 20.32
N LYS B 298 -16.07 -6.83 19.39
CA LYS B 298 -14.72 -6.35 19.61
C LYS B 298 -14.64 -4.83 19.65
N GLU B 299 -15.54 -4.13 18.95
CA GLU B 299 -15.56 -2.67 19.05
C GLU B 299 -16.09 -2.21 20.39
N PHE B 300 -17.13 -2.88 20.90
CA PHE B 300 -17.69 -2.56 22.21
C PHE B 300 -16.69 -2.85 23.33
N VAL B 301 -16.03 -4.01 23.26
CA VAL B 301 -15.17 -4.47 24.34
C VAL B 301 -13.89 -3.64 24.44
N ALA B 302 -13.28 -3.32 23.29
CA ALA B 302 -12.03 -2.58 23.25
C ALA B 302 -12.21 -1.08 23.45
N GLN B 303 -13.34 -0.66 24.01
CA GLN B 303 -13.58 0.74 24.32
C GLN B 303 -12.59 1.22 25.37
N PRO B 304 -12.03 2.43 25.21
CA PRO B 304 -11.09 2.95 26.23
C PRO B 304 -11.71 3.10 27.62
N ASN B 305 -12.97 3.47 27.70
CA ASN B 305 -13.64 3.56 29.00
C ASN B 305 -13.92 2.18 29.57
N CYS B 306 -14.37 1.24 28.73
CA CYS B 306 -14.57 -0.12 29.18
C CYS B 306 -13.25 -0.77 29.60
N GLN B 307 -12.18 -0.48 28.86
CA GLN B 307 -10.86 -0.97 29.25
C GLN B 307 -10.35 -0.30 30.52
N GLN B 308 -10.75 0.95 30.74
CA GLN B 308 -10.43 1.60 32.01
C GLN B 308 -11.10 0.90 33.19
N LEU B 309 -12.37 0.56 33.04
CA LEU B 309 -13.07 -0.18 34.09
C LEU B 309 -12.47 -1.57 34.29
N LEU B 310 -12.11 -2.23 33.18
CA LEU B 310 -11.54 -3.57 33.26
C LEU B 310 -10.16 -3.56 33.90
N ALA B 311 -9.35 -2.53 33.60
CA ALA B 311 -8.04 -2.43 34.25
C ALA B 311 -8.17 -2.05 35.71
N SER B 312 -9.20 -1.28 36.06
CA SER B 312 -9.45 -0.99 37.47
C SER B 312 -9.86 -2.25 38.23
N ARG B 313 -10.68 -3.09 37.62
CA ARG B 313 -11.13 -4.31 38.28
C ARG B 313 -10.04 -5.37 38.31
N TRP B 314 -9.18 -5.41 37.28
CA TRP B 314 -8.11 -6.40 37.22
C TRP B 314 -7.03 -6.11 38.26
N TYR B 315 -6.59 -4.86 38.35
CA TYR B 315 -5.66 -4.44 39.39
C TYR B 315 -6.44 -3.99 40.62
N ASP B 316 -7.03 -4.97 41.30
CA ASP B 316 -7.89 -4.72 42.45
C ASP B 316 -7.04 -4.24 43.62
N GLU B 317 -7.23 -2.98 44.00
CA GLU B 317 -6.51 -2.32 45.10
C GLU B 317 -5.00 -2.40 44.91
N PHE B 318 -4.55 -2.23 43.66
CA PHE B 318 -3.13 -2.32 43.30
C PHE B 318 -2.75 -1.09 42.47
N PRO B 319 -2.60 0.07 43.12
CA PRO B 319 -2.31 1.29 42.37
C PRO B 319 -0.82 1.45 42.12
N GLY B 320 -0.52 2.26 41.10
CA GLY B 320 0.86 2.57 40.78
C GLY B 320 1.67 1.45 40.19
N TRP B 321 1.00 0.40 39.68
CA TRP B 321 1.74 -0.73 39.12
C TRP B 321 2.39 -0.36 37.80
N ARG B 322 1.68 0.38 36.94
CA ARG B 322 2.27 0.86 35.70
C ARG B 322 3.22 2.03 35.94
N ARG B 323 2.96 2.81 36.99
CA ARG B 323 3.79 3.98 37.27
C ARG B 323 5.17 3.58 37.79
N ARG B 324 5.27 2.45 38.49
CA ARG B 324 6.54 2.00 39.03
C ARG B 324 7.44 1.46 37.91
N HIS B 325 8.72 1.29 38.24
CA HIS B 325 9.72 0.89 37.26
C HIS B 325 9.48 -0.54 36.77
N TRP B 326 9.96 -0.81 35.55
CA TRP B 326 9.75 -2.12 34.94
C TRP B 326 10.49 -3.22 35.71
N ALA B 327 11.73 -2.94 36.13
CA ALA B 327 12.46 -3.88 36.96
C ALA B 327 11.78 -4.05 38.32
N VAL B 328 11.24 -2.96 38.87
CA VAL B 328 10.57 -3.03 40.17
C VAL B 328 9.30 -3.89 40.06
N LYS B 329 8.50 -3.67 39.01
CA LYS B 329 7.27 -4.44 38.90
C LYS B 329 7.53 -5.90 38.52
N MET B 330 8.60 -6.16 37.75
CA MET B 330 8.94 -7.56 37.50
C MET B 330 9.48 -8.24 38.75
N VAL B 331 10.17 -7.47 39.62
CA VAL B 331 10.61 -8.01 40.91
C VAL B 331 9.41 -8.35 41.78
N THR B 332 8.41 -7.48 41.81
CA THR B 332 7.20 -7.76 42.59
C THR B 332 6.46 -8.97 42.03
N CYS B 333 6.37 -9.08 40.71
CA CYS B 333 5.75 -10.26 40.10
C CYS B 333 6.52 -11.53 40.43
N PHE B 334 7.85 -11.48 40.41
CA PHE B 334 8.66 -12.64 40.72
C PHE B 334 8.53 -13.05 42.17
N ILE B 335 8.42 -12.09 43.09
CA ILE B 335 8.32 -12.47 44.50
C ILE B 335 6.90 -12.91 44.85
N ILE B 336 5.89 -12.43 44.12
CA ILE B 336 4.55 -13.01 44.32
C ILE B 336 4.49 -14.42 43.76
N GLY B 337 5.07 -14.65 42.57
CA GLY B 337 5.03 -15.98 41.99
C GLY B 337 5.93 -16.98 42.68
N LEU B 338 7.00 -16.51 43.31
CA LEU B 338 7.88 -17.39 44.06
C LEU B 338 7.25 -17.80 45.38
N LEU B 339 6.46 -16.92 45.97
CA LEU B 339 5.79 -17.21 47.23
C LEU B 339 4.38 -17.75 47.00
N PHE B 340 4.15 -18.38 45.84
CA PHE B 340 2.84 -18.92 45.45
C PHE B 340 2.23 -19.93 46.43
N PRO B 341 2.96 -20.92 47.00
CA PRO B 341 2.28 -21.88 47.89
C PRO B 341 1.71 -21.25 49.16
N VAL B 342 2.28 -20.16 49.68
CA VAL B 342 1.74 -19.62 50.92
C VAL B 342 0.40 -18.91 50.69
N PHE B 343 0.23 -18.21 49.55
CA PHE B 343 -1.07 -17.65 49.24
C PHE B 343 -2.06 -18.70 48.73
N SER B 344 -1.59 -19.78 48.13
CA SER B 344 -2.54 -20.78 47.66
C SER B 344 -2.96 -21.77 48.74
N VAL B 345 -2.11 -21.99 49.75
CA VAL B 345 -2.52 -22.74 50.93
C VAL B 345 -3.57 -21.96 51.71
N CYS B 346 -3.37 -20.65 51.83
CA CYS B 346 -4.44 -19.78 52.30
C CYS B 346 -5.55 -19.72 51.25
N TYR B 347 -6.76 -19.36 51.72
CA TYR B 347 -8.06 -19.37 51.04
C TYR B 347 -8.57 -20.81 50.89
N LEU B 348 -7.73 -21.79 51.20
CA LEU B 348 -8.12 -23.18 51.32
C LEU B 348 -8.39 -23.59 52.75
N ILE B 349 -7.70 -22.98 53.71
CA ILE B 349 -7.92 -23.19 55.13
C ILE B 349 -8.52 -21.96 55.79
N ALA B 350 -7.97 -20.77 55.49
CA ALA B 350 -8.43 -19.50 56.05
C ALA B 350 -8.79 -18.56 54.91
N PRO B 351 -10.05 -18.56 54.46
CA PRO B 351 -10.41 -17.69 53.33
C PRO B 351 -10.50 -16.21 53.70
N LYS B 352 -10.87 -15.91 54.93
CA LYS B 352 -11.05 -14.51 55.35
C LYS B 352 -9.75 -13.86 55.81
N SER B 353 -8.64 -14.59 55.80
CA SER B 353 -7.35 -14.00 56.14
C SER B 353 -6.93 -13.03 55.05
N PRO B 354 -6.13 -12.00 55.39
CA PRO B 354 -5.58 -11.12 54.35
C PRO B 354 -4.72 -11.85 53.34
N LEU B 355 -3.94 -12.86 53.77
CA LEU B 355 -3.27 -13.71 52.80
C LEU B 355 -4.25 -14.58 52.03
N GLY B 356 -5.33 -15.02 52.68
CA GLY B 356 -6.39 -15.71 51.96
C GLY B 356 -7.12 -14.81 50.99
N LEU B 357 -7.29 -13.53 51.35
CA LEU B 357 -7.91 -12.56 50.47
C LEU B 357 -6.95 -11.98 49.44
N PHE B 358 -5.66 -12.32 49.51
CA PHE B 358 -4.73 -11.89 48.47
C PHE B 358 -5.02 -12.60 47.14
N ILE B 359 -5.60 -13.80 47.19
CA ILE B 359 -5.97 -14.51 45.97
C ILE B 359 -7.23 -13.94 45.33
N ARG B 360 -7.94 -13.05 46.04
CA ARG B 360 -9.14 -12.44 45.48
C ARG B 360 -8.81 -11.53 44.30
N LYS B 361 -7.67 -10.82 44.40
CA LYS B 361 -7.22 -9.95 43.31
C LYS B 361 -6.92 -10.79 42.08
N PRO B 362 -7.53 -10.48 40.93
CA PRO B 362 -7.32 -11.32 39.73
C PRO B 362 -5.90 -11.28 39.20
N PHE B 363 -5.16 -10.20 39.42
CA PHE B 363 -3.77 -10.17 38.99
C PHE B 363 -2.92 -11.15 39.79
N ILE B 364 -3.16 -11.23 41.10
CA ILE B 364 -2.46 -12.22 41.92
C ILE B 364 -2.86 -13.63 41.53
N LYS B 365 -4.13 -13.82 41.15
CA LYS B 365 -4.58 -15.13 40.71
C LYS B 365 -3.90 -15.55 39.41
N PHE B 366 -3.76 -14.62 38.46
CA PHE B 366 -3.05 -14.90 37.22
C PHE B 366 -1.57 -15.18 37.46
N ILE B 367 -0.96 -14.42 38.38
CA ILE B 367 0.45 -14.62 38.70
C ILE B 367 0.66 -15.98 39.36
N CYS B 368 -0.25 -16.37 40.26
CA CYS B 368 -0.16 -17.69 40.89
C CYS B 368 -0.36 -18.80 39.87
N HIS B 369 -1.30 -18.64 38.94
CA HIS B 369 -1.54 -19.66 37.92
C HIS B 369 -0.34 -19.82 36.99
N THR B 370 0.27 -18.71 36.55
CA THR B 370 1.42 -18.84 35.67
C THR B 370 2.66 -19.33 36.43
N ALA B 371 2.78 -19.00 37.72
CA ALA B 371 3.86 -19.58 38.52
C ALA B 371 3.69 -21.07 38.67
N SER B 372 2.44 -21.53 38.85
CA SER B 372 2.16 -22.96 38.85
C SER B 372 2.51 -23.61 37.52
N TYR B 373 2.24 -22.92 36.41
CA TYR B 373 2.51 -23.54 35.12
C TYR B 373 4.01 -23.60 34.81
N LEU B 374 4.77 -22.56 35.15
CA LEU B 374 6.22 -22.66 35.02
C LEU B 374 6.81 -23.66 36.00
N THR B 375 6.16 -23.88 37.15
CA THR B 375 6.61 -24.96 38.02
C THR B 375 6.33 -26.33 37.40
N PHE B 376 5.20 -26.48 36.72
CA PHE B 376 4.91 -27.73 35.99
C PHE B 376 5.91 -27.97 34.88
N LEU B 377 6.27 -26.92 34.15
CA LEU B 377 7.26 -27.06 33.08
C LEU B 377 8.67 -27.32 33.63
N PHE B 378 8.97 -26.76 34.81
CA PHE B 378 10.22 -27.09 35.49
C PHE B 378 10.26 -28.56 35.89
N LEU B 379 9.12 -29.08 36.37
CA LEU B 379 9.01 -30.50 36.69
C LEU B 379 9.18 -31.36 35.43
N LEU B 380 8.61 -30.92 34.31
CA LEU B 380 8.80 -31.65 33.05
C LEU B 380 10.25 -31.61 32.59
N LEU B 381 10.93 -30.47 32.78
CA LEU B 381 12.32 -30.34 32.40
C LEU B 381 13.21 -31.27 33.23
N LEU B 382 12.96 -31.34 34.54
CA LEU B 382 13.72 -32.27 35.36
C LEU B 382 13.30 -33.73 35.10
N ALA B 383 12.08 -33.94 34.64
CA ALA B 383 11.64 -35.28 34.25
C ALA B 383 12.36 -35.75 33.00
N SER B 384 12.64 -34.83 32.07
CA SER B 384 13.45 -35.17 30.91
C SER B 384 14.88 -35.51 31.32
N GLN B 385 15.43 -34.76 32.28
CA GLN B 385 16.78 -35.00 32.76
C GLN B 385 16.77 -35.76 34.08
N ASP B 391 15.78 -48.13 36.25
CA ASP B 391 16.10 -47.91 34.83
C ASP B 391 16.40 -49.22 34.14
N LEU B 392 16.29 -49.21 32.80
CA LEU B 392 16.53 -50.38 31.94
C LEU B 392 15.66 -51.57 32.34
N ASN B 393 14.39 -51.30 32.64
CA ASN B 393 13.46 -52.31 33.08
C ASN B 393 12.33 -52.44 32.05
N ARG B 394 11.77 -53.65 31.99
CA ARG B 394 10.65 -53.90 31.07
C ARG B 394 9.44 -53.07 31.44
N GLN B 395 9.13 -52.98 32.73
CA GLN B 395 8.05 -52.11 33.23
C GLN B 395 8.64 -51.20 34.28
N GLY B 396 8.35 -49.91 34.17
CA GLY B 396 8.94 -48.92 35.04
C GLY B 396 8.19 -48.74 36.34
N PRO B 397 8.89 -48.91 37.46
CA PRO B 397 8.36 -48.46 38.75
C PRO B 397 8.21 -46.96 38.75
N PRO B 398 7.25 -46.40 39.49
CA PRO B 398 6.95 -44.97 39.35
C PRO B 398 8.00 -44.07 39.98
N PRO B 399 8.69 -43.27 39.15
CA PRO B 399 9.87 -42.54 39.62
C PRO B 399 9.53 -41.39 40.54
N THR B 400 9.42 -41.72 41.82
CA THR B 400 8.96 -40.84 42.90
C THR B 400 9.75 -39.52 42.98
N ILE B 401 11.04 -39.54 42.58
CA ILE B 401 11.91 -38.40 42.80
C ILE B 401 11.43 -37.16 42.04
N VAL B 402 11.02 -37.32 40.77
CA VAL B 402 10.55 -36.16 40.02
C VAL B 402 9.29 -36.44 39.22
N GLU B 403 8.95 -37.71 39.02
CA GLU B 403 7.87 -38.07 38.11
C GLU B 403 6.66 -38.65 38.83
N TRP B 404 6.49 -38.38 40.11
CA TRP B 404 5.30 -38.79 40.84
C TRP B 404 4.38 -37.63 41.18
N MET B 405 4.93 -36.44 41.39
CA MET B 405 4.10 -35.26 41.65
C MET B 405 3.52 -34.67 40.37
N ILE B 406 3.92 -35.18 39.20
CA ILE B 406 3.30 -34.79 37.95
C ILE B 406 1.90 -35.40 37.84
N LEU B 407 1.69 -36.57 38.44
CA LEU B 407 0.45 -37.33 38.23
C LEU B 407 -0.79 -36.57 38.69
N PRO B 408 -0.85 -36.06 39.94
CA PRO B 408 -1.97 -35.25 40.40
C PRO B 408 -2.05 -33.91 39.64
N TRP B 409 -0.91 -33.27 39.33
CA TRP B 409 -1.00 -31.97 38.69
C TRP B 409 -1.67 -32.12 37.33
N VAL B 410 -1.40 -33.24 36.66
CA VAL B 410 -2.17 -33.63 35.47
C VAL B 410 -3.62 -33.89 35.85
N LEU B 411 -3.86 -34.49 37.01
CA LEU B 411 -5.24 -34.70 37.45
C LEU B 411 -5.95 -33.37 37.72
N GLY B 412 -5.24 -32.41 38.31
CA GLY B 412 -5.80 -31.08 38.46
C GLY B 412 -6.07 -30.40 37.14
N PHE B 413 -5.20 -30.62 36.16
CA PHE B 413 -5.42 -30.10 34.81
C PHE B 413 -6.68 -30.69 34.19
N ILE B 414 -6.88 -31.99 34.38
CA ILE B 414 -8.07 -32.67 33.87
C ILE B 414 -9.32 -32.14 34.55
N TRP B 415 -9.24 -31.91 35.87
CA TRP B 415 -10.37 -31.33 36.60
C TRP B 415 -10.68 -29.91 36.14
N GLY B 416 -9.65 -29.13 35.84
CA GLY B 416 -9.87 -27.79 35.30
C GLY B 416 -10.51 -27.81 33.93
N GLU B 417 -10.09 -28.74 33.07
CA GLU B 417 -10.72 -28.86 31.76
C GLU B 417 -12.15 -29.38 31.86
N ILE B 418 -12.43 -30.24 32.85
CA ILE B 418 -13.79 -30.69 33.06
C ILE B 418 -14.67 -29.55 33.54
N LYS B 419 -14.14 -28.69 34.43
CA LYS B 419 -14.87 -27.51 34.87
C LYS B 419 -15.11 -26.53 33.73
N GLN B 420 -14.13 -26.40 32.83
CA GLN B 420 -14.35 -25.60 31.62
C GLN B 420 -15.40 -26.22 30.72
N MET B 421 -15.44 -27.55 30.66
CA MET B 421 -16.46 -28.25 29.87
C MET B 421 -17.87 -28.00 30.44
N TRP B 422 -17.98 -27.93 31.77
CA TRP B 422 -19.27 -27.67 32.38
C TRP B 422 -19.72 -26.24 32.14
N ASP B 423 -18.78 -25.30 32.09
CA ASP B 423 -19.09 -23.88 31.89
C ASP B 423 -18.89 -23.56 30.41
N GLY B 424 -19.94 -23.76 29.61
CA GLY B 424 -19.91 -23.42 28.20
C GLY B 424 -20.43 -24.51 27.27
N GLY B 425 -20.63 -25.74 27.73
CA GLY B 425 -21.09 -26.78 26.83
C GLY B 425 -19.99 -27.25 25.89
N LEU B 426 -20.41 -27.70 24.71
CA LEU B 426 -19.47 -28.22 23.71
C LEU B 426 -19.03 -27.18 22.69
N GLN B 427 -19.87 -26.20 22.37
CA GLN B 427 -19.50 -25.22 21.36
C GLN B 427 -18.50 -24.19 21.90
N ASP B 428 -18.60 -23.84 23.17
CA ASP B 428 -17.63 -22.90 23.74
C ASP B 428 -16.25 -23.53 23.87
N TYR B 429 -16.20 -24.83 24.20
CA TYR B 429 -14.92 -25.52 24.29
C TYR B 429 -14.27 -25.68 22.93
N ILE B 430 -15.05 -26.09 21.93
CA ILE B 430 -14.49 -26.28 20.59
C ILE B 430 -14.29 -24.95 19.87
N HIS B 431 -14.86 -23.86 20.40
CA HIS B 431 -14.69 -22.55 19.78
C HIS B 431 -13.26 -22.04 19.93
N ASP B 432 -12.66 -22.24 21.10
CA ASP B 432 -11.29 -21.83 21.33
C ASP B 432 -10.35 -22.97 20.95
N TRP B 433 -9.36 -22.65 20.11
CA TRP B 433 -8.39 -23.67 19.70
C TRP B 433 -7.49 -24.09 20.86
N TRP B 434 -7.29 -23.21 21.84
CA TRP B 434 -6.44 -23.54 22.97
C TRP B 434 -7.09 -24.58 23.87
N ASN B 435 -8.43 -24.57 23.98
CA ASN B 435 -9.11 -25.64 24.68
C ASN B 435 -8.94 -26.97 23.95
N LEU B 436 -8.92 -26.94 22.61
CA LEU B 436 -8.61 -28.15 21.86
C LEU B 436 -7.19 -28.65 22.13
N MET B 437 -6.22 -27.72 22.20
CA MET B 437 -4.86 -28.12 22.51
C MET B 437 -4.75 -28.70 23.92
N ASP B 438 -5.47 -28.11 24.88
CA ASP B 438 -5.51 -28.66 26.23
C ASP B 438 -6.16 -30.04 26.25
N PHE B 439 -7.20 -30.23 25.43
CA PHE B 439 -7.86 -31.52 25.36
C PHE B 439 -6.94 -32.60 24.83
N VAL B 440 -6.20 -32.31 23.76
CA VAL B 440 -5.27 -33.33 23.25
C VAL B 440 -4.08 -33.52 24.19
N MET B 441 -3.67 -32.48 24.93
CA MET B 441 -2.62 -32.65 25.92
C MET B 441 -3.05 -33.58 27.04
N ASN B 442 -4.27 -33.39 27.55
CA ASN B 442 -4.76 -34.26 28.62
C ASN B 442 -5.06 -35.66 28.10
N SER B 443 -5.47 -35.79 26.84
CA SER B 443 -5.65 -37.11 26.26
C SER B 443 -4.33 -37.86 26.17
N LEU B 444 -3.26 -37.18 25.74
CA LEU B 444 -1.95 -37.81 25.68
C LEU B 444 -1.44 -38.19 27.06
N TYR B 445 -1.66 -37.32 28.06
CA TYR B 445 -1.23 -37.63 29.42
C TYR B 445 -1.98 -38.81 30.00
N LEU B 446 -3.30 -38.88 29.78
CA LEU B 446 -4.09 -40.01 30.24
C LEU B 446 -3.68 -41.29 29.54
N ALA B 447 -3.37 -41.21 28.24
CA ALA B 447 -2.89 -42.38 27.52
C ALA B 447 -1.52 -42.84 28.02
N THR B 448 -0.67 -41.89 28.39
CA THR B 448 0.63 -42.23 28.98
C THR B 448 0.45 -42.96 30.31
N ILE B 449 -0.44 -42.45 31.16
CA ILE B 449 -0.71 -43.10 32.45
C ILE B 449 -1.29 -44.49 32.24
N SER B 450 -2.23 -44.62 31.30
CA SER B 450 -2.85 -45.92 31.03
C SER B 450 -1.83 -46.92 30.49
N LEU B 451 -0.94 -46.48 29.59
CA LEU B 451 0.08 -47.37 29.06
C LEU B 451 1.10 -47.76 30.12
N LYS B 452 1.44 -46.84 31.02
CA LYS B 452 2.34 -47.19 32.11
C LYS B 452 1.70 -48.22 33.05
N ILE B 453 0.40 -48.07 33.32
CA ILE B 453 -0.31 -49.03 34.15
C ILE B 453 -0.37 -50.40 33.46
N VAL B 454 -0.65 -50.40 32.15
CA VAL B 454 -0.72 -51.65 31.38
C VAL B 454 0.64 -52.34 31.36
N ALA B 455 1.72 -51.57 31.24
CA ALA B 455 3.06 -52.15 31.31
C ALA B 455 3.35 -52.71 32.69
N PHE B 456 2.92 -52.01 33.75
CA PHE B 456 3.18 -52.45 35.11
C PHE B 456 2.45 -53.75 35.44
N VAL B 457 1.18 -53.87 35.04
CA VAL B 457 0.44 -55.10 35.33
C VAL B 457 0.96 -56.24 34.45
N LYS B 458 1.40 -55.93 33.23
CA LYS B 458 1.97 -56.95 32.36
C LYS B 458 3.49 -56.95 32.43
N ARG B 465 16.15 -52.74 27.07
CA ARG B 465 16.38 -52.10 25.79
C ARG B 465 17.03 -53.08 24.81
N GLU B 466 16.89 -52.79 23.52
CA GLU B 466 17.44 -53.57 22.40
C GLU B 466 16.89 -55.00 22.35
N SER B 467 15.81 -55.29 23.08
CA SER B 467 15.18 -56.60 23.03
C SER B 467 13.66 -56.55 22.95
N TRP B 468 13.02 -55.47 23.35
CA TRP B 468 11.57 -55.38 23.37
C TRP B 468 11.02 -55.09 21.98
N ASP B 469 9.76 -55.46 21.78
CA ASP B 469 9.06 -55.12 20.54
C ASP B 469 8.82 -53.62 20.48
N MET B 470 8.72 -53.10 19.26
CA MET B 470 8.51 -51.66 19.08
C MET B 470 7.12 -51.22 19.53
N TRP B 471 6.19 -52.15 19.75
CA TRP B 471 4.88 -51.84 20.30
C TRP B 471 4.80 -52.13 21.79
N HIS B 472 5.93 -52.12 22.50
CA HIS B 472 5.90 -52.20 23.94
C HIS B 472 5.24 -50.97 24.53
N PRO B 473 4.38 -51.12 25.55
CA PRO B 473 3.74 -49.94 26.14
C PRO B 473 4.70 -48.95 26.78
N THR B 474 5.91 -49.37 27.16
CA THR B 474 6.88 -48.42 27.71
C THR B 474 7.35 -47.43 26.65
N LEU B 475 7.68 -47.91 25.45
CA LEU B 475 8.16 -47.03 24.39
C LEU B 475 7.08 -46.09 23.90
N VAL B 476 5.86 -46.61 23.68
CA VAL B 476 4.77 -45.77 23.23
C VAL B 476 4.36 -44.78 24.31
N ALA B 477 4.44 -45.19 25.59
CA ALA B 477 4.16 -44.28 26.69
C ALA B 477 5.18 -43.16 26.75
N GLU B 478 6.46 -43.48 26.53
CA GLU B 478 7.50 -42.45 26.52
C GLU B 478 7.31 -41.48 25.36
N ALA B 479 6.96 -42.00 24.18
CA ALA B 479 6.72 -41.14 23.02
C ALA B 479 5.52 -40.22 23.24
N LEU B 480 4.43 -40.77 23.79
CA LEU B 480 3.26 -39.96 24.09
C LEU B 480 3.55 -38.91 25.15
N PHE B 481 4.38 -39.26 26.14
CA PHE B 481 4.79 -38.29 27.14
C PHE B 481 5.62 -37.18 26.52
N ALA B 482 6.47 -37.51 25.54
CA ALA B 482 7.26 -36.48 24.87
C ALA B 482 6.39 -35.53 24.07
N ILE B 483 5.39 -36.05 23.35
CA ILE B 483 4.51 -35.17 22.57
C ILE B 483 3.64 -34.34 23.50
N ALA B 484 3.19 -34.92 24.62
CA ALA B 484 2.44 -34.15 25.61
C ALA B 484 3.30 -33.06 26.24
N ASN B 485 4.60 -33.33 26.45
CA ASN B 485 5.52 -32.30 26.92
C ASN B 485 5.64 -31.16 25.90
N ILE B 486 5.67 -31.52 24.62
CA ILE B 486 5.74 -30.51 23.56
C ILE B 486 4.51 -29.60 23.61
N PHE B 487 3.33 -30.20 23.73
CA PHE B 487 2.10 -29.42 23.78
C PHE B 487 2.04 -28.57 25.05
N SER B 488 2.48 -29.13 26.18
CA SER B 488 2.41 -28.43 27.45
C SER B 488 3.36 -27.24 27.48
N SER B 489 4.51 -27.37 26.81
CA SER B 489 5.42 -26.23 26.77
C SER B 489 5.05 -25.23 25.68
N LEU B 490 4.33 -25.65 24.64
CA LEU B 490 3.79 -24.72 23.66
C LEU B 490 2.59 -23.96 24.19
N ARG B 491 1.97 -24.47 25.27
CA ARG B 491 0.91 -23.76 25.98
C ARG B 491 1.35 -22.41 26.53
N LEU B 492 2.65 -22.18 26.73
CA LEU B 492 3.11 -20.91 27.28
C LEU B 492 2.91 -19.74 26.31
N ILE B 493 2.82 -20.00 25.01
CA ILE B 493 2.71 -18.89 24.05
C ILE B 493 1.36 -18.19 24.12
N SER B 494 0.38 -18.80 24.80
CA SER B 494 -0.92 -18.19 24.97
C SER B 494 -0.96 -17.17 26.10
N LEU B 495 0.09 -17.10 26.91
CA LEU B 495 0.17 -16.12 27.99
C LEU B 495 0.72 -14.78 27.53
N PHE B 496 1.03 -14.64 26.24
CA PHE B 496 1.50 -13.38 25.70
C PHE B 496 0.39 -12.37 25.48
N THR B 497 -0.88 -12.80 25.55
CA THR B 497 -1.99 -11.86 25.43
C THR B 497 -2.03 -10.88 26.59
N ALA B 498 -1.60 -11.31 27.78
CA ALA B 498 -1.52 -10.40 28.91
C ALA B 498 -0.45 -9.34 28.69
N ASN B 499 0.68 -9.71 28.09
CA ASN B 499 1.71 -8.75 27.78
C ASN B 499 1.29 -7.86 26.61
N SER B 500 1.77 -6.63 26.62
CA SER B 500 1.43 -5.67 25.58
C SER B 500 2.32 -5.79 24.36
N HIS B 501 3.57 -6.23 24.53
CA HIS B 501 4.50 -6.28 23.41
C HIS B 501 4.22 -7.46 22.49
N LEU B 502 3.84 -8.61 23.04
CA LEU B 502 3.69 -9.83 22.27
C LEU B 502 2.24 -10.23 22.01
N GLY B 503 1.28 -9.48 22.52
CA GLY B 503 -0.12 -9.80 22.37
C GLY B 503 -0.66 -9.79 20.95
N PRO B 504 -0.60 -8.62 20.28
CA PRO B 504 -1.05 -8.55 18.88
C PRO B 504 -0.31 -9.50 17.96
N LEU B 505 0.96 -9.77 18.26
CA LEU B 505 1.74 -10.77 17.53
C LEU B 505 1.05 -12.13 17.56
N GLN B 506 0.73 -12.61 18.76
CA GLN B 506 0.11 -13.93 18.91
C GLN B 506 -1.28 -13.96 18.31
N ILE B 507 -2.05 -12.88 18.46
CA ILE B 507 -3.41 -12.87 17.93
C ILE B 507 -3.39 -12.85 16.39
N SER B 508 -2.47 -12.08 15.80
CA SER B 508 -2.34 -12.04 14.34
C SER B 508 -1.93 -13.40 13.80
N LEU B 509 -1.00 -14.07 14.49
CA LEU B 509 -0.63 -15.42 14.09
C LEU B 509 -1.81 -16.39 14.21
N GLY B 510 -2.59 -16.24 15.28
CA GLY B 510 -3.71 -17.14 15.51
C GLY B 510 -4.80 -17.01 14.46
N ARG B 511 -5.02 -15.80 13.96
CA ARG B 511 -6.03 -15.66 12.91
C ARG B 511 -5.46 -15.61 11.50
N MET B 512 -4.13 -15.78 11.35
CA MET B 512 -3.59 -16.11 10.03
C MET B 512 -3.32 -17.61 9.85
N LEU B 513 -3.42 -18.38 10.94
CA LEU B 513 -3.29 -19.83 10.84
C LEU B 513 -4.32 -20.45 9.89
N LEU B 514 -5.50 -19.83 9.76
CA LEU B 514 -6.51 -20.32 8.83
C LEU B 514 -6.04 -20.17 7.38
N ASP B 515 -5.43 -19.04 7.04
CA ASP B 515 -4.89 -18.87 5.68
C ASP B 515 -3.72 -19.81 5.44
N ILE B 516 -2.91 -20.05 6.47
CA ILE B 516 -1.81 -21.02 6.35
C ILE B 516 -2.35 -22.41 6.03
N LEU B 517 -3.41 -22.82 6.73
CA LEU B 517 -4.02 -24.13 6.48
C LEU B 517 -4.66 -24.19 5.11
N LYS B 518 -5.28 -23.09 4.66
CA LYS B 518 -5.88 -23.05 3.34
C LYS B 518 -4.84 -23.17 2.24
N PHE B 519 -3.63 -22.67 2.46
CA PHE B 519 -2.55 -22.92 1.51
C PHE B 519 -2.02 -24.36 1.63
N LEU B 520 -1.95 -24.89 2.85
CA LEU B 520 -1.40 -26.22 3.04
C LEU B 520 -2.30 -27.31 2.48
N PHE B 521 -3.59 -27.04 2.28
CA PHE B 521 -4.44 -27.99 1.56
C PHE B 521 -3.99 -28.16 0.11
N ILE B 522 -3.72 -27.05 -0.57
CA ILE B 522 -3.22 -27.09 -1.95
C ILE B 522 -1.85 -27.75 -1.98
N TYR B 523 -1.00 -27.46 -0.98
CA TYR B 523 0.28 -28.15 -0.90
C TYR B 523 0.11 -29.65 -0.70
N CYS B 524 -0.89 -30.06 0.09
CA CYS B 524 -1.17 -31.48 0.28
C CYS B 524 -1.55 -32.16 -1.04
N LEU B 525 -2.38 -31.48 -1.84
CA LEU B 525 -2.76 -32.04 -3.14
C LEU B 525 -1.55 -32.20 -4.06
N VAL B 526 -0.69 -31.18 -4.11
CA VAL B 526 0.51 -31.25 -4.95
C VAL B 526 1.45 -32.35 -4.47
N LEU B 527 1.62 -32.46 -3.16
CA LEU B 527 2.47 -33.48 -2.57
C LEU B 527 1.97 -34.88 -2.89
N LEU B 528 0.66 -35.08 -2.78
CA LEU B 528 0.07 -36.39 -3.09
C LEU B 528 0.26 -36.73 -4.57
N ALA B 529 0.08 -35.75 -5.46
CA ALA B 529 0.25 -36.01 -6.90
C ALA B 529 1.68 -36.42 -7.23
N PHE B 530 2.65 -35.65 -6.75
CA PHE B 530 4.05 -35.98 -7.07
C PHE B 530 4.49 -37.27 -6.39
N ALA B 531 3.96 -37.57 -5.19
CA ALA B 531 4.30 -38.82 -4.53
C ALA B 531 3.72 -40.01 -5.26
N ASN B 532 2.50 -39.88 -5.80
CA ASN B 532 1.92 -40.95 -6.60
C ASN B 532 2.74 -41.20 -7.85
N GLY B 533 3.20 -40.12 -8.51
CA GLY B 533 4.04 -40.29 -9.68
C GLY B 533 5.37 -40.98 -9.37
N LEU B 534 6.03 -40.56 -8.28
CA LEU B 534 7.30 -41.16 -7.92
C LEU B 534 7.14 -42.60 -7.46
N ASN B 535 6.02 -42.93 -6.80
CA ASN B 535 5.72 -44.32 -6.48
C ASN B 535 5.58 -45.17 -7.73
N GLN B 536 4.80 -44.68 -8.70
CA GLN B 536 4.60 -45.48 -9.90
C GLN B 536 5.90 -45.68 -10.68
N LEU B 537 6.73 -44.64 -10.75
CA LEU B 537 8.01 -44.77 -11.45
C LEU B 537 9.01 -45.65 -10.72
N TYR B 538 9.17 -45.52 -9.41
CA TYR B 538 10.36 -46.01 -8.72
C TYR B 538 10.16 -47.28 -7.91
N PHE B 539 8.99 -47.93 -7.98
CA PHE B 539 8.77 -49.05 -7.07
C PHE B 539 9.14 -50.40 -7.66
N TYR B 540 9.73 -50.45 -8.86
CA TYR B 540 10.27 -51.70 -9.35
C TYR B 540 11.71 -51.94 -8.94
N TYR B 541 12.35 -50.96 -8.32
CA TYR B 541 13.75 -51.06 -7.89
C TYR B 541 13.85 -51.01 -6.38
N GLU B 542 12.94 -51.71 -5.69
CA GLU B 542 12.95 -51.76 -4.23
C GLU B 542 14.05 -52.72 -3.78
N GLU B 543 15.13 -52.17 -3.23
CA GLU B 543 16.24 -52.99 -2.79
C GLU B 543 15.87 -53.77 -1.54
N THR B 544 16.29 -55.04 -1.50
CA THR B 544 15.96 -55.93 -0.40
C THR B 544 17.16 -56.56 0.29
N LYS B 545 18.30 -56.65 -0.38
CA LYS B 545 19.45 -57.39 0.14
C LYS B 545 20.61 -56.45 0.43
N GLY B 546 21.28 -56.69 1.56
CA GLY B 546 22.50 -55.98 1.88
C GLY B 546 22.34 -54.58 2.40
N LEU B 547 21.15 -54.21 2.88
CA LEU B 547 20.90 -52.86 3.39
C LEU B 547 20.96 -52.90 4.90
N THR B 548 21.92 -52.17 5.48
CA THR B 548 21.98 -52.05 6.93
C THR B 548 20.94 -51.06 7.45
N CYS B 549 20.39 -50.22 6.57
CA CYS B 549 19.41 -49.22 6.97
C CYS B 549 18.53 -48.90 5.77
N LYS B 550 17.22 -49.09 5.93
CA LYS B 550 16.27 -48.76 4.86
C LYS B 550 15.61 -47.42 5.13
N GLY B 551 15.41 -46.65 4.08
CA GLY B 551 14.71 -45.39 4.17
C GLY B 551 15.64 -44.20 4.02
N ILE B 552 15.03 -43.01 4.10
CA ILE B 552 15.77 -41.77 3.97
C ILE B 552 16.52 -41.39 5.25
N ARG B 553 16.16 -41.98 6.38
CA ARG B 553 16.76 -41.62 7.66
C ARG B 553 17.96 -42.52 7.97
N CYS B 554 18.93 -42.48 7.07
CA CYS B 554 20.16 -43.26 7.19
C CYS B 554 21.34 -42.39 6.82
N GLU B 555 22.54 -42.87 7.15
CA GLU B 555 23.76 -42.15 6.79
C GLU B 555 23.97 -42.17 5.28
N LYS B 556 23.57 -43.26 4.63
CA LYS B 556 23.58 -43.37 3.18
C LYS B 556 22.13 -43.57 2.74
N GLN B 557 21.55 -42.54 2.12
CA GLN B 557 20.14 -42.55 1.82
C GLN B 557 19.83 -43.52 0.69
N ASN B 558 18.83 -44.37 0.90
CA ASN B 558 18.41 -45.34 -0.11
C ASN B 558 16.94 -45.67 0.10
N ASN B 559 16.33 -46.24 -0.94
CA ASN B 559 14.92 -46.64 -0.94
C ASN B 559 14.00 -45.47 -0.58
N ALA B 560 14.31 -44.30 -1.15
CA ALA B 560 13.54 -43.10 -0.83
C ALA B 560 12.15 -43.14 -1.43
N PHE B 561 11.99 -43.74 -2.61
CA PHE B 561 10.72 -43.71 -3.33
C PHE B 561 10.17 -45.10 -3.60
N SER B 562 10.49 -46.08 -2.75
CA SER B 562 10.03 -47.45 -3.00
C SER B 562 8.54 -47.60 -2.69
N THR B 563 8.08 -47.03 -1.58
CA THR B 563 6.68 -47.14 -1.19
C THR B 563 6.08 -45.74 -1.06
N LEU B 564 4.77 -45.71 -0.85
CA LEU B 564 4.05 -44.43 -0.79
C LEU B 564 4.43 -43.64 0.45
N PHE B 565 4.58 -44.32 1.59
CA PHE B 565 4.84 -43.62 2.84
C PHE B 565 6.24 -43.02 2.84
N GLU B 566 7.23 -43.78 2.36
CA GLU B 566 8.57 -43.25 2.20
C GLU B 566 8.61 -42.13 1.18
N THR B 567 7.79 -42.20 0.13
CA THR B 567 7.75 -41.13 -0.85
C THR B 567 7.17 -39.85 -0.26
N LEU B 568 6.12 -39.98 0.55
CA LEU B 568 5.58 -38.81 1.26
C LEU B 568 6.60 -38.19 2.19
N GLN B 569 7.32 -39.03 2.95
CA GLN B 569 8.35 -38.51 3.86
C GLN B 569 9.49 -37.84 3.09
N SER B 570 9.93 -38.44 1.99
CA SER B 570 11.04 -37.88 1.23
C SER B 570 10.63 -36.58 0.53
N LEU B 571 9.41 -36.51 0.02
CA LEU B 571 8.97 -35.27 -0.62
C LEU B 571 8.68 -34.19 0.41
N PHE B 572 8.36 -34.57 1.66
CA PHE B 572 8.28 -33.57 2.71
C PHE B 572 9.66 -33.03 3.05
N TRP B 573 10.63 -33.92 3.24
CA TRP B 573 11.97 -33.48 3.61
C TRP B 573 12.70 -32.80 2.47
N SER B 574 12.22 -32.95 1.23
CA SER B 574 12.84 -32.27 0.10
C SER B 574 12.67 -30.76 0.15
N ILE B 575 11.71 -30.26 0.93
CA ILE B 575 11.52 -28.82 1.07
C ILE B 575 12.74 -28.19 1.74
N PHE B 576 13.24 -28.82 2.81
CA PHE B 576 14.32 -28.28 3.60
C PHE B 576 15.69 -28.67 3.08
N GLY B 577 15.77 -29.32 1.92
CA GLY B 577 17.05 -29.67 1.34
C GLY B 577 17.77 -30.80 2.04
N LEU B 578 17.05 -31.63 2.79
CA LEU B 578 17.63 -32.71 3.57
C LEU B 578 17.59 -34.05 2.85
N ILE B 579 17.19 -34.07 1.59
CA ILE B 579 17.22 -35.27 0.77
C ILE B 579 18.23 -35.05 -0.35
N ASN B 580 19.27 -35.88 -0.38
CA ASN B 580 20.34 -35.71 -1.34
C ASN B 580 19.89 -36.16 -2.73
N LEU B 581 20.72 -35.82 -3.72
CA LEU B 581 20.36 -36.04 -5.11
C LEU B 581 20.54 -37.49 -5.56
N TYR B 582 21.31 -38.30 -4.83
CA TYR B 582 21.57 -39.66 -5.28
C TYR B 582 20.49 -40.65 -4.87
N VAL B 583 19.41 -40.19 -4.23
CA VAL B 583 18.30 -41.07 -3.93
C VAL B 583 17.50 -41.42 -5.17
N THR B 584 17.71 -40.68 -6.27
CA THR B 584 17.03 -40.93 -7.53
C THR B 584 17.85 -41.82 -8.47
N ASN B 585 18.98 -42.34 -8.02
CA ASN B 585 19.83 -43.20 -8.82
C ASN B 585 19.59 -44.65 -8.42
N VAL B 586 19.07 -45.45 -9.36
CA VAL B 586 18.81 -46.86 -9.10
C VAL B 586 20.10 -47.66 -9.28
N LYS B 587 20.10 -48.91 -8.82
CA LYS B 587 21.27 -49.76 -8.96
C LYS B 587 21.44 -50.24 -10.40
N ALA B 588 20.38 -50.22 -11.19
CA ALA B 588 20.42 -50.73 -12.55
C ALA B 588 21.04 -49.69 -13.50
N GLN B 589 20.96 -49.96 -14.79
CA GLN B 589 21.56 -49.13 -15.83
C GLN B 589 20.53 -48.20 -16.47
N HIS B 590 19.26 -48.31 -16.09
CA HIS B 590 18.17 -47.60 -16.77
C HIS B 590 18.27 -46.11 -16.45
N GLU B 591 19.09 -45.43 -17.27
CA GLU B 591 19.34 -44.01 -17.06
C GLU B 591 18.15 -43.14 -17.45
N PHE B 592 17.26 -43.64 -18.31
CA PHE B 592 16.09 -42.87 -18.68
C PHE B 592 15.12 -42.73 -17.51
N THR B 593 14.87 -43.82 -16.78
CA THR B 593 13.99 -43.73 -15.62
C THR B 593 14.64 -42.91 -14.51
N GLU B 594 15.97 -42.99 -14.37
CA GLU B 594 16.67 -42.13 -13.43
C GLU B 594 16.52 -40.67 -13.80
N PHE B 595 16.59 -40.34 -15.10
CA PHE B 595 16.42 -38.96 -15.53
C PHE B 595 14.99 -38.49 -15.35
N VAL B 596 14.01 -39.37 -15.59
CA VAL B 596 12.61 -38.99 -15.37
C VAL B 596 12.34 -38.75 -13.90
N GLY B 597 12.92 -39.59 -13.03
CA GLY B 597 12.81 -39.35 -11.60
C GLY B 597 13.50 -38.07 -11.16
N ALA B 598 14.66 -37.78 -11.75
CA ALA B 598 15.38 -36.55 -11.43
C ALA B 598 14.61 -35.32 -11.87
N THR B 599 14.02 -35.35 -13.07
CA THR B 599 13.26 -34.18 -13.52
C THR B 599 11.93 -34.06 -12.82
N MET B 600 11.39 -35.17 -12.33
CA MET B 600 10.16 -35.13 -11.54
C MET B 600 10.42 -34.55 -10.16
N PHE B 601 11.54 -34.95 -9.55
CA PHE B 601 12.00 -34.34 -8.31
C PHE B 601 12.29 -32.86 -8.49
N GLY B 602 12.93 -32.52 -9.61
CA GLY B 602 13.24 -31.11 -9.89
C GLY B 602 11.97 -30.30 -10.01
N THR B 603 11.01 -30.78 -10.81
CA THR B 603 9.76 -30.01 -11.03
C THR B 603 9.02 -29.84 -9.71
N TYR B 604 8.98 -30.89 -8.89
CA TYR B 604 8.34 -30.76 -7.55
C TYR B 604 9.09 -29.69 -6.77
N ASN B 605 10.42 -29.78 -6.72
CA ASN B 605 11.19 -28.81 -5.95
C ASN B 605 10.94 -27.39 -6.44
N VAL B 606 10.80 -27.21 -7.76
CA VAL B 606 10.45 -25.91 -8.31
C VAL B 606 9.09 -25.46 -7.78
N ILE B 607 8.09 -26.35 -7.89
CA ILE B 607 6.71 -26.01 -7.51
C ILE B 607 6.63 -25.68 -6.03
N SER B 608 7.31 -26.45 -5.19
CA SER B 608 7.24 -26.22 -3.75
C SER B 608 8.06 -25.00 -3.33
N LEU B 609 9.34 -24.95 -3.69
CA LEU B 609 10.21 -23.91 -3.16
C LEU B 609 10.02 -22.58 -3.89
N VAL B 610 10.11 -22.56 -5.21
CA VAL B 610 10.10 -21.32 -5.97
C VAL B 610 8.69 -20.74 -6.07
N VAL B 611 7.70 -21.57 -6.40
CA VAL B 611 6.37 -21.06 -6.70
C VAL B 611 5.50 -20.97 -5.45
N LEU B 612 5.23 -22.12 -4.82
CA LEU B 612 4.21 -22.17 -3.77
C LEU B 612 4.68 -21.48 -2.50
N LEU B 613 5.97 -21.58 -2.15
CA LEU B 613 6.45 -20.94 -0.93
C LEU B 613 6.40 -19.43 -1.04
N ASN B 614 6.81 -18.88 -2.19
CA ASN B 614 6.73 -17.43 -2.37
C ASN B 614 5.28 -16.96 -2.54
N MET B 615 4.40 -17.82 -3.08
CA MET B 615 2.98 -17.51 -3.06
C MET B 615 2.45 -17.43 -1.64
N LEU B 616 2.92 -18.33 -0.77
CA LEU B 616 2.56 -18.26 0.64
C LEU B 616 3.08 -16.98 1.27
N ILE B 617 4.27 -16.54 0.88
CA ILE B 617 4.81 -15.27 1.38
C ILE B 617 3.92 -14.11 0.98
N ALA B 618 3.50 -14.07 -0.29
CA ALA B 618 2.66 -12.97 -0.76
C ALA B 618 1.28 -12.98 -0.10
N MET B 619 0.70 -14.18 0.05
CA MET B 619 -0.60 -14.30 0.72
C MET B 619 -0.50 -13.90 2.19
N MET B 620 0.60 -14.27 2.85
CA MET B 620 0.84 -13.83 4.21
C MET B 620 1.04 -12.32 4.30
N ASN B 621 1.68 -11.72 3.30
CA ASN B 621 1.83 -10.27 3.27
C ASN B 621 0.48 -9.57 3.25
N ASN B 622 -0.39 -10.00 2.33
CA ASN B 622 -1.72 -9.39 2.22
C ASN B 622 -2.56 -9.65 3.47
N SER B 623 -2.50 -10.88 3.98
CA SER B 623 -3.29 -11.23 5.16
C SER B 623 -2.82 -10.46 6.39
N TYR B 624 -1.50 -10.28 6.55
CA TYR B 624 -1.01 -9.54 7.71
C TYR B 624 -1.28 -8.06 7.56
N GLN B 625 -1.32 -7.55 6.34
CA GLN B 625 -1.77 -6.16 6.13
C GLN B 625 -3.21 -6.00 6.60
N LEU B 626 -4.10 -6.91 6.15
CA LEU B 626 -5.51 -6.82 6.53
C LEU B 626 -5.72 -7.05 8.02
N ILE B 627 -4.83 -7.82 8.65
CA ILE B 627 -5.02 -8.12 10.07
C ILE B 627 -4.44 -7.03 10.95
N ALA B 628 -3.24 -6.55 10.64
CA ALA B 628 -2.63 -5.50 11.43
C ALA B 628 -3.11 -4.11 11.06
N ASP B 629 -4.04 -3.99 10.10
CA ASP B 629 -4.80 -2.76 9.99
C ASP B 629 -5.56 -2.46 11.28
N HIS B 630 -6.36 -3.43 11.75
CA HIS B 630 -6.95 -3.35 13.09
C HIS B 630 -6.78 -4.69 13.79
N ALA B 631 -5.58 -4.94 14.30
CA ALA B 631 -5.34 -6.03 15.25
C ALA B 631 -5.32 -5.60 16.71
N ASP B 632 -5.25 -4.29 16.99
CA ASP B 632 -5.24 -3.85 18.40
C ASP B 632 -6.56 -4.12 19.09
N ILE B 633 -7.68 -3.94 18.38
CA ILE B 633 -8.98 -4.24 18.97
C ILE B 633 -9.13 -5.74 19.22
N GLU B 634 -8.59 -6.56 18.31
CA GLU B 634 -8.61 -8.01 18.52
C GLU B 634 -7.77 -8.42 19.71
N TRP B 635 -6.59 -7.79 19.87
CA TRP B 635 -5.75 -8.10 21.02
C TRP B 635 -6.40 -7.67 22.33
N LYS B 636 -7.04 -6.49 22.34
CA LYS B 636 -7.72 -6.05 23.55
C LYS B 636 -8.93 -6.92 23.87
N PHE B 637 -9.60 -7.42 22.83
CA PHE B 637 -10.70 -8.37 23.01
C PHE B 637 -10.19 -9.67 23.64
N ALA B 638 -9.06 -10.18 23.16
CA ALA B 638 -8.50 -11.40 23.73
C ALA B 638 -8.03 -11.19 25.16
N ARG B 639 -7.42 -10.03 25.44
CA ARG B 639 -6.97 -9.72 26.80
C ARG B 639 -8.15 -9.58 27.75
N THR B 640 -9.24 -8.98 27.29
CA THR B 640 -10.46 -8.91 28.09
C THR B 640 -11.05 -10.29 28.32
N LYS B 641 -10.99 -11.17 27.32
CA LYS B 641 -11.44 -12.55 27.51
C LYS B 641 -10.62 -13.25 28.58
N LEU B 642 -9.30 -13.07 28.57
CA LEU B 642 -8.44 -13.65 29.60
C LEU B 642 -8.75 -13.08 30.98
N TRP B 643 -8.86 -11.74 31.06
CA TRP B 643 -9.12 -11.07 32.33
C TRP B 643 -10.46 -11.49 32.92
N MET B 644 -11.49 -11.59 32.08
CA MET B 644 -12.81 -11.92 32.57
C MET B 644 -12.99 -13.41 32.80
N SER B 645 -12.16 -14.25 32.16
CA SER B 645 -12.10 -15.64 32.58
C SER B 645 -11.46 -15.77 33.94
N TYR B 646 -10.53 -14.89 34.28
CA TYR B 646 -9.92 -14.89 35.60
C TYR B 646 -10.64 -13.99 36.60
N PHE B 647 -11.75 -13.35 36.21
CA PHE B 647 -12.55 -12.57 37.14
C PHE B 647 -13.52 -13.42 37.96
N GLU B 648 -13.77 -14.65 37.54
CA GLU B 648 -14.82 -15.46 38.16
C GLU B 648 -14.39 -15.97 39.52
N GLU B 649 -15.36 -16.07 40.44
CA GLU B 649 -15.12 -16.66 41.75
C GLU B 649 -14.78 -18.14 41.66
N GLY B 650 -15.29 -18.85 40.65
CA GLY B 650 -14.86 -20.20 40.43
C GLY B 650 -13.48 -20.26 39.81
N GLY B 651 -12.75 -21.33 40.15
CA GLY B 651 -11.39 -21.47 39.67
C GLY B 651 -10.40 -20.53 40.33
N THR B 652 -10.71 -20.00 41.50
CA THR B 652 -9.77 -19.19 42.25
C THR B 652 -8.56 -19.99 42.73
N LEU B 653 -8.72 -21.28 42.97
CA LEU B 653 -7.62 -22.13 43.37
C LEU B 653 -6.88 -22.63 42.14
N PRO B 654 -5.55 -22.47 42.08
CA PRO B 654 -4.79 -23.06 40.99
C PRO B 654 -4.84 -24.58 41.04
N THR B 655 -4.61 -25.19 39.88
CA THR B 655 -4.68 -26.63 39.64
C THR B 655 -3.88 -27.50 40.62
N PRO B 656 -2.82 -27.00 41.29
CA PRO B 656 -2.31 -27.72 42.46
C PRO B 656 -3.36 -28.07 43.50
N PHE B 657 -4.06 -27.08 44.06
CA PHE B 657 -4.87 -27.29 45.25
C PHE B 657 -6.37 -27.24 45.03
N ASN B 658 -6.86 -27.29 43.79
CA ASN B 658 -8.30 -27.45 43.62
C ASN B 658 -8.70 -28.91 43.46
N VAL B 659 -7.76 -29.83 43.52
CA VAL B 659 -8.04 -31.25 43.39
C VAL B 659 -8.66 -31.80 44.67
N ARG B 695 -36.60 -8.36 45.95
CA ARG B 695 -35.88 -8.69 44.72
C ARG B 695 -36.52 -7.99 43.53
N ALA B 696 -37.86 -7.94 43.53
CA ALA B 696 -38.58 -7.22 42.47
C ALA B 696 -38.31 -5.74 42.53
N ALA B 697 -38.24 -5.17 43.73
CA ALA B 697 -37.92 -3.75 43.88
C ALA B 697 -36.51 -3.44 43.41
N ASP B 698 -35.55 -4.34 43.68
CA ASP B 698 -34.19 -4.16 43.20
C ASP B 698 -34.13 -4.22 41.68
N ASN B 699 -34.88 -5.15 41.07
CA ASN B 699 -34.92 -5.23 39.61
C ASN B 699 -35.55 -3.98 39.01
N LEU B 700 -36.61 -3.47 39.64
CA LEU B 700 -37.24 -2.24 39.15
C LEU B 700 -36.30 -1.05 39.28
N ARG B 701 -35.55 -0.96 40.39
CA ARG B 701 -34.60 0.13 40.56
C ARG B 701 -33.48 0.06 39.54
N ARG B 702 -32.95 -1.13 39.29
CA ARG B 702 -31.90 -1.29 38.28
C ARG B 702 -32.43 -0.96 36.89
N HIS B 703 -33.66 -1.38 36.59
CA HIS B 703 -34.25 -1.10 35.28
C HIS B 703 -34.45 0.40 35.09
N HIS B 704 -34.93 1.10 36.12
CA HIS B 704 -35.13 2.55 35.99
C HIS B 704 -33.81 3.30 35.91
N GLN B 705 -32.80 2.86 36.67
CA GLN B 705 -31.48 3.49 36.60
C GLN B 705 -30.85 3.33 35.22
N TYR B 706 -30.90 2.12 34.68
CA TYR B 706 -30.39 1.87 33.33
C TYR B 706 -31.17 2.67 32.30
N GLN B 707 -32.49 2.73 32.44
CA GLN B 707 -33.30 3.49 31.50
C GLN B 707 -32.93 4.96 31.52
N GLU B 708 -32.85 5.57 32.70
CA GLU B 708 -32.55 7.01 32.81
C GLU B 708 -31.16 7.33 32.24
N VAL B 709 -30.17 6.51 32.62
CA VAL B 709 -28.82 6.78 32.12
C VAL B 709 -28.75 6.57 30.62
N MET B 710 -29.64 5.76 30.04
CA MET B 710 -29.48 5.51 28.62
C MET B 710 -30.36 6.47 27.81
N ARG B 711 -31.38 7.09 28.43
CA ARG B 711 -31.96 8.30 27.83
C ARG B 711 -30.89 9.37 27.71
N ASN B 712 -30.09 9.54 28.77
CA ASN B 712 -28.97 10.49 28.69
C ASN B 712 -27.99 10.12 27.59
N LEU B 713 -27.67 8.82 27.47
CA LEU B 713 -26.75 8.35 26.45
C LEU B 713 -27.28 8.60 25.03
N VAL B 714 -28.55 8.29 24.78
CA VAL B 714 -29.07 8.48 23.42
C VAL B 714 -29.24 9.96 23.10
N LYS B 715 -29.52 10.80 24.10
CA LYS B 715 -29.57 12.24 23.86
C LYS B 715 -28.21 12.77 23.46
N ARG B 716 -27.16 12.35 24.18
CA ARG B 716 -25.80 12.75 23.80
C ARG B 716 -25.42 12.20 22.44
N TYR B 717 -25.85 10.97 22.13
CA TYR B 717 -25.50 10.36 20.86
C TYR B 717 -26.14 11.08 19.68
N VAL B 718 -27.42 11.42 19.80
CA VAL B 718 -28.08 12.11 18.68
C VAL B 718 -27.56 13.53 18.56
N ALA B 719 -27.20 14.18 19.67
CA ALA B 719 -26.54 15.48 19.57
C ALA B 719 -25.20 15.36 18.85
N ALA B 720 -24.46 14.29 19.15
CA ALA B 720 -23.16 14.10 18.52
C ALA B 720 -23.27 13.82 17.03
N MET B 721 -24.22 12.99 16.61
CA MET B 721 -24.27 12.68 15.18
C MET B 721 -24.89 13.84 14.40
N ILE B 722 -25.75 14.64 15.05
CA ILE B 722 -26.24 15.86 14.41
C ILE B 722 -25.11 16.86 14.23
N ARG B 723 -24.25 17.01 15.25
CA ARG B 723 -23.10 17.91 15.13
C ARG B 723 -22.11 17.42 14.08
N ASP B 724 -21.83 16.11 14.10
CA ASP B 724 -20.86 15.54 13.13
C ASP B 724 -21.40 15.68 11.71
N ALA B 725 -22.69 15.37 11.50
CA ALA B 725 -23.24 15.39 10.15
C ALA B 725 -23.32 16.81 9.61
N LYS B 726 -23.25 17.81 10.48
CA LYS B 726 -23.32 19.20 10.05
C LYS B 726 -21.99 19.72 9.54
N THR B 727 -20.90 19.01 9.80
CA THR B 727 -19.57 19.38 9.33
C THR B 727 -18.91 18.19 8.65
N GLU B 728 -17.67 18.41 8.19
CA GLU B 728 -16.90 17.51 7.30
C GLU B 728 -17.77 16.82 6.26
N GLU B 729 -18.58 17.60 5.53
CA GLU B 729 -19.48 17.06 4.54
C GLU B 729 -19.37 17.86 3.26
N GLY B 730 -19.35 17.16 2.13
CA GLY B 730 -19.32 17.84 0.84
C GLY B 730 -20.71 18.28 0.42
N LEU B 731 -20.77 19.49 -0.14
CA LEU B 731 -22.06 20.05 -0.55
C LEU B 731 -22.58 19.40 -1.82
N THR B 732 -21.69 19.15 -2.78
CA THR B 732 -21.97 18.53 -4.08
C THR B 732 -23.01 19.31 -4.89
N GLU B 733 -23.59 18.67 -5.90
CA GLU B 733 -24.39 19.38 -6.88
C GLU B 733 -25.77 19.78 -6.34
N GLU B 734 -26.34 18.98 -5.43
CA GLU B 734 -27.70 19.25 -4.98
C GLU B 734 -27.76 20.50 -4.10
N ASN B 735 -26.77 20.70 -3.24
CA ASN B 735 -26.75 21.89 -2.38
C ASN B 735 -26.56 23.16 -3.19
N PHE B 736 -25.72 23.10 -4.23
CA PHE B 736 -25.57 24.23 -5.14
C PHE B 736 -26.86 24.51 -5.89
N LYS B 737 -27.57 23.44 -6.29
CA LYS B 737 -28.84 23.62 -6.98
C LYS B 737 -29.86 24.31 -6.08
N GLU B 738 -29.95 23.88 -4.81
CA GLU B 738 -30.87 24.52 -3.87
C GLU B 738 -30.48 25.97 -3.62
N LEU B 739 -29.19 26.22 -3.42
CA LEU B 739 -28.73 27.57 -3.09
C LEU B 739 -28.90 28.53 -4.27
N LYS B 740 -28.66 28.08 -5.49
CA LYS B 740 -28.90 28.91 -6.68
C LYS B 740 -30.39 29.11 -6.95
N GLN B 741 -31.19 28.07 -6.71
CA GLN B 741 -32.63 28.18 -6.95
C GLN B 741 -33.30 29.11 -5.94
N ASP B 742 -32.76 29.19 -4.72
CA ASP B 742 -33.27 30.17 -3.76
C ASP B 742 -33.03 31.60 -4.24
N ILE B 743 -31.85 31.87 -4.81
CA ILE B 743 -31.57 33.20 -5.36
C ILE B 743 -32.46 33.47 -6.56
N SER B 744 -32.71 32.45 -7.38
CA SER B 744 -33.59 32.61 -8.54
C SER B 744 -35.02 32.93 -8.11
N SER B 745 -35.52 32.20 -7.11
CA SER B 745 -36.87 32.44 -6.61
C SER B 745 -36.98 33.80 -5.94
N PHE B 746 -35.92 34.20 -5.22
CA PHE B 746 -35.90 35.52 -4.60
C PHE B 746 -35.92 36.62 -5.65
N ARG B 747 -35.16 36.45 -6.73
CA ARG B 747 -35.14 37.44 -7.81
C ARG B 747 -36.49 37.53 -8.48
N PHE B 748 -37.15 36.39 -8.72
CA PHE B 748 -38.46 36.43 -9.34
C PHE B 748 -39.52 37.03 -8.42
N GLU B 749 -39.40 36.79 -7.11
CA GLU B 749 -40.33 37.42 -6.16
C GLU B 749 -40.12 38.93 -6.09
N VAL B 750 -38.87 39.39 -6.14
CA VAL B 750 -38.59 40.81 -6.14
C VAL B 750 -39.11 41.46 -7.43
N LEU B 751 -38.91 40.78 -8.56
CA LEU B 751 -39.43 41.29 -9.84
C LEU B 751 -40.95 41.33 -9.85
N GLY B 752 -41.60 40.37 -9.20
CA GLY B 752 -43.04 40.44 -9.04
C GLY B 752 -43.49 41.59 -8.14
N LEU B 753 -42.74 41.82 -7.06
CA LEU B 753 -43.08 42.93 -6.16
C LEU B 753 -42.79 44.28 -6.80
N LEU B 754 -41.67 44.40 -7.50
CA LEU B 754 -41.30 45.67 -8.12
C LEU B 754 -41.32 45.57 -9.65
N ARG C 15 24.34 39.29 -17.25
CA ARG C 15 23.83 40.65 -17.26
C ARG C 15 23.08 40.95 -15.96
N ASP C 16 23.28 40.06 -14.98
CA ASP C 16 22.87 40.15 -13.57
C ASP C 16 21.36 40.32 -13.36
N ARG C 17 20.57 40.22 -14.42
CA ARG C 17 19.12 40.44 -14.34
C ARG C 17 18.47 39.95 -15.62
N ILE C 18 17.37 39.20 -15.51
CA ILE C 18 16.70 38.62 -16.67
C ILE C 18 15.55 39.56 -17.05
N PRO C 19 15.62 40.23 -18.19
CA PRO C 19 14.46 41.01 -18.64
C PRO C 19 13.36 40.11 -19.17
N LEU C 20 12.12 40.58 -19.05
CA LEU C 20 10.95 39.82 -19.45
C LEU C 20 10.14 40.62 -20.46
N ARG C 21 9.58 39.92 -21.45
CA ARG C 21 8.74 40.55 -22.46
C ARG C 21 7.73 39.52 -22.95
N ILE C 22 6.66 40.02 -23.56
CA ILE C 22 5.59 39.17 -24.07
C ILE C 22 5.94 38.78 -25.50
N VAL C 23 6.52 37.59 -25.66
CA VAL C 23 6.81 37.07 -27.00
C VAL C 23 5.52 36.67 -27.70
N ARG C 24 4.61 36.03 -26.98
CA ARG C 24 3.33 35.59 -27.54
C ARG C 24 2.35 36.76 -27.45
N ALA C 25 2.53 37.72 -28.37
CA ALA C 25 1.73 38.93 -28.35
C ALA C 25 0.34 38.67 -28.92
N GLU C 26 -0.69 39.12 -28.21
CA GLU C 26 -2.06 39.02 -28.65
C GLU C 26 -2.53 40.36 -29.20
N SER C 27 -3.82 40.46 -29.52
CA SER C 27 -4.40 41.69 -30.02
C SER C 27 -4.82 42.65 -28.92
N GLU C 28 -4.72 42.21 -27.66
CA GLU C 28 -5.05 43.00 -26.46
C GLU C 28 -6.48 43.52 -26.45
N LEU C 29 -6.78 44.46 -25.57
CA LEU C 29 -8.13 44.98 -25.42
C LEU C 29 -8.08 46.50 -25.24
N SER C 30 -8.91 47.21 -26.00
CA SER C 30 -9.11 48.62 -25.71
C SER C 30 -9.98 48.78 -24.46
N PRO C 31 -9.95 49.95 -23.79
CA PRO C 31 -10.76 50.17 -22.60
C PRO C 31 -12.24 49.86 -22.87
N SER C 32 -12.77 50.32 -24.00
CA SER C 32 -14.20 50.13 -24.23
C SER C 32 -14.54 48.65 -24.39
N GLU C 33 -13.74 47.93 -25.17
CA GLU C 33 -13.97 46.50 -25.36
C GLU C 33 -13.73 45.72 -24.08
N LYS C 34 -12.69 46.09 -23.33
CA LYS C 34 -12.44 45.44 -22.04
C LYS C 34 -13.56 45.71 -21.05
N ALA C 35 -14.08 46.95 -21.05
CA ALA C 35 -15.21 47.27 -20.19
C ALA C 35 -16.46 46.48 -20.58
N TYR C 36 -16.69 46.31 -21.88
CA TYR C 36 -17.84 45.53 -22.33
C TYR C 36 -17.71 44.06 -21.94
N LEU C 37 -16.51 43.49 -22.12
CA LEU C 37 -16.28 42.10 -21.73
C LEU C 37 -16.43 41.91 -20.23
N ASN C 38 -15.95 42.88 -19.44
CA ASN C 38 -16.14 42.82 -17.99
C ASN C 38 -17.61 42.97 -17.61
N ALA C 39 -18.37 43.74 -18.40
CA ALA C 39 -19.80 43.87 -18.15
C ALA C 39 -20.55 42.56 -18.41
N VAL C 40 -20.17 41.83 -19.46
CA VAL C 40 -20.74 40.50 -19.66
C VAL C 40 -20.28 39.55 -18.56
N GLU C 41 -19.04 39.72 -18.08
CA GLU C 41 -18.54 38.89 -16.99
C GLU C 41 -19.34 39.10 -15.70
N LYS C 42 -19.66 40.36 -15.38
CA LYS C 42 -20.43 40.64 -14.17
C LYS C 42 -21.88 40.17 -14.30
N GLY C 43 -22.48 40.35 -15.47
CA GLY C 43 -23.85 39.93 -15.71
C GLY C 43 -24.88 41.03 -15.73
N ASP C 44 -24.49 42.27 -16.01
CA ASP C 44 -25.45 43.37 -16.05
C ASP C 44 -26.28 43.27 -17.33
N TYR C 45 -27.61 43.28 -17.17
CA TYR C 45 -28.49 43.26 -18.33
C TYR C 45 -28.44 44.60 -19.07
N ALA C 46 -28.60 45.70 -18.34
CA ALA C 46 -28.77 47.00 -18.96
C ALA C 46 -27.46 47.52 -19.55
N SER C 47 -26.35 47.33 -18.84
CA SER C 47 -25.05 47.81 -19.33
C SER C 47 -24.63 47.08 -20.59
N VAL C 48 -24.81 45.76 -20.63
CA VAL C 48 -24.45 44.99 -21.81
C VAL C 48 -25.39 45.31 -22.97
N LYS C 49 -26.68 45.49 -22.67
CA LYS C 49 -27.64 45.89 -23.70
C LYS C 49 -27.27 47.25 -24.30
N LYS C 50 -26.89 48.21 -23.45
CA LYS C 50 -26.45 49.52 -23.92
C LYS C 50 -25.16 49.41 -24.73
N SER C 51 -24.26 48.52 -24.31
CA SER C 51 -23.01 48.33 -25.04
C SER C 51 -23.25 47.80 -26.46
N LEU C 52 -24.14 46.82 -26.61
CA LEU C 52 -24.43 46.33 -27.95
C LEU C 52 -25.26 47.32 -28.76
N GLU C 53 -26.10 48.13 -28.09
CA GLU C 53 -26.81 49.17 -28.83
C GLU C 53 -25.85 50.24 -29.35
N GLU C 54 -24.82 50.56 -28.57
CA GLU C 54 -23.78 51.47 -29.06
C GLU C 54 -22.92 50.81 -30.14
N ALA C 55 -22.71 49.50 -30.05
CA ALA C 55 -21.91 48.82 -31.07
C ALA C 55 -22.68 48.67 -32.38
N GLU C 56 -24.01 48.69 -32.31
CA GLU C 56 -24.82 48.46 -33.51
C GLU C 56 -24.78 49.66 -34.45
N ILE C 57 -24.91 50.88 -33.92
CA ILE C 57 -25.09 52.05 -34.78
C ILE C 57 -23.94 53.05 -34.74
N TYR C 58 -22.99 52.90 -33.81
CA TYR C 58 -21.78 53.70 -33.84
C TYR C 58 -20.53 52.90 -34.22
N PHE C 59 -20.55 51.58 -34.04
CA PHE C 59 -19.46 50.67 -34.43
C PHE C 59 -18.14 51.01 -33.76
N LYS C 60 -18.18 51.51 -32.52
CA LYS C 60 -16.94 51.77 -31.81
C LYS C 60 -16.26 50.48 -31.36
N ILE C 61 -17.04 49.55 -30.81
CA ILE C 61 -16.51 48.27 -30.38
C ILE C 61 -17.08 47.18 -31.28
N ASN C 62 -16.47 46.00 -31.21
CA ASN C 62 -16.90 44.84 -31.97
C ASN C 62 -17.67 43.91 -31.06
N ILE C 63 -18.83 43.44 -31.54
CA ILE C 63 -19.65 42.53 -30.76
C ILE C 63 -18.95 41.18 -30.60
N ASN C 64 -18.29 40.71 -31.67
CA ASN C 64 -17.55 39.44 -31.65
C ASN C 64 -16.12 39.76 -31.29
N CYS C 65 -15.88 40.06 -30.01
CA CYS C 65 -14.56 40.42 -29.52
C CYS C 65 -13.93 39.20 -28.87
N ILE C 66 -12.59 39.23 -28.78
CA ILE C 66 -11.81 38.10 -28.30
C ILE C 66 -11.01 38.55 -27.09
N ASP C 67 -11.16 37.83 -25.98
CA ASP C 67 -10.35 38.06 -24.81
C ASP C 67 -8.91 37.59 -25.09
N PRO C 68 -7.93 38.14 -24.39
CA PRO C 68 -6.54 37.65 -24.54
C PRO C 68 -6.29 36.16 -24.31
N LEU C 69 -7.04 35.53 -23.40
CA LEU C 69 -6.92 34.09 -23.17
C LEU C 69 -8.00 33.29 -23.90
N GLY C 70 -8.82 33.98 -24.69
CA GLY C 70 -9.80 33.33 -25.55
C GLY C 70 -11.25 33.21 -25.15
N ARG C 71 -11.85 34.28 -24.63
CA ARG C 71 -13.25 34.26 -24.18
C ARG C 71 -14.04 35.32 -24.92
N THR C 72 -14.72 34.92 -25.98
CA THR C 72 -15.75 35.77 -26.57
C THR C 72 -16.94 35.84 -25.63
N ALA C 73 -17.74 36.92 -25.76
CA ALA C 73 -18.79 37.23 -24.79
C ALA C 73 -19.81 36.11 -24.65
N LEU C 74 -20.06 35.38 -25.73
CA LEU C 74 -20.90 34.20 -25.66
C LEU C 74 -20.28 33.13 -24.77
N LEU C 75 -18.95 33.05 -24.71
CA LEU C 75 -18.31 32.01 -23.91
C LEU C 75 -18.40 32.31 -22.41
N ILE C 76 -18.20 33.57 -22.02
CA ILE C 76 -18.41 33.92 -20.61
C ILE C 76 -19.87 33.80 -20.24
N ALA C 77 -20.77 34.11 -21.18
CA ALA C 77 -22.19 33.91 -20.88
C ALA C 77 -22.56 32.43 -20.80
N ILE C 78 -21.82 31.56 -21.49
CA ILE C 78 -21.99 30.11 -21.32
C ILE C 78 -21.50 29.67 -19.95
N GLU C 79 -20.27 30.04 -19.58
CA GLU C 79 -19.66 29.48 -18.37
C GLU C 79 -20.29 30.05 -17.10
N ASN C 80 -21.02 31.15 -17.20
CA ASN C 80 -21.79 31.67 -16.07
C ASN C 80 -23.20 31.09 -16.02
N GLU C 81 -23.57 30.26 -17.00
CA GLU C 81 -24.76 29.40 -16.96
C GLU C 81 -26.05 30.20 -16.82
N ASN C 82 -26.14 31.36 -17.45
CA ASN C 82 -27.37 32.15 -17.46
C ASN C 82 -27.86 32.26 -18.90
N LEU C 83 -29.17 32.41 -19.07
CA LEU C 83 -29.77 32.36 -20.41
C LEU C 83 -30.22 33.71 -20.93
N GLU C 84 -30.38 34.70 -20.05
CA GLU C 84 -30.87 36.02 -20.49
C GLU C 84 -29.85 36.70 -21.40
N LEU C 85 -28.57 36.68 -21.01
CA LEU C 85 -27.55 37.22 -21.89
C LEU C 85 -27.32 36.34 -23.12
N ILE C 86 -27.65 35.05 -23.06
CA ILE C 86 -27.63 34.22 -24.27
C ILE C 86 -28.64 34.74 -25.28
N GLU C 87 -29.88 34.95 -24.84
CA GLU C 87 -30.91 35.46 -25.73
C GLU C 87 -30.57 36.87 -26.23
N LEU C 88 -30.00 37.70 -25.36
CA LEU C 88 -29.65 39.06 -25.75
C LEU C 88 -28.49 39.07 -26.76
N LEU C 89 -27.46 38.26 -26.54
CA LEU C 89 -26.35 38.22 -27.49
C LEU C 89 -26.75 37.58 -28.80
N LEU C 90 -27.69 36.62 -28.78
CA LEU C 90 -28.19 36.08 -30.03
C LEU C 90 -29.20 37.01 -30.70
N SER C 91 -29.68 38.04 -29.99
CA SER C 91 -30.58 39.00 -30.62
C SER C 91 -29.85 39.85 -31.66
N PHE C 92 -28.67 40.37 -31.32
CA PHE C 92 -27.86 41.14 -32.28
C PHE C 92 -26.89 40.28 -33.07
N ASN C 93 -27.09 38.96 -33.07
CA ASN C 93 -26.35 38.02 -33.92
C ASN C 93 -24.84 38.04 -33.64
N VAL C 94 -24.49 37.86 -32.38
CA VAL C 94 -23.08 37.66 -32.01
C VAL C 94 -22.61 36.35 -32.63
N TYR C 95 -21.41 36.38 -33.22
CA TYR C 95 -20.87 35.23 -33.94
C TYR C 95 -20.71 34.02 -33.02
N VAL C 96 -21.21 32.88 -33.47
CA VAL C 96 -21.14 31.62 -32.73
C VAL C 96 -20.33 30.64 -33.55
N GLY C 97 -19.30 30.07 -32.93
CA GLY C 97 -18.48 29.06 -33.57
C GLY C 97 -18.64 27.72 -32.87
N ASP C 98 -17.68 27.38 -32.01
CA ASP C 98 -17.78 26.20 -31.17
C ASP C 98 -18.51 26.49 -29.86
N ALA C 99 -19.29 27.57 -29.80
CA ALA C 99 -19.99 27.91 -28.56
C ALA C 99 -21.08 26.90 -28.24
N LEU C 100 -21.63 26.22 -29.25
CA LEU C 100 -22.50 25.08 -28.98
C LEU C 100 -21.74 23.98 -28.28
N LEU C 101 -20.50 23.71 -28.71
CA LEU C 101 -19.68 22.70 -28.07
C LEU C 101 -19.31 23.12 -26.64
N HIS C 102 -19.04 24.42 -26.44
CA HIS C 102 -18.74 24.92 -25.10
C HIS C 102 -19.95 24.81 -24.17
N ALA C 103 -21.15 25.05 -24.71
CA ALA C 103 -22.36 24.89 -23.91
C ALA C 103 -22.63 23.42 -23.62
N ILE C 104 -22.30 22.54 -24.56
CA ILE C 104 -22.48 21.11 -24.36
C ILE C 104 -21.54 20.60 -23.26
N ARG C 105 -20.28 21.02 -23.29
CA ARG C 105 -19.34 20.50 -22.30
C ARG C 105 -19.55 21.10 -20.92
N LYS C 106 -20.25 22.23 -20.83
CA LYS C 106 -20.57 22.86 -19.56
C LYS C 106 -21.87 22.34 -18.97
N GLU C 107 -22.58 21.46 -19.71
CA GLU C 107 -23.87 20.89 -19.31
C GLU C 107 -24.89 21.98 -19.00
N VAL C 108 -25.18 22.78 -20.01
CA VAL C 108 -26.12 23.88 -19.92
C VAL C 108 -27.37 23.50 -20.71
N VAL C 109 -28.53 23.96 -20.25
CA VAL C 109 -29.80 23.73 -20.93
C VAL C 109 -29.99 24.74 -22.05
N GLY C 110 -28.98 25.57 -22.32
CA GLY C 110 -28.98 26.50 -23.42
C GLY C 110 -28.66 25.91 -24.77
N ALA C 111 -28.57 24.58 -24.85
CA ALA C 111 -28.37 23.91 -26.13
C ALA C 111 -29.54 24.15 -27.07
N VAL C 112 -30.76 24.24 -26.54
CA VAL C 112 -31.91 24.54 -27.39
C VAL C 112 -31.83 25.95 -27.94
N GLU C 113 -31.38 26.90 -27.12
CA GLU C 113 -31.22 28.29 -27.58
C GLU C 113 -30.14 28.38 -28.65
N LEU C 114 -29.04 27.66 -28.47
CA LEU C 114 -27.96 27.72 -29.46
C LEU C 114 -28.29 26.94 -30.73
N LEU C 115 -29.10 25.89 -30.63
CA LEU C 115 -29.50 25.14 -31.82
C LEU C 115 -30.58 25.87 -32.62
N LEU C 116 -31.47 26.59 -31.93
CA LEU C 116 -32.59 27.24 -32.62
C LEU C 116 -32.19 28.53 -33.32
N ASN C 117 -30.99 29.04 -33.09
CA ASN C 117 -30.55 30.25 -33.75
C ASN C 117 -30.20 29.97 -35.21
N HIS C 118 -30.77 30.76 -36.12
CA HIS C 118 -30.58 30.63 -37.57
C HIS C 118 -30.90 29.22 -38.09
N GLN C 135 -9.98 29.23 -37.10
CA GLN C 135 -9.59 30.09 -35.98
C GLN C 135 -9.08 29.25 -34.81
N PHE C 136 -8.94 29.89 -33.66
CA PHE C 136 -8.48 29.22 -32.45
C PHE C 136 -9.67 28.48 -31.85
N SER C 137 -9.64 27.15 -31.91
CA SER C 137 -10.66 26.30 -31.31
C SER C 137 -9.98 25.38 -30.30
N GLU C 138 -10.48 25.41 -29.06
CA GLU C 138 -9.94 24.51 -28.04
C GLU C 138 -10.25 23.05 -28.39
N PHE C 139 -11.44 22.79 -28.88
CA PHE C 139 -11.78 21.45 -29.35
C PHE C 139 -11.10 21.17 -30.67
N THR C 140 -10.76 19.90 -30.88
CA THR C 140 -10.23 19.48 -32.17
C THR C 140 -11.30 19.62 -33.24
N PRO C 141 -10.92 19.87 -34.49
CA PRO C 141 -11.93 20.00 -35.57
C PRO C 141 -12.70 18.74 -35.87
N ASP C 142 -12.29 17.60 -35.31
CA ASP C 142 -12.91 16.30 -35.55
C ASP C 142 -13.98 15.93 -34.53
N ILE C 143 -14.43 16.89 -33.71
CA ILE C 143 -15.44 16.63 -32.68
C ILE C 143 -16.71 17.34 -33.13
N THR C 144 -17.67 16.57 -33.62
CA THR C 144 -19.01 17.03 -33.88
C THR C 144 -19.79 17.03 -32.56
N PRO C 145 -20.89 17.79 -32.45
CA PRO C 145 -21.58 17.92 -31.15
C PRO C 145 -22.05 16.63 -30.48
N ILE C 146 -22.47 15.60 -31.23
CA ILE C 146 -22.96 14.40 -30.57
C ILE C 146 -21.82 13.63 -29.92
N ILE C 147 -20.61 13.69 -30.50
CA ILE C 147 -19.46 13.05 -29.88
C ILE C 147 -19.12 13.72 -28.56
N LEU C 148 -19.15 15.06 -28.51
CA LEU C 148 -18.87 15.76 -27.27
C LEU C 148 -19.98 15.54 -26.24
N ALA C 149 -21.23 15.45 -26.70
CA ALA C 149 -22.34 15.18 -25.79
C ALA C 149 -22.20 13.79 -25.17
N ALA C 150 -21.76 12.81 -25.95
CA ALA C 150 -21.54 11.48 -25.40
C ALA C 150 -20.30 11.44 -24.51
N HIS C 151 -19.27 12.25 -24.83
CA HIS C 151 -18.10 12.33 -23.96
C HIS C 151 -18.46 12.89 -22.59
N THR C 152 -19.31 13.93 -22.56
CA THR C 152 -19.73 14.49 -21.28
C THR C 152 -20.71 13.59 -20.55
N ASN C 153 -21.36 12.67 -21.28
CA ASN C 153 -22.29 11.67 -20.71
C ASN C 153 -23.44 12.34 -19.97
N ASN C 154 -24.11 13.25 -20.68
CA ASN C 154 -25.26 13.98 -20.16
C ASN C 154 -26.49 13.52 -20.91
N TYR C 155 -27.50 13.05 -20.17
CA TYR C 155 -28.65 12.41 -20.81
C TYR C 155 -29.49 13.38 -21.61
N GLU C 156 -29.75 14.56 -21.05
CA GLU C 156 -30.63 15.54 -21.69
C GLU C 156 -30.03 16.08 -22.98
N ILE C 157 -28.72 16.33 -22.99
CA ILE C 157 -28.07 16.86 -24.18
C ILE C 157 -28.09 15.82 -25.31
N ILE C 158 -27.81 14.56 -24.99
CA ILE C 158 -27.83 13.51 -26.01
C ILE C 158 -29.24 13.28 -26.52
N LYS C 159 -30.23 13.33 -25.62
CA LYS C 159 -31.62 13.20 -26.05
C LYS C 159 -32.03 14.33 -26.97
N LEU C 160 -31.63 15.55 -26.64
CA LEU C 160 -31.95 16.70 -27.48
C LEU C 160 -31.27 16.62 -28.85
N LEU C 161 -30.01 16.15 -28.87
CA LEU C 161 -29.28 16.08 -30.13
C LEU C 161 -29.81 14.95 -31.01
N VAL C 162 -30.21 13.83 -30.41
CA VAL C 162 -30.80 12.75 -31.19
C VAL C 162 -32.17 13.17 -31.73
N GLN C 163 -32.94 13.91 -30.92
CA GLN C 163 -34.22 14.43 -31.39
C GLN C 163 -34.03 15.44 -32.52
N LYS C 164 -32.99 16.25 -32.45
CA LYS C 164 -32.72 17.23 -33.51
C LYS C 164 -32.28 16.54 -34.80
N GLY C 165 -31.70 15.36 -34.71
CA GLY C 165 -31.25 14.64 -35.89
C GLY C 165 -29.75 14.69 -36.06
N VAL C 166 -29.08 13.58 -35.73
CA VAL C 166 -27.63 13.50 -35.78
C VAL C 166 -27.24 12.04 -35.94
N SER C 167 -26.03 11.80 -36.44
CA SER C 167 -25.53 10.45 -36.69
C SER C 167 -24.05 10.39 -36.39
N VAL C 168 -23.66 9.48 -35.49
CA VAL C 168 -22.24 9.25 -35.21
C VAL C 168 -21.64 8.50 -36.38
N PRO C 169 -20.46 8.91 -36.89
CA PRO C 169 -19.81 8.16 -37.97
C PRO C 169 -19.42 6.75 -37.52
N ARG C 170 -19.60 5.80 -38.42
CA ARG C 170 -19.36 4.40 -38.09
C ARG C 170 -17.86 4.10 -38.08
N PRO C 171 -17.31 3.59 -36.98
CA PRO C 171 -15.92 3.16 -37.00
C PRO C 171 -15.73 1.91 -37.84
N HIS C 172 -14.52 1.74 -38.37
CA HIS C 172 -14.21 0.60 -39.20
C HIS C 172 -13.92 -0.62 -38.32
N GLU C 173 -13.54 -1.73 -38.95
CA GLU C 173 -13.18 -2.93 -38.23
C GLU C 173 -11.87 -2.73 -37.48
N VAL C 174 -11.70 -3.46 -36.38
CA VAL C 174 -10.46 -3.37 -35.61
C VAL C 174 -9.30 -4.05 -36.32
N ARG C 175 -9.56 -4.80 -37.39
CA ARG C 175 -8.53 -5.39 -38.24
C ARG C 175 -8.71 -4.93 -39.69
N CYS C 176 -9.22 -3.71 -39.86
CA CYS C 176 -9.48 -3.18 -41.19
C CYS C 176 -8.19 -2.65 -41.83
N ASN C 177 -7.95 -3.04 -43.07
CA ASN C 177 -6.82 -2.56 -43.87
C ASN C 177 -7.30 -1.99 -45.19
N CYS C 178 -8.40 -1.23 -45.16
CA CYS C 178 -8.96 -0.66 -46.37
C CYS C 178 -8.10 0.50 -46.88
N VAL C 179 -8.38 0.91 -48.13
CA VAL C 179 -7.61 1.98 -48.76
C VAL C 179 -7.87 3.31 -48.08
N GLU C 180 -9.10 3.54 -47.59
CA GLU C 180 -9.42 4.79 -46.91
C GLU C 180 -8.68 4.90 -45.58
N CYS C 181 -8.57 3.79 -44.85
CA CYS C 181 -7.88 3.80 -43.56
C CYS C 181 -6.39 4.10 -43.73
N VAL C 182 -5.74 3.42 -44.68
CA VAL C 182 -4.30 3.66 -44.88
C VAL C 182 -4.06 5.03 -45.51
N SER C 183 -5.00 5.53 -46.32
CA SER C 183 -4.86 6.88 -46.85
C SER C 183 -4.97 7.93 -45.76
N SER C 184 -5.91 7.74 -44.82
CA SER C 184 -6.02 8.65 -43.69
C SER C 184 -4.81 8.57 -42.78
N SER C 185 -4.26 7.38 -42.60
CA SER C 185 -3.04 7.23 -41.80
C SER C 185 -1.85 7.88 -42.49
N ASP C 186 -1.80 7.84 -43.82
CA ASP C 186 -0.70 8.49 -44.54
C ASP C 186 -0.83 10.00 -44.48
N VAL C 187 -2.06 10.53 -44.60
CA VAL C 187 -2.25 11.98 -44.57
C VAL C 187 -2.02 12.53 -43.17
N ASP C 188 -2.72 11.97 -42.18
CA ASP C 188 -2.57 12.40 -40.79
C ASP C 188 -2.91 11.21 -39.91
N SER C 189 -1.88 10.51 -39.42
CA SER C 189 -2.12 9.32 -38.60
C SER C 189 -2.62 9.69 -37.22
N LEU C 190 -2.10 10.79 -36.65
CA LEU C 190 -2.55 11.24 -35.34
C LEU C 190 -4.01 11.66 -35.37
N ARG C 191 -4.42 12.37 -36.43
CA ARG C 191 -5.82 12.78 -36.57
C ARG C 191 -6.73 11.56 -36.69
N HIS C 192 -6.30 10.54 -37.44
CA HIS C 192 -7.12 9.34 -37.59
C HIS C 192 -7.22 8.56 -36.29
N SER C 193 -6.11 8.43 -35.55
CA SER C 193 -6.15 7.73 -34.28
C SER C 193 -7.00 8.47 -33.26
N ARG C 194 -6.91 9.81 -33.24
CA ARG C 194 -7.74 10.59 -32.34
C ARG C 194 -9.21 10.50 -32.73
N SER C 195 -9.51 10.43 -34.03
CA SER C 195 -10.89 10.27 -34.46
C SER C 195 -11.45 8.91 -34.07
N ARG C 196 -10.65 7.86 -34.20
CA ARG C 196 -11.09 6.53 -33.77
C ARG C 196 -11.32 6.48 -32.27
N LEU C 197 -10.42 7.09 -31.49
CA LEU C 197 -10.59 7.14 -30.05
C LEU C 197 -11.81 7.96 -29.64
N ASN C 198 -12.06 9.09 -30.32
CA ASN C 198 -13.22 9.90 -30.01
C ASN C 198 -14.52 9.19 -30.35
N ILE C 199 -14.55 8.49 -31.49
CA ILE C 199 -15.73 7.73 -31.87
C ILE C 199 -16.00 6.62 -30.87
N TYR C 200 -14.96 5.90 -30.45
CA TYR C 200 -15.17 4.82 -29.50
C TYR C 200 -15.40 5.31 -28.07
N LYS C 201 -15.03 6.54 -27.76
CA LYS C 201 -15.47 7.13 -26.50
C LYS C 201 -16.91 7.60 -26.59
N ALA C 202 -17.36 7.99 -27.78
CA ALA C 202 -18.75 8.39 -27.96
C ALA C 202 -19.69 7.19 -27.88
N LEU C 203 -19.32 6.08 -28.52
CA LEU C 203 -20.18 4.90 -28.53
C LEU C 203 -20.24 4.23 -27.16
N ALA C 204 -19.14 4.29 -26.39
CA ALA C 204 -19.06 3.59 -25.12
C ALA C 204 -19.77 4.30 -23.98
N SER C 205 -20.30 5.49 -24.21
CA SER C 205 -20.99 6.21 -23.15
C SER C 205 -22.28 5.50 -22.80
N PRO C 206 -22.61 5.37 -21.51
CA PRO C 206 -23.84 4.66 -21.12
C PRO C 206 -25.12 5.31 -21.62
N SER C 207 -25.13 6.64 -21.74
CA SER C 207 -26.36 7.32 -22.14
C SER C 207 -26.68 7.09 -23.61
N LEU C 208 -25.67 7.09 -24.48
CA LEU C 208 -25.93 6.85 -25.90
C LEU C 208 -26.37 5.40 -26.13
N ILE C 209 -25.82 4.46 -25.37
CA ILE C 209 -26.28 3.08 -25.44
C ILE C 209 -27.72 2.98 -24.95
N ALA C 210 -28.07 3.71 -23.89
CA ALA C 210 -29.44 3.72 -23.40
C ALA C 210 -30.42 4.34 -24.39
N LEU C 211 -30.00 5.35 -25.15
CA LEU C 211 -30.87 5.94 -26.16
C LEU C 211 -31.01 5.09 -27.40
N SER C 212 -29.90 4.75 -28.06
CA SER C 212 -29.94 4.30 -29.44
C SER C 212 -30.06 2.79 -29.62
N SER C 213 -29.40 1.98 -28.80
CA SER C 213 -29.28 0.56 -29.08
C SER C 213 -30.59 -0.18 -28.88
N GLU C 214 -30.86 -1.14 -29.77
CA GLU C 214 -32.04 -1.98 -29.62
C GLU C 214 -31.90 -2.93 -28.42
N ASP C 215 -30.70 -3.50 -28.23
CA ASP C 215 -30.41 -4.38 -27.11
C ASP C 215 -29.20 -3.82 -26.38
N PRO C 216 -29.41 -3.12 -25.25
CA PRO C 216 -28.26 -2.55 -24.52
C PRO C 216 -27.27 -3.57 -24.00
N PHE C 217 -27.72 -4.77 -23.62
CA PHE C 217 -26.80 -5.76 -23.09
C PHE C 217 -25.90 -6.32 -24.18
N LEU C 218 -26.47 -6.69 -25.32
CA LEU C 218 -25.68 -7.19 -26.43
C LEU C 218 -24.74 -6.13 -26.99
N THR C 219 -25.23 -4.88 -27.07
CA THR C 219 -24.38 -3.78 -27.50
C THR C 219 -23.24 -3.54 -26.53
N ALA C 220 -23.51 -3.62 -25.23
CA ALA C 220 -22.45 -3.44 -24.23
C ALA C 220 -21.42 -4.55 -24.32
N PHE C 221 -21.86 -5.79 -24.50
CA PHE C 221 -20.93 -6.92 -24.60
C PHE C 221 -20.05 -6.79 -25.85
N GLN C 222 -20.68 -6.52 -27.00
CA GLN C 222 -19.92 -6.41 -28.24
C GLN C 222 -18.98 -5.21 -28.21
N LEU C 223 -19.41 -4.11 -27.59
CA LEU C 223 -18.56 -2.93 -27.51
C LEU C 223 -17.38 -3.16 -26.57
N SER C 224 -17.60 -3.87 -25.46
CA SER C 224 -16.48 -4.19 -24.57
C SER C 224 -15.48 -5.11 -25.26
N TRP C 225 -15.97 -6.11 -26.00
CA TRP C 225 -15.07 -6.99 -26.75
C TRP C 225 -14.30 -6.24 -27.82
N GLU C 226 -14.98 -5.34 -28.55
CA GLU C 226 -14.34 -4.55 -29.58
C GLU C 226 -13.28 -3.61 -29.00
N LEU C 227 -13.58 -3.00 -27.85
CA LEU C 227 -12.65 -2.08 -27.23
C LEU C 227 -11.44 -2.81 -26.65
N GLN C 228 -11.65 -4.03 -26.12
CA GLN C 228 -10.51 -4.81 -25.65
C GLN C 228 -9.63 -5.26 -26.81
N GLU C 229 -10.24 -5.62 -27.94
CA GLU C 229 -9.46 -5.98 -29.13
C GLU C 229 -8.69 -4.78 -29.65
N LEU C 230 -9.28 -3.59 -29.60
CA LEU C 230 -8.55 -2.37 -29.98
C LEU C 230 -7.42 -2.07 -29.01
N SER C 231 -7.63 -2.31 -27.71
CA SER C 231 -6.56 -2.10 -26.73
C SER C 231 -5.40 -3.06 -26.98
N LYS C 232 -5.70 -4.29 -27.38
CA LYS C 232 -4.64 -5.21 -27.77
C LYS C 232 -3.94 -4.75 -29.05
N VAL C 233 -4.71 -4.28 -30.03
CA VAL C 233 -4.12 -3.81 -31.29
C VAL C 233 -3.34 -2.53 -31.06
N GLU C 234 -3.93 -1.56 -30.39
CA GLU C 234 -3.29 -0.28 -30.12
C GLU C 234 -2.55 -0.38 -28.79
N ASN C 235 -1.25 -0.66 -28.84
CA ASN C 235 -0.42 -0.59 -27.65
C ASN C 235 -0.37 0.85 -27.14
N GLU C 236 -0.44 1.80 -28.05
CA GLU C 236 -0.56 3.21 -27.69
C GLU C 236 -2.02 3.54 -27.44
N PHE C 237 -2.25 4.50 -26.53
CA PHE C 237 -3.58 4.79 -25.98
C PHE C 237 -4.21 3.54 -25.38
N LYS C 238 -3.42 2.69 -24.72
CA LYS C 238 -3.93 1.43 -24.23
C LYS C 238 -4.85 1.63 -23.03
N SER C 239 -4.47 2.53 -22.13
CA SER C 239 -5.25 2.76 -20.92
C SER C 239 -6.61 3.36 -21.23
N GLU C 240 -6.72 4.18 -22.29
CA GLU C 240 -8.00 4.76 -22.67
C GLU C 240 -8.99 3.68 -23.12
N TYR C 241 -8.53 2.76 -23.98
CA TYR C 241 -9.42 1.70 -24.44
C TYR C 241 -9.75 0.72 -23.33
N GLU C 242 -8.78 0.44 -22.44
CA GLU C 242 -9.07 -0.43 -21.31
C GLU C 242 -10.09 0.21 -20.36
N GLU C 243 -9.98 1.52 -20.15
CA GLU C 243 -10.95 2.24 -19.32
C GLU C 243 -12.33 2.23 -19.97
N LEU C 244 -12.39 2.37 -21.30
CA LEU C 244 -13.66 2.31 -22.00
C LEU C 244 -14.31 0.94 -21.88
N SER C 245 -13.52 -0.13 -21.99
CA SER C 245 -14.05 -1.48 -21.83
C SER C 245 -14.55 -1.71 -20.40
N ARG C 246 -13.80 -1.21 -19.41
CA ARG C 246 -14.22 -1.31 -18.02
C ARG C 246 -15.53 -0.56 -17.81
N GLN C 247 -15.66 0.63 -18.44
CA GLN C 247 -16.88 1.42 -18.32
C GLN C 247 -18.08 0.69 -18.94
N CYS C 248 -17.87 0.04 -20.09
CA CYS C 248 -18.97 -0.72 -20.72
C CYS C 248 -19.40 -1.90 -19.84
N LYS C 249 -18.43 -2.64 -19.30
CA LYS C 249 -18.78 -3.77 -18.44
C LYS C 249 -19.47 -3.30 -17.16
N GLN C 250 -19.03 -2.17 -16.60
CA GLN C 250 -19.68 -1.63 -15.41
C GLN C 250 -21.10 -1.16 -15.72
N PHE C 251 -21.32 -0.57 -16.90
CA PHE C 251 -22.66 -0.16 -17.29
C PHE C 251 -23.58 -1.36 -17.41
N ALA C 252 -23.08 -2.46 -17.99
CA ALA C 252 -23.88 -3.69 -18.06
C ALA C 252 -24.17 -4.22 -16.66
N LYS C 253 -23.20 -4.13 -15.75
CA LYS C 253 -23.41 -4.58 -14.38
C LYS C 253 -24.49 -3.76 -13.67
N ASP C 254 -24.46 -2.43 -13.80
CA ASP C 254 -25.49 -1.62 -13.15
C ASP C 254 -26.86 -1.81 -13.81
N LEU C 255 -26.88 -2.00 -15.13
CA LEU C 255 -28.14 -2.26 -15.81
C LEU C 255 -28.77 -3.56 -15.33
N LEU C 256 -27.95 -4.59 -15.08
CA LEU C 256 -28.49 -5.79 -14.44
C LEU C 256 -28.85 -5.52 -12.99
N ASP C 257 -28.13 -4.61 -12.32
CA ASP C 257 -28.40 -4.29 -10.92
C ASP C 257 -29.77 -3.66 -10.73
N GLN C 258 -30.29 -2.97 -11.76
CA GLN C 258 -31.59 -2.33 -11.59
C GLN C 258 -32.78 -3.29 -11.74
N THR C 259 -32.56 -4.60 -11.85
CA THR C 259 -33.69 -5.53 -11.91
C THR C 259 -34.35 -5.65 -10.54
N ARG C 260 -35.65 -5.95 -10.54
CA ARG C 260 -36.42 -6.00 -9.31
C ARG C 260 -37.37 -7.18 -9.20
N SER C 261 -37.22 -8.20 -10.05
CA SER C 261 -38.08 -9.37 -9.96
C SER C 261 -37.37 -10.57 -10.58
N SER C 262 -37.87 -11.76 -10.27
CA SER C 262 -37.31 -12.97 -10.84
C SER C 262 -37.80 -13.21 -12.27
N ARG C 263 -39.02 -12.80 -12.59
CA ARG C 263 -39.52 -12.95 -13.95
C ARG C 263 -38.72 -12.10 -14.93
N GLU C 264 -38.39 -10.87 -14.54
CA GLU C 264 -37.57 -10.01 -15.39
C GLU C 264 -36.18 -10.60 -15.59
N LEU C 265 -35.60 -11.16 -14.53
CA LEU C 265 -34.28 -11.76 -14.64
C LEU C 265 -34.30 -13.01 -15.53
N GLU C 266 -35.35 -13.83 -15.42
CA GLU C 266 -35.45 -15.00 -16.27
C GLU C 266 -35.74 -14.61 -17.72
N ILE C 267 -36.39 -13.47 -17.94
CA ILE C 267 -36.59 -12.98 -19.31
C ILE C 267 -35.27 -12.50 -19.89
N ILE C 268 -34.49 -11.75 -19.09
CA ILE C 268 -33.24 -11.18 -19.59
C ILE C 268 -32.21 -12.27 -19.87
N LEU C 269 -32.02 -13.18 -18.94
CA LEU C 269 -30.93 -14.15 -19.08
C LEU C 269 -31.25 -15.26 -20.08
N ASN C 270 -32.52 -15.46 -20.43
CA ASN C 270 -32.90 -16.50 -21.39
C ASN C 270 -33.23 -15.93 -22.76
N TYR C 271 -32.86 -14.68 -23.03
CA TYR C 271 -33.16 -14.05 -24.31
C TYR C 271 -32.17 -14.58 -25.34
N ARG C 272 -32.67 -15.33 -26.32
CA ARG C 272 -31.80 -15.96 -27.31
C ARG C 272 -31.37 -14.97 -28.38
N ASP C 273 -32.34 -14.44 -29.13
CA ASP C 273 -32.03 -13.53 -30.22
C ASP C 273 -33.17 -12.54 -30.48
N ASP C 285 -32.62 -22.20 -19.99
CA ASP C 285 -31.68 -22.20 -21.10
C ASP C 285 -30.46 -21.33 -20.80
N LEU C 286 -30.73 -20.13 -20.26
CA LEU C 286 -29.69 -19.15 -19.90
C LEU C 286 -28.78 -18.81 -21.08
N ALA C 287 -29.39 -18.55 -22.24
CA ALA C 287 -28.61 -18.28 -23.45
C ALA C 287 -27.80 -16.99 -23.32
N ARG C 288 -28.41 -15.95 -22.74
CA ARG C 288 -27.68 -14.70 -22.56
C ARG C 288 -26.58 -14.85 -21.51
N LEU C 289 -26.75 -15.74 -20.54
CA LEU C 289 -25.68 -15.98 -19.58
C LEU C 289 -24.51 -16.71 -20.22
N LYS C 290 -24.79 -17.65 -21.13
CA LYS C 290 -23.71 -18.28 -21.89
C LYS C 290 -23.01 -17.26 -22.79
N LEU C 291 -23.77 -16.34 -23.38
CA LEU C 291 -23.17 -15.29 -24.18
C LEU C 291 -22.30 -14.36 -23.34
N ALA C 292 -22.74 -14.05 -22.13
CA ALA C 292 -21.95 -13.18 -21.25
C ALA C 292 -20.69 -13.89 -20.76
N ILE C 293 -20.76 -15.21 -20.58
CA ILE C 293 -19.57 -15.99 -20.29
C ILE C 293 -18.60 -15.97 -21.46
N LYS C 294 -19.13 -16.10 -22.69
CA LYS C 294 -18.29 -16.08 -23.88
C LYS C 294 -17.58 -14.74 -24.05
N TYR C 295 -18.26 -13.64 -23.71
CA TYR C 295 -17.67 -12.32 -23.81
C TYR C 295 -16.87 -11.91 -22.58
N ARG C 296 -16.78 -12.81 -21.58
CA ARG C 296 -15.92 -12.65 -20.40
C ARG C 296 -16.26 -11.38 -19.61
N GLN C 297 -17.55 -11.18 -19.37
CA GLN C 297 -18.03 -10.08 -18.54
C GLN C 297 -18.08 -10.57 -17.11
N LYS C 298 -16.96 -10.42 -16.40
CA LYS C 298 -16.86 -10.94 -15.04
C LYS C 298 -17.69 -10.15 -14.05
N GLU C 299 -17.90 -8.87 -14.32
CA GLU C 299 -18.74 -8.07 -13.42
C GLU C 299 -20.22 -8.37 -13.63
N PHE C 300 -20.62 -8.72 -14.86
CA PHE C 300 -22.00 -9.08 -15.12
C PHE C 300 -22.32 -10.46 -14.55
N VAL C 301 -21.39 -11.40 -14.66
CA VAL C 301 -21.63 -12.77 -14.23
C VAL C 301 -21.69 -12.86 -12.70
N ALA C 302 -20.75 -12.21 -12.02
CA ALA C 302 -20.67 -12.24 -10.57
C ALA C 302 -21.69 -11.34 -9.88
N GLN C 303 -22.63 -10.79 -10.65
CA GLN C 303 -23.72 -10.02 -10.08
C GLN C 303 -24.60 -10.90 -9.19
N PRO C 304 -25.03 -10.38 -8.03
CA PRO C 304 -25.68 -11.26 -7.03
C PRO C 304 -26.98 -11.91 -7.44
N ASN C 305 -27.84 -11.23 -8.21
CA ASN C 305 -29.13 -11.83 -8.53
C ASN C 305 -28.99 -12.92 -9.58
N CYS C 306 -28.06 -12.74 -10.52
CA CYS C 306 -27.71 -13.82 -11.44
C CYS C 306 -27.13 -15.01 -10.69
N GLN C 307 -26.36 -14.74 -9.63
CA GLN C 307 -25.85 -15.81 -8.79
C GLN C 307 -26.98 -16.53 -8.06
N GLN C 308 -28.02 -15.80 -7.65
CA GLN C 308 -29.19 -16.43 -7.04
C GLN C 308 -29.89 -17.34 -8.03
N LEU C 309 -30.05 -16.90 -9.27
CA LEU C 309 -30.69 -17.75 -10.29
C LEU C 309 -29.84 -18.98 -10.57
N LEU C 310 -28.52 -18.82 -10.62
CA LEU C 310 -27.63 -19.96 -10.85
C LEU C 310 -27.66 -20.94 -9.68
N ALA C 311 -27.76 -20.44 -8.45
CA ALA C 311 -27.88 -21.32 -7.30
C ALA C 311 -29.21 -22.05 -7.28
N SER C 312 -30.28 -21.38 -7.75
CA SER C 312 -31.57 -22.04 -7.84
C SER C 312 -31.56 -23.14 -8.89
N ARG C 313 -30.87 -22.92 -10.01
CA ARG C 313 -30.75 -23.97 -11.02
C ARG C 313 -29.79 -25.06 -10.56
N TRP C 314 -28.87 -24.73 -9.66
CA TRP C 314 -27.86 -25.68 -9.20
C TRP C 314 -28.45 -26.65 -8.18
N TYR C 315 -28.94 -26.12 -7.06
CA TYR C 315 -29.54 -26.95 -6.01
C TYR C 315 -31.04 -27.11 -6.23
N ASP C 316 -31.44 -27.60 -7.40
CA ASP C 316 -32.86 -27.69 -7.71
C ASP C 316 -33.51 -28.85 -6.97
N GLU C 317 -34.73 -28.61 -6.48
CA GLU C 317 -35.54 -29.60 -5.75
C GLU C 317 -34.79 -30.19 -4.56
N PHE C 318 -34.14 -29.30 -3.81
CA PHE C 318 -33.33 -29.71 -2.67
C PHE C 318 -33.75 -28.93 -1.43
N PRO C 319 -33.60 -29.52 -0.23
CA PRO C 319 -34.04 -28.84 0.99
C PRO C 319 -33.19 -27.65 1.40
N GLY C 320 -32.11 -27.36 0.69
CA GLY C 320 -31.27 -26.23 1.02
C GLY C 320 -29.91 -26.65 1.53
N TRP C 321 -28.91 -26.60 0.65
CA TRP C 321 -27.57 -27.01 1.03
C TRP C 321 -26.86 -25.93 1.84
N ARG C 322 -27.12 -24.66 1.54
CA ARG C 322 -26.50 -23.57 2.30
C ARG C 322 -27.09 -23.48 3.70
N ARG C 323 -28.34 -23.92 3.87
CA ARG C 323 -28.97 -24.00 5.19
C ARG C 323 -28.87 -25.43 5.71
N ARG C 324 -27.64 -25.84 5.98
CA ARG C 324 -27.40 -27.21 6.40
C ARG C 324 -26.11 -27.27 7.22
N HIS C 325 -26.03 -28.27 8.09
CA HIS C 325 -24.84 -28.47 8.91
C HIS C 325 -23.71 -29.03 8.06
N TRP C 326 -22.48 -28.63 8.39
CA TRP C 326 -21.32 -28.99 7.58
C TRP C 326 -21.05 -30.49 7.60
N ALA C 327 -21.10 -31.11 8.78
CA ALA C 327 -20.85 -32.55 8.89
C ALA C 327 -21.91 -33.34 8.13
N VAL C 328 -23.16 -32.90 8.19
CA VAL C 328 -24.22 -33.52 7.41
C VAL C 328 -23.95 -33.33 5.92
N LYS C 329 -23.37 -32.19 5.53
CA LYS C 329 -23.07 -31.94 4.13
C LYS C 329 -22.00 -32.88 3.60
N MET C 330 -20.92 -33.08 4.36
CA MET C 330 -19.91 -34.03 3.89
C MET C 330 -20.40 -35.47 3.97
N VAL C 331 -21.25 -35.78 4.95
CA VAL C 331 -21.82 -37.13 5.04
C VAL C 331 -22.68 -37.43 3.81
N THR C 332 -23.53 -36.49 3.41
CA THR C 332 -24.36 -36.73 2.23
C THR C 332 -23.53 -36.62 0.94
N CYS C 333 -22.44 -35.84 0.94
CA CYS C 333 -21.48 -35.90 -0.16
C CYS C 333 -20.94 -37.31 -0.35
N PHE C 334 -20.56 -37.95 0.75
CA PHE C 334 -20.08 -39.33 0.68
C PHE C 334 -21.19 -40.28 0.24
N ILE C 335 -22.42 -40.04 0.71
CA ILE C 335 -23.50 -40.99 0.43
C ILE C 335 -23.98 -40.89 -1.02
N ILE C 336 -23.78 -39.76 -1.69
CA ILE C 336 -23.97 -39.78 -3.15
C ILE C 336 -22.65 -40.12 -3.85
N GLY C 337 -21.54 -40.08 -3.13
CA GLY C 337 -20.29 -40.56 -3.72
C GLY C 337 -20.29 -42.06 -3.98
N LEU C 338 -20.77 -42.83 -3.01
CA LEU C 338 -20.79 -44.29 -3.20
C LEU C 338 -21.89 -44.72 -4.18
N LEU C 339 -23.01 -43.99 -4.21
CA LEU C 339 -24.15 -44.39 -5.04
C LEU C 339 -24.03 -43.88 -6.47
N PHE C 340 -22.84 -43.49 -6.91
CA PHE C 340 -22.59 -43.09 -8.29
C PHE C 340 -22.94 -44.15 -9.34
N PRO C 341 -22.52 -45.43 -9.23
CA PRO C 341 -22.87 -46.37 -10.30
C PRO C 341 -24.35 -46.68 -10.38
N VAL C 342 -25.06 -46.66 -9.25
CA VAL C 342 -26.49 -46.96 -9.25
C VAL C 342 -27.26 -45.91 -10.04
N PHE C 343 -27.03 -44.63 -9.74
CA PHE C 343 -27.68 -43.55 -10.48
C PHE C 343 -27.22 -43.52 -11.94
N SER C 344 -25.95 -43.83 -12.19
CA SER C 344 -25.45 -43.83 -13.57
C SER C 344 -26.14 -44.90 -14.41
N VAL C 345 -26.22 -46.13 -13.90
CA VAL C 345 -26.86 -47.18 -14.68
C VAL C 345 -28.38 -46.96 -14.74
N CYS C 346 -28.96 -46.32 -13.73
CA CYS C 346 -30.40 -46.03 -13.78
C CYS C 346 -30.71 -44.99 -14.84
N TYR C 347 -29.85 -43.98 -14.99
CA TYR C 347 -30.01 -43.05 -16.10
C TYR C 347 -29.74 -43.74 -17.44
N LEU C 348 -28.82 -44.70 -17.44
CA LEU C 348 -28.51 -45.42 -18.68
C LEU C 348 -29.69 -46.25 -19.16
N ILE C 349 -30.41 -46.91 -18.25
CA ILE C 349 -31.51 -47.77 -18.70
C ILE C 349 -32.79 -46.96 -18.90
N ALA C 350 -33.09 -46.02 -18.00
CA ALA C 350 -34.34 -45.28 -18.08
C ALA C 350 -34.22 -43.93 -17.38
N PRO C 351 -34.03 -42.84 -18.12
CA PRO C 351 -33.96 -41.51 -17.49
C PRO C 351 -35.26 -41.07 -16.83
N LYS C 352 -36.40 -41.66 -17.17
CA LYS C 352 -37.68 -41.27 -16.58
C LYS C 352 -37.88 -41.83 -15.18
N SER C 353 -36.99 -42.70 -14.70
CA SER C 353 -37.09 -43.22 -13.34
C SER C 353 -36.80 -42.12 -12.34
N PRO C 354 -37.38 -42.20 -11.12
CA PRO C 354 -37.01 -41.23 -10.08
C PRO C 354 -35.54 -41.27 -9.71
N LEU C 355 -34.93 -42.46 -9.68
CA LEU C 355 -33.49 -42.54 -9.52
C LEU C 355 -32.77 -42.14 -10.79
N GLY C 356 -33.41 -42.33 -11.95
CA GLY C 356 -32.89 -41.80 -13.21
C GLY C 356 -33.12 -40.31 -13.40
N LEU C 357 -33.95 -39.70 -12.56
CA LEU C 357 -34.12 -38.26 -12.55
C LEU C 357 -33.33 -37.58 -11.43
N PHE C 358 -32.91 -38.35 -10.42
CA PHE C 358 -32.06 -37.81 -9.36
C PHE C 358 -30.70 -37.38 -9.91
N ILE C 359 -30.15 -38.16 -10.85
CA ILE C 359 -28.85 -37.85 -11.45
C ILE C 359 -28.96 -36.60 -12.31
N ARG C 360 -30.12 -36.34 -12.91
CA ARG C 360 -30.29 -35.24 -13.86
C ARG C 360 -30.10 -33.86 -13.24
N LYS C 361 -30.17 -33.75 -11.91
CA LYS C 361 -29.87 -32.49 -11.26
C LYS C 361 -28.38 -32.16 -11.43
N PRO C 362 -28.02 -30.91 -11.72
CA PRO C 362 -26.61 -30.60 -12.02
C PRO C 362 -25.66 -30.83 -10.87
N PHE C 363 -26.09 -30.59 -9.63
CA PHE C 363 -25.22 -30.86 -8.48
C PHE C 363 -24.96 -32.36 -8.34
N ILE C 364 -25.98 -33.18 -8.61
CA ILE C 364 -25.81 -34.62 -8.50
C ILE C 364 -24.87 -35.14 -9.56
N LYS C 365 -24.95 -34.61 -10.79
CA LYS C 365 -24.02 -35.08 -11.81
C LYS C 365 -22.61 -34.54 -11.58
N PHE C 366 -22.48 -33.38 -10.94
CA PHE C 366 -21.13 -32.93 -10.55
C PHE C 366 -20.54 -33.85 -9.47
N ILE C 367 -21.37 -34.25 -8.50
CA ILE C 367 -20.91 -35.18 -7.47
C ILE C 367 -20.56 -36.53 -8.09
N CYS C 368 -21.35 -36.97 -9.07
CA CYS C 368 -21.08 -38.24 -9.74
C CYS C 368 -19.78 -38.18 -10.54
N HIS C 369 -19.52 -37.07 -11.23
CA HIS C 369 -18.27 -36.93 -11.96
C HIS C 369 -17.07 -36.87 -11.02
N THR C 370 -17.20 -36.16 -9.89
CA THR C 370 -16.13 -36.13 -8.91
C THR C 370 -15.87 -37.51 -8.31
N ALA C 371 -16.94 -38.27 -8.04
CA ALA C 371 -16.78 -39.61 -7.50
C ALA C 371 -16.15 -40.55 -8.52
N SER C 372 -16.49 -40.39 -9.80
CA SER C 372 -15.87 -41.20 -10.85
C SER C 372 -14.38 -40.89 -10.97
N TYR C 373 -14.02 -39.60 -10.90
CA TYR C 373 -12.61 -39.23 -10.97
C TYR C 373 -11.84 -39.73 -9.75
N LEU C 374 -12.45 -39.68 -8.56
CA LEU C 374 -11.79 -40.18 -7.38
C LEU C 374 -11.66 -41.71 -7.40
N THR C 375 -12.64 -42.40 -7.99
CA THR C 375 -12.50 -43.85 -8.19
C THR C 375 -11.38 -44.16 -9.17
N PHE C 376 -11.23 -43.35 -10.22
CA PHE C 376 -10.13 -43.54 -11.15
C PHE C 376 -8.78 -43.33 -10.48
N LEU C 377 -8.67 -42.29 -9.64
CA LEU C 377 -7.42 -42.06 -8.91
C LEU C 377 -7.17 -43.17 -7.89
N PHE C 378 -8.22 -43.72 -7.29
CA PHE C 378 -8.06 -44.86 -6.39
C PHE C 378 -7.57 -46.08 -7.14
N LEU C 379 -8.03 -46.27 -8.38
CA LEU C 379 -7.51 -47.35 -9.23
C LEU C 379 -6.04 -47.12 -9.56
N LEU C 380 -5.65 -45.87 -9.81
CA LEU C 380 -4.24 -45.56 -10.05
C LEU C 380 -3.39 -45.88 -8.82
N LEU C 381 -3.89 -45.51 -7.63
CA LEU C 381 -3.16 -45.81 -6.40
C LEU C 381 -3.06 -47.31 -6.15
N LEU C 382 -4.11 -48.07 -6.50
CA LEU C 382 -4.04 -49.51 -6.39
C LEU C 382 -3.06 -50.10 -7.38
N ALA C 383 -2.95 -49.51 -8.57
CA ALA C 383 -1.96 -49.96 -9.55
C ALA C 383 -0.54 -49.69 -9.06
N SER C 384 -0.32 -48.55 -8.41
CA SER C 384 1.01 -48.23 -7.90
C SER C 384 1.40 -49.14 -6.74
N GLN C 385 0.49 -49.33 -5.79
CA GLN C 385 0.82 -50.11 -4.60
C GLN C 385 0.85 -51.61 -4.88
N HIS C 386 -0.09 -52.12 -5.65
CA HIS C 386 -0.19 -53.56 -5.92
C HIS C 386 -0.05 -53.80 -7.41
N ILE C 387 0.88 -54.67 -7.78
CA ILE C 387 1.07 -55.04 -9.18
C ILE C 387 1.67 -56.45 -9.27
N ASP C 391 7.61 -57.37 -12.85
CA ASP C 391 8.80 -58.02 -12.29
C ASP C 391 9.90 -58.13 -13.34
N LEU C 392 10.16 -59.35 -13.79
CA LEU C 392 11.19 -59.63 -14.78
C LEU C 392 10.63 -59.86 -16.18
N ASN C 393 9.35 -59.58 -16.40
CA ASN C 393 8.73 -59.82 -17.70
C ASN C 393 9.18 -58.79 -18.72
N ARG C 394 9.91 -59.24 -19.75
CA ARG C 394 10.42 -58.32 -20.78
C ARG C 394 9.28 -57.72 -21.58
N GLN C 395 8.35 -58.56 -22.02
CA GLN C 395 7.25 -58.08 -22.86
C GLN C 395 6.22 -57.30 -22.03
N GLY C 396 6.13 -57.57 -20.73
CA GLY C 396 5.24 -56.84 -19.86
C GLY C 396 3.76 -57.07 -20.08
N PRO C 397 3.23 -58.23 -19.69
CA PRO C 397 1.78 -58.42 -19.67
C PRO C 397 1.07 -57.30 -18.94
N PRO C 398 -0.01 -56.75 -19.52
CA PRO C 398 -0.75 -55.69 -18.86
C PRO C 398 -1.46 -56.22 -17.63
N PRO C 399 -1.42 -55.46 -16.50
CA PRO C 399 -2.03 -55.90 -15.23
C PRO C 399 -3.56 -55.88 -15.28
N THR C 400 -4.16 -56.98 -15.72
CA THR C 400 -5.62 -57.08 -15.83
C THR C 400 -6.33 -57.03 -14.48
N ILE C 401 -5.61 -57.16 -13.37
CA ILE C 401 -6.23 -56.98 -12.06
C ILE C 401 -6.71 -55.54 -11.89
N VAL C 402 -5.98 -54.57 -12.45
CA VAL C 402 -6.32 -53.17 -12.27
C VAL C 402 -6.52 -52.49 -13.62
N GLU C 403 -5.60 -52.72 -14.56
CA GLU C 403 -5.59 -51.96 -15.81
C GLU C 403 -6.77 -52.25 -16.72
N TRP C 404 -7.42 -53.40 -16.55
CA TRP C 404 -8.67 -53.66 -17.28
C TRP C 404 -9.81 -52.76 -16.83
N MET C 405 -9.71 -52.16 -15.65
CA MET C 405 -10.70 -51.18 -15.21
C MET C 405 -10.27 -49.75 -15.50
N ILE C 406 -8.96 -49.49 -15.56
CA ILE C 406 -8.47 -48.13 -15.80
C ILE C 406 -8.75 -47.72 -17.24
N LEU C 407 -8.59 -48.65 -18.18
CA LEU C 407 -8.72 -48.33 -19.61
C LEU C 407 -10.10 -47.78 -20.01
N PRO C 408 -11.25 -48.26 -19.49
CA PRO C 408 -12.51 -47.55 -19.79
C PRO C 408 -12.53 -46.10 -19.34
N TRP C 409 -11.90 -45.79 -18.20
CA TRP C 409 -11.81 -44.40 -17.77
C TRP C 409 -10.95 -43.57 -18.73
N VAL C 410 -9.87 -44.15 -19.24
CA VAL C 410 -9.03 -43.47 -20.21
C VAL C 410 -9.78 -43.20 -21.50
N LEU C 411 -10.54 -44.20 -21.98
CA LEU C 411 -11.37 -44.02 -23.17
C LEU C 411 -12.43 -42.95 -22.96
N GLY C 412 -13.02 -42.92 -21.75
CA GLY C 412 -13.97 -41.86 -21.44
C GLY C 412 -13.34 -40.49 -21.42
N PHE C 413 -12.11 -40.38 -20.91
CA PHE C 413 -11.39 -39.11 -20.93
C PHE C 413 -11.13 -38.65 -22.35
N ILE C 414 -10.69 -39.58 -23.21
CA ILE C 414 -10.42 -39.24 -24.60
C ILE C 414 -11.70 -38.81 -25.32
N TRP C 415 -12.80 -39.54 -25.10
CA TRP C 415 -14.07 -39.20 -25.71
C TRP C 415 -14.56 -37.83 -25.24
N GLY C 416 -14.45 -37.56 -23.94
CA GLY C 416 -14.90 -36.28 -23.41
C GLY C 416 -14.09 -35.11 -23.91
N GLU C 417 -12.76 -35.27 -23.99
CA GLU C 417 -11.92 -34.19 -24.47
C GLU C 417 -12.09 -33.97 -25.96
N ILE C 418 -12.30 -35.03 -26.73
CA ILE C 418 -12.56 -34.88 -28.17
C ILE C 418 -13.88 -34.16 -28.40
N LYS C 419 -14.92 -34.55 -27.64
CA LYS C 419 -16.23 -33.91 -27.78
C LYS C 419 -16.18 -32.45 -27.34
N GLN C 420 -15.44 -32.14 -26.28
CA GLN C 420 -15.32 -30.76 -25.83
C GLN C 420 -14.49 -29.92 -26.80
N MET C 421 -13.45 -30.50 -27.39
CA MET C 421 -12.60 -29.77 -28.33
C MET C 421 -13.30 -29.50 -29.65
N TRP C 422 -14.09 -30.45 -30.15
CA TRP C 422 -14.80 -30.22 -31.41
C TRP C 422 -16.14 -29.53 -31.20
N ASP C 423 -17.02 -30.14 -30.43
CA ASP C 423 -18.35 -29.60 -30.19
C ASP C 423 -18.28 -28.62 -29.01
N GLY C 424 -18.33 -27.32 -29.31
CA GLY C 424 -18.26 -26.32 -28.27
C GLY C 424 -17.19 -25.27 -28.50
N GLY C 425 -16.74 -25.15 -29.74
CA GLY C 425 -15.74 -24.16 -30.09
C GLY C 425 -14.33 -24.74 -30.08
N LEU C 426 -13.40 -23.98 -30.65
CA LEU C 426 -12.01 -24.41 -30.78
C LEU C 426 -11.05 -23.57 -29.95
N GLN C 427 -11.10 -22.24 -30.08
CA GLN C 427 -10.15 -21.39 -29.38
C GLN C 427 -10.44 -21.30 -27.88
N ASP C 428 -11.71 -21.46 -27.48
CA ASP C 428 -12.03 -21.47 -26.06
C ASP C 428 -11.50 -22.72 -25.36
N TYR C 429 -11.27 -23.81 -26.11
CA TYR C 429 -10.64 -24.98 -25.53
C TYR C 429 -9.16 -24.72 -25.24
N ILE C 430 -8.45 -24.10 -26.18
CA ILE C 430 -7.03 -23.85 -25.99
C ILE C 430 -6.81 -22.66 -25.04
N HIS C 431 -7.83 -21.83 -24.82
CA HIS C 431 -7.69 -20.74 -23.85
C HIS C 431 -7.65 -21.27 -22.42
N ASP C 432 -8.42 -22.31 -22.13
CA ASP C 432 -8.44 -22.89 -20.79
C ASP C 432 -7.19 -23.75 -20.59
N TRP C 433 -6.46 -23.49 -19.51
CA TRP C 433 -5.22 -24.22 -19.25
C TRP C 433 -5.48 -25.63 -18.74
N TRP C 434 -6.60 -25.83 -18.04
CA TRP C 434 -6.94 -27.17 -17.59
C TRP C 434 -7.27 -28.09 -18.76
N ASN C 435 -7.82 -27.55 -19.84
CA ASN C 435 -8.01 -28.35 -21.04
C ASN C 435 -6.69 -28.74 -21.67
N LEU C 436 -5.68 -27.86 -21.61
CA LEU C 436 -4.34 -28.21 -22.06
C LEU C 436 -3.74 -29.32 -21.19
N MET C 437 -3.97 -29.26 -19.88
CA MET C 437 -3.51 -30.32 -18.99
C MET C 437 -4.21 -31.63 -19.31
N ASP C 438 -5.50 -31.59 -19.62
CA ASP C 438 -6.22 -32.79 -20.05
C ASP C 438 -5.65 -33.34 -21.35
N PHE C 439 -5.31 -32.47 -22.29
CA PHE C 439 -4.71 -32.91 -23.55
C PHE C 439 -3.36 -33.56 -23.33
N VAL C 440 -2.54 -33.00 -22.43
CA VAL C 440 -1.23 -33.59 -22.13
C VAL C 440 -1.39 -34.95 -21.48
N MET C 441 -2.30 -35.07 -20.50
CA MET C 441 -2.47 -36.34 -19.80
C MET C 441 -3.11 -37.39 -20.72
N ASN C 442 -3.96 -36.97 -21.66
CA ASN C 442 -4.55 -37.91 -22.61
C ASN C 442 -3.54 -38.38 -23.64
N SER C 443 -2.67 -37.47 -24.10
CA SER C 443 -1.59 -37.88 -24.99
C SER C 443 -0.64 -38.84 -24.30
N LEU C 444 -0.34 -38.60 -23.03
CA LEU C 444 0.56 -39.49 -22.28
C LEU C 444 -0.09 -40.86 -22.06
N TYR C 445 -1.38 -40.90 -21.74
CA TYR C 445 -2.09 -42.17 -21.61
C TYR C 445 -2.13 -42.94 -22.94
N LEU C 446 -2.38 -42.24 -24.05
CA LEU C 446 -2.38 -42.89 -25.36
C LEU C 446 -1.01 -43.45 -25.70
N ALA C 447 0.05 -42.67 -25.43
CA ALA C 447 1.41 -43.15 -25.68
C ALA C 447 1.75 -44.33 -24.79
N THR C 448 1.30 -44.32 -23.53
CA THR C 448 1.58 -45.42 -22.61
C THR C 448 0.91 -46.70 -23.07
N ILE C 449 -0.39 -46.63 -23.40
CA ILE C 449 -1.08 -47.85 -23.82
C ILE C 449 -0.59 -48.33 -25.18
N SER C 450 -0.20 -47.40 -26.07
CA SER C 450 0.36 -47.79 -27.36
C SER C 450 1.71 -48.50 -27.18
N LEU C 451 2.57 -47.96 -26.31
CA LEU C 451 3.86 -48.58 -26.08
C LEU C 451 3.72 -49.94 -25.40
N LYS C 452 2.77 -50.06 -24.46
CA LYS C 452 2.56 -51.34 -23.80
C LYS C 452 2.01 -52.39 -24.77
N ILE C 453 1.09 -52.00 -25.65
CA ILE C 453 0.56 -52.92 -26.65
C ILE C 453 1.66 -53.33 -27.62
N VAL C 454 2.50 -52.38 -28.04
CA VAL C 454 3.60 -52.69 -28.96
C VAL C 454 4.59 -53.65 -28.31
N ALA C 455 4.96 -53.39 -27.06
CA ALA C 455 5.91 -54.26 -26.38
C ALA C 455 5.31 -55.63 -26.07
N PHE C 456 3.98 -55.71 -25.91
CA PHE C 456 3.35 -57.00 -25.69
C PHE C 456 3.30 -57.83 -26.97
N VAL C 457 2.98 -57.19 -28.10
CA VAL C 457 2.81 -57.96 -29.33
C VAL C 457 4.15 -58.20 -30.05
N LYS C 458 5.19 -57.42 -29.75
CA LYS C 458 6.51 -57.69 -30.32
C LYS C 458 7.57 -57.18 -29.36
N TYR C 459 8.57 -58.01 -29.10
CA TYR C 459 9.62 -57.67 -28.16
C TYR C 459 10.90 -58.45 -28.45
N PRO C 464 14.64 -60.83 -16.52
CA PRO C 464 15.73 -60.02 -15.97
C PRO C 464 15.58 -58.53 -16.28
N ARG C 465 15.13 -57.75 -15.29
CA ARG C 465 14.97 -56.32 -15.49
C ARG C 465 16.31 -55.62 -15.66
N GLU C 466 17.35 -56.08 -14.95
CA GLU C 466 18.66 -55.46 -15.03
C GLU C 466 19.34 -55.65 -16.38
N SER C 467 18.88 -56.60 -17.19
CA SER C 467 19.46 -56.86 -18.50
C SER C 467 18.72 -56.15 -19.62
N TRP C 468 17.74 -55.30 -19.31
CA TRP C 468 16.97 -54.63 -20.35
C TRP C 468 17.77 -53.52 -21.01
N ASP C 469 17.36 -53.18 -22.23
CA ASP C 469 17.86 -52.00 -22.91
C ASP C 469 17.41 -50.75 -22.16
N MET C 470 18.22 -49.69 -22.25
CA MET C 470 17.92 -48.47 -21.52
C MET C 470 16.73 -47.75 -22.14
N TRP C 471 16.51 -47.91 -23.44
CA TRP C 471 15.34 -47.37 -24.14
C TRP C 471 14.31 -48.46 -24.42
N HIS C 472 14.15 -49.39 -23.49
CA HIS C 472 13.14 -50.44 -23.65
C HIS C 472 11.75 -49.84 -23.60
N PRO C 473 10.82 -50.31 -24.44
CA PRO C 473 9.47 -49.72 -24.45
C PRO C 473 8.71 -49.86 -23.14
N THR C 474 8.98 -50.92 -22.36
CA THR C 474 8.32 -51.07 -21.07
C THR C 474 8.73 -49.96 -20.11
N LEU C 475 10.02 -49.60 -20.08
CA LEU C 475 10.50 -48.56 -19.18
C LEU C 475 9.96 -47.19 -19.59
N VAL C 476 9.93 -46.90 -20.89
CA VAL C 476 9.38 -45.63 -21.35
C VAL C 476 7.88 -45.58 -21.08
N ALA C 477 7.18 -46.71 -21.22
CA ALA C 477 5.77 -46.76 -20.89
C ALA C 477 5.54 -46.49 -19.41
N GLU C 478 6.39 -47.05 -18.54
CA GLU C 478 6.28 -46.80 -17.11
C GLU C 478 6.53 -45.33 -16.77
N ALA C 479 7.54 -44.72 -17.41
CA ALA C 479 7.84 -43.31 -17.15
C ALA C 479 6.69 -42.41 -17.60
N LEU C 480 6.15 -42.67 -18.80
CA LEU C 480 5.03 -41.87 -19.29
C LEU C 480 3.78 -42.08 -18.43
N PHE C 481 3.57 -43.31 -17.93
CA PHE C 481 2.44 -43.55 -17.06
C PHE C 481 2.60 -42.83 -15.72
N ALA C 482 3.83 -42.75 -15.20
CA ALA C 482 4.07 -42.00 -13.97
C ALA C 482 3.82 -40.51 -14.15
N ILE C 483 4.30 -39.93 -15.25
CA ILE C 483 4.08 -38.51 -15.50
C ILE C 483 2.59 -38.23 -15.72
N ALA C 484 1.90 -39.12 -16.42
CA ALA C 484 0.47 -38.96 -16.60
C ALA C 484 -0.31 -39.13 -15.30
N ASN C 485 0.20 -39.96 -14.38
CA ASN C 485 -0.41 -40.05 -13.05
C ASN C 485 -0.24 -38.75 -12.28
N ILE C 486 0.92 -38.11 -12.41
CA ILE C 486 1.12 -36.79 -11.82
C ILE C 486 0.09 -35.80 -12.35
N PHE C 487 -0.10 -35.79 -13.67
CA PHE C 487 -1.06 -34.85 -14.26
C PHE C 487 -2.50 -35.17 -13.84
N SER C 488 -2.85 -36.46 -13.80
CA SER C 488 -4.20 -36.86 -13.43
C SER C 488 -4.52 -36.51 -11.98
N SER C 489 -3.55 -36.68 -11.07
CA SER C 489 -3.84 -36.33 -9.69
C SER C 489 -3.62 -34.86 -9.40
N LEU C 490 -2.92 -34.13 -10.27
CA LEU C 490 -2.86 -32.68 -10.19
C LEU C 490 -4.09 -32.01 -10.78
N ARG C 491 -4.89 -32.75 -11.53
CA ARG C 491 -6.15 -32.23 -12.03
C ARG C 491 -7.18 -31.92 -10.94
N LEU C 492 -6.96 -32.41 -9.71
CA LEU C 492 -7.91 -32.16 -8.63
C LEU C 492 -7.91 -30.72 -8.15
N ILE C 493 -6.92 -29.91 -8.53
CA ILE C 493 -6.95 -28.49 -8.22
C ILE C 493 -8.11 -27.80 -8.93
N SER C 494 -8.53 -28.33 -10.08
CA SER C 494 -9.65 -27.76 -10.82
C SER C 494 -10.97 -27.93 -10.07
N LEU C 495 -11.06 -28.90 -9.15
CA LEU C 495 -12.28 -29.10 -8.39
C LEU C 495 -12.38 -28.21 -7.16
N PHE C 496 -11.35 -27.39 -6.88
CA PHE C 496 -11.43 -26.47 -5.76
C PHE C 496 -12.23 -25.21 -6.08
N THR C 497 -12.61 -25.03 -7.35
CA THR C 497 -13.40 -23.86 -7.72
C THR C 497 -14.81 -23.92 -7.14
N ALA C 498 -15.38 -25.13 -7.02
CA ALA C 498 -16.73 -25.25 -6.51
C ALA C 498 -16.79 -24.99 -5.00
N ASN C 499 -15.66 -25.10 -4.31
CA ASN C 499 -15.64 -24.82 -2.88
C ASN C 499 -15.69 -23.32 -2.63
N SER C 500 -16.18 -22.95 -1.45
CA SER C 500 -16.38 -21.55 -1.10
C SER C 500 -15.19 -20.92 -0.40
N HIS C 501 -14.14 -21.70 -0.08
CA HIS C 501 -12.98 -21.17 0.62
C HIS C 501 -11.70 -21.32 -0.18
N LEU C 502 -11.46 -22.46 -0.80
CA LEU C 502 -10.23 -22.68 -1.55
C LEU C 502 -10.29 -22.12 -2.97
N GLY C 503 -11.49 -21.75 -3.43
CA GLY C 503 -11.70 -21.20 -4.74
C GLY C 503 -10.94 -19.91 -5.03
N PRO C 504 -11.08 -18.88 -4.17
CA PRO C 504 -10.30 -17.65 -4.36
C PRO C 504 -8.79 -17.87 -4.35
N LEU C 505 -8.30 -18.79 -3.52
CA LEU C 505 -6.86 -19.07 -3.49
C LEU C 505 -6.40 -19.72 -4.80
N GLN C 506 -7.18 -20.67 -5.31
CA GLN C 506 -6.83 -21.31 -6.58
C GLN C 506 -6.88 -20.31 -7.73
N ILE C 507 -7.87 -19.42 -7.72
CA ILE C 507 -7.98 -18.40 -8.77
C ILE C 507 -6.81 -17.42 -8.68
N SER C 508 -6.38 -17.08 -7.46
CA SER C 508 -5.24 -16.19 -7.30
C SER C 508 -3.94 -16.83 -7.79
N LEU C 509 -3.79 -18.14 -7.58
CA LEU C 509 -2.66 -18.87 -8.15
C LEU C 509 -2.68 -18.83 -9.67
N GLY C 510 -3.86 -19.06 -10.26
CA GLY C 510 -3.96 -19.17 -11.70
C GLY C 510 -3.78 -17.85 -12.42
N ARG C 511 -3.81 -16.74 -11.69
CA ARG C 511 -3.60 -15.44 -12.33
C ARG C 511 -2.13 -15.03 -12.32
N MET C 512 -1.34 -15.49 -11.36
CA MET C 512 0.09 -15.17 -11.38
C MET C 512 0.96 -16.28 -11.97
N LEU C 513 0.36 -17.40 -12.40
CA LEU C 513 1.16 -18.39 -13.13
C LEU C 513 1.81 -17.82 -14.40
N LEU C 514 1.08 -16.99 -15.16
CA LEU C 514 1.65 -16.40 -16.38
C LEU C 514 2.80 -15.46 -16.05
N ASP C 515 2.66 -14.70 -14.97
CA ASP C 515 3.72 -13.81 -14.52
C ASP C 515 4.94 -14.59 -14.05
N ILE C 516 4.70 -15.76 -13.43
CA ILE C 516 5.79 -16.67 -13.10
C ILE C 516 6.52 -17.12 -14.35
N LEU C 517 5.78 -17.41 -15.42
CA LEU C 517 6.41 -17.78 -16.69
C LEU C 517 7.26 -16.64 -17.23
N LYS C 518 6.78 -15.40 -17.08
CA LYS C 518 7.56 -14.24 -17.49
C LYS C 518 8.88 -14.12 -16.73
N PHE C 519 8.87 -14.37 -15.42
CA PHE C 519 10.13 -14.36 -14.68
C PHE C 519 11.02 -15.56 -14.99
N LEU C 520 10.42 -16.71 -15.28
CA LEU C 520 11.20 -17.90 -15.59
C LEU C 520 11.94 -17.76 -16.91
N PHE C 521 11.43 -16.93 -17.83
CA PHE C 521 12.18 -16.64 -19.04
C PHE C 521 13.51 -15.93 -18.74
N ILE C 522 13.48 -14.91 -17.87
CA ILE C 522 14.69 -14.18 -17.50
C ILE C 522 15.65 -15.10 -16.75
N TYR C 523 15.12 -15.92 -15.84
CA TYR C 523 15.99 -16.86 -15.14
C TYR C 523 16.61 -17.86 -16.11
N CYS C 524 15.85 -18.30 -17.11
CA CYS C 524 16.37 -19.25 -18.09
C CYS C 524 17.51 -18.65 -18.89
N LEU C 525 17.40 -17.36 -19.25
CA LEU C 525 18.51 -16.72 -19.95
C LEU C 525 19.76 -16.61 -19.07
N VAL C 526 19.59 -16.24 -17.79
CA VAL C 526 20.73 -16.15 -16.89
C VAL C 526 21.36 -17.53 -16.69
N LEU C 527 20.54 -18.56 -16.55
CA LEU C 527 21.01 -19.94 -16.41
C LEU C 527 21.79 -20.37 -17.63
N LEU C 528 21.29 -20.06 -18.83
CA LEU C 528 22.00 -20.41 -20.06
C LEU C 528 23.35 -19.72 -20.13
N ALA C 529 23.41 -18.44 -19.76
CA ALA C 529 24.67 -17.70 -19.80
C ALA C 529 25.72 -18.32 -18.89
N PHE C 530 25.35 -18.53 -17.62
CA PHE C 530 26.34 -19.07 -16.69
C PHE C 530 26.69 -20.52 -16.97
N ALA C 531 25.72 -21.32 -17.43
CA ALA C 531 26.00 -22.70 -17.79
C ALA C 531 26.95 -22.80 -18.96
N ASN C 532 26.75 -21.95 -19.98
CA ASN C 532 27.61 -22.00 -21.16
C ASN C 532 29.02 -21.58 -20.77
N GLY C 533 29.15 -20.55 -19.92
CA GLY C 533 30.46 -20.12 -19.48
C GLY C 533 31.20 -21.16 -18.64
N LEU C 534 30.50 -21.81 -17.70
CA LEU C 534 31.13 -22.85 -16.91
C LEU C 534 31.50 -24.06 -17.75
N ASN C 535 30.69 -24.38 -18.77
CA ASN C 535 31.06 -25.44 -19.71
C ASN C 535 32.34 -25.07 -20.46
N GLN C 536 32.51 -23.80 -20.82
CA GLN C 536 33.76 -23.38 -21.50
C GLN C 536 34.99 -23.72 -20.66
N LEU C 537 35.07 -23.20 -19.43
CA LEU C 537 36.29 -23.37 -18.59
C LEU C 537 36.59 -24.84 -18.24
N TYR C 538 35.57 -25.64 -17.92
CA TYR C 538 35.85 -27.01 -17.41
C TYR C 538 35.74 -28.10 -18.47
N PHE C 539 35.23 -27.81 -19.68
CA PHE C 539 35.06 -28.89 -20.64
C PHE C 539 36.27 -29.81 -20.70
N TYR C 540 37.47 -29.26 -20.58
CA TYR C 540 38.68 -30.02 -20.83
C TYR C 540 39.16 -30.80 -19.62
N TYR C 541 38.59 -30.57 -18.44
CA TYR C 541 38.87 -31.40 -17.27
C TYR C 541 37.74 -32.41 -17.07
N GLU C 542 37.64 -33.35 -18.01
CA GLU C 542 36.61 -34.38 -18.00
C GLU C 542 37.22 -35.68 -17.49
N GLU C 543 36.94 -35.99 -16.23
CA GLU C 543 37.50 -37.17 -15.58
C GLU C 543 36.46 -38.29 -15.64
N THR C 544 36.73 -39.33 -16.46
CA THR C 544 35.82 -40.45 -16.63
C THR C 544 36.50 -41.80 -16.42
N LYS C 545 37.59 -41.86 -15.66
CA LYS C 545 38.37 -43.08 -15.52
C LYS C 545 37.92 -43.82 -14.26
N GLY C 546 37.11 -44.86 -14.45
CA GLY C 546 36.76 -45.79 -13.39
C GLY C 546 36.00 -45.21 -12.22
N LEU C 547 34.96 -44.43 -12.49
CA LEU C 547 34.17 -43.82 -11.44
C LEU C 547 32.81 -44.46 -11.23
N THR C 548 32.27 -45.11 -12.28
CA THR C 548 31.03 -45.89 -12.31
C THR C 548 29.77 -45.07 -12.08
N CYS C 549 29.87 -43.77 -11.84
CA CYS C 549 28.69 -42.90 -11.79
C CYS C 549 29.16 -41.49 -12.19
N LYS C 550 28.96 -41.13 -13.45
CA LYS C 550 29.39 -39.85 -13.97
C LYS C 550 28.19 -38.91 -13.95
N GLY C 551 28.29 -37.85 -13.16
CA GLY C 551 27.24 -36.86 -13.09
C GLY C 551 27.12 -36.32 -11.68
N ILE C 552 25.99 -35.68 -11.42
CA ILE C 552 25.70 -35.11 -10.12
C ILE C 552 24.82 -36.02 -9.26
N ARG C 553 24.33 -37.12 -9.83
CA ARG C 553 23.40 -38.00 -9.13
C ARG C 553 24.09 -39.22 -8.56
N CYS C 554 25.32 -39.08 -8.11
CA CYS C 554 26.04 -40.13 -7.39
C CYS C 554 26.41 -39.61 -6.00
N GLU C 555 26.96 -40.51 -5.18
CA GLU C 555 27.39 -40.13 -3.84
C GLU C 555 28.56 -39.14 -3.90
N LYS C 556 29.50 -39.38 -4.79
CA LYS C 556 30.60 -38.44 -5.06
C LYS C 556 30.26 -37.71 -6.36
N GLN C 557 29.95 -36.42 -6.26
CA GLN C 557 29.58 -35.64 -7.44
C GLN C 557 30.81 -35.35 -8.27
N ASN C 558 30.80 -35.79 -9.51
CA ASN C 558 31.95 -35.68 -10.41
C ASN C 558 31.48 -35.25 -11.78
N ASN C 559 32.30 -34.45 -12.47
CA ASN C 559 32.02 -33.94 -13.81
C ASN C 559 30.69 -33.20 -13.87
N ALA C 560 30.45 -32.37 -12.86
CA ALA C 560 29.24 -31.56 -12.82
C ALA C 560 29.23 -30.48 -13.89
N PHE C 561 30.39 -30.07 -14.38
CA PHE C 561 30.51 -28.99 -15.35
C PHE C 561 31.22 -29.44 -16.62
N SER C 562 31.22 -30.73 -16.90
CA SER C 562 31.99 -31.27 -18.02
C SER C 562 31.26 -31.22 -19.35
N THR C 563 29.97 -30.88 -19.36
CA THR C 563 29.25 -30.69 -20.61
C THR C 563 28.08 -29.75 -20.35
N LEU C 564 27.49 -29.24 -21.43
CA LEU C 564 26.46 -28.22 -21.31
C LEU C 564 25.21 -28.75 -20.63
N PHE C 565 24.83 -30.00 -20.93
CA PHE C 565 23.66 -30.59 -20.29
C PHE C 565 23.89 -30.78 -18.80
N GLU C 566 25.04 -31.34 -18.43
CA GLU C 566 25.34 -31.55 -17.02
C GLU C 566 25.57 -30.23 -16.29
N THR C 567 26.15 -29.23 -16.97
CA THR C 567 26.29 -27.92 -16.35
C THR C 567 24.92 -27.28 -16.10
N LEU C 568 24.00 -27.44 -17.05
CA LEU C 568 22.64 -26.92 -16.85
C LEU C 568 21.96 -27.60 -15.69
N GLN C 569 22.07 -28.93 -15.59
CA GLN C 569 21.47 -29.65 -14.47
C GLN C 569 22.11 -29.25 -13.15
N SER C 570 23.43 -29.16 -13.09
CA SER C 570 24.12 -28.86 -11.85
C SER C 570 23.86 -27.43 -11.40
N LEU C 571 23.73 -26.49 -12.34
CA LEU C 571 23.37 -25.13 -11.96
C LEU C 571 21.90 -24.99 -11.61
N PHE C 572 21.02 -25.83 -12.17
CA PHE C 572 19.65 -25.86 -11.67
C PHE C 572 19.59 -26.38 -10.24
N TRP C 573 20.32 -27.43 -9.93
CA TRP C 573 20.23 -28.04 -8.61
C TRP C 573 20.91 -27.21 -7.52
N SER C 574 21.67 -26.18 -7.89
CA SER C 574 22.35 -25.34 -6.91
C SER C 574 21.42 -24.34 -6.24
N ILE C 575 20.20 -24.17 -6.74
CA ILE C 575 19.21 -23.35 -6.05
C ILE C 575 18.85 -23.96 -4.70
N PHE C 576 18.69 -25.28 -4.67
CA PHE C 576 18.23 -25.98 -3.49
C PHE C 576 19.37 -26.48 -2.61
N GLY C 577 20.61 -26.13 -2.94
CA GLY C 577 21.75 -26.48 -2.12
C GLY C 577 22.17 -27.92 -2.18
N LEU C 578 21.72 -28.67 -3.18
CA LEU C 578 22.07 -30.07 -3.32
C LEU C 578 23.37 -30.30 -4.07
N ILE C 579 24.04 -29.23 -4.51
CA ILE C 579 25.30 -29.33 -5.23
C ILE C 579 26.41 -28.93 -4.26
N ASN C 580 27.30 -29.87 -3.96
CA ASN C 580 28.37 -29.61 -3.03
C ASN C 580 29.44 -28.74 -3.68
N LEU C 581 30.33 -28.20 -2.84
CA LEU C 581 31.35 -27.28 -3.32
C LEU C 581 32.51 -27.98 -4.01
N TYR C 582 32.70 -29.28 -3.80
CA TYR C 582 33.83 -29.97 -4.41
C TYR C 582 33.57 -30.37 -5.85
N VAL C 583 32.45 -29.97 -6.45
CA VAL C 583 32.25 -30.17 -7.87
C VAL C 583 33.07 -29.21 -8.72
N THR C 584 33.66 -28.18 -8.11
CA THR C 584 34.55 -27.25 -8.78
C THR C 584 36.01 -27.64 -8.62
N ASN C 585 36.29 -28.93 -8.54
CA ASN C 585 37.64 -29.45 -8.42
C ASN C 585 38.00 -30.21 -9.69
N VAL C 586 39.23 -30.00 -10.16
CA VAL C 586 39.73 -30.72 -11.32
C VAL C 586 40.69 -31.79 -10.84
N LYS C 587 40.98 -32.74 -11.73
CA LYS C 587 41.90 -33.82 -11.41
C LYS C 587 43.35 -33.35 -11.33
N ALA C 588 43.66 -32.16 -11.85
CA ALA C 588 45.02 -31.66 -11.89
C ALA C 588 45.29 -30.79 -10.67
N GLN C 589 46.46 -30.12 -10.66
CA GLN C 589 46.87 -29.24 -9.57
C GLN C 589 46.78 -27.77 -9.98
N HIS C 590 45.93 -27.47 -10.96
CA HIS C 590 45.66 -26.09 -11.32
C HIS C 590 44.87 -25.42 -10.21
N GLU C 591 45.11 -24.14 -9.99
CA GLU C 591 44.46 -23.39 -8.93
C GLU C 591 43.68 -22.19 -9.42
N PHE C 592 44.21 -21.45 -10.39
CA PHE C 592 43.51 -20.27 -10.89
C PHE C 592 42.26 -20.66 -11.66
N THR C 593 42.31 -21.78 -12.39
CA THR C 593 41.12 -22.29 -13.06
C THR C 593 40.06 -22.72 -12.04
N GLU C 594 40.47 -23.38 -10.96
CA GLU C 594 39.55 -23.71 -9.89
C GLU C 594 38.93 -22.46 -9.27
N PHE C 595 39.73 -21.42 -9.05
CA PHE C 595 39.19 -20.21 -8.45
C PHE C 595 38.24 -19.47 -9.38
N VAL C 596 38.51 -19.45 -10.69
CA VAL C 596 37.60 -18.81 -11.62
C VAL C 596 36.29 -19.60 -11.71
N GLY C 597 36.38 -20.94 -11.71
CA GLY C 597 35.17 -21.74 -11.70
C GLY C 597 34.36 -21.56 -10.43
N ALA C 598 35.04 -21.49 -9.28
CA ALA C 598 34.35 -21.29 -8.01
C ALA C 598 33.72 -19.91 -7.94
N THR C 599 34.40 -18.87 -8.45
CA THR C 599 33.82 -17.54 -8.37
C THR C 599 32.69 -17.35 -9.38
N MET C 600 32.73 -18.06 -10.51
CA MET C 600 31.58 -18.02 -11.42
C MET C 600 30.38 -18.76 -10.83
N PHE C 601 30.63 -19.91 -10.20
CA PHE C 601 29.54 -20.67 -9.56
C PHE C 601 28.93 -19.82 -8.44
N GLY C 602 29.77 -19.20 -7.61
CA GLY C 602 29.29 -18.34 -6.52
C GLY C 602 28.50 -17.16 -7.05
N THR C 603 29.01 -16.52 -8.11
CA THR C 603 28.31 -15.36 -8.72
C THR C 603 26.93 -15.79 -9.21
N TYR C 604 26.84 -16.99 -9.80
CA TYR C 604 25.50 -17.51 -10.23
C TYR C 604 24.61 -17.68 -9.01
N ASN C 605 25.12 -18.34 -7.96
CA ASN C 605 24.34 -18.52 -6.71
C ASN C 605 23.86 -17.14 -6.26
N VAL C 606 24.76 -16.16 -6.17
CA VAL C 606 24.33 -14.86 -5.68
C VAL C 606 23.20 -14.31 -6.54
N ILE C 607 23.40 -14.31 -7.87
CA ILE C 607 22.43 -13.74 -8.79
C ILE C 607 21.10 -14.48 -8.72
N SER C 608 21.14 -15.81 -8.69
CA SER C 608 19.92 -16.60 -8.76
C SER C 608 19.29 -16.86 -7.40
N LEU C 609 19.94 -16.54 -6.28
CA LEU C 609 19.34 -16.75 -4.98
C LEU C 609 19.09 -15.48 -4.19
N VAL C 610 20.05 -14.55 -4.13
CA VAL C 610 19.86 -13.33 -3.39
C VAL C 610 19.18 -12.25 -4.23
N VAL C 611 19.52 -12.12 -5.51
CA VAL C 611 18.97 -11.06 -6.34
C VAL C 611 17.68 -11.51 -7.01
N LEU C 612 17.75 -12.53 -7.86
CA LEU C 612 16.60 -12.90 -8.69
C LEU C 612 15.49 -13.56 -7.86
N LEU C 613 15.86 -14.50 -6.99
CA LEU C 613 14.86 -15.25 -6.24
C LEU C 613 14.19 -14.41 -5.16
N ASN C 614 14.80 -13.29 -4.77
CA ASN C 614 14.16 -12.36 -3.86
C ASN C 614 13.47 -11.21 -4.59
N MET C 615 13.88 -10.93 -5.83
CA MET C 615 13.09 -10.09 -6.71
C MET C 615 11.74 -10.70 -6.96
N LEU C 616 11.72 -12.04 -7.12
CA LEU C 616 10.50 -12.75 -7.44
C LEU C 616 9.48 -12.65 -6.30
N ILE C 617 9.94 -12.68 -5.04
CA ILE C 617 9.04 -12.59 -3.91
C ILE C 617 8.34 -11.23 -3.87
N ALA C 618 9.11 -10.15 -4.05
CA ALA C 618 8.54 -8.81 -4.06
C ALA C 618 7.57 -8.63 -5.21
N MET C 619 7.92 -9.14 -6.38
CA MET C 619 7.05 -9.02 -7.53
C MET C 619 5.76 -9.84 -7.36
N MET C 620 5.85 -11.03 -6.76
CA MET C 620 4.64 -11.77 -6.38
C MET C 620 3.78 -11.01 -5.40
N ASN C 621 4.40 -10.34 -4.42
CA ASN C 621 3.61 -9.61 -3.43
C ASN C 621 2.85 -8.46 -4.08
N ASN C 622 3.51 -7.74 -4.98
CA ASN C 622 2.81 -6.68 -5.73
C ASN C 622 1.69 -7.26 -6.60
N SER C 623 1.95 -8.40 -7.24
CA SER C 623 0.93 -9.03 -8.07
C SER C 623 -0.28 -9.48 -7.26
N TYR C 624 -0.05 -10.04 -6.08
CA TYR C 624 -1.16 -10.47 -5.22
C TYR C 624 -1.90 -9.29 -4.63
N GLN C 625 -1.20 -8.19 -4.34
CA GLN C 625 -1.91 -6.98 -3.92
C GLN C 625 -2.80 -6.45 -5.02
N LEU C 626 -2.34 -6.57 -6.28
CA LEU C 626 -3.18 -6.13 -7.40
C LEU C 626 -4.32 -7.12 -7.66
N ILE C 627 -4.13 -8.39 -7.34
CA ILE C 627 -5.08 -9.43 -7.73
C ILE C 627 -6.20 -9.58 -6.70
N ALA C 628 -5.85 -9.52 -5.41
CA ALA C 628 -6.78 -9.90 -4.35
C ALA C 628 -7.98 -8.97 -4.22
N ASP C 629 -7.93 -7.77 -4.80
CA ASP C 629 -9.08 -6.89 -4.77
C ASP C 629 -10.21 -7.42 -5.62
N HIS C 630 -9.89 -8.07 -6.74
CA HIS C 630 -10.87 -8.61 -7.66
C HIS C 630 -10.98 -10.13 -7.56
N ALA C 631 -10.48 -10.72 -6.47
CA ALA C 631 -10.44 -12.18 -6.36
C ALA C 631 -11.83 -12.79 -6.26
N ASP C 632 -12.73 -12.11 -5.54
CA ASP C 632 -14.10 -12.63 -5.38
C ASP C 632 -14.85 -12.65 -6.70
N ILE C 633 -14.67 -11.61 -7.52
CA ILE C 633 -15.38 -11.54 -8.80
C ILE C 633 -14.89 -12.63 -9.75
N GLU C 634 -13.57 -12.80 -9.84
CA GLU C 634 -13.02 -13.83 -10.72
C GLU C 634 -13.37 -15.23 -10.22
N TRP C 635 -13.38 -15.43 -8.90
CA TRP C 635 -13.78 -16.73 -8.37
C TRP C 635 -15.24 -17.02 -8.68
N LYS C 636 -16.11 -16.02 -8.56
CA LYS C 636 -17.52 -16.23 -8.88
C LYS C 636 -17.72 -16.51 -10.37
N PHE C 637 -16.96 -15.84 -11.23
CA PHE C 637 -17.04 -16.12 -12.66
C PHE C 637 -16.58 -17.53 -12.99
N ALA C 638 -15.45 -17.97 -12.41
CA ALA C 638 -14.96 -19.32 -12.66
C ALA C 638 -15.91 -20.38 -12.09
N ARG C 639 -16.49 -20.10 -10.93
CA ARG C 639 -17.45 -21.03 -10.33
C ARG C 639 -18.73 -21.11 -11.17
N THR C 640 -19.15 -19.99 -11.76
CA THR C 640 -20.29 -20.01 -12.67
C THR C 640 -19.99 -20.82 -13.92
N LYS C 641 -18.78 -20.68 -14.48
CA LYS C 641 -18.38 -21.49 -15.62
C LYS C 641 -18.41 -22.98 -15.28
N LEU C 642 -17.89 -23.33 -14.10
CA LEU C 642 -17.90 -24.72 -13.66
C LEU C 642 -19.34 -25.21 -13.43
N TRP C 643 -20.21 -24.34 -12.92
CA TRP C 643 -21.60 -24.72 -12.67
C TRP C 643 -22.34 -25.00 -13.96
N MET C 644 -22.27 -24.08 -14.93
CA MET C 644 -23.02 -24.28 -16.17
C MET C 644 -22.28 -25.15 -17.17
N SER C 645 -21.08 -25.65 -16.85
CA SER C 645 -20.55 -26.77 -17.61
C SER C 645 -21.39 -28.04 -17.41
N TYR C 646 -22.13 -28.13 -16.31
CA TYR C 646 -22.97 -29.29 -16.01
C TYR C 646 -24.45 -29.02 -16.23
N PHE C 647 -24.84 -27.81 -16.63
CA PHE C 647 -26.25 -27.47 -16.72
C PHE C 647 -26.92 -28.15 -17.90
N GLU C 648 -26.26 -28.18 -19.05
CA GLU C 648 -26.87 -28.68 -20.27
C GLU C 648 -26.92 -30.21 -20.24
N GLU C 649 -27.61 -30.78 -21.23
CA GLU C 649 -27.71 -32.22 -21.38
C GLU C 649 -26.72 -32.77 -22.38
N GLY C 650 -25.77 -31.95 -22.84
CA GLY C 650 -24.72 -32.42 -23.73
C GLY C 650 -23.67 -33.21 -22.99
N GLY C 651 -24.05 -34.39 -22.51
CA GLY C 651 -23.21 -35.21 -21.67
C GLY C 651 -23.73 -35.24 -20.24
N THR C 652 -24.48 -36.30 -19.92
CA THR C 652 -25.07 -36.46 -18.60
C THR C 652 -24.51 -37.64 -17.84
N LEU C 653 -24.28 -38.77 -18.50
CA LEU C 653 -23.63 -39.94 -17.96
C LEU C 653 -22.18 -39.61 -17.62
N PRO C 654 -21.63 -40.20 -16.55
CA PRO C 654 -20.24 -39.89 -16.17
C PRO C 654 -19.21 -40.42 -17.16
N THR C 655 -17.94 -40.24 -16.81
CA THR C 655 -16.85 -40.58 -17.72
C THR C 655 -16.77 -42.05 -18.12
N PRO C 656 -16.76 -43.04 -17.22
CA PRO C 656 -16.52 -44.42 -17.68
C PRO C 656 -17.73 -45.11 -18.27
N PHE C 657 -18.94 -44.58 -18.11
CA PHE C 657 -20.15 -45.30 -18.48
C PHE C 657 -20.80 -44.79 -19.76
N ASN C 658 -20.29 -43.73 -20.37
CA ASN C 658 -20.94 -43.11 -21.52
C ASN C 658 -20.54 -43.76 -22.85
N VAL C 659 -19.73 -44.81 -22.80
CA VAL C 659 -19.28 -45.50 -24.02
C VAL C 659 -20.25 -46.60 -24.43
N ILE C 660 -21.40 -46.70 -23.76
CA ILE C 660 -22.38 -47.71 -24.09
C ILE C 660 -23.51 -47.11 -24.93
N ARG C 694 -46.12 -19.69 -36.07
CA ARG C 694 -46.01 -20.01 -34.65
C ARG C 694 -44.64 -19.63 -34.11
N ARG C 695 -43.59 -20.05 -34.83
CA ARG C 695 -42.22 -19.71 -34.44
C ARG C 695 -41.99 -18.21 -34.51
N ALA C 696 -42.48 -17.57 -35.58
CA ALA C 696 -42.39 -16.11 -35.69
C ALA C 696 -43.21 -15.43 -34.62
N ALA C 697 -44.40 -15.97 -34.31
CA ALA C 697 -45.22 -15.41 -33.24
C ALA C 697 -44.54 -15.55 -31.88
N ASP C 698 -43.93 -16.71 -31.62
CA ASP C 698 -43.21 -16.91 -30.37
C ASP C 698 -42.00 -15.97 -30.25
N ASN C 699 -41.27 -15.78 -31.36
CA ASN C 699 -40.16 -14.84 -31.36
C ASN C 699 -40.64 -13.41 -31.14
N LEU C 700 -41.81 -13.06 -31.70
CA LEU C 700 -42.38 -11.75 -31.47
C LEU C 700 -42.78 -11.56 -30.01
N ARG C 701 -43.35 -12.59 -29.39
CA ARG C 701 -43.71 -12.52 -27.98
C ARG C 701 -42.46 -12.33 -27.10
N ARG C 702 -41.40 -13.10 -27.40
CA ARG C 702 -40.16 -12.97 -26.65
C ARG C 702 -39.54 -11.59 -26.82
N HIS C 703 -39.56 -11.07 -28.05
CA HIS C 703 -38.99 -9.75 -28.32
C HIS C 703 -39.79 -8.65 -27.63
N HIS C 704 -41.13 -8.76 -27.63
CA HIS C 704 -41.95 -7.75 -26.97
C HIS C 704 -41.74 -7.76 -25.46
N GLN C 705 -41.69 -8.96 -24.86
CA GLN C 705 -41.44 -9.06 -23.42
C GLN C 705 -40.07 -8.52 -23.06
N TYR C 706 -39.05 -8.87 -23.86
CA TYR C 706 -37.70 -8.39 -23.61
C TYR C 706 -37.61 -6.87 -23.75
N GLN C 707 -38.30 -6.31 -24.74
CA GLN C 707 -38.24 -4.87 -24.94
C GLN C 707 -38.97 -4.11 -23.84
N GLU C 708 -40.08 -4.65 -23.34
CA GLU C 708 -40.75 -4.03 -22.21
C GLU C 708 -39.89 -4.07 -20.95
N VAL C 709 -39.29 -5.23 -20.67
CA VAL C 709 -38.40 -5.36 -19.51
C VAL C 709 -37.20 -4.44 -19.65
N MET C 710 -36.66 -4.32 -20.86
CA MET C 710 -35.50 -3.46 -21.08
C MET C 710 -35.87 -1.99 -20.99
N ARG C 711 -37.07 -1.60 -21.42
CA ARG C 711 -37.52 -0.23 -21.23
C ARG C 711 -37.61 0.13 -19.76
N ASN C 712 -38.17 -0.78 -18.96
CA ASN C 712 -38.23 -0.56 -17.51
C ASN C 712 -36.83 -0.47 -16.91
N LEU C 713 -35.92 -1.36 -17.34
CA LEU C 713 -34.55 -1.36 -16.81
C LEU C 713 -33.80 -0.09 -17.17
N VAL C 714 -33.95 0.38 -18.42
CA VAL C 714 -33.29 1.61 -18.85
C VAL C 714 -33.83 2.81 -18.10
N LYS C 715 -35.15 2.86 -17.88
CA LYS C 715 -35.75 3.95 -17.11
C LYS C 715 -35.22 3.98 -15.68
N ARG C 716 -35.16 2.79 -15.03
CA ARG C 716 -34.67 2.72 -13.66
C ARG C 716 -33.19 3.11 -13.59
N TYR C 717 -32.39 2.64 -14.55
CA TYR C 717 -30.96 2.98 -14.54
C TYR C 717 -30.73 4.46 -14.78
N VAL C 718 -31.51 5.06 -15.68
CA VAL C 718 -31.35 6.48 -15.97
C VAL C 718 -31.71 7.31 -14.74
N ALA C 719 -32.81 6.97 -14.07
CA ALA C 719 -33.17 7.67 -12.84
C ALA C 719 -32.10 7.51 -11.76
N ALA C 720 -31.58 6.28 -11.59
CA ALA C 720 -30.55 6.03 -10.59
C ALA C 720 -29.25 6.75 -10.90
N MET C 721 -28.82 6.78 -12.16
CA MET C 721 -27.60 7.47 -12.54
C MET C 721 -27.73 8.99 -12.42
N ILE C 722 -28.91 9.53 -12.76
CA ILE C 722 -29.14 10.96 -12.55
C ILE C 722 -29.10 11.30 -11.07
N ARG C 723 -29.72 10.46 -10.23
CA ARG C 723 -29.71 10.69 -8.79
C ARG C 723 -28.31 10.61 -8.20
N ASP C 724 -27.56 9.58 -8.57
CA ASP C 724 -26.21 9.41 -7.97
C ASP C 724 -25.29 10.51 -8.51
N ALA C 725 -25.46 10.92 -9.77
CA ALA C 725 -24.54 11.90 -10.34
C ALA C 725 -24.55 13.20 -9.55
N LYS C 726 -25.75 13.71 -9.24
CA LYS C 726 -25.86 14.94 -8.45
C LYS C 726 -25.72 14.71 -6.96
N THR C 727 -25.70 13.45 -6.51
CA THR C 727 -25.46 13.17 -5.10
C THR C 727 -24.02 13.46 -4.71
N GLU C 728 -23.06 13.04 -5.55
CA GLU C 728 -21.64 13.25 -5.29
C GLU C 728 -21.02 13.96 -6.49
N GLU C 729 -20.69 15.24 -6.32
CA GLU C 729 -20.07 16.02 -7.38
C GLU C 729 -18.78 16.69 -6.91
N GLY C 730 -18.77 17.16 -5.66
CA GLY C 730 -17.59 17.77 -5.08
C GLY C 730 -17.53 19.28 -5.16
N LEU C 731 -18.45 19.91 -5.89
CA LEU C 731 -18.56 21.37 -6.01
C LEU C 731 -17.27 22.00 -6.55
N THR C 732 -17.02 21.74 -7.83
CA THR C 732 -16.00 22.46 -8.57
C THR C 732 -16.30 23.96 -8.58
N GLU C 733 -15.26 24.76 -8.76
CA GLU C 733 -15.31 26.20 -8.51
C GLU C 733 -16.19 26.97 -9.49
N GLU C 734 -16.52 26.40 -10.65
CA GLU C 734 -17.36 27.13 -11.60
C GLU C 734 -18.78 27.28 -11.07
N ASN C 735 -19.22 26.39 -10.19
CA ASN C 735 -20.51 26.57 -9.52
C ASN C 735 -20.49 27.79 -8.62
N PHE C 736 -19.40 28.01 -7.89
CA PHE C 736 -19.28 29.21 -7.07
C PHE C 736 -19.15 30.47 -7.92
N LYS C 737 -18.46 30.38 -9.06
CA LYS C 737 -18.41 31.51 -9.98
C LYS C 737 -19.80 31.82 -10.54
N GLU C 738 -20.59 30.78 -10.83
CA GLU C 738 -21.98 30.97 -11.26
C GLU C 738 -22.79 31.63 -10.17
N LEU C 739 -22.56 31.25 -8.92
CA LEU C 739 -23.26 31.86 -7.78
C LEU C 739 -22.94 33.34 -7.66
N LYS C 740 -21.64 33.69 -7.78
CA LYS C 740 -21.25 35.10 -7.72
C LYS C 740 -21.86 35.89 -8.88
N GLN C 741 -21.85 35.31 -10.08
CA GLN C 741 -22.44 35.99 -11.23
C GLN C 741 -23.94 36.18 -11.08
N ASP C 742 -24.61 35.16 -10.52
CA ASP C 742 -26.08 35.26 -10.29
C ASP C 742 -26.33 36.41 -9.32
N ILE C 743 -25.64 36.43 -8.19
CA ILE C 743 -25.88 37.46 -7.18
C ILE C 743 -25.55 38.85 -7.75
N SER C 744 -24.47 38.95 -8.55
CA SER C 744 -24.14 40.23 -9.16
C SER C 744 -25.20 40.65 -10.18
N SER C 745 -25.77 39.71 -10.92
CA SER C 745 -26.85 40.02 -11.85
C SER C 745 -28.09 40.49 -11.11
N PHE C 746 -28.41 39.86 -9.98
CA PHE C 746 -29.55 40.30 -9.19
C PHE C 746 -29.32 41.70 -8.61
N ARG C 747 -28.09 41.97 -8.15
CA ARG C 747 -27.76 43.31 -7.65
C ARG C 747 -27.87 44.36 -8.75
N PHE C 748 -27.39 44.04 -9.95
CA PHE C 748 -27.48 44.99 -11.05
C PHE C 748 -28.91 45.19 -11.52
N GLU C 749 -29.74 44.14 -11.46
CA GLU C 749 -31.15 44.30 -11.82
C GLU C 749 -31.89 45.13 -10.78
N VAL C 750 -31.51 45.00 -9.50
CA VAL C 750 -32.09 45.85 -8.47
C VAL C 750 -31.66 47.30 -8.66
N LEU C 751 -30.39 47.51 -9.04
CA LEU C 751 -29.91 48.85 -9.36
C LEU C 751 -30.65 49.46 -10.55
N GLY C 752 -30.91 48.65 -11.58
CA GLY C 752 -31.66 49.14 -12.73
C GLY C 752 -33.11 49.43 -12.39
N LEU C 753 -33.72 48.61 -11.54
CA LEU C 753 -35.12 48.82 -11.16
C LEU C 753 -35.28 49.96 -10.18
N LEU C 754 -34.23 50.30 -9.45
CA LEU C 754 -34.29 51.40 -8.48
C LEU C 754 -33.38 52.55 -8.89
N ASP D 16 -1.20 24.31 41.93
CA ASP D 16 -2.14 25.41 42.05
C ASP D 16 -2.93 25.59 40.77
N ARG D 17 -2.85 26.78 40.18
CA ARG D 17 -3.43 27.07 38.88
C ARG D 17 -2.37 27.74 38.01
N ILE D 18 -2.38 27.43 36.71
CA ILE D 18 -1.43 28.01 35.78
C ILE D 18 -1.89 29.42 35.42
N PRO D 19 -1.11 30.45 35.72
CA PRO D 19 -1.49 31.81 35.33
C PRO D 19 -1.30 32.04 33.84
N LEU D 20 -2.21 32.83 33.26
CA LEU D 20 -2.21 33.13 31.84
C LEU D 20 -2.17 34.64 31.67
N ARG D 21 -0.95 35.19 31.61
CA ARG D 21 -0.73 36.60 31.34
C ARG D 21 -0.24 36.76 29.90
N ILE D 22 -0.93 37.58 29.13
CA ILE D 22 -0.60 37.77 27.72
C ILE D 22 0.73 38.50 27.62
N VAL D 23 1.76 37.79 27.14
CA VAL D 23 3.11 38.36 27.11
C VAL D 23 3.26 39.29 25.91
N ARG D 24 2.79 38.86 24.74
CA ARG D 24 2.89 39.65 23.52
C ARG D 24 1.83 40.76 23.59
N ALA D 25 2.26 41.97 23.94
CA ALA D 25 1.35 43.08 24.15
C ALA D 25 1.05 43.75 22.81
N GLU D 26 -0.21 43.70 22.40
CA GLU D 26 -0.68 44.40 21.21
C GLU D 26 -1.83 45.33 21.60
N SER D 27 -1.85 46.51 21.00
CA SER D 27 -2.91 47.47 21.26
C SER D 27 -4.23 47.00 20.64
N GLU D 28 -5.31 47.04 21.42
CA GLU D 28 -6.61 46.62 20.93
C GLU D 28 -7.37 47.75 20.25
N LEU D 29 -6.75 48.93 20.12
CA LEU D 29 -7.28 50.10 19.40
C LEU D 29 -8.58 50.63 20.01
N SER D 30 -9.14 51.67 19.36
CA SER D 30 -10.35 52.38 19.74
C SER D 30 -11.60 51.63 19.27
N PRO D 31 -12.72 51.77 20.00
CA PRO D 31 -13.98 51.17 19.53
C PRO D 31 -14.44 51.70 18.17
N SER D 32 -14.12 52.96 17.86
CA SER D 32 -14.44 53.49 16.54
C SER D 32 -13.65 52.76 15.45
N GLU D 33 -12.40 52.40 15.75
CA GLU D 33 -11.61 51.61 14.80
C GLU D 33 -12.19 50.20 14.62
N LYS D 34 -12.71 49.61 15.70
CA LYS D 34 -13.36 48.31 15.57
C LYS D 34 -14.64 48.39 14.75
N ALA D 35 -15.40 49.48 14.92
CA ALA D 35 -16.57 49.71 14.08
C ALA D 35 -16.18 49.91 12.62
N TYR D 36 -15.08 50.62 12.39
CA TYR D 36 -14.53 50.79 11.04
C TYR D 36 -14.19 49.44 10.41
N LEU D 37 -13.45 48.60 11.15
CA LEU D 37 -13.08 47.29 10.63
C LEU D 37 -14.31 46.42 10.39
N ASN D 38 -15.29 46.46 11.30
CA ASN D 38 -16.51 45.70 11.15
C ASN D 38 -17.30 46.13 9.92
N ALA D 39 -17.37 47.43 9.66
CA ALA D 39 -18.00 47.91 8.44
C ALA D 39 -17.20 47.50 7.21
N VAL D 40 -15.89 47.29 7.38
CA VAL D 40 -15.07 46.91 6.24
C VAL D 40 -15.29 45.44 5.84
N GLU D 41 -15.22 44.49 6.79
CA GLU D 41 -15.44 43.10 6.35
C GLU D 41 -16.93 42.84 6.13
N LYS D 42 -17.78 43.56 6.86
CA LYS D 42 -19.21 43.30 6.87
C LYS D 42 -19.88 43.74 5.58
N GLY D 43 -19.20 44.56 4.77
CA GLY D 43 -19.61 44.85 3.42
C GLY D 43 -20.44 46.09 3.22
N ASP D 44 -20.64 46.90 4.25
CA ASP D 44 -21.51 48.05 4.16
C ASP D 44 -20.71 49.19 3.54
N TYR D 45 -21.16 49.68 2.39
CA TYR D 45 -20.45 50.78 1.73
C TYR D 45 -20.74 52.11 2.40
N ALA D 46 -21.92 52.26 2.99
CA ALA D 46 -22.30 53.55 3.58
C ALA D 46 -21.54 53.81 4.87
N SER D 47 -21.40 52.78 5.72
CA SER D 47 -20.79 52.97 7.02
C SER D 47 -19.29 53.23 6.90
N VAL D 48 -18.61 52.56 5.97
CA VAL D 48 -17.18 52.80 5.79
C VAL D 48 -16.93 54.20 5.23
N LYS D 49 -17.81 54.66 4.32
CA LYS D 49 -17.68 56.00 3.78
C LYS D 49 -17.93 57.06 4.86
N LYS D 50 -18.97 56.84 5.69
CA LYS D 50 -19.25 57.76 6.78
C LYS D 50 -18.12 57.77 7.81
N SER D 51 -17.53 56.60 8.07
CA SER D 51 -16.39 56.52 8.98
C SER D 51 -15.18 57.25 8.42
N LEU D 52 -14.95 57.18 7.11
CA LEU D 52 -13.85 57.91 6.50
C LEU D 52 -14.09 59.43 6.57
N GLU D 53 -15.32 59.87 6.30
CA GLU D 53 -15.65 61.28 6.40
C GLU D 53 -15.49 61.79 7.83
N GLU D 54 -15.85 60.95 8.81
CA GLU D 54 -15.58 61.31 10.21
C GLU D 54 -14.09 61.30 10.50
N ALA D 55 -13.34 60.40 9.87
CA ALA D 55 -11.90 60.32 10.08
C ALA D 55 -11.15 61.48 9.47
N GLU D 56 -11.77 62.25 8.57
CA GLU D 56 -11.14 63.46 8.08
C GLU D 56 -10.94 64.54 9.16
N ILE D 57 -11.65 64.46 10.30
CA ILE D 57 -11.45 65.42 11.37
C ILE D 57 -10.35 64.99 12.34
N TYR D 58 -9.74 63.83 12.11
CA TYR D 58 -8.59 63.31 12.88
C TYR D 58 -8.92 63.10 14.36
N PHE D 59 -9.97 62.33 14.62
CA PHE D 59 -10.20 61.75 15.93
C PHE D 59 -9.76 60.27 15.88
N LYS D 60 -10.16 59.50 16.91
CA LYS D 60 -9.49 58.24 17.28
C LYS D 60 -9.41 57.23 16.14
N ILE D 61 -10.35 57.27 15.18
CA ILE D 61 -10.27 56.38 14.04
C ILE D 61 -9.15 56.85 13.10
N ASN D 62 -8.32 55.90 12.68
CA ASN D 62 -7.26 56.17 11.72
C ASN D 62 -7.45 55.30 10.48
N ILE D 63 -7.05 55.84 9.33
CA ILE D 63 -7.18 55.10 8.08
C ILE D 63 -6.19 53.95 8.02
N ASN D 64 -5.08 54.04 8.76
CA ASN D 64 -4.04 53.03 8.76
C ASN D 64 -4.07 52.16 10.02
N CYS D 65 -5.27 51.85 10.51
CA CYS D 65 -5.38 51.02 11.71
C CYS D 65 -4.99 49.58 11.39
N ILE D 66 -4.11 49.02 12.21
CA ILE D 66 -3.59 47.67 11.99
C ILE D 66 -4.07 46.78 13.13
N ASP D 67 -4.81 45.73 12.77
CA ASP D 67 -5.41 44.82 13.77
C ASP D 67 -4.44 43.71 14.17
N PRO D 68 -4.19 43.50 15.48
CA PRO D 68 -3.20 42.51 15.96
C PRO D 68 -3.27 41.12 15.30
N LEU D 69 -4.39 40.71 14.71
CA LEU D 69 -4.36 39.52 13.85
C LEU D 69 -3.51 39.72 12.60
N GLY D 70 -3.26 40.96 12.19
CA GLY D 70 -2.44 41.20 11.02
C GLY D 70 -3.25 41.50 9.79
N ARG D 71 -4.34 42.26 9.95
CA ARG D 71 -5.16 42.68 8.83
C ARG D 71 -5.40 44.18 8.91
N THR D 72 -5.51 44.82 7.74
CA THR D 72 -5.88 46.20 7.62
C THR D 72 -7.22 46.27 6.89
N ALA D 73 -7.85 47.46 6.91
CA ALA D 73 -9.07 47.65 6.14
C ALA D 73 -8.80 47.47 4.65
N LEU D 74 -7.68 47.99 4.17
CA LEU D 74 -7.28 47.75 2.78
C LEU D 74 -6.98 46.28 2.54
N LEU D 75 -6.31 45.62 3.48
CA LEU D 75 -5.98 44.21 3.31
C LEU D 75 -7.23 43.34 3.32
N ILE D 76 -8.19 43.66 4.18
CA ILE D 76 -9.45 42.92 4.20
C ILE D 76 -10.24 43.16 2.92
N ALA D 77 -10.25 44.41 2.44
CA ALA D 77 -10.91 44.71 1.16
C ALA D 77 -10.25 43.96 0.02
N ILE D 78 -8.93 43.76 0.08
CA ILE D 78 -8.26 42.90 -0.88
C ILE D 78 -8.74 41.46 -0.74
N GLU D 79 -8.84 40.97 0.50
CA GLU D 79 -9.23 39.57 0.72
C GLU D 79 -10.70 39.32 0.41
N ASN D 80 -11.52 40.37 0.39
CA ASN D 80 -12.96 40.21 0.23
C ASN D 80 -13.49 40.80 -1.08
N GLU D 81 -12.62 40.98 -2.07
CA GLU D 81 -12.95 41.47 -3.42
C GLU D 81 -13.68 42.81 -3.29
N ASN D 82 -14.79 43.03 -4.01
CA ASN D 82 -15.56 44.28 -3.97
C ASN D 82 -14.66 45.48 -4.33
N LEU D 83 -14.29 45.50 -5.62
CA LEU D 83 -13.30 46.44 -6.14
C LEU D 83 -13.69 47.90 -5.90
N GLU D 84 -14.98 48.18 -5.75
CA GLU D 84 -15.42 49.52 -5.38
C GLU D 84 -14.90 49.92 -3.99
N LEU D 85 -14.81 48.95 -3.08
CA LEU D 85 -14.28 49.25 -1.74
C LEU D 85 -12.80 49.60 -1.78
N ILE D 86 -12.01 48.86 -2.56
CA ILE D 86 -10.59 49.18 -2.70
C ILE D 86 -10.43 50.52 -3.40
N GLU D 87 -11.30 50.81 -4.38
CA GLU D 87 -11.24 52.13 -5.03
C GLU D 87 -11.54 53.24 -4.05
N LEU D 88 -12.55 53.04 -3.19
CA LEU D 88 -12.91 54.04 -2.19
C LEU D 88 -11.79 54.27 -1.19
N LEU D 89 -11.17 53.18 -0.72
CA LEU D 89 -10.08 53.32 0.25
C LEU D 89 -8.83 53.91 -0.38
N LEU D 90 -8.50 53.53 -1.61
CA LEU D 90 -7.34 54.08 -2.30
C LEU D 90 -7.55 55.55 -2.64
N SER D 91 -8.80 55.98 -2.80
CA SER D 91 -9.08 57.40 -2.99
C SER D 91 -8.88 58.20 -1.70
N PHE D 92 -8.78 57.54 -0.55
CA PHE D 92 -8.69 58.22 0.74
C PHE D 92 -7.34 58.02 1.41
N ASN D 93 -6.30 57.71 0.63
CA ASN D 93 -4.90 57.72 1.08
C ASN D 93 -4.63 56.71 2.20
N VAL D 94 -5.06 55.47 2.00
CA VAL D 94 -4.68 54.39 2.91
C VAL D 94 -3.28 53.92 2.57
N TYR D 95 -2.48 53.64 3.60
CA TYR D 95 -1.10 53.22 3.43
C TYR D 95 -1.03 51.89 2.67
N VAL D 96 -0.14 51.85 1.67
CA VAL D 96 0.03 50.68 0.83
C VAL D 96 1.49 50.25 1.01
N GLY D 97 1.72 49.31 1.91
CA GLY D 97 3.06 48.75 2.07
C GLY D 97 3.23 47.50 1.25
N ASP D 98 2.30 46.55 1.41
CA ASP D 98 2.34 45.30 0.65
C ASP D 98 0.94 44.87 0.21
N ALA D 99 -0.02 45.80 0.12
CA ALA D 99 -1.37 45.43 -0.30
C ALA D 99 -1.41 44.97 -1.74
N LEU D 100 -0.52 45.51 -2.58
CA LEU D 100 -0.35 44.96 -3.93
C LEU D 100 0.09 43.50 -3.87
N LEU D 101 1.05 43.19 -3.00
CA LEU D 101 1.54 41.83 -2.88
C LEU D 101 0.46 40.88 -2.38
N HIS D 102 -0.38 41.33 -1.44
CA HIS D 102 -1.50 40.51 -1.00
C HIS D 102 -2.55 40.36 -2.10
N ALA D 103 -2.69 41.37 -2.96
CA ALA D 103 -3.59 41.24 -4.11
C ALA D 103 -3.10 40.18 -5.09
N ILE D 104 -1.79 40.15 -5.34
CA ILE D 104 -1.24 39.12 -6.21
C ILE D 104 -1.32 37.74 -5.56
N ARG D 105 -1.06 37.66 -4.25
CA ARG D 105 -1.17 36.38 -3.54
C ARG D 105 -2.60 35.85 -3.56
N LYS D 106 -3.58 36.74 -3.43
CA LYS D 106 -4.99 36.39 -3.39
C LYS D 106 -5.52 35.90 -4.73
N GLU D 107 -4.72 35.95 -5.80
CA GLU D 107 -5.13 35.63 -7.17
C GLU D 107 -6.37 36.44 -7.58
N VAL D 108 -6.32 37.75 -7.33
CA VAL D 108 -7.38 38.67 -7.68
C VAL D 108 -6.92 39.52 -8.85
N VAL D 109 -7.71 39.55 -9.92
CA VAL D 109 -7.34 40.30 -11.13
C VAL D 109 -7.56 41.80 -10.95
N GLY D 110 -8.22 42.22 -9.87
CA GLY D 110 -8.39 43.62 -9.54
C GLY D 110 -7.18 44.31 -8.97
N ALA D 111 -5.97 43.77 -9.18
CA ALA D 111 -4.73 44.41 -8.76
C ALA D 111 -4.34 45.57 -9.67
N VAL D 112 -5.05 45.77 -10.79
CA VAL D 112 -4.73 46.88 -11.68
C VAL D 112 -5.03 48.22 -11.01
N GLU D 113 -5.99 48.22 -10.07
CA GLU D 113 -6.28 49.43 -9.31
C GLU D 113 -5.10 49.85 -8.43
N LEU D 114 -4.44 48.89 -7.80
CA LEU D 114 -3.22 49.21 -7.07
C LEU D 114 -2.06 49.47 -8.03
N LEU D 115 -2.13 48.91 -9.24
CA LEU D 115 -1.05 49.09 -10.20
C LEU D 115 -0.99 50.52 -10.72
N LEU D 116 -2.13 51.09 -11.13
CA LEU D 116 -2.12 52.42 -11.71
C LEU D 116 -2.59 53.51 -10.74
N ASN D 117 -3.64 53.25 -9.96
CA ASN D 117 -4.12 54.25 -9.02
C ASN D 117 -3.37 54.13 -7.70
N HIS D 118 -3.11 55.29 -7.09
CA HIS D 118 -2.35 55.43 -5.84
C HIS D 118 -0.98 54.77 -5.91
N GLN D 135 11.26 42.67 9.30
CA GLN D 135 9.96 43.32 9.17
C GLN D 135 8.85 42.29 9.08
N PHE D 136 7.80 42.46 9.89
CA PHE D 136 6.66 41.54 9.91
C PHE D 136 5.67 41.86 8.78
N SER D 137 6.14 41.68 7.56
CA SER D 137 5.37 41.99 6.36
C SER D 137 4.67 40.76 5.79
N GLU D 138 4.75 39.61 6.47
CA GLU D 138 4.22 38.32 6.00
C GLU D 138 4.74 37.92 4.61
N PHE D 139 5.91 38.43 4.23
CA PHE D 139 6.54 38.09 2.96
C PHE D 139 8.04 38.17 3.13
N THR D 140 8.76 37.39 2.34
CA THR D 140 10.21 37.49 2.32
C THR D 140 10.60 38.84 1.72
N PRO D 141 11.65 39.49 2.24
CA PRO D 141 12.12 40.74 1.62
C PRO D 141 12.62 40.57 0.19
N ASP D 142 12.97 39.35 -0.21
CA ASP D 142 13.33 39.08 -1.61
C ASP D 142 12.14 39.30 -2.53
N ILE D 143 10.94 38.93 -2.09
CA ILE D 143 9.80 38.76 -2.98
C ILE D 143 9.35 40.10 -3.53
N THR D 144 9.43 40.25 -4.84
CA THR D 144 8.88 41.35 -5.62
C THR D 144 7.52 40.95 -6.17
N PRO D 145 6.77 41.89 -6.78
CA PRO D 145 5.50 41.49 -7.40
C PRO D 145 5.60 40.39 -8.45
N ILE D 146 6.64 40.39 -9.28
CA ILE D 146 6.70 39.40 -10.36
C ILE D 146 7.03 38.00 -9.81
N ILE D 147 7.83 37.93 -8.73
CA ILE D 147 8.17 36.64 -8.14
C ILE D 147 6.93 36.00 -7.53
N LEU D 148 6.13 36.78 -6.81
CA LEU D 148 4.90 36.25 -6.24
C LEU D 148 3.87 35.96 -7.32
N ALA D 149 3.86 36.74 -8.41
CA ALA D 149 2.96 36.47 -9.52
C ALA D 149 3.27 35.13 -10.17
N ALA D 150 4.55 34.84 -10.38
CA ALA D 150 4.92 33.55 -10.93
C ALA D 150 4.72 32.43 -9.92
N HIS D 151 4.84 32.72 -8.62
CA HIS D 151 4.55 31.73 -7.60
C HIS D 151 3.08 31.33 -7.61
N THR D 152 2.19 32.30 -7.80
CA THR D 152 0.76 32.01 -7.79
C THR D 152 0.28 31.31 -9.05
N ASN D 153 1.06 31.38 -10.14
CA ASN D 153 0.74 30.74 -11.43
C ASN D 153 -0.61 31.22 -11.97
N ASN D 154 -0.77 32.54 -12.03
CA ASN D 154 -1.97 33.16 -12.58
C ASN D 154 -1.59 33.84 -13.89
N TYR D 155 -2.21 33.39 -14.99
CA TYR D 155 -1.82 33.84 -16.32
C TYR D 155 -2.09 35.33 -16.52
N GLU D 156 -3.25 35.80 -16.08
CA GLU D 156 -3.63 37.20 -16.30
C GLU D 156 -2.74 38.15 -15.51
N ILE D 157 -2.41 37.80 -14.27
CA ILE D 157 -1.63 38.70 -13.43
C ILE D 157 -0.20 38.80 -13.94
N ILE D 158 0.40 37.67 -14.33
CA ILE D 158 1.74 37.70 -14.89
C ILE D 158 1.76 38.44 -16.22
N LYS D 159 0.72 38.26 -17.05
CA LYS D 159 0.62 38.98 -18.30
C LYS D 159 0.54 40.48 -18.08
N LEU D 160 -0.26 40.90 -17.10
CA LEU D 160 -0.38 42.33 -16.78
C LEU D 160 0.94 42.89 -16.24
N LEU D 161 1.61 42.14 -15.38
CA LEU D 161 2.86 42.63 -14.79
C LEU D 161 3.96 42.76 -15.83
N VAL D 162 4.09 41.78 -16.73
CA VAL D 162 5.10 41.87 -17.78
C VAL D 162 4.73 42.97 -18.78
N GLN D 163 3.44 43.16 -19.05
CA GLN D 163 3.01 44.26 -19.92
C GLN D 163 3.34 45.62 -19.32
N LYS D 164 3.23 45.74 -17.99
CA LYS D 164 3.66 46.97 -17.32
C LYS D 164 5.16 47.16 -17.44
N GLY D 165 5.93 46.09 -17.33
CA GLY D 165 7.37 46.16 -17.39
C GLY D 165 8.01 45.80 -16.07
N VAL D 166 8.46 44.54 -15.95
CA VAL D 166 9.04 44.03 -14.72
C VAL D 166 9.98 42.89 -15.08
N SER D 167 11.05 42.74 -14.31
CA SER D 167 12.11 41.79 -14.62
C SER D 167 12.57 41.07 -13.37
N VAL D 168 13.13 39.89 -13.57
CA VAL D 168 13.52 38.98 -12.49
C VAL D 168 15.05 38.92 -12.43
N PRO D 169 15.66 39.00 -11.25
CA PRO D 169 17.13 38.91 -11.17
C PRO D 169 17.65 37.57 -11.66
N ARG D 170 18.81 37.61 -12.31
CA ARG D 170 19.39 36.42 -12.93
C ARG D 170 20.12 35.58 -11.89
N PRO D 171 19.74 34.33 -11.68
CA PRO D 171 20.51 33.47 -10.79
C PRO D 171 21.84 33.06 -11.40
N HIS D 172 22.79 32.74 -10.54
CA HIS D 172 24.14 32.40 -10.97
C HIS D 172 24.21 30.93 -11.38
N GLU D 173 25.41 30.43 -11.60
CA GLU D 173 25.60 29.03 -11.93
C GLU D 173 25.37 28.15 -10.70
N VAL D 174 25.02 26.89 -10.95
CA VAL D 174 24.78 25.94 -9.85
C VAL D 174 26.07 25.69 -9.08
N ARG D 175 27.21 25.64 -9.78
CA ARG D 175 28.53 25.49 -9.14
C ARG D 175 29.41 26.64 -9.62
N CYS D 176 29.33 27.78 -8.93
CA CYS D 176 30.17 28.92 -9.23
C CYS D 176 30.81 29.43 -7.94
N ASN D 177 32.08 29.83 -8.04
CA ASN D 177 32.82 30.39 -6.92
C ASN D 177 33.04 31.89 -7.05
N CYS D 178 32.06 32.60 -7.62
CA CYS D 178 32.18 34.03 -7.81
C CYS D 178 32.08 34.75 -6.47
N VAL D 179 32.55 36.01 -6.46
CA VAL D 179 32.69 36.77 -5.23
C VAL D 179 31.33 37.11 -4.62
N GLU D 180 30.34 37.39 -5.47
CA GLU D 180 29.03 37.82 -4.99
C GLU D 180 28.32 36.71 -4.22
N CYS D 181 28.38 35.48 -4.73
CA CYS D 181 27.68 34.36 -4.09
C CYS D 181 28.29 34.03 -2.74
N VAL D 182 29.62 33.94 -2.65
CA VAL D 182 30.26 33.62 -1.38
C VAL D 182 30.14 34.78 -0.39
N SER D 183 30.15 36.02 -0.88
CA SER D 183 29.96 37.17 0.00
C SER D 183 28.56 37.17 0.59
N SER D 184 27.54 36.90 -0.24
CA SER D 184 26.17 36.82 0.27
C SER D 184 25.99 35.64 1.21
N SER D 185 26.71 34.54 0.96
CA SER D 185 26.64 33.39 1.86
C SER D 185 27.25 33.71 3.22
N ASP D 186 28.38 34.43 3.24
CA ASP D 186 29.00 34.79 4.51
C ASP D 186 28.18 35.84 5.25
N VAL D 187 27.54 36.76 4.52
CA VAL D 187 26.72 37.77 5.18
C VAL D 187 25.42 37.16 5.70
N ASP D 188 24.64 36.56 4.80
CA ASP D 188 23.33 35.99 5.15
C ASP D 188 23.12 34.75 4.28
N SER D 189 23.47 33.57 4.82
CA SER D 189 23.37 32.35 4.04
C SER D 189 21.91 31.95 3.82
N LEU D 190 21.08 32.07 4.87
CA LEU D 190 19.67 31.69 4.76
C LEU D 190 18.93 32.61 3.80
N ARG D 191 19.20 33.91 3.87
CA ARG D 191 18.56 34.85 2.96
C ARG D 191 18.96 34.58 1.52
N HIS D 192 20.24 34.28 1.28
CA HIS D 192 20.71 33.98 -0.07
C HIS D 192 20.08 32.69 -0.60
N SER D 193 20.01 31.65 0.23
CA SER D 193 19.43 30.39 -0.22
C SER D 193 17.94 30.53 -0.49
N ARG D 194 17.21 31.24 0.37
CA ARG D 194 15.79 31.46 0.14
C ARG D 194 15.57 32.34 -1.09
N SER D 195 16.44 33.31 -1.32
CA SER D 195 16.34 34.14 -2.52
C SER D 195 16.55 33.33 -3.80
N ARG D 196 17.54 32.44 -3.78
CA ARG D 196 17.77 31.57 -4.94
C ARG D 196 16.59 30.64 -5.16
N LEU D 197 16.03 30.09 -4.08
CA LEU D 197 14.88 29.21 -4.22
C LEU D 197 13.67 29.96 -4.77
N ASN D 198 13.45 31.19 -4.32
CA ASN D 198 12.31 31.96 -4.83
C ASN D 198 12.51 32.36 -6.29
N ILE D 199 13.74 32.70 -6.68
CA ILE D 199 14.02 33.03 -8.07
C ILE D 199 13.77 31.82 -8.97
N TYR D 200 14.26 30.64 -8.56
CA TYR D 200 14.06 29.45 -9.37
C TYR D 200 12.62 28.98 -9.36
N LYS D 201 11.87 29.25 -8.28
CA LYS D 201 10.45 28.95 -8.29
C LYS D 201 9.68 29.90 -9.18
N ALA D 202 10.15 31.14 -9.32
CA ALA D 202 9.50 32.07 -10.23
C ALA D 202 9.80 31.74 -11.68
N LEU D 203 11.04 31.34 -11.98
CA LEU D 203 11.40 31.04 -13.37
C LEU D 203 10.76 29.75 -13.85
N ALA D 204 10.48 28.81 -12.95
CA ALA D 204 9.95 27.50 -13.31
C ALA D 204 8.44 27.44 -13.34
N SER D 205 7.77 28.59 -13.27
CA SER D 205 6.31 28.59 -13.36
C SER D 205 5.89 28.32 -14.79
N PRO D 206 4.84 27.53 -15.02
CA PRO D 206 4.39 27.28 -16.40
C PRO D 206 3.91 28.52 -17.12
N SER D 207 3.31 29.47 -16.42
CA SER D 207 2.74 30.64 -17.08
C SER D 207 3.82 31.59 -17.57
N LEU D 208 4.80 31.88 -16.70
CA LEU D 208 5.93 32.76 -17.12
C LEU D 208 6.61 32.11 -18.31
N ILE D 209 6.94 30.81 -18.20
CA ILE D 209 7.63 30.12 -19.28
C ILE D 209 6.83 30.22 -20.58
N ALA D 210 5.51 30.02 -20.50
CA ALA D 210 4.66 30.09 -21.68
C ALA D 210 4.48 31.51 -22.19
N LEU D 211 4.78 32.53 -21.39
CA LEU D 211 4.60 33.91 -21.81
C LEU D 211 5.88 34.60 -22.26
N SER D 212 6.99 34.41 -21.56
CA SER D 212 8.19 35.19 -21.78
C SER D 212 9.34 34.45 -22.42
N SER D 213 9.46 33.14 -22.20
CA SER D 213 10.57 32.39 -22.76
C SER D 213 10.36 32.18 -24.26
N GLU D 214 11.40 32.45 -25.04
CA GLU D 214 11.31 32.36 -26.50
C GLU D 214 11.18 30.91 -26.95
N ASP D 215 11.85 29.99 -26.24
CA ASP D 215 11.81 28.56 -26.56
C ASP D 215 11.39 27.81 -25.30
N PRO D 216 10.10 27.76 -24.99
CA PRO D 216 9.67 27.13 -23.74
C PRO D 216 9.95 25.65 -23.62
N PHE D 217 10.14 24.94 -24.74
CA PHE D 217 10.55 23.54 -24.65
C PHE D 217 12.00 23.44 -24.18
N LEU D 218 12.89 24.21 -24.81
CA LEU D 218 14.28 24.22 -24.39
C LEU D 218 14.43 24.85 -23.01
N THR D 219 13.64 25.89 -22.72
CA THR D 219 13.68 26.51 -21.40
C THR D 219 13.21 25.53 -20.32
N ALA D 220 12.15 24.77 -20.60
CA ALA D 220 11.68 23.76 -19.66
C ALA D 220 12.73 22.67 -19.46
N PHE D 221 13.37 22.23 -20.53
CA PHE D 221 14.39 21.18 -20.43
C PHE D 221 15.58 21.66 -19.60
N GLN D 222 16.11 22.85 -19.93
CA GLN D 222 17.26 23.38 -19.23
C GLN D 222 16.93 23.70 -17.78
N LEU D 223 15.72 24.19 -17.51
CA LEU D 223 15.35 24.50 -16.13
C LEU D 223 15.17 23.24 -15.31
N SER D 224 14.59 22.18 -15.90
CA SER D 224 14.48 20.91 -15.19
C SER D 224 15.86 20.34 -14.88
N TRP D 225 16.79 20.43 -15.84
CA TRP D 225 18.15 19.95 -15.60
C TRP D 225 18.85 20.75 -14.52
N GLU D 226 18.72 22.08 -14.56
CA GLU D 226 19.37 22.93 -13.57
C GLU D 226 18.78 22.73 -12.17
N LEU D 227 17.46 22.53 -12.09
CA LEU D 227 16.85 22.25 -10.79
C LEU D 227 17.24 20.88 -10.27
N GLN D 228 17.46 19.90 -11.16
CA GLN D 228 17.98 18.61 -10.72
C GLN D 228 19.39 18.74 -10.16
N GLU D 229 20.24 19.53 -10.83
CA GLU D 229 21.58 19.77 -10.28
C GLU D 229 21.54 20.56 -8.98
N LEU D 230 20.57 21.47 -8.82
CA LEU D 230 20.44 22.18 -7.56
C LEU D 230 19.98 21.26 -6.44
N SER D 231 19.08 20.32 -6.76
CA SER D 231 18.65 19.35 -5.76
C SER D 231 19.80 18.44 -5.36
N LYS D 232 20.65 18.06 -6.32
CA LYS D 232 21.79 17.22 -5.99
C LYS D 232 22.84 17.98 -5.18
N VAL D 233 23.12 19.23 -5.55
CA VAL D 233 24.13 20.00 -4.83
C VAL D 233 23.60 20.45 -3.48
N GLU D 234 22.53 21.24 -3.48
CA GLU D 234 21.94 21.72 -2.23
C GLU D 234 21.06 20.61 -1.67
N ASN D 235 21.60 19.89 -0.69
CA ASN D 235 20.82 18.83 -0.04
C ASN D 235 19.69 19.41 0.78
N GLU D 236 19.86 20.62 1.32
CA GLU D 236 18.74 21.35 1.87
C GLU D 236 17.86 21.87 0.73
N PHE D 237 16.57 22.05 1.04
CA PHE D 237 15.55 22.47 0.06
C PHE D 237 15.45 21.51 -1.12
N LYS D 238 15.77 20.24 -0.90
CA LYS D 238 15.81 19.29 -2.01
C LYS D 238 14.41 18.95 -2.50
N SER D 239 13.45 18.85 -1.59
CA SER D 239 12.09 18.49 -1.96
C SER D 239 11.46 19.53 -2.87
N GLU D 240 11.68 20.81 -2.57
CA GLU D 240 11.17 21.88 -3.43
C GLU D 240 11.80 21.84 -4.80
N TYR D 241 13.10 21.54 -4.88
CA TYR D 241 13.78 21.50 -6.17
C TYR D 241 13.30 20.33 -7.02
N GLU D 242 13.13 19.14 -6.43
CA GLU D 242 12.64 18.03 -7.23
C GLU D 242 11.18 18.22 -7.60
N GLU D 243 10.39 18.89 -6.75
CA GLU D 243 9.02 19.22 -7.12
C GLU D 243 8.99 20.21 -8.28
N LEU D 244 9.91 21.18 -8.29
CA LEU D 244 10.00 22.12 -9.40
C LEU D 244 10.39 21.42 -10.71
N SER D 245 11.34 20.49 -10.63
CA SER D 245 11.73 19.73 -11.82
C SER D 245 10.60 18.87 -12.33
N ARG D 246 9.85 18.23 -11.41
CA ARG D 246 8.68 17.46 -11.79
C ARG D 246 7.61 18.34 -12.43
N GLN D 247 7.46 19.57 -11.92
CA GLN D 247 6.51 20.51 -12.49
C GLN D 247 6.90 20.93 -13.90
N CYS D 248 8.19 21.13 -14.15
CA CYS D 248 8.65 21.47 -15.50
C CYS D 248 8.44 20.31 -16.47
N LYS D 249 8.71 19.08 -16.02
CA LYS D 249 8.44 17.91 -16.86
C LYS D 249 6.95 17.76 -17.13
N GLN D 250 6.12 18.05 -16.14
CA GLN D 250 4.67 18.06 -16.29
C GLN D 250 4.24 19.08 -17.34
N PHE D 251 4.86 20.27 -17.31
CA PHE D 251 4.55 21.32 -18.27
C PHE D 251 4.89 20.89 -19.69
N ALA D 252 6.06 20.27 -19.88
CA ALA D 252 6.44 19.80 -21.20
C ALA D 252 5.51 18.70 -21.70
N LYS D 253 5.13 17.77 -20.82
CA LYS D 253 4.21 16.70 -21.21
C LYS D 253 2.85 17.26 -21.62
N ASP D 254 2.33 18.22 -20.85
CA ASP D 254 1.03 18.81 -21.18
C ASP D 254 1.10 19.59 -22.48
N LEU D 255 2.22 20.27 -22.72
CA LEU D 255 2.40 21.00 -23.98
C LEU D 255 2.43 20.06 -25.18
N LEU D 256 3.03 18.88 -25.05
CA LEU D 256 2.92 17.89 -26.11
C LEU D 256 1.51 17.32 -26.21
N ASP D 257 0.82 17.17 -25.07
CA ASP D 257 -0.54 16.66 -25.09
C ASP D 257 -1.52 17.62 -25.76
N GLN D 258 -1.15 18.90 -25.91
CA GLN D 258 -2.02 19.83 -26.60
C GLN D 258 -1.88 19.81 -28.12
N THR D 259 -1.06 18.93 -28.69
CA THR D 259 -0.99 18.80 -30.13
C THR D 259 -2.20 18.04 -30.67
N ARG D 260 -2.56 18.36 -31.92
CA ARG D 260 -3.70 17.68 -32.55
C ARG D 260 -3.46 17.37 -34.02
N SER D 261 -2.21 17.34 -34.47
CA SER D 261 -1.91 17.02 -35.86
C SER D 261 -0.53 16.39 -35.93
N SER D 262 -0.29 15.66 -37.02
CA SER D 262 1.01 15.03 -37.21
C SER D 262 2.08 16.02 -37.65
N ARG D 263 1.71 17.05 -38.42
CA ARG D 263 2.70 18.00 -38.90
C ARG D 263 3.23 18.88 -37.76
N GLU D 264 2.39 19.17 -36.77
CA GLU D 264 2.87 19.91 -35.59
C GLU D 264 3.88 19.09 -34.81
N LEU D 265 3.61 17.80 -34.64
CA LEU D 265 4.56 16.92 -33.97
C LEU D 265 5.86 16.79 -34.74
N GLU D 266 5.77 16.70 -36.08
CA GLU D 266 6.97 16.60 -36.90
C GLU D 266 7.80 17.87 -36.86
N ILE D 267 7.14 19.04 -36.82
CA ILE D 267 7.89 20.28 -36.76
C ILE D 267 8.38 20.58 -35.35
N ILE D 268 7.83 19.95 -34.32
CA ILE D 268 8.36 20.11 -32.98
C ILE D 268 9.59 19.22 -32.78
N LEU D 269 9.46 17.94 -33.12
CA LEU D 269 10.52 16.98 -32.77
C LEU D 269 11.74 17.14 -33.67
N ASN D 270 11.57 17.59 -34.91
CA ASN D 270 12.69 17.75 -35.83
C ASN D 270 13.31 19.13 -35.79
N TYR D 271 12.86 20.01 -34.90
CA TYR D 271 13.43 21.34 -34.83
C TYR D 271 14.80 21.30 -34.18
N ARG D 272 15.73 22.09 -34.71
CA ARG D 272 17.08 22.17 -34.19
C ARG D 272 17.42 23.63 -33.91
N ASP D 273 18.32 23.84 -32.95
CA ASP D 273 18.72 25.23 -32.59
C ASP D 273 19.39 25.86 -33.81
N ASP D 274 20.43 25.21 -34.34
CA ASP D 274 21.08 25.72 -35.54
C ASP D 274 20.85 24.76 -36.71
N ASN D 284 13.70 14.36 -40.50
CA ASN D 284 14.06 13.04 -40.02
C ASN D 284 15.21 13.11 -39.03
N ASP D 285 15.62 14.33 -38.68
CA ASP D 285 16.73 14.51 -37.76
C ASP D 285 16.35 14.13 -36.33
N LEU D 286 15.14 14.53 -35.90
CA LEU D 286 14.65 14.34 -34.53
C LEU D 286 15.63 14.93 -33.50
N ALA D 287 16.14 16.13 -33.79
CA ALA D 287 17.13 16.74 -32.93
C ALA D 287 16.57 17.12 -31.57
N ARG D 288 15.34 17.64 -31.54
CA ARG D 288 14.69 17.93 -30.26
C ARG D 288 14.40 16.66 -29.48
N LEU D 289 14.09 15.56 -30.16
CA LEU D 289 13.90 14.29 -29.48
C LEU D 289 15.20 13.77 -28.89
N LYS D 290 16.31 13.92 -29.62
CA LYS D 290 17.62 13.57 -29.08
C LYS D 290 17.95 14.40 -27.85
N LEU D 291 17.66 15.70 -27.91
CA LEU D 291 17.98 16.57 -26.79
C LEU D 291 17.08 16.29 -25.59
N ALA D 292 15.82 15.94 -25.83
CA ALA D 292 14.94 15.55 -24.74
C ALA D 292 15.33 14.22 -24.12
N ILE D 293 15.84 13.29 -24.93
CA ILE D 293 16.36 12.03 -24.39
C ILE D 293 17.62 12.30 -23.57
N LYS D 294 18.45 13.25 -24.02
CA LYS D 294 19.65 13.61 -23.28
C LYS D 294 19.31 14.23 -21.92
N TYR D 295 18.27 15.05 -21.87
CA TYR D 295 17.88 15.75 -20.65
C TYR D 295 16.99 14.90 -19.74
N ARG D 296 16.83 13.61 -20.04
CA ARG D 296 16.12 12.63 -19.20
C ARG D 296 14.67 13.04 -18.92
N GLN D 297 14.00 13.55 -19.95
CA GLN D 297 12.58 13.87 -19.85
C GLN D 297 11.78 12.61 -20.15
N LYS D 298 11.45 11.88 -19.09
CA LYS D 298 10.84 10.57 -19.25
C LYS D 298 9.42 10.67 -19.79
N GLU D 299 8.59 11.52 -19.19
CA GLU D 299 7.18 11.56 -19.57
C GLU D 299 6.97 12.34 -20.87
N PHE D 300 7.95 13.15 -21.26
CA PHE D 300 7.95 13.74 -22.59
C PHE D 300 7.97 12.68 -23.67
N VAL D 301 8.95 11.77 -23.60
CA VAL D 301 9.12 10.76 -24.63
C VAL D 301 8.01 9.72 -24.56
N ALA D 302 7.60 9.35 -23.35
CA ALA D 302 6.54 8.36 -23.14
C ALA D 302 5.14 8.90 -23.44
N GLN D 303 5.02 10.08 -24.04
CA GLN D 303 3.74 10.59 -24.47
C GLN D 303 3.20 9.73 -25.62
N PRO D 304 1.89 9.50 -25.68
CA PRO D 304 1.34 8.63 -26.74
C PRO D 304 1.59 9.13 -28.16
N ASN D 305 1.60 10.44 -28.40
CA ASN D 305 1.80 10.94 -29.75
C ASN D 305 3.24 10.75 -30.20
N CYS D 306 4.20 11.02 -29.31
CA CYS D 306 5.60 10.79 -29.63
C CYS D 306 5.88 9.31 -29.83
N GLN D 307 5.24 8.45 -29.03
CA GLN D 307 5.34 7.01 -29.23
C GLN D 307 4.76 6.61 -30.58
N GLN D 308 3.66 7.23 -30.99
CA GLN D 308 3.05 6.92 -32.27
C GLN D 308 3.96 7.30 -33.43
N LEU D 309 4.58 8.49 -33.35
CA LEU D 309 5.51 8.90 -34.39
C LEU D 309 6.74 7.99 -34.43
N LEU D 310 7.26 7.61 -33.26
CA LEU D 310 8.45 6.75 -33.23
C LEU D 310 8.13 5.34 -33.68
N ALA D 311 6.91 4.87 -33.46
CA ALA D 311 6.53 3.55 -33.96
C ALA D 311 6.27 3.59 -35.46
N SER D 312 5.80 4.73 -35.97
CA SER D 312 5.68 4.89 -37.42
C SER D 312 7.04 4.90 -38.08
N ARG D 313 8.04 5.53 -37.44
CA ARG D 313 9.39 5.52 -37.98
C ARG D 313 10.10 4.19 -37.76
N TRP D 314 9.73 3.45 -36.72
CA TRP D 314 10.40 2.20 -36.39
C TRP D 314 10.04 1.10 -37.38
N TYR D 315 8.75 0.97 -37.70
CA TYR D 315 8.30 0.03 -38.73
C TYR D 315 8.19 0.72 -40.08
N ASP D 316 9.34 1.18 -40.58
CA ASP D 316 9.39 1.86 -41.86
C ASP D 316 9.07 0.89 -42.99
N GLU D 317 8.13 1.27 -43.86
CA GLU D 317 7.68 0.49 -45.00
C GLU D 317 7.21 -0.91 -44.57
N PHE D 318 6.18 -0.91 -43.73
CA PHE D 318 5.61 -2.16 -43.26
C PHE D 318 4.09 -2.09 -43.29
N PRO D 319 3.43 -2.87 -44.14
CA PRO D 319 1.96 -2.83 -44.25
C PRO D 319 1.25 -3.50 -43.08
N GLY D 320 1.29 -2.83 -41.92
CA GLY D 320 0.67 -3.35 -40.73
C GLY D 320 1.38 -4.55 -40.14
N TRP D 321 2.61 -4.35 -39.67
CA TRP D 321 3.33 -5.44 -39.02
C TRP D 321 2.70 -5.80 -37.69
N ARG D 322 2.21 -4.81 -36.95
CA ARG D 322 1.60 -5.09 -35.65
C ARG D 322 0.24 -5.76 -35.80
N ARG D 323 -0.46 -5.50 -36.90
CA ARG D 323 -1.72 -6.19 -37.20
C ARG D 323 -1.40 -7.54 -37.84
N ARG D 324 -0.92 -8.45 -36.99
CA ARG D 324 -0.54 -9.79 -37.42
C ARG D 324 -0.83 -10.78 -36.30
N HIS D 325 -1.03 -12.03 -36.69
CA HIS D 325 -1.09 -13.12 -35.73
C HIS D 325 0.30 -13.35 -35.16
N TRP D 326 0.35 -13.72 -33.86
CA TRP D 326 1.64 -13.86 -33.17
C TRP D 326 2.49 -14.98 -33.76
N ALA D 327 1.83 -16.05 -34.25
CA ALA D 327 2.57 -17.10 -34.93
C ALA D 327 3.22 -16.59 -36.21
N VAL D 328 2.48 -15.78 -36.97
CA VAL D 328 3.04 -15.19 -38.20
C VAL D 328 4.15 -14.22 -37.86
N LYS D 329 4.01 -13.47 -36.77
CA LYS D 329 5.09 -12.59 -36.31
C LYS D 329 6.34 -13.40 -35.97
N MET D 330 6.17 -14.54 -35.31
CA MET D 330 7.31 -15.37 -34.93
C MET D 330 8.02 -15.92 -36.16
N VAL D 331 7.27 -16.45 -37.14
CA VAL D 331 7.93 -17.05 -38.28
C VAL D 331 8.57 -15.96 -39.16
N THR D 332 7.93 -14.79 -39.27
CA THR D 332 8.55 -13.75 -40.09
C THR D 332 9.79 -13.17 -39.40
N CYS D 333 9.81 -13.08 -38.07
CA CYS D 333 11.03 -12.69 -37.39
C CYS D 333 12.12 -13.73 -37.57
N PHE D 334 11.74 -15.01 -37.57
CA PHE D 334 12.69 -16.09 -37.82
C PHE D 334 13.30 -15.98 -39.22
N ILE D 335 12.48 -15.64 -40.22
CA ILE D 335 13.01 -15.64 -41.59
C ILE D 335 13.79 -14.36 -41.90
N ILE D 336 13.49 -13.22 -41.24
CA ILE D 336 14.44 -12.10 -41.37
C ILE D 336 15.71 -12.38 -40.58
N GLY D 337 15.64 -13.12 -39.48
CA GLY D 337 16.85 -13.48 -38.76
C GLY D 337 17.75 -14.42 -39.55
N LEU D 338 17.14 -15.32 -40.31
CA LEU D 338 17.93 -16.31 -41.05
C LEU D 338 18.64 -15.68 -42.24
N LEU D 339 18.01 -14.73 -42.93
CA LEU D 339 18.59 -14.13 -44.12
C LEU D 339 19.39 -12.86 -43.82
N PHE D 340 19.97 -12.78 -42.63
CA PHE D 340 20.86 -11.67 -42.27
C PHE D 340 22.07 -11.50 -43.20
N PRO D 341 22.86 -12.55 -43.53
CA PRO D 341 24.04 -12.29 -44.38
C PRO D 341 23.70 -11.85 -45.79
N VAL D 342 22.58 -12.30 -46.35
CA VAL D 342 22.25 -11.89 -47.72
C VAL D 342 21.84 -10.42 -47.77
N PHE D 343 21.14 -9.94 -46.74
CA PHE D 343 20.83 -8.50 -46.67
C PHE D 343 22.09 -7.69 -46.41
N SER D 344 23.01 -8.22 -45.60
CA SER D 344 24.27 -7.54 -45.34
C SER D 344 25.07 -7.37 -46.62
N VAL D 345 25.24 -8.45 -47.38
CA VAL D 345 26.04 -8.37 -48.61
C VAL D 345 25.29 -7.59 -49.69
N CYS D 346 23.95 -7.58 -49.65
CA CYS D 346 23.21 -6.73 -50.58
C CYS D 346 23.45 -5.26 -50.29
N TYR D 347 23.53 -4.88 -49.02
CA TYR D 347 23.88 -3.50 -48.70
C TYR D 347 25.32 -3.19 -49.07
N LEU D 348 26.24 -4.15 -48.88
CA LEU D 348 27.64 -3.87 -49.23
C LEU D 348 27.82 -3.74 -50.73
N ILE D 349 27.07 -4.51 -51.52
CA ILE D 349 27.22 -4.43 -52.98
C ILE D 349 26.45 -3.25 -53.54
N ALA D 350 25.13 -3.24 -53.36
CA ALA D 350 24.26 -2.23 -53.96
C ALA D 350 23.43 -1.54 -52.87
N PRO D 351 23.88 -0.36 -52.41
CA PRO D 351 23.06 0.40 -51.45
C PRO D 351 21.70 0.81 -51.99
N LYS D 352 21.59 1.05 -53.29
CA LYS D 352 20.33 1.47 -53.89
C LYS D 352 19.35 0.32 -54.11
N SER D 353 19.78 -0.92 -53.89
CA SER D 353 18.92 -2.07 -54.12
C SER D 353 17.79 -2.10 -53.10
N PRO D 354 16.62 -2.63 -53.47
CA PRO D 354 15.55 -2.83 -52.47
C PRO D 354 15.96 -3.73 -51.32
N LEU D 355 16.76 -4.77 -51.58
CA LEU D 355 17.35 -5.53 -50.49
C LEU D 355 18.45 -4.73 -49.79
N GLY D 356 19.16 -3.87 -50.53
CA GLY D 356 20.14 -3.02 -49.91
C GLY D 356 19.52 -1.90 -49.08
N LEU D 357 18.29 -1.52 -49.42
CA LEU D 357 17.53 -0.57 -48.61
C LEU D 357 16.65 -1.27 -47.57
N PHE D 358 16.60 -2.61 -47.60
CA PHE D 358 15.83 -3.35 -46.61
C PHE D 358 16.47 -3.26 -45.23
N ILE D 359 17.80 -3.23 -45.17
CA ILE D 359 18.50 -3.14 -43.90
C ILE D 359 18.37 -1.73 -43.30
N ARG D 360 18.06 -0.72 -44.12
CA ARG D 360 17.90 0.63 -43.61
C ARG D 360 16.64 0.81 -42.78
N LYS D 361 15.68 -0.11 -42.88
CA LYS D 361 14.54 -0.11 -41.99
C LYS D 361 15.03 -0.42 -40.58
N PRO D 362 14.73 0.41 -39.58
CA PRO D 362 15.29 0.20 -38.25
C PRO D 362 14.87 -1.10 -37.59
N PHE D 363 13.66 -1.60 -37.88
CA PHE D 363 13.26 -2.88 -37.32
C PHE D 363 14.04 -4.03 -37.94
N ILE D 364 14.24 -3.99 -39.26
CA ILE D 364 15.04 -5.02 -39.92
C ILE D 364 16.51 -4.91 -39.51
N LYS D 365 16.99 -3.69 -39.30
CA LYS D 365 18.35 -3.49 -38.80
C LYS D 365 18.51 -4.08 -37.41
N PHE D 366 17.53 -3.87 -36.53
CA PHE D 366 17.57 -4.45 -35.20
C PHE D 366 17.52 -5.97 -35.26
N ILE D 367 16.67 -6.52 -36.14
CA ILE D 367 16.57 -7.96 -36.29
C ILE D 367 17.89 -8.56 -36.77
N CYS D 368 18.55 -7.90 -37.72
CA CYS D 368 19.82 -8.40 -38.23
C CYS D 368 20.94 -8.28 -37.20
N HIS D 369 20.93 -7.21 -36.40
CA HIS D 369 21.93 -7.10 -35.33
C HIS D 369 21.72 -8.18 -34.27
N THR D 370 20.46 -8.47 -33.91
CA THR D 370 20.19 -9.56 -32.99
C THR D 370 20.57 -10.90 -33.58
N ALA D 371 20.38 -11.08 -34.89
CA ALA D 371 20.78 -12.33 -35.54
C ALA D 371 22.29 -12.50 -35.52
N SER D 372 23.02 -11.41 -35.74
CA SER D 372 24.48 -11.47 -35.64
C SER D 372 24.93 -11.83 -34.23
N TYR D 373 24.32 -11.23 -33.22
CA TYR D 373 24.70 -11.55 -31.84
C TYR D 373 24.32 -12.99 -31.47
N LEU D 374 23.17 -13.46 -31.96
CA LEU D 374 22.76 -14.83 -31.66
C LEU D 374 23.66 -15.83 -32.37
N THR D 375 24.12 -15.51 -33.58
CA THR D 375 25.09 -16.36 -34.26
C THR D 375 26.43 -16.35 -33.55
N PHE D 376 26.81 -15.22 -32.96
CA PHE D 376 28.02 -15.16 -32.15
C PHE D 376 27.91 -16.06 -30.92
N LEU D 377 26.77 -16.01 -30.23
CA LEU D 377 26.55 -16.88 -29.09
C LEU D 377 26.51 -18.35 -29.49
N PHE D 378 25.92 -18.65 -30.66
CA PHE D 378 25.92 -20.01 -31.16
C PHE D 378 27.33 -20.48 -31.51
N LEU D 379 28.17 -19.58 -32.02
CA LEU D 379 29.55 -19.93 -32.29
C LEU D 379 30.31 -20.25 -31.01
N LEU D 380 30.07 -19.47 -29.95
CA LEU D 380 30.71 -19.78 -28.67
C LEU D 380 30.18 -21.11 -28.10
N LEU D 381 28.88 -21.36 -28.24
CA LEU D 381 28.29 -22.61 -27.75
C LEU D 381 28.82 -23.81 -28.53
N LEU D 382 29.11 -23.65 -29.82
CA LEU D 382 29.80 -24.69 -30.56
C LEU D 382 31.25 -24.82 -30.13
N ALA D 383 31.90 -23.69 -29.79
CA ALA D 383 33.27 -23.73 -29.32
C ALA D 383 33.40 -24.51 -28.01
N SER D 384 32.34 -24.52 -27.21
CA SER D 384 32.36 -25.34 -26.00
C SER D 384 32.26 -26.83 -26.32
N GLN D 385 31.59 -27.19 -27.42
CA GLN D 385 31.20 -28.57 -27.68
C GLN D 385 31.91 -29.21 -28.87
N HIS D 386 32.13 -28.44 -29.93
CA HIS D 386 32.75 -29.00 -31.16
C HIS D 386 34.19 -29.39 -30.88
N ILE D 387 34.85 -28.67 -29.96
CA ILE D 387 36.27 -28.97 -29.62
C ILE D 387 36.36 -30.43 -29.19
N ASP D 388 37.22 -31.21 -29.85
CA ASP D 388 37.39 -32.65 -29.50
C ASP D 388 38.83 -33.05 -29.77
N ARG D 389 39.74 -32.08 -29.81
CA ARG D 389 41.17 -32.36 -30.09
C ARG D 389 41.87 -32.82 -28.81
N SER D 390 43.19 -32.98 -28.84
CA SER D 390 43.94 -33.47 -27.67
C SER D 390 43.70 -32.55 -26.46
N ASP D 391 43.57 -31.25 -26.71
CA ASP D 391 43.40 -30.28 -25.59
C ASP D 391 44.62 -30.40 -24.67
N LEU D 392 45.76 -30.81 -25.22
CA LEU D 392 47.00 -30.98 -24.43
C LEU D 392 48.09 -30.09 -25.02
N ASN D 393 47.92 -29.69 -26.28
CA ASN D 393 48.92 -28.84 -26.94
C ASN D 393 49.45 -27.79 -25.99
N ARG D 394 50.77 -27.59 -26.02
CA ARG D 394 51.42 -26.68 -25.08
C ARG D 394 51.01 -25.24 -25.31
N GLN D 395 50.92 -24.82 -26.58
CA GLN D 395 50.64 -23.44 -26.92
C GLN D 395 49.19 -23.17 -27.29
N GLY D 396 48.43 -24.20 -27.66
CA GLY D 396 47.04 -24.01 -28.04
C GLY D 396 46.91 -23.25 -29.35
N PRO D 397 47.24 -23.89 -30.47
CA PRO D 397 47.18 -23.22 -31.78
C PRO D 397 45.76 -22.82 -32.12
N PRO D 398 45.58 -21.67 -32.76
CA PRO D 398 44.22 -21.20 -33.09
C PRO D 398 43.60 -22.05 -34.17
N PRO D 399 42.53 -22.78 -33.87
CA PRO D 399 41.92 -23.65 -34.88
C PRO D 399 41.09 -22.85 -35.87
N THR D 400 40.79 -23.48 -37.00
CA THR D 400 39.90 -22.88 -37.99
C THR D 400 38.43 -23.20 -37.73
N ILE D 401 38.14 -23.94 -36.66
CA ILE D 401 36.76 -24.33 -36.37
C ILE D 401 35.96 -23.13 -35.88
N VAL D 402 36.37 -22.56 -34.74
CA VAL D 402 35.69 -21.42 -34.16
C VAL D 402 36.57 -20.18 -34.13
N GLU D 403 37.87 -20.33 -33.89
CA GLU D 403 38.77 -19.20 -33.94
C GLU D 403 38.99 -18.79 -35.39
N TRP D 404 39.32 -17.51 -35.59
CA TRP D 404 39.35 -16.71 -36.81
C TRP D 404 37.94 -16.39 -37.29
N MET D 405 36.89 -16.94 -36.67
CA MET D 405 35.52 -16.48 -36.83
C MET D 405 35.01 -15.74 -35.61
N ILE D 406 35.52 -16.08 -34.43
CA ILE D 406 35.29 -15.26 -33.24
C ILE D 406 36.12 -13.99 -33.30
N LEU D 407 37.36 -14.09 -33.83
CA LEU D 407 38.29 -12.97 -33.87
C LEU D 407 37.77 -11.73 -34.60
N PRO D 408 37.29 -11.81 -35.86
CA PRO D 408 36.75 -10.65 -36.55
C PRO D 408 35.58 -10.04 -35.75
N TRP D 409 34.63 -10.88 -35.35
CA TRP D 409 33.45 -10.40 -34.64
C TRP D 409 33.86 -9.67 -33.37
N VAL D 410 34.91 -10.15 -32.70
CA VAL D 410 35.42 -9.48 -31.51
C VAL D 410 36.00 -8.12 -31.86
N LEU D 411 36.79 -8.03 -32.93
CA LEU D 411 37.33 -6.72 -33.28
C LEU D 411 36.27 -5.82 -33.92
N GLY D 412 35.21 -6.39 -34.52
CA GLY D 412 34.07 -5.57 -34.91
C GLY D 412 33.35 -4.98 -33.72
N PHE D 413 33.22 -5.77 -32.65
CA PHE D 413 32.69 -5.24 -31.39
C PHE D 413 33.58 -4.13 -30.85
N ILE D 414 34.90 -4.31 -30.92
CA ILE D 414 35.85 -3.31 -30.43
C ILE D 414 35.72 -2.02 -31.23
N TRP D 415 35.62 -2.12 -32.55
CA TRP D 415 35.48 -0.94 -33.39
C TRP D 415 34.14 -0.25 -33.15
N GLY D 416 33.08 -1.02 -32.93
CA GLY D 416 31.79 -0.43 -32.62
C GLY D 416 31.79 0.31 -31.30
N GLU D 417 32.42 -0.27 -30.28
CA GLU D 417 32.49 0.41 -28.99
C GLU D 417 33.39 1.64 -29.04
N ILE D 418 34.45 1.60 -29.84
CA ILE D 418 35.27 2.80 -30.06
C ILE D 418 34.46 3.88 -30.73
N LYS D 419 33.65 3.51 -31.73
CA LYS D 419 32.79 4.48 -32.41
C LYS D 419 31.76 5.09 -31.47
N GLN D 420 31.14 4.27 -30.62
CA GLN D 420 30.19 4.81 -29.64
C GLN D 420 30.88 5.60 -28.54
N MET D 421 32.16 5.35 -28.28
CA MET D 421 32.89 6.21 -27.36
C MET D 421 33.15 7.58 -28.00
N TRP D 422 33.50 7.58 -29.28
CA TRP D 422 33.72 8.85 -29.98
C TRP D 422 32.42 9.59 -30.25
N ASP D 423 31.40 8.87 -30.71
CA ASP D 423 30.12 9.49 -31.05
C ASP D 423 29.21 9.45 -29.83
N GLY D 424 28.88 10.63 -29.29
CA GLY D 424 28.05 10.74 -28.11
C GLY D 424 28.80 11.09 -26.84
N GLY D 425 30.13 11.01 -26.86
CA GLY D 425 30.93 11.40 -25.72
C GLY D 425 31.12 10.29 -24.70
N LEU D 426 32.05 10.53 -23.78
CA LEU D 426 32.36 9.56 -22.75
C LEU D 426 31.30 9.50 -21.66
N GLN D 427 30.61 10.62 -21.40
CA GLN D 427 29.59 10.64 -20.34
C GLN D 427 28.39 9.78 -20.72
N ASP D 428 27.97 9.83 -21.98
CA ASP D 428 26.87 8.99 -22.44
C ASP D 428 27.27 7.52 -22.43
N TYR D 429 28.56 7.23 -22.66
CA TYR D 429 29.04 5.85 -22.57
C TYR D 429 28.93 5.31 -21.16
N ILE D 430 29.34 6.10 -20.17
CA ILE D 430 29.35 5.63 -18.78
C ILE D 430 28.00 5.81 -18.09
N HIS D 431 27.05 6.51 -18.71
CA HIS D 431 25.71 6.62 -18.13
C HIS D 431 25.01 5.27 -18.12
N ASP D 432 25.19 4.49 -19.17
CA ASP D 432 24.55 3.18 -19.28
C ASP D 432 25.48 2.10 -18.75
N TRP D 433 24.96 1.25 -17.86
CA TRP D 433 25.76 0.16 -17.32
C TRP D 433 26.02 -0.90 -18.38
N TRP D 434 25.13 -1.00 -19.38
CA TRP D 434 25.25 -2.02 -20.41
C TRP D 434 26.49 -1.79 -21.26
N ASN D 435 26.76 -0.52 -21.58
CA ASN D 435 27.98 -0.16 -22.31
C ASN D 435 29.23 -0.42 -21.48
N LEU D 436 29.14 -0.22 -20.16
CA LEU D 436 30.27 -0.54 -19.30
C LEU D 436 30.57 -2.03 -19.30
N MET D 437 29.54 -2.86 -19.24
CA MET D 437 29.75 -4.30 -19.30
C MET D 437 30.26 -4.73 -20.68
N ASP D 438 29.79 -4.07 -21.74
CA ASP D 438 30.30 -4.33 -23.09
C ASP D 438 31.79 -3.99 -23.20
N PHE D 439 32.19 -2.86 -22.59
CA PHE D 439 33.61 -2.49 -22.58
C PHE D 439 34.44 -3.50 -21.80
N VAL D 440 33.92 -3.99 -20.67
CA VAL D 440 34.62 -5.00 -19.88
C VAL D 440 34.77 -6.29 -20.67
N MET D 441 33.71 -6.70 -21.38
CA MET D 441 33.76 -7.91 -22.18
C MET D 441 34.75 -7.78 -23.33
N ASN D 442 34.79 -6.62 -23.98
CA ASN D 442 35.75 -6.41 -25.07
C ASN D 442 37.18 -6.39 -24.56
N SER D 443 37.39 -5.80 -23.37
CA SER D 443 38.73 -5.83 -22.78
C SER D 443 39.16 -7.25 -22.43
N LEU D 444 38.22 -8.07 -21.94
CA LEU D 444 38.54 -9.46 -21.64
C LEU D 444 38.84 -10.25 -22.90
N TYR D 445 38.10 -10.00 -23.98
CA TYR D 445 38.38 -10.66 -25.25
C TYR D 445 39.74 -10.25 -25.81
N LEU D 446 40.08 -8.97 -25.70
CA LEU D 446 41.40 -8.50 -26.14
C LEU D 446 42.50 -9.13 -25.30
N ALA D 447 42.27 -9.27 -23.98
CA ALA D 447 43.25 -9.91 -23.12
C ALA D 447 43.42 -11.39 -23.47
N THR D 448 42.32 -12.07 -23.78
CA THR D 448 42.39 -13.47 -24.19
C THR D 448 43.16 -13.63 -25.49
N ILE D 449 42.92 -12.73 -26.46
CA ILE D 449 43.63 -12.77 -27.74
C ILE D 449 45.12 -12.51 -27.51
N SER D 450 45.45 -11.53 -26.67
CA SER D 450 46.85 -11.21 -26.38
C SER D 450 47.56 -12.37 -25.69
N LEU D 451 46.88 -13.02 -24.73
CA LEU D 451 47.48 -14.15 -24.03
C LEU D 451 47.66 -15.34 -24.96
N LYS D 452 46.70 -15.56 -25.87
CA LYS D 452 46.81 -16.67 -26.82
C LYS D 452 47.96 -16.44 -27.81
N ILE D 453 48.12 -15.20 -28.30
CA ILE D 453 49.24 -14.98 -29.23
C ILE D 453 50.57 -14.93 -28.49
N VAL D 454 50.57 -14.58 -27.20
CA VAL D 454 51.78 -14.70 -26.39
C VAL D 454 52.17 -16.16 -26.23
N ALA D 455 51.19 -17.02 -25.97
CA ALA D 455 51.46 -18.46 -25.89
C ALA D 455 51.87 -19.03 -27.24
N PHE D 456 51.37 -18.43 -28.34
CA PHE D 456 51.83 -18.84 -29.67
C PHE D 456 53.30 -18.45 -29.88
N VAL D 457 53.69 -17.26 -29.42
CA VAL D 457 55.04 -16.78 -29.70
C VAL D 457 56.05 -17.17 -28.63
N LYS D 458 55.58 -17.59 -27.45
CA LYS D 458 56.48 -17.97 -26.36
C LYS D 458 55.87 -19.13 -25.60
N TYR D 459 56.74 -19.95 -24.99
CA TYR D 459 56.35 -21.20 -24.32
C TYR D 459 55.52 -22.10 -25.24
N SER D 460 55.96 -22.23 -26.48
CA SER D 460 55.28 -23.07 -27.45
C SER D 460 55.96 -24.43 -27.57
N ASN D 463 54.18 -32.96 -23.12
CA ASN D 463 53.93 -32.35 -21.81
C ASN D 463 52.46 -32.52 -21.41
N PRO D 464 52.22 -33.21 -20.30
CA PRO D 464 50.84 -33.45 -19.86
C PRO D 464 50.23 -32.19 -19.27
N ARG D 465 48.88 -32.14 -19.30
CA ARG D 465 48.16 -30.96 -18.85
C ARG D 465 48.33 -30.72 -17.36
N GLU D 466 48.52 -31.78 -16.58
CA GLU D 466 48.66 -31.62 -15.14
C GLU D 466 50.01 -31.01 -14.73
N SER D 467 50.98 -30.98 -15.65
CA SER D 467 52.29 -30.42 -15.35
C SER D 467 52.37 -28.91 -15.55
N TRP D 468 51.31 -28.29 -16.07
CA TRP D 468 51.28 -26.85 -16.29
C TRP D 468 51.25 -26.09 -14.98
N ASP D 469 51.90 -24.93 -14.98
CA ASP D 469 51.87 -24.04 -13.84
C ASP D 469 50.49 -23.41 -13.70
N MET D 470 50.16 -22.98 -12.48
CA MET D 470 48.87 -22.38 -12.20
C MET D 470 48.70 -21.01 -12.88
N TRP D 471 49.80 -20.36 -13.26
CA TRP D 471 49.75 -19.08 -13.95
C TRP D 471 50.26 -19.17 -15.38
N HIS D 472 50.01 -20.30 -16.05
CA HIS D 472 50.39 -20.44 -17.44
C HIS D 472 49.55 -19.51 -18.31
N PRO D 473 50.13 -18.90 -19.34
CA PRO D 473 49.36 -17.98 -20.19
C PRO D 473 48.15 -18.60 -20.87
N THR D 474 48.23 -19.88 -21.24
CA THR D 474 47.08 -20.53 -21.89
C THR D 474 45.94 -20.72 -20.90
N LEU D 475 46.25 -21.06 -19.64
CA LEU D 475 45.20 -21.20 -18.63
C LEU D 475 44.55 -19.86 -18.30
N VAL D 476 45.35 -18.80 -18.25
CA VAL D 476 44.79 -17.46 -18.03
C VAL D 476 43.92 -17.05 -19.21
N ALA D 477 44.35 -17.38 -20.43
CA ALA D 477 43.51 -17.11 -21.60
C ALA D 477 42.21 -17.89 -21.56
N GLU D 478 42.27 -19.14 -21.09
CA GLU D 478 41.08 -19.97 -20.93
C GLU D 478 40.10 -19.35 -19.95
N ALA D 479 40.59 -18.94 -18.78
CA ALA D 479 39.72 -18.36 -17.76
C ALA D 479 39.14 -17.02 -18.19
N LEU D 480 39.97 -16.18 -18.83
CA LEU D 480 39.48 -14.89 -19.29
C LEU D 480 38.47 -15.03 -20.42
N PHE D 481 38.65 -16.04 -21.29
CA PHE D 481 37.63 -16.33 -22.28
C PHE D 481 36.34 -16.79 -21.63
N ALA D 482 36.43 -17.57 -20.55
CA ALA D 482 35.23 -18.03 -19.85
C ALA D 482 34.47 -16.85 -19.24
N ILE D 483 35.18 -15.94 -18.58
CA ILE D 483 34.51 -14.79 -17.97
C ILE D 483 33.94 -13.85 -19.03
N ALA D 484 34.67 -13.69 -20.14
CA ALA D 484 34.14 -12.91 -21.25
C ALA D 484 32.91 -13.56 -21.86
N ASN D 485 32.85 -14.89 -21.84
CA ASN D 485 31.68 -15.58 -22.36
C ASN D 485 30.47 -15.39 -21.45
N ILE D 486 30.66 -15.47 -20.13
CA ILE D 486 29.53 -15.21 -19.23
C ILE D 486 29.12 -13.74 -19.25
N PHE D 487 30.01 -12.84 -19.67
CA PHE D 487 29.60 -11.45 -19.86
C PHE D 487 28.94 -11.22 -21.21
N SER D 488 29.31 -11.98 -22.23
CA SER D 488 28.74 -11.85 -23.56
C SER D 488 27.36 -12.47 -23.67
N SER D 489 27.11 -13.55 -22.94
CA SER D 489 25.80 -14.21 -23.04
C SER D 489 24.74 -13.55 -22.17
N LEU D 490 25.09 -12.52 -21.39
CA LEU D 490 24.13 -11.75 -20.62
C LEU D 490 23.65 -10.50 -21.35
N ARG D 491 24.14 -10.25 -22.57
CA ARG D 491 23.73 -9.08 -23.32
C ARG D 491 22.33 -9.25 -23.90
N LEU D 492 21.80 -10.48 -23.96
CA LEU D 492 20.44 -10.70 -24.42
C LEU D 492 19.41 -10.09 -23.47
N ILE D 493 19.78 -9.81 -22.23
CA ILE D 493 18.89 -9.11 -21.32
C ILE D 493 18.67 -7.67 -21.79
N SER D 494 19.72 -7.03 -22.32
CA SER D 494 19.59 -5.70 -22.91
C SER D 494 18.74 -5.72 -24.17
N LEU D 495 18.60 -6.88 -24.81
CA LEU D 495 17.79 -7.03 -26.01
C LEU D 495 16.30 -7.14 -25.67
N PHE D 496 15.95 -7.18 -24.40
CA PHE D 496 14.59 -7.47 -23.95
C PHE D 496 13.78 -6.22 -23.62
N THR D 497 14.32 -5.02 -23.84
CA THR D 497 13.53 -3.82 -23.63
C THR D 497 12.52 -3.62 -24.75
N ALA D 498 12.74 -4.24 -25.91
CA ALA D 498 11.83 -4.05 -27.03
C ALA D 498 10.52 -4.82 -26.84
N ASN D 499 10.54 -5.91 -26.08
CA ASN D 499 9.35 -6.71 -25.89
C ASN D 499 8.39 -6.05 -24.91
N SER D 500 7.10 -6.03 -25.26
CA SER D 500 6.11 -5.34 -24.45
C SER D 500 5.73 -6.11 -23.20
N HIS D 501 5.74 -7.44 -23.26
CA HIS D 501 5.23 -8.24 -22.14
C HIS D 501 6.19 -8.26 -20.95
N LEU D 502 7.50 -8.12 -21.19
CA LEU D 502 8.49 -8.27 -20.13
C LEU D 502 9.53 -7.15 -20.08
N GLY D 503 9.45 -6.18 -20.99
CA GLY D 503 10.29 -5.00 -20.94
C GLY D 503 10.16 -4.19 -19.66
N PRO D 504 8.93 -3.88 -19.22
CA PRO D 504 8.78 -3.25 -17.89
C PRO D 504 9.34 -4.09 -16.74
N LEU D 505 9.24 -5.42 -16.83
CA LEU D 505 9.81 -6.27 -15.78
C LEU D 505 11.33 -6.14 -15.73
N GLN D 506 11.98 -6.22 -16.89
CA GLN D 506 13.43 -6.08 -16.93
C GLN D 506 13.85 -4.68 -16.49
N ILE D 507 13.06 -3.66 -16.85
CA ILE D 507 13.35 -2.30 -16.44
C ILE D 507 13.25 -2.16 -14.92
N SER D 508 12.22 -2.76 -14.31
CA SER D 508 12.07 -2.69 -12.86
C SER D 508 13.21 -3.38 -12.13
N LEU D 509 13.66 -4.53 -12.64
CA LEU D 509 14.83 -5.18 -12.06
C LEU D 509 16.06 -4.30 -12.18
N GLY D 510 16.22 -3.62 -13.32
CA GLY D 510 17.31 -2.66 -13.46
C GLY D 510 17.20 -1.49 -12.51
N ARG D 511 15.98 -1.08 -12.16
CA ARG D 511 15.82 -0.03 -11.16
C ARG D 511 16.26 -0.49 -9.78
N MET D 512 15.79 -1.64 -9.32
CA MET D 512 16.10 -2.01 -7.94
C MET D 512 17.43 -2.75 -7.77
N LEU D 513 18.18 -2.97 -8.85
CA LEU D 513 19.54 -3.44 -8.71
C LEU D 513 20.42 -2.45 -7.94
N LEU D 514 20.16 -1.15 -8.09
CA LEU D 514 20.91 -0.15 -7.35
C LEU D 514 20.66 -0.26 -5.85
N ASP D 515 19.40 -0.49 -5.46
CA ASP D 515 19.09 -0.69 -4.05
C ASP D 515 19.68 -2.00 -3.54
N ILE D 516 19.80 -3.00 -4.43
CA ILE D 516 20.47 -4.25 -4.07
C ILE D 516 21.93 -3.96 -3.68
N LEU D 517 22.63 -3.17 -4.50
CA LEU D 517 24.01 -2.82 -4.18
C LEU D 517 24.08 -1.97 -2.90
N LYS D 518 23.08 -1.10 -2.71
CA LYS D 518 22.97 -0.29 -1.50
C LYS D 518 22.95 -1.16 -0.25
N PHE D 519 22.23 -2.28 -0.29
CA PHE D 519 22.19 -3.17 0.87
C PHE D 519 23.41 -4.09 0.92
N LEU D 520 24.00 -4.43 -0.24
CA LEU D 520 25.17 -5.28 -0.25
C LEU D 520 26.39 -4.60 0.36
N PHE D 521 26.42 -3.26 0.39
CA PHE D 521 27.48 -2.57 1.14
C PHE D 521 27.41 -2.91 2.64
N ILE D 522 26.21 -2.88 3.22
CA ILE D 522 26.02 -3.24 4.62
C ILE D 522 26.38 -4.70 4.85
N TYR D 523 25.99 -5.56 3.90
CA TYR D 523 26.38 -6.96 3.99
C TYR D 523 27.90 -7.12 3.98
N CYS D 524 28.59 -6.34 3.15
CA CYS D 524 30.05 -6.42 3.08
C CYS D 524 30.68 -6.02 4.40
N LEU D 525 30.12 -5.01 5.07
CA LEU D 525 30.62 -4.62 6.39
C LEU D 525 30.45 -5.76 7.40
N VAL D 526 29.28 -6.40 7.41
CA VAL D 526 29.04 -7.52 8.33
C VAL D 526 29.99 -8.68 8.03
N LEU D 527 30.18 -8.97 6.74
CA LEU D 527 31.04 -10.06 6.31
C LEU D 527 32.48 -9.83 6.73
N LEU D 528 32.99 -8.60 6.55
CA LEU D 528 34.34 -8.29 6.97
C LEU D 528 34.49 -8.41 8.48
N ALA D 529 33.49 -7.95 9.24
CA ALA D 529 33.55 -8.01 10.69
C ALA D 529 33.67 -9.45 11.19
N PHE D 530 32.74 -10.30 10.76
CA PHE D 530 32.73 -11.67 11.27
C PHE D 530 33.87 -12.49 10.70
N ALA D 531 34.29 -12.23 9.46
CA ALA D 531 35.40 -12.96 8.86
C ALA D 531 36.70 -12.67 9.58
N ASN D 532 36.98 -11.41 9.92
CA ASN D 532 38.26 -11.14 10.52
C ASN D 532 38.22 -11.53 12.00
N GLY D 533 37.03 -11.50 12.63
CA GLY D 533 36.92 -12.06 13.98
C GLY D 533 37.20 -13.56 14.03
N LEU D 534 36.59 -14.32 13.11
CA LEU D 534 36.82 -15.76 13.07
C LEU D 534 38.24 -16.10 12.68
N ASN D 535 38.85 -15.31 11.78
CA ASN D 535 40.25 -15.51 11.46
C ASN D 535 41.14 -15.24 12.66
N GLN D 536 40.86 -14.18 13.43
CA GLN D 536 41.63 -13.90 14.63
C GLN D 536 41.47 -14.99 15.68
N LEU D 537 40.35 -15.71 15.65
CA LEU D 537 40.22 -16.85 16.54
C LEU D 537 41.02 -18.06 16.07
N TYR D 538 40.78 -18.53 14.85
CA TYR D 538 41.17 -19.89 14.45
C TYR D 538 42.55 -19.97 13.79
N PHE D 539 43.22 -18.85 13.53
CA PHE D 539 44.39 -18.91 12.67
C PHE D 539 45.63 -19.38 13.45
N TYR D 540 45.54 -19.39 14.78
CA TYR D 540 46.56 -20.05 15.58
C TYR D 540 46.53 -21.57 15.42
N TYR D 541 45.43 -22.13 14.91
CA TYR D 541 45.28 -23.56 14.74
C TYR D 541 45.44 -24.00 13.28
N GLU D 542 46.34 -23.35 12.53
CA GLU D 542 46.60 -23.74 11.16
C GLU D 542 47.36 -25.06 11.13
N GLU D 543 46.88 -26.00 10.31
CA GLU D 543 47.52 -27.29 10.17
C GLU D 543 47.52 -27.70 8.69
N THR D 544 48.53 -28.49 8.32
CA THR D 544 48.64 -29.01 6.96
C THR D 544 48.52 -30.53 6.92
N LYS D 545 49.36 -31.23 7.69
CA LYS D 545 49.36 -32.68 7.87
C LYS D 545 49.55 -33.45 6.56
N GLY D 546 50.08 -32.81 5.52
CA GLY D 546 50.27 -33.46 4.23
C GLY D 546 48.97 -33.88 3.57
N LEU D 547 47.90 -33.12 3.76
CA LEU D 547 46.61 -33.49 3.22
C LEU D 547 46.55 -33.26 1.72
N THR D 548 45.66 -34.00 1.05
CA THR D 548 45.55 -33.92 -0.41
C THR D 548 45.02 -32.57 -0.85
N CYS D 549 44.03 -32.03 -0.14
CA CYS D 549 43.42 -30.76 -0.49
C CYS D 549 43.29 -29.91 0.76
N LYS D 550 43.43 -28.59 0.60
CA LYS D 550 43.23 -27.65 1.68
C LYS D 550 42.23 -26.58 1.24
N GLY D 551 41.53 -26.01 2.22
CA GLY D 551 40.48 -25.04 1.96
C GLY D 551 39.11 -25.68 2.05
N ILE D 552 38.10 -24.87 1.71
CA ILE D 552 36.73 -25.33 1.80
C ILE D 552 36.34 -26.20 0.61
N ARG D 553 37.02 -26.05 -0.52
CA ARG D 553 36.63 -26.73 -1.75
C ARG D 553 37.36 -28.08 -1.87
N CYS D 554 37.15 -28.92 -0.88
CA CYS D 554 37.67 -30.29 -0.88
C CYS D 554 36.52 -31.25 -0.57
N GLU D 555 36.83 -32.55 -0.65
CA GLU D 555 35.84 -33.56 -0.27
C GLU D 555 35.49 -33.45 1.21
N LYS D 556 36.50 -33.25 2.06
CA LYS D 556 36.30 -32.95 3.47
C LYS D 556 36.85 -31.55 3.73
N GLN D 557 36.01 -30.69 4.28
CA GLN D 557 36.39 -29.30 4.49
C GLN D 557 37.40 -29.19 5.63
N ASN D 558 38.46 -28.41 5.41
CA ASN D 558 39.50 -28.23 6.40
C ASN D 558 40.18 -26.90 6.18
N ASN D 559 40.69 -26.32 7.27
CA ASN D 559 41.36 -25.01 7.27
C ASN D 559 40.46 -23.92 6.66
N ALA D 560 39.18 -23.98 7.01
CA ALA D 560 38.22 -23.01 6.47
C ALA D 560 38.53 -21.60 6.97
N PHE D 561 38.65 -21.44 8.28
CA PHE D 561 39.00 -20.16 8.88
C PHE D 561 40.49 -20.10 9.21
N SER D 562 41.31 -20.30 8.17
CA SER D 562 42.75 -20.32 8.35
C SER D 562 43.38 -18.95 8.06
N THR D 563 43.18 -18.43 6.86
CA THR D 563 43.61 -17.09 6.50
C THR D 563 42.39 -16.22 6.23
N LEU D 564 42.64 -14.93 6.02
CA LEU D 564 41.55 -13.98 5.82
C LEU D 564 40.79 -14.25 4.53
N PHE D 565 41.52 -14.61 3.47
CA PHE D 565 40.87 -14.96 2.21
C PHE D 565 40.02 -16.20 2.34
N GLU D 566 40.55 -17.24 2.99
CA GLU D 566 39.78 -18.46 3.19
C GLU D 566 38.61 -18.24 4.13
N THR D 567 38.77 -17.37 5.14
CA THR D 567 37.67 -17.09 6.05
C THR D 567 36.56 -16.32 5.34
N LEU D 568 36.91 -15.36 4.48
CA LEU D 568 35.90 -14.64 3.71
C LEU D 568 35.18 -15.56 2.75
N GLN D 569 35.92 -16.47 2.10
CA GLN D 569 35.29 -17.45 1.23
C GLN D 569 34.37 -18.39 1.99
N SER D 570 34.80 -18.84 3.17
CA SER D 570 34.01 -19.79 3.94
C SER D 570 32.76 -19.14 4.53
N LEU D 571 32.84 -17.88 4.94
CA LEU D 571 31.65 -17.20 5.44
C LEU D 571 30.72 -16.78 4.32
N PHE D 572 31.25 -16.55 3.11
CA PHE D 572 30.38 -16.28 1.98
C PHE D 572 29.55 -17.50 1.62
N TRP D 573 30.18 -18.66 1.55
CA TRP D 573 29.49 -19.88 1.14
C TRP D 573 28.52 -20.38 2.20
N SER D 574 28.65 -19.92 3.45
CA SER D 574 27.74 -20.34 4.51
C SER D 574 26.34 -19.78 4.32
N ILE D 575 26.18 -18.73 3.53
CA ILE D 575 24.85 -18.21 3.22
C ILE D 575 24.05 -19.23 2.42
N PHE D 576 24.73 -19.99 1.56
CA PHE D 576 24.09 -20.98 0.71
C PHE D 576 24.20 -22.40 1.26
N GLY D 577 24.68 -22.55 2.49
CA GLY D 577 24.67 -23.83 3.17
C GLY D 577 25.65 -24.85 2.67
N LEU D 578 26.63 -24.45 1.85
CA LEU D 578 27.59 -25.38 1.28
C LEU D 578 28.81 -25.58 2.19
N ILE D 579 28.83 -24.96 3.36
CA ILE D 579 29.86 -25.18 4.36
C ILE D 579 29.23 -25.99 5.49
N ASN D 580 29.76 -27.18 5.73
CA ASN D 580 29.20 -28.05 6.75
C ASN D 580 29.56 -27.55 8.13
N LEU D 581 29.00 -28.22 9.14
CA LEU D 581 29.17 -27.79 10.52
C LEU D 581 30.47 -28.31 11.15
N TYR D 582 31.19 -29.20 10.49
CA TYR D 582 32.44 -29.73 11.02
C TYR D 582 33.64 -28.83 10.74
N VAL D 583 33.41 -27.62 10.24
CA VAL D 583 34.52 -26.69 10.05
C VAL D 583 34.82 -25.91 11.33
N THR D 584 33.90 -25.92 12.30
CA THR D 584 34.05 -25.07 13.47
C THR D 584 34.87 -25.76 14.57
N ASN D 585 34.98 -27.08 14.54
CA ASN D 585 35.77 -27.75 15.56
C ASN D 585 37.21 -27.95 15.10
N VAL D 586 38.12 -27.86 16.07
CA VAL D 586 39.55 -27.98 15.81
C VAL D 586 39.92 -29.44 16.01
N LYS D 587 40.99 -29.88 15.30
CA LYS D 587 41.47 -31.25 15.45
C LYS D 587 41.99 -31.53 16.85
N ALA D 588 42.38 -30.50 17.60
CA ALA D 588 42.78 -30.66 18.98
C ALA D 588 41.54 -30.74 19.87
N GLN D 589 41.74 -30.69 21.19
CA GLN D 589 40.64 -30.80 22.15
C GLN D 589 40.43 -29.51 22.95
N HIS D 590 40.63 -28.36 22.31
CA HIS D 590 40.33 -27.07 22.94
C HIS D 590 38.84 -26.80 22.75
N GLU D 591 38.04 -27.22 23.73
CA GLU D 591 36.60 -27.18 23.59
C GLU D 591 36.04 -25.75 23.66
N PHE D 592 36.67 -24.88 24.45
CA PHE D 592 36.14 -23.53 24.62
C PHE D 592 36.29 -22.70 23.35
N THR D 593 37.45 -22.79 22.70
CA THR D 593 37.64 -22.06 21.45
C THR D 593 36.73 -22.60 20.35
N GLU D 594 36.52 -23.92 20.33
CA GLU D 594 35.58 -24.51 19.39
C GLU D 594 34.17 -23.99 19.63
N PHE D 595 33.76 -23.89 20.90
CA PHE D 595 32.42 -23.41 21.20
C PHE D 595 32.25 -21.93 20.82
N VAL D 596 33.25 -21.10 21.11
CA VAL D 596 33.07 -19.68 20.79
C VAL D 596 33.19 -19.44 19.29
N GLY D 597 33.98 -20.26 18.58
CA GLY D 597 33.99 -20.17 17.13
C GLY D 597 32.68 -20.60 16.50
N ALA D 598 32.09 -21.68 17.01
CA ALA D 598 30.78 -22.10 16.54
C ALA D 598 29.71 -21.08 16.88
N THR D 599 29.85 -20.41 18.03
CA THR D 599 28.91 -19.35 18.41
C THR D 599 29.02 -18.14 17.49
N MET D 600 30.25 -17.74 17.15
CA MET D 600 30.44 -16.64 16.20
C MET D 600 29.91 -16.99 14.82
N PHE D 601 30.17 -18.22 14.37
CA PHE D 601 29.67 -18.68 13.08
C PHE D 601 28.15 -18.73 13.05
N GLY D 602 27.54 -19.22 14.13
CA GLY D 602 26.09 -19.26 14.22
C GLY D 602 25.47 -17.87 14.31
N THR D 603 26.14 -16.95 15.01
CA THR D 603 25.64 -15.58 15.09
C THR D 603 25.67 -14.91 13.73
N TYR D 604 26.76 -15.09 12.98
CA TYR D 604 26.82 -14.52 11.64
C TYR D 604 25.78 -15.16 10.72
N ASN D 605 25.56 -16.47 10.86
CA ASN D 605 24.54 -17.12 10.06
C ASN D 605 23.15 -16.60 10.41
N VAL D 606 22.88 -16.36 11.70
CA VAL D 606 21.60 -15.81 12.12
C VAL D 606 21.40 -14.43 11.51
N ILE D 607 22.44 -13.59 11.56
CA ILE D 607 22.35 -12.26 10.96
C ILE D 607 22.10 -12.35 9.46
N SER D 608 23.03 -12.96 8.72
CA SER D 608 22.99 -12.88 7.27
C SER D 608 22.00 -13.87 6.67
N LEU D 609 21.24 -14.61 7.49
CA LEU D 609 20.24 -15.51 6.95
C LEU D 609 18.85 -15.30 7.55
N VAL D 610 18.71 -14.45 8.57
CA VAL D 610 17.41 -14.11 9.13
C VAL D 610 17.18 -12.61 9.13
N VAL D 611 18.18 -11.84 9.58
CA VAL D 611 18.01 -10.40 9.71
C VAL D 611 18.18 -9.72 8.36
N LEU D 612 19.36 -9.85 7.76
CA LEU D 612 19.70 -9.06 6.58
C LEU D 612 18.96 -9.53 5.34
N LEU D 613 18.81 -10.85 5.15
CA LEU D 613 18.11 -11.33 3.97
C LEU D 613 16.63 -10.96 4.01
N ASN D 614 15.99 -11.05 5.17
CA ASN D 614 14.58 -10.69 5.25
C ASN D 614 14.39 -9.17 5.21
N MET D 615 15.35 -8.41 5.73
CA MET D 615 15.35 -6.96 5.51
C MET D 615 15.45 -6.63 4.03
N LEU D 616 16.29 -7.38 3.31
CA LEU D 616 16.42 -7.20 1.86
C LEU D 616 15.12 -7.52 1.15
N ILE D 617 14.41 -8.57 1.60
CA ILE D 617 13.13 -8.92 1.00
C ILE D 617 12.10 -7.82 1.22
N ALA D 618 12.01 -7.30 2.44
CA ALA D 618 11.05 -6.23 2.73
C ALA D 618 11.38 -4.94 1.99
N MET D 619 12.67 -4.59 1.94
CA MET D 619 13.11 -3.41 1.22
C MET D 619 12.84 -3.54 -0.29
N MET D 620 13.08 -4.73 -0.84
CA MET D 620 12.73 -4.99 -2.24
C MET D 620 11.23 -4.88 -2.47
N ASN D 621 10.44 -5.34 -1.48
CA ASN D 621 8.99 -5.25 -1.59
C ASN D 621 8.53 -3.81 -1.69
N ASN D 622 9.04 -2.95 -0.81
CA ASN D 622 8.68 -1.54 -0.86
C ASN D 622 9.20 -0.86 -2.11
N SER D 623 10.41 -1.23 -2.56
CA SER D 623 10.98 -0.61 -3.75
C SER D 623 10.19 -0.96 -5.00
N TYR D 624 9.80 -2.23 -5.15
CA TYR D 624 8.99 -2.62 -6.31
C TYR D 624 7.58 -2.07 -6.20
N GLN D 625 7.07 -1.89 -4.98
CA GLN D 625 5.78 -1.22 -4.83
C GLN D 625 5.87 0.23 -5.28
N LEU D 626 7.00 0.89 -5.01
CA LEU D 626 7.17 2.28 -5.41
C LEU D 626 7.34 2.41 -6.93
N ILE D 627 8.15 1.52 -7.53
CA ILE D 627 8.48 1.65 -8.95
C ILE D 627 7.51 0.92 -9.87
N ALA D 628 6.43 0.35 -9.33
CA ALA D 628 5.45 -0.31 -10.19
C ALA D 628 4.64 0.69 -10.99
N ASP D 629 4.42 1.89 -10.45
CA ASP D 629 3.64 2.90 -11.16
C ASP D 629 4.45 3.57 -12.26
N HIS D 630 5.75 3.75 -12.05
CA HIS D 630 6.62 4.41 -13.02
C HIS D 630 7.32 3.43 -13.95
N ALA D 631 6.91 2.17 -13.94
CA ALA D 631 7.59 1.16 -14.77
C ALA D 631 7.27 1.35 -16.24
N ASP D 632 6.05 1.80 -16.56
CA ASP D 632 5.62 1.89 -17.96
C ASP D 632 6.36 3.01 -18.69
N ILE D 633 6.42 4.20 -18.07
CA ILE D 633 7.13 5.31 -18.71
C ILE D 633 8.63 5.04 -18.78
N GLU D 634 9.19 4.36 -17.78
CA GLU D 634 10.60 3.99 -17.81
C GLU D 634 10.88 3.00 -18.94
N TRP D 635 10.00 2.01 -19.11
CA TRP D 635 10.18 1.06 -20.21
C TRP D 635 10.05 1.74 -21.56
N LYS D 636 9.09 2.67 -21.69
CA LYS D 636 8.94 3.39 -22.95
C LYS D 636 10.15 4.27 -23.25
N PHE D 637 10.71 4.92 -22.22
CA PHE D 637 11.92 5.71 -22.42
C PHE D 637 13.11 4.84 -22.82
N ALA D 638 13.28 3.70 -22.16
CA ALA D 638 14.39 2.81 -22.51
C ALA D 638 14.22 2.22 -23.90
N ARG D 639 12.99 1.86 -24.27
CA ARG D 639 12.74 1.33 -25.61
C ARG D 639 12.95 2.39 -26.67
N THR D 640 12.62 3.65 -26.39
CA THR D 640 12.90 4.70 -27.36
C THR D 640 14.39 4.99 -27.47
N LYS D 641 15.13 4.88 -26.37
CA LYS D 641 16.59 4.98 -26.46
C LYS D 641 17.16 3.87 -27.31
N LEU D 642 16.67 2.64 -27.14
CA LEU D 642 17.13 1.52 -27.96
C LEU D 642 16.72 1.69 -29.42
N TRP D 643 15.52 2.22 -29.67
CA TRP D 643 15.07 2.48 -31.04
C TRP D 643 15.94 3.53 -31.70
N MET D 644 16.20 4.62 -31.00
CA MET D 644 16.95 5.74 -31.56
C MET D 644 18.45 5.44 -31.60
N SER D 645 18.90 4.38 -30.95
CA SER D 645 20.25 3.88 -31.21
C SER D 645 20.38 3.38 -32.64
N TYR D 646 19.33 2.76 -33.17
CA TYR D 646 19.34 2.23 -34.54
C TYR D 646 18.79 3.21 -35.56
N PHE D 647 18.37 4.41 -35.13
CA PHE D 647 17.80 5.36 -36.08
C PHE D 647 18.85 6.09 -36.89
N GLU D 648 20.08 6.15 -36.38
CA GLU D 648 21.13 6.94 -37.03
C GLU D 648 21.60 6.27 -38.31
N GLU D 649 22.27 7.07 -39.15
CA GLU D 649 22.80 6.54 -40.41
C GLU D 649 24.00 5.64 -40.17
N GLY D 650 24.86 6.00 -39.22
CA GLY D 650 26.03 5.20 -38.95
C GLY D 650 25.69 3.90 -38.24
N GLY D 651 26.59 2.92 -38.38
CA GLY D 651 26.37 1.63 -37.78
C GLY D 651 25.34 0.78 -38.48
N THR D 652 25.00 1.11 -39.74
CA THR D 652 24.03 0.32 -40.49
C THR D 652 24.56 -1.09 -40.75
N LEU D 653 25.83 -1.20 -41.11
CA LEU D 653 26.43 -2.52 -41.29
C LEU D 653 26.54 -3.23 -39.94
N PRO D 654 26.26 -4.53 -39.91
CA PRO D 654 26.33 -5.27 -38.65
C PRO D 654 27.75 -5.53 -38.18
N THR D 655 27.87 -6.32 -37.12
CA THR D 655 29.18 -6.58 -36.54
C THR D 655 30.16 -7.38 -37.41
N PRO D 656 29.77 -8.25 -38.36
CA PRO D 656 30.79 -8.78 -39.29
C PRO D 656 31.48 -7.72 -40.13
N PHE D 657 30.76 -6.66 -40.52
CA PHE D 657 31.28 -5.68 -41.46
C PHE D 657 31.45 -4.29 -40.83
N ASN D 658 31.59 -4.22 -39.51
CA ASN D 658 31.88 -2.94 -38.87
C ASN D 658 33.29 -2.47 -39.23
N VAL D 659 34.23 -3.40 -39.36
CA VAL D 659 35.62 -3.06 -39.70
C VAL D 659 35.73 -2.67 -41.17
N ARG D 695 21.21 28.73 -46.66
CA ARG D 695 21.03 28.02 -45.40
C ARG D 695 20.28 28.89 -44.40
N ALA D 696 20.54 30.20 -44.46
CA ALA D 696 19.88 31.14 -43.56
C ALA D 696 18.38 31.24 -43.84
N ALA D 697 17.98 31.17 -45.11
CA ALA D 697 16.56 31.21 -45.45
C ALA D 697 15.83 29.99 -44.94
N ASP D 698 16.46 28.82 -45.03
CA ASP D 698 15.87 27.60 -44.49
C ASP D 698 15.74 27.68 -42.97
N ASN D 699 16.76 28.23 -42.30
CA ASN D 699 16.69 28.41 -40.86
C ASN D 699 15.57 29.37 -40.47
N LEU D 700 15.41 30.46 -41.22
CA LEU D 700 14.33 31.40 -40.93
C LEU D 700 12.96 30.78 -41.16
N ARG D 701 12.81 29.98 -42.22
CA ARG D 701 11.55 29.31 -42.47
C ARG D 701 11.22 28.30 -41.37
N ARG D 702 12.21 27.53 -40.94
CA ARG D 702 12.00 26.58 -39.85
C ARG D 702 11.66 27.31 -38.55
N HIS D 703 12.34 28.44 -38.29
CA HIS D 703 12.06 29.21 -37.09
C HIS D 703 10.64 29.77 -37.08
N HIS D 704 10.18 30.26 -38.24
CA HIS D 704 8.83 30.82 -38.30
C HIS D 704 7.76 29.73 -38.18
N GLN D 705 7.99 28.58 -38.82
CA GLN D 705 7.05 27.47 -38.68
C GLN D 705 6.97 26.99 -37.24
N TYR D 706 8.12 26.82 -36.59
CA TYR D 706 8.16 26.42 -35.19
C TYR D 706 7.50 27.47 -34.31
N GLN D 707 7.73 28.75 -34.58
CA GLN D 707 7.14 29.81 -33.76
C GLN D 707 5.63 29.83 -33.87
N GLU D 708 5.09 29.67 -35.08
CA GLU D 708 3.63 29.71 -35.23
C GLU D 708 2.98 28.45 -34.63
N VAL D 709 3.60 27.29 -34.82
CA VAL D 709 3.05 26.06 -34.24
C VAL D 709 3.13 26.11 -32.73
N MET D 710 4.23 26.64 -32.19
CA MET D 710 4.43 26.61 -30.75
C MET D 710 3.57 27.69 -30.09
N ARG D 711 3.30 28.79 -30.81
CA ARG D 711 2.34 29.78 -30.32
C ARG D 711 0.94 29.19 -30.22
N ASN D 712 0.53 28.40 -31.24
CA ASN D 712 -0.74 27.70 -31.15
C ASN D 712 -0.77 26.74 -29.98
N LEU D 713 0.35 26.03 -29.75
CA LEU D 713 0.44 25.11 -28.61
C LEU D 713 0.31 25.83 -27.28
N VAL D 714 0.97 26.99 -27.15
CA VAL D 714 0.94 27.74 -25.89
C VAL D 714 -0.47 28.27 -25.63
N LYS D 715 -1.15 28.75 -26.67
CA LYS D 715 -2.52 29.22 -26.52
C LYS D 715 -3.46 28.09 -26.10
N ARG D 716 -3.32 26.92 -26.75
CA ARG D 716 -4.15 25.77 -26.37
C ARG D 716 -3.87 25.32 -24.94
N TYR D 717 -2.60 25.34 -24.54
CA TYR D 717 -2.24 24.88 -23.20
C TYR D 717 -2.77 25.84 -22.13
N VAL D 718 -2.67 27.15 -22.36
CA VAL D 718 -3.17 28.07 -21.33
C VAL D 718 -4.69 28.03 -21.27
N ALA D 719 -5.37 27.83 -22.41
CA ALA D 719 -6.81 27.65 -22.37
C ALA D 719 -7.22 26.41 -21.61
N ALA D 720 -6.52 25.28 -21.85
CA ALA D 720 -6.83 24.05 -21.14
C ALA D 720 -6.49 24.15 -19.66
N MET D 721 -5.41 24.87 -19.31
CA MET D 721 -5.05 25.01 -17.90
C MET D 721 -6.03 25.88 -17.15
N ILE D 722 -6.52 26.96 -17.78
CA ILE D 722 -7.54 27.78 -17.16
C ILE D 722 -8.85 27.00 -17.01
N ARG D 723 -9.21 26.21 -18.03
CA ARG D 723 -10.42 25.38 -17.96
C ARG D 723 -10.30 24.34 -16.85
N ASP D 724 -9.11 23.74 -16.69
CA ASP D 724 -8.93 22.76 -15.59
C ASP D 724 -9.00 23.50 -14.25
N ALA D 725 -8.46 24.72 -14.18
CA ALA D 725 -8.57 25.50 -12.95
C ALA D 725 -10.03 25.76 -12.61
N LYS D 726 -10.89 25.90 -13.62
CA LYS D 726 -12.33 25.97 -13.37
C LYS D 726 -12.97 24.60 -13.19
N THR D 727 -12.20 23.51 -13.32
CA THR D 727 -12.74 22.15 -13.28
C THR D 727 -12.45 21.44 -11.96
N GLU D 728 -11.33 21.75 -11.31
CA GLU D 728 -10.89 21.03 -10.11
C GLU D 728 -11.91 21.16 -8.98
N GLU D 729 -12.23 20.02 -8.35
CA GLU D 729 -13.22 19.96 -7.28
C GLU D 729 -12.61 20.51 -6.00
N GLY D 730 -12.67 21.83 -5.87
CA GLY D 730 -12.15 22.47 -4.67
C GLY D 730 -12.86 23.77 -4.34
N LEU D 731 -13.35 23.87 -3.11
CA LEU D 731 -14.00 25.09 -2.63
C LEU D 731 -13.56 25.31 -1.18
N THR D 732 -12.64 26.25 -0.98
CA THR D 732 -12.18 26.60 0.35
C THR D 732 -13.27 27.35 1.12
N GLU D 733 -12.96 27.68 2.37
CA GLU D 733 -13.88 28.49 3.16
C GLU D 733 -13.82 29.96 2.77
N GLU D 734 -12.84 30.35 1.95
CA GLU D 734 -12.75 31.74 1.50
C GLU D 734 -13.91 32.10 0.60
N ASN D 735 -14.35 31.18 -0.26
CA ASN D 735 -15.41 31.51 -1.21
C ASN D 735 -16.79 31.55 -0.56
N PHE D 736 -17.02 30.74 0.48
CA PHE D 736 -18.26 30.88 1.23
C PHE D 736 -18.32 32.24 1.93
N LYS D 737 -17.20 32.67 2.51
CA LYS D 737 -17.12 34.00 3.08
C LYS D 737 -17.28 35.08 2.01
N GLU D 738 -16.80 34.79 0.80
CA GLU D 738 -16.96 35.72 -0.32
C GLU D 738 -18.43 35.90 -0.68
N LEU D 739 -19.16 34.79 -0.81
CA LEU D 739 -20.59 34.86 -1.09
C LEU D 739 -21.35 35.52 0.05
N LYS D 740 -20.97 35.23 1.30
CA LYS D 740 -21.61 35.84 2.46
C LYS D 740 -21.41 37.34 2.49
N GLN D 741 -20.18 37.80 2.24
CA GLN D 741 -19.90 39.22 2.19
C GLN D 741 -20.62 39.90 1.03
N ASP D 742 -20.71 39.22 -0.12
CA ASP D 742 -21.40 39.79 -1.27
C ASP D 742 -22.90 39.94 -0.99
N ILE D 743 -23.52 38.92 -0.40
CA ILE D 743 -24.97 39.01 -0.18
C ILE D 743 -25.26 40.01 0.95
N SER D 744 -24.37 40.11 1.94
CA SER D 744 -24.55 41.11 2.99
C SER D 744 -24.39 42.52 2.45
N SER D 745 -23.43 42.72 1.53
CA SER D 745 -23.25 44.03 0.91
C SER D 745 -24.45 44.41 0.08
N PHE D 746 -25.01 43.44 -0.67
CA PHE D 746 -26.21 43.69 -1.46
C PHE D 746 -27.39 44.05 -0.55
N ARG D 747 -27.52 43.33 0.58
CA ARG D 747 -28.61 43.60 1.52
C ARG D 747 -28.47 45.00 2.13
N PHE D 748 -27.25 45.40 2.47
CA PHE D 748 -27.05 46.70 3.09
C PHE D 748 -27.25 47.82 2.09
N GLU D 749 -26.90 47.58 0.81
CA GLU D 749 -27.21 48.53 -0.24
C GLU D 749 -28.71 48.67 -0.43
N VAL D 750 -29.45 47.55 -0.38
CA VAL D 750 -30.91 47.61 -0.54
C VAL D 750 -31.53 48.38 0.62
N LEU D 751 -31.08 48.10 1.85
CA LEU D 751 -31.63 48.78 3.02
C LEU D 751 -31.24 50.26 3.04
N GLY D 752 -30.08 50.61 2.49
CA GLY D 752 -29.76 52.02 2.31
C GLY D 752 -30.65 52.70 1.29
N LEU D 753 -30.96 51.99 0.20
CA LEU D 753 -31.81 52.57 -0.83
C LEU D 753 -33.29 52.50 -0.44
N LEU D 754 -33.81 51.30 -0.26
CA LEU D 754 -35.22 51.12 0.09
C LEU D 754 -35.49 51.48 1.54
#